data_7MJP
#
_entry.id   7MJP
#
_cell.length_a   1.00
_cell.length_b   1.00
_cell.length_c   1.00
_cell.angle_alpha   90.00
_cell.angle_beta   90.00
_cell.angle_gamma   90.00
#
_symmetry.space_group_name_H-M   'P 1'
#
loop_
_entity.id
_entity.type
_entity.pdbx_description
1 polymer 'ATP-sensitive inward rectifier potassium channel 8'
2 polymer 'Isoform SUR2B of ATP-binding cassette sub-family C member 9'
3 branched 2-acetamido-2-deoxy-beta-D-glucopyranose-(1-4)-2-acetamido-2-deoxy-beta-D-glucopyranose
4 non-polymer "ADENOSINE-5'-TRIPHOSPHATE"
5 non-polymer 5-chloro-N-(2-{4-[(cyclohexylcarbamoyl)sulfamoyl]phenyl}ethyl)-2-methoxybenzamide
#
loop_
_entity_poly.entity_id
_entity_poly.type
_entity_poly.pdbx_seq_one_letter_code
_entity_poly.pdbx_strand_id
1 'polypeptide(L)'
;MLARKSIIPEEYVLARIAAENLRKPRIRDRLPKARFIAKSGACNLAHKNIREQGRFLQDIFTTLVDLKWRHTLVIFTMSF
LCSWLLFAIMWWLVAFAHGDIYAYMEKGITEKSGLESAVCVTNVRSFTSAFLFSIEVQVTIGFGGRMMTEECPLAITVLI
LQNIVGLIINAVMLGCIFMKTAQAHRRAETLIFSRHAVIAVRNGKLCFMFRVGDLRKSMIISASVRIQVVKKTTTPEGEV
VPIHQQDIPVDNPIESNNIFLVAPLIICHVIDKRSPLYDISATDLVNQDLEVIVILEGVVETTGITTQARTSYIAEEIQW
GHRFVSIVTEEEGVYSVDYSKFGNTVRVAAPRCSARELDEKPSILIQTLQKSELSHQNSLRKRNSMRRNNSMRRSNSIRR
NNSSLMVPKVQFMTPEGNQCPSES
;
A,B,C,D
2 'polypeptide(L)'
;MSLSFCGNNISSYNIYHGVLQNPCFVDALNLVPHVFLLFITFPILFIGWGSQSSKVQIHHNTWLHFPGHNLRWILTFALL
FVHVCEIAEGIVSDSQRASRHLHLFMPAVMGFVATTTSIVYYHNIETSNFPKLLLALFLYWVMAFITKTIKLVKYWQLGW
GMSDLRFCITGVMVILNGLLMAVEINVIRVRRYVFFMNPQKVKPPEDLQDLGVRFLQPFVNLLSKATYWWMNTLIISAHR
KPIDLKAIGKLPIAMRAVTNYVCLKEAYEEQKKKAADHPNRTPSIWLAMYRAFGRPILLSSTFRYLADLLGFAGPLCISG
IVQRVNEPKNNTTRFSETLSSKEFLENAHVLAVLLFLALILQRTFLQASYYVTIETGINLRGALLAMIYNKILRLSTSNL
SMGEMTLGQINNLVAIETNQLMWFLFLCPNLWAMPVQIIMGVILLYNLLGSSALVGAAVIVLLAPIQYFIATKLAEAQKS
TLDYSTERLKKTNEILKGIKLLKLYAWEHIFCKSVEETRMKELSSLKTFALYTSLSIFMNAAIPIAAVLATFVTHAYASG
NNLKPAEAFASLSLFHILVTPLFLLSTVVRFAVKAIISVQKLNEFLLSDEIGEDSWRTGEGTLPFESCKKHTGVQSKPIN
RKQPGRYHLDNYEQARRLRPAETEDVAIKVTNGYFSWGSGLATLSNIDIRIPTGQLTMIVGQVGCGKSSLLLAILGEMQT
LEGKVYWNNVNESEPSFEATRSRSRYSVAYAAQKPWLLNATVEENITFGSSFNRQRYKAVTDACSLQPDIDLLPFGDQTE
IGERGINLSGGQRQRICVARALYQNTNIVFLDDPFSALDIHLSDHLMQEGILKFLQDDKRTVVLVTHKLQYLTHADWIIA
MKDGSVLREGTLKDIQTKDVELYEHWKTLMNRQDQELEKDMEADQTTLERKTLRRAMYSREAKAQMEDEDEEEEEEEDED
DNMSTVMRLRTKMPWKTCWWYLTSGGFFLLFLMIFSKLLKHSVIVAIDYWLATWTSEYSINDPGKADQTFYVAGFSILCG
AGIFLCLVTSLTVEWMGLTAAKNLHHNLLNKIILGPIRFFDTTPLGLILNRFSADTNIIDQHIPPTLESLTRSTLLCLSA
IGMISYATPVFLIALAPLGVAFYFIQKYFRVASKDLQELDDSTQLPLLCHFSETAEGLTTIRAFRHETRFKQRMLELTDT
NNIAYLFLSAANRWLEVRTDYLGACIVLTASIASISGSSNSGLVGLGLLYALTITNYLNWVVRNLADLEVQMGAVKKVNS
FLTMESENYEGTMDPSQVPEHWPQEGEIKIHDLCVRYENNLKPVLKHVKAYIKPGQKVGICGRTGSGKSSLSLAFFRMVD
IFDGKIVIDGIDISKLPLHTLRSRLSIILQDPILFSGSIRFNLDPECKCTDDRLWEALEIAQLKNMVKSLPGGLDATVTE
GGENFSVGQRQLFCLARAFVRKSSILIMDEATASIDMATENILQKVVMTAFADRTVVTIAHRVHTILTADLVIVMKRGNI
LEYDTPESLLAQEDGVFASFVRADM
;
E
#
loop_
_chem_comp.id
_chem_comp.type
_chem_comp.name
_chem_comp.formula
ATP non-polymer ADENOSINE-5'-TRIPHOSPHATE 'C10 H16 N5 O13 P3'
GBM non-polymer 5-chloro-N-(2-{4-[(cyclohexylcarbamoyl)sulfamoyl]phenyl}ethyl)-2-methoxybenzamide 'C23 H28 Cl N3 O5 S'
NAG D-saccharide, beta linking 2-acetamido-2-deoxy-beta-D-glucopyranose 'C8 H15 N O6'
#
# COMPACT_ATOMS: atom_id res chain seq x y z
N MET A 1 -18.51 -10.95 -28.00
CA MET A 1 -17.93 -10.95 -29.34
C MET A 1 -18.33 -9.72 -30.13
N LEU A 2 -17.44 -8.72 -30.18
CA LEU A 2 -17.65 -7.51 -30.97
C LEU A 2 -18.96 -6.82 -30.59
N ALA A 3 -19.03 -6.36 -29.35
CA ALA A 3 -20.29 -5.87 -28.79
C ALA A 3 -20.85 -4.69 -29.58
N ARG A 4 -20.00 -3.77 -30.01
CA ARG A 4 -20.48 -2.49 -30.52
C ARG A 4 -20.10 -2.25 -31.97
N LYS A 5 -20.36 -3.21 -32.84
CA LYS A 5 -20.05 -3.04 -34.25
C LYS A 5 -20.78 -1.84 -34.85
N SER A 6 -22.05 -1.65 -34.48
CA SER A 6 -22.86 -0.55 -35.03
C SER A 6 -22.52 0.73 -34.29
N ILE A 7 -21.58 1.48 -34.84
CA ILE A 7 -20.98 2.65 -34.19
C ILE A 7 -21.75 3.93 -34.51
N ILE A 8 -22.80 3.83 -35.31
CA ILE A 8 -23.49 5.00 -35.85
C ILE A 8 -24.01 5.95 -34.75
N PRO A 9 -24.51 5.47 -33.60
CA PRO A 9 -25.06 6.41 -32.61
C PRO A 9 -23.96 7.23 -31.95
N GLU A 10 -23.87 8.50 -32.34
CA GLU A 10 -22.90 9.43 -31.76
C GLU A 10 -23.42 10.84 -31.90
N GLU A 11 -23.42 11.59 -30.79
CA GLU A 11 -23.85 12.98 -30.75
C GLU A 11 -25.31 13.15 -31.14
N TYR A 12 -26.13 12.10 -30.99
CA TYR A 12 -27.56 12.27 -31.22
C TYR A 12 -28.17 13.13 -30.12
N VAL A 13 -28.08 12.67 -28.87
CA VAL A 13 -28.41 13.50 -27.71
C VAL A 13 -27.89 12.82 -26.45
N LEU A 14 -27.25 13.58 -25.58
CA LEU A 14 -27.01 13.16 -24.21
C LEU A 14 -27.58 14.20 -23.25
N ALA A 15 -27.18 15.47 -23.43
CA ALA A 15 -27.83 16.67 -22.88
C ALA A 15 -28.40 16.39 -21.50
N ARG A 16 -27.60 16.01 -20.51
CA ARG A 16 -28.23 15.63 -19.25
C ARG A 16 -27.46 16.05 -18.00
N ILE A 17 -27.89 15.49 -16.88
CA ILE A 17 -27.56 15.94 -15.54
C ILE A 17 -26.09 15.77 -15.19
N ALA A 18 -25.29 15.29 -16.15
CA ALA A 18 -23.88 14.97 -15.89
C ALA A 18 -23.23 15.95 -14.92
N ALA A 19 -23.38 17.25 -15.16
CA ALA A 19 -22.99 18.24 -14.17
C ALA A 19 -23.96 19.42 -14.17
N GLU A 20 -24.86 19.45 -15.15
CA GLU A 20 -25.77 20.57 -15.31
C GLU A 20 -27.03 20.37 -14.52
N ASN A 21 -26.90 19.68 -13.40
CA ASN A 21 -28.06 19.49 -12.54
C ASN A 21 -28.49 20.86 -12.01
N LEU A 22 -27.50 21.64 -11.57
CA LEU A 22 -27.57 23.03 -11.04
C LEU A 22 -28.03 23.17 -9.58
N ARG A 23 -28.44 22.05 -9.00
CA ARG A 23 -28.88 21.99 -7.63
C ARG A 23 -27.99 21.07 -6.82
N LYS A 24 -27.00 20.47 -7.46
CA LYS A 24 -26.05 19.61 -6.78
C LYS A 24 -24.67 20.10 -7.18
N PRO A 25 -23.76 20.23 -6.21
CA PRO A 25 -22.45 20.71 -6.66
C PRO A 25 -21.79 19.71 -7.59
N ARG A 26 -21.25 20.21 -8.70
CA ARG A 26 -20.59 19.35 -9.67
C ARG A 26 -19.36 18.70 -9.05
N ILE A 27 -18.63 19.49 -8.27
CA ILE A 27 -17.39 19.04 -7.66
C ILE A 27 -17.53 17.88 -6.68
N ARG A 28 -16.49 17.06 -6.65
CA ARG A 28 -16.41 15.91 -5.77
C ARG A 28 -15.10 16.01 -5.00
N ASP A 29 -15.10 16.66 -3.83
CA ASP A 29 -13.87 16.83 -3.06
C ASP A 29 -13.19 15.49 -2.76
N ARG A 30 -14.00 14.47 -2.41
CA ARG A 30 -13.56 13.11 -2.10
C ARG A 30 -12.83 13.00 -0.75
N LEU A 31 -12.50 14.13 -0.15
CA LEU A 31 -12.00 14.22 1.23
C LEU A 31 -10.75 13.41 1.57
N PRO A 32 -9.66 13.48 0.81
CA PRO A 32 -8.43 12.82 1.25
C PRO A 32 -7.74 13.61 2.34
N LYS A 33 -7.18 12.90 3.33
CA LYS A 33 -6.54 13.52 4.49
C LYS A 33 -5.14 12.97 4.69
N ALA A 34 -4.19 13.87 4.97
CA ALA A 34 -2.80 13.51 5.23
C ALA A 34 -2.36 14.09 6.57
N ARG A 35 -1.84 13.22 7.45
CA ARG A 35 -1.34 13.61 8.75
C ARG A 35 0.13 13.21 8.87
N PHE A 36 0.86 13.92 9.74
CA PHE A 36 2.30 13.69 9.88
C PHE A 36 2.58 12.28 10.38
N ILE A 37 1.83 11.82 11.36
CA ILE A 37 1.88 10.42 11.80
C ILE A 37 0.45 9.96 12.06
N ALA A 38 0.18 8.69 11.79
CA ALA A 38 -1.16 8.17 11.90
C ALA A 38 -1.64 8.24 13.36
N LYS A 39 -2.95 8.09 13.53
CA LYS A 39 -3.50 8.18 14.88
C LYS A 39 -2.97 7.09 15.80
N SER A 40 -2.58 5.94 15.25
CA SER A 40 -2.03 4.83 16.04
C SER A 40 -0.63 4.55 15.53
N GLY A 41 0.34 5.30 16.05
CA GLY A 41 1.73 5.20 15.69
C GLY A 41 1.94 5.25 14.19
N ALA A 42 2.97 4.54 13.74
CA ALA A 42 3.23 4.33 12.32
C ALA A 42 3.39 5.67 11.60
N CYS A 43 4.48 6.36 11.95
CA CYS A 43 4.85 7.60 11.26
C CYS A 43 4.76 7.40 9.75
N ASN A 44 3.93 8.21 9.10
CA ASN A 44 3.67 8.05 7.67
C ASN A 44 4.34 9.22 6.96
N LEU A 45 5.61 9.04 6.63
CA LEU A 45 6.34 9.95 5.76
C LEU A 45 6.56 9.24 4.43
N ALA A 46 7.32 9.87 3.53
CA ALA A 46 7.58 9.29 2.22
C ALA A 46 9.05 9.50 1.86
N HIS A 47 9.87 8.52 2.21
CA HIS A 47 11.24 8.48 1.71
C HIS A 47 11.21 7.83 0.33
N LYS A 48 11.91 8.43 -0.63
CA LYS A 48 12.07 7.82 -1.95
C LYS A 48 13.26 8.45 -2.65
N ASN A 49 13.72 7.78 -3.71
CA ASN A 49 14.87 8.23 -4.50
C ASN A 49 16.15 8.29 -3.65
N ILE A 50 16.28 7.38 -2.70
CA ILE A 50 17.44 7.33 -1.81
C ILE A 50 18.49 6.41 -2.43
N ARG A 51 19.74 6.87 -2.45
CA ARG A 51 20.80 6.03 -3.00
C ARG A 51 20.86 4.72 -2.24
N GLU A 52 20.48 3.63 -2.89
CA GLU A 52 20.38 2.34 -2.23
C GLU A 52 21.77 1.75 -1.97
N GLN A 53 21.84 0.91 -0.94
CA GLN A 53 23.10 0.28 -0.54
C GLN A 53 23.14 -1.21 -0.88
N GLY A 54 22.29 -1.67 -1.79
CA GLY A 54 22.30 -3.09 -2.12
C GLY A 54 21.81 -3.95 -0.94
N ARG A 55 22.17 -5.22 -0.99
CA ARG A 55 21.85 -6.16 0.07
C ARG A 55 23.07 -7.01 0.40
N PHE A 56 22.99 -7.72 1.53
CA PHE A 56 24.05 -8.63 1.93
C PHE A 56 23.42 -9.79 2.69
N LEU A 57 24.04 -10.97 2.58
CA LEU A 57 23.44 -12.16 3.14
C LEU A 57 23.27 -12.07 4.65
N GLN A 58 24.06 -11.21 5.31
CA GLN A 58 23.85 -11.08 6.74
C GLN A 58 22.46 -10.56 7.01
N ASP A 59 21.86 -9.85 6.05
CA ASP A 59 20.51 -9.37 6.27
C ASP A 59 19.54 -10.54 6.21
N ILE A 60 19.83 -11.53 5.36
CA ILE A 60 18.99 -12.73 5.30
C ILE A 60 19.04 -13.45 6.64
N PHE A 61 20.23 -13.56 7.22
CA PHE A 61 20.30 -14.19 8.53
C PHE A 61 19.53 -13.37 9.55
N THR A 62 19.69 -12.05 9.50
CA THR A 62 18.96 -11.15 10.39
C THR A 62 17.47 -11.38 10.29
N THR A 63 16.97 -11.64 9.08
CA THR A 63 15.57 -12.00 8.95
C THR A 63 15.31 -13.34 9.62
N LEU A 64 16.24 -14.28 9.47
CA LEU A 64 16.01 -15.60 10.05
C LEU A 64 15.76 -15.51 11.54
N VAL A 65 16.46 -14.60 12.23
CA VAL A 65 16.28 -14.53 13.67
C VAL A 65 14.92 -13.93 14.03
N ASP A 66 14.42 -13.00 13.23
CA ASP A 66 13.17 -12.29 13.52
C ASP A 66 12.02 -12.93 12.72
N LEU A 67 11.41 -13.95 13.31
CA LEU A 67 10.31 -14.67 12.68
C LEU A 67 9.22 -14.92 13.71
N LYS A 68 7.98 -15.04 13.23
CA LYS A 68 6.90 -15.44 14.11
C LYS A 68 7.02 -16.92 14.46
N TRP A 69 6.55 -17.27 15.66
CA TRP A 69 6.77 -18.61 16.19
C TRP A 69 6.16 -19.71 15.35
N ARG A 70 5.17 -19.39 14.53
CA ARG A 70 4.59 -20.39 13.65
C ARG A 70 5.37 -20.59 12.36
N HIS A 71 6.45 -19.85 12.15
CA HIS A 71 7.33 -20.11 11.02
C HIS A 71 8.69 -20.66 11.42
N THR A 72 9.16 -20.38 12.64
CA THR A 72 10.41 -20.96 13.07
C THR A 72 10.33 -22.47 13.12
N LEU A 73 9.22 -23.02 13.60
CA LEU A 73 9.06 -24.47 13.60
C LEU A 73 9.10 -25.02 12.18
N VAL A 74 8.47 -24.31 11.24
CA VAL A 74 8.45 -24.79 9.87
C VAL A 74 9.84 -24.78 9.27
N ILE A 75 10.61 -23.71 9.46
CA ILE A 75 11.94 -23.67 8.87
C ILE A 75 12.86 -24.68 9.56
N PHE A 76 12.73 -24.83 10.87
CA PHE A 76 13.40 -25.89 11.61
C PHE A 76 13.17 -27.25 10.94
N THR A 77 11.90 -27.64 10.83
CA THR A 77 11.55 -28.96 10.31
C THR A 77 12.05 -29.13 8.88
N MET A 78 11.88 -28.12 8.04
CA MET A 78 12.33 -28.24 6.67
C MET A 78 13.84 -28.41 6.62
N SER A 79 14.57 -27.66 7.45
CA SER A 79 16.03 -27.77 7.46
C SER A 79 16.45 -29.18 7.83
N PHE A 80 15.82 -29.73 8.87
CA PHE A 80 16.21 -31.06 9.33
C PHE A 80 15.91 -32.10 8.27
N LEU A 81 14.72 -32.04 7.66
CA LEU A 81 14.36 -33.04 6.66
C LEU A 81 15.26 -32.94 5.45
N CYS A 82 15.53 -31.73 4.97
CA CYS A 82 16.38 -31.59 3.81
C CYS A 82 17.78 -32.12 4.09
N SER A 83 18.30 -31.86 5.29
CA SER A 83 19.65 -32.34 5.58
C SER A 83 19.70 -33.86 5.58
N TRP A 84 18.74 -34.49 6.27
CA TRP A 84 18.72 -35.95 6.30
C TRP A 84 18.59 -36.52 4.90
N LEU A 85 17.73 -35.93 4.07
CA LEU A 85 17.52 -36.48 2.74
C LEU A 85 18.78 -36.35 1.89
N LEU A 86 19.40 -35.16 1.91
CA LEU A 86 20.59 -34.93 1.10
C LEU A 86 21.67 -35.94 1.44
N PHE A 87 21.93 -36.12 2.72
CA PHE A 87 23.00 -37.06 3.02
C PHE A 87 22.57 -38.49 2.78
N ALA A 88 21.27 -38.78 2.83
CA ALA A 88 20.84 -40.11 2.46
C ALA A 88 21.15 -40.39 0.99
N ILE A 89 20.92 -39.41 0.12
CA ILE A 89 21.23 -39.62 -1.29
C ILE A 89 22.73 -39.82 -1.47
N MET A 90 23.54 -39.04 -0.76
CA MET A 90 24.99 -39.23 -0.89
C MET A 90 25.38 -40.64 -0.47
N TRP A 91 24.80 -41.13 0.63
CA TRP A 91 25.15 -42.47 1.10
C TRP A 91 24.67 -43.53 0.13
N TRP A 92 23.51 -43.31 -0.49
CA TRP A 92 22.98 -44.28 -1.44
C TRP A 92 23.88 -44.37 -2.66
N LEU A 93 24.39 -43.24 -3.14
CA LEU A 93 25.31 -43.30 -4.28
C LEU A 93 26.59 -44.01 -3.89
N VAL A 94 27.11 -43.73 -2.69
CA VAL A 94 28.33 -44.40 -2.26
C VAL A 94 28.12 -45.90 -2.20
N ALA A 95 26.98 -46.33 -1.66
CA ALA A 95 26.69 -47.75 -1.60
C ALA A 95 26.59 -48.36 -2.99
N PHE A 96 25.96 -47.63 -3.93
CA PHE A 96 25.86 -48.12 -5.30
C PHE A 96 27.23 -48.34 -5.92
N ALA A 97 28.10 -47.35 -5.86
CA ALA A 97 29.34 -47.44 -6.64
C ALA A 97 30.24 -48.56 -6.14
N HIS A 98 30.42 -48.68 -4.83
CA HIS A 98 31.44 -49.61 -4.35
C HIS A 98 31.07 -51.07 -4.54
N GLY A 99 29.95 -51.36 -5.19
CA GLY A 99 29.60 -52.74 -5.41
C GLY A 99 28.96 -53.42 -4.23
N ASP A 100 28.32 -52.65 -3.35
CA ASP A 100 27.71 -53.25 -2.17
C ASP A 100 26.28 -53.71 -2.42
N ILE A 101 25.51 -52.94 -3.19
CA ILE A 101 24.15 -53.33 -3.49
C ILE A 101 24.11 -54.66 -4.24
N TYR A 102 24.94 -54.80 -5.27
CA TYR A 102 24.96 -56.04 -6.03
C TYR A 102 25.36 -57.21 -5.16
N ALA A 103 26.37 -57.00 -4.31
CA ALA A 103 26.83 -58.09 -3.45
C ALA A 103 25.71 -58.56 -2.52
N TYR A 104 25.03 -57.61 -1.88
CA TYR A 104 23.97 -58.01 -0.96
C TYR A 104 22.81 -58.68 -1.68
N MET A 105 22.41 -58.16 -2.85
CA MET A 105 21.31 -58.78 -3.57
C MET A 105 21.66 -60.19 -4.01
N GLU A 106 22.86 -60.39 -4.56
CA GLU A 106 23.22 -61.71 -5.08
C GLU A 106 23.43 -62.73 -3.96
N LYS A 107 24.05 -62.32 -2.85
CA LYS A 107 24.27 -63.27 -1.77
C LYS A 107 23.12 -63.36 -0.78
N GLY A 108 22.06 -62.59 -0.97
CA GLY A 108 20.86 -62.80 -0.18
C GLY A 108 19.72 -63.42 -0.94
N ILE A 109 19.78 -63.37 -2.28
CA ILE A 109 18.84 -64.15 -3.07
C ILE A 109 19.02 -65.63 -2.77
N THR A 110 20.27 -66.08 -2.68
CA THR A 110 20.64 -67.39 -2.16
C THR A 110 21.41 -67.17 -0.86
N GLU A 111 20.83 -67.61 0.26
CA GLU A 111 21.39 -67.39 1.59
C GLU A 111 22.65 -68.22 1.86
N LYS A 112 23.19 -68.91 0.86
CA LYS A 112 24.31 -69.83 1.09
C LYS A 112 25.57 -69.09 1.51
N SER A 113 25.76 -67.86 1.04
CA SER A 113 27.03 -67.18 1.27
C SER A 113 27.16 -66.66 2.70
N GLY A 114 26.30 -65.72 3.08
CA GLY A 114 26.47 -65.08 4.39
C GLY A 114 27.77 -64.33 4.51
N LEU A 115 28.16 -63.58 3.47
CA LEU A 115 29.45 -62.91 3.40
C LEU A 115 29.27 -61.41 3.54
N GLU A 116 29.89 -60.84 4.59
CA GLU A 116 29.92 -59.40 4.82
C GLU A 116 31.34 -58.94 5.16
N SER A 117 32.34 -59.66 4.65
CA SER A 117 33.73 -59.32 4.94
C SER A 117 34.26 -58.23 4.03
N ALA A 118 33.71 -58.08 2.83
CA ALA A 118 34.18 -57.10 1.86
C ALA A 118 32.99 -56.27 1.38
N VAL A 119 32.69 -55.20 2.11
CA VAL A 119 31.61 -54.28 1.78
C VAL A 119 32.05 -52.89 2.20
N CYS A 120 31.58 -51.88 1.48
CA CYS A 120 31.96 -50.52 1.82
C CYS A 120 31.30 -50.04 3.09
N VAL A 121 29.97 -50.19 3.19
CA VAL A 121 29.24 -49.75 4.37
C VAL A 121 28.19 -50.78 4.70
N THR A 122 28.43 -51.59 5.73
CA THR A 122 27.61 -52.77 6.00
C THR A 122 26.13 -52.41 6.07
N ASN A 123 25.29 -53.38 5.71
CA ASN A 123 23.86 -53.34 5.96
C ASN A 123 23.18 -52.07 5.42
N VAL A 124 23.74 -51.50 4.37
CA VAL A 124 23.02 -50.53 3.55
C VAL A 124 22.70 -51.23 2.24
N ARG A 125 21.43 -51.45 1.97
CA ARG A 125 21.05 -52.22 0.79
C ARG A 125 20.09 -51.51 -0.12
N SER A 126 19.36 -50.51 0.34
CA SER A 126 18.36 -49.86 -0.48
C SER A 126 18.42 -48.36 -0.20
N PHE A 127 17.54 -47.61 -0.85
CA PHE A 127 17.44 -46.22 -0.47
C PHE A 127 16.69 -46.06 0.83
N THR A 128 15.77 -46.97 1.15
CA THR A 128 15.14 -46.95 2.47
C THR A 128 16.18 -47.12 3.58
N SER A 129 17.05 -48.10 3.42
CA SER A 129 18.06 -48.29 4.45
C SER A 129 18.99 -47.10 4.49
N ALA A 130 19.36 -46.54 3.34
CA ALA A 130 20.21 -45.36 3.39
C ALA A 130 19.52 -44.20 4.08
N PHE A 131 18.20 -44.07 3.91
CA PHE A 131 17.49 -42.99 4.58
C PHE A 131 17.07 -43.37 5.97
N LEU A 132 17.59 -44.47 6.49
CA LEU A 132 17.43 -44.76 7.90
C LEU A 132 18.79 -44.75 8.57
N PHE A 133 19.84 -44.98 7.79
CA PHE A 133 21.21 -44.92 8.27
C PHE A 133 21.58 -43.46 8.44
N SER A 134 21.15 -42.62 7.51
CA SER A 134 21.52 -41.22 7.64
C SER A 134 20.87 -40.67 8.90
N ILE A 135 19.67 -41.15 9.22
CA ILE A 135 19.04 -40.79 10.47
C ILE A 135 19.89 -41.27 11.63
N GLU A 136 20.41 -42.49 11.54
CA GLU A 136 21.14 -42.98 12.69
C GLU A 136 22.46 -42.25 12.87
N VAL A 137 22.95 -41.60 11.83
CA VAL A 137 24.20 -40.86 12.01
C VAL A 137 24.02 -39.38 12.35
N GLN A 138 22.98 -38.72 11.84
CA GLN A 138 22.88 -37.29 12.10
C GLN A 138 22.46 -36.98 13.53
N VAL A 139 21.43 -37.65 14.04
CA VAL A 139 20.84 -37.26 15.31
C VAL A 139 21.60 -37.87 16.48
N THR A 140 22.74 -38.49 16.19
CA THR A 140 23.52 -39.18 17.22
C THR A 140 22.74 -40.31 17.85
N ILE A 141 21.78 -40.90 17.12
CA ILE A 141 21.12 -42.10 17.61
C ILE A 141 22.10 -43.26 17.60
N GLY A 142 22.56 -43.61 16.42
CA GLY A 142 23.51 -44.70 16.28
C GLY A 142 22.93 -46.06 16.61
N PHE A 143 21.99 -46.54 15.80
CA PHE A 143 21.39 -47.82 16.12
C PHE A 143 22.42 -48.93 16.05
N GLY A 144 23.28 -48.91 15.05
CA GLY A 144 24.43 -49.77 15.09
C GLY A 144 24.24 -51.16 14.54
N GLY A 145 23.12 -51.45 13.92
CA GLY A 145 23.14 -52.65 13.12
C GLY A 145 23.87 -52.44 11.82
N ARG A 146 24.32 -51.22 11.58
CA ARG A 146 25.00 -50.84 10.34
C ARG A 146 26.30 -50.13 10.70
N MET A 147 27.35 -50.91 10.96
CA MET A 147 28.64 -50.29 11.20
C MET A 147 29.20 -49.75 9.90
N MET A 148 30.23 -48.93 10.02
CA MET A 148 31.02 -48.49 8.88
C MET A 148 32.37 -49.18 8.98
N THR A 149 32.59 -50.18 8.13
CA THR A 149 33.91 -50.78 8.12
C THR A 149 34.92 -49.74 7.65
N GLU A 150 36.19 -50.07 7.79
CA GLU A 150 37.23 -49.07 7.70
C GLU A 150 37.74 -48.84 6.29
N GLU A 151 37.25 -49.57 5.30
CA GLU A 151 38.00 -49.68 4.05
C GLU A 151 37.77 -48.48 3.12
N CYS A 152 36.56 -48.35 2.61
CA CYS A 152 36.35 -47.39 1.53
C CYS A 152 36.49 -45.96 2.05
N PRO A 153 37.56 -45.25 1.71
CA PRO A 153 37.77 -43.95 2.35
C PRO A 153 36.79 -42.89 1.91
N LEU A 154 36.11 -43.08 0.78
CA LEU A 154 35.08 -42.12 0.38
C LEU A 154 33.97 -42.08 1.40
N ALA A 155 33.58 -43.24 1.91
CA ALA A 155 32.55 -43.24 2.94
C ALA A 155 33.02 -42.46 4.17
N ILE A 156 34.28 -42.64 4.56
CA ILE A 156 34.76 -41.93 5.75
C ILE A 156 34.77 -40.43 5.52
N THR A 157 35.12 -40.00 4.32
CA THR A 157 35.03 -38.57 4.02
C THR A 157 33.59 -38.08 4.16
N VAL A 158 32.64 -38.87 3.66
CA VAL A 158 31.26 -38.44 3.76
C VAL A 158 30.82 -38.36 5.21
N LEU A 159 31.29 -39.29 6.05
CA LEU A 159 30.91 -39.24 7.47
C LEU A 159 31.46 -37.99 8.14
N ILE A 160 32.71 -37.63 7.87
CA ILE A 160 33.26 -36.43 8.50
C ILE A 160 32.48 -35.20 8.05
N LEU A 161 32.25 -35.08 6.74
CA LEU A 161 31.51 -33.94 6.22
C LEU A 161 30.13 -33.85 6.86
N GLN A 162 29.43 -34.97 6.95
CA GLN A 162 28.06 -34.91 7.44
C GLN A 162 28.00 -34.64 8.93
N ASN A 163 28.88 -35.26 9.71
CA ASN A 163 28.85 -34.99 11.14
C ASN A 163 29.10 -33.52 11.41
N ILE A 164 30.06 -32.91 10.72
CA ILE A 164 30.33 -31.50 11.02
C ILE A 164 29.18 -30.62 10.58
N VAL A 165 28.59 -30.89 9.41
CA VAL A 165 27.50 -30.04 8.96
C VAL A 165 26.29 -30.19 9.87
N GLY A 166 26.04 -31.42 10.33
CA GLY A 166 24.95 -31.63 11.27
C GLY A 166 25.16 -30.85 12.56
N LEU A 167 26.39 -30.83 13.06
CA LEU A 167 26.66 -30.03 14.25
C LEU A 167 26.41 -28.56 13.98
N ILE A 168 26.81 -28.06 12.82
CA ILE A 168 26.55 -26.65 12.51
C ILE A 168 25.06 -26.38 12.56
N ILE A 169 24.26 -27.27 11.95
CA ILE A 169 22.82 -27.05 11.90
C ILE A 169 22.23 -27.05 13.29
N ASN A 170 22.65 -27.99 14.12
CA ASN A 170 22.14 -28.07 15.48
C ASN A 170 22.49 -26.82 16.27
N ALA A 171 23.73 -26.36 16.16
CA ALA A 171 24.14 -25.17 16.91
C ALA A 171 23.36 -23.94 16.47
N VAL A 172 23.21 -23.73 15.17
CA VAL A 172 22.51 -22.54 14.71
C VAL A 172 21.06 -22.57 15.16
N MET A 173 20.41 -23.72 15.03
CA MET A 173 19.00 -23.77 15.40
C MET A 173 18.81 -23.59 16.90
N LEU A 174 19.69 -24.18 17.71
CA LEU A 174 19.61 -23.94 19.14
C LEU A 174 19.79 -22.45 19.45
N GLY A 175 20.71 -21.80 18.76
CA GLY A 175 20.89 -20.37 18.97
C GLY A 175 19.65 -19.57 18.65
N CYS A 176 19.00 -19.90 17.54
CA CYS A 176 17.78 -19.18 17.19
C CYS A 176 16.72 -19.37 18.26
N ILE A 177 16.53 -20.60 18.72
CA ILE A 177 15.51 -20.84 19.73
C ILE A 177 15.83 -20.10 21.02
N PHE A 178 17.08 -20.12 21.47
CA PHE A 178 17.41 -19.40 22.70
C PHE A 178 17.21 -17.91 22.55
N MET A 179 17.64 -17.34 21.42
CA MET A 179 17.48 -15.90 21.25
C MET A 179 16.01 -15.52 21.25
N LYS A 180 15.17 -16.29 20.56
CA LYS A 180 13.74 -15.98 20.60
C LYS A 180 13.11 -16.26 21.97
N THR A 181 13.67 -17.17 22.77
CA THR A 181 13.11 -17.37 24.11
C THR A 181 13.52 -16.27 25.08
N ALA A 182 14.74 -15.74 24.96
CA ALA A 182 15.15 -14.69 25.88
C ALA A 182 14.37 -13.41 25.66
N GLN A 183 14.24 -12.97 24.41
CA GLN A 183 13.48 -11.77 24.10
C GLN A 183 12.02 -12.12 23.87
N ALA A 184 11.43 -12.77 24.87
CA ALA A 184 10.04 -13.19 24.79
C ALA A 184 9.11 -12.32 25.64
N HIS A 185 9.63 -11.53 26.56
CA HIS A 185 8.77 -10.57 27.23
C HIS A 185 8.27 -9.50 26.28
N ARG A 186 8.98 -9.27 25.19
CA ARG A 186 8.86 -8.06 24.38
C ARG A 186 7.67 -8.13 23.44
N ARG A 187 6.46 -8.26 24.00
CA ARG A 187 5.28 -8.43 23.18
C ARG A 187 5.05 -7.23 22.27
N ALA A 188 4.71 -6.09 22.85
CA ALA A 188 4.34 -4.89 22.10
C ALA A 188 4.18 -3.76 23.11
N GLU A 189 3.68 -2.61 22.65
CA GLU A 189 3.42 -1.46 23.51
C GLU A 189 1.92 -1.21 23.59
N THR A 190 1.46 -0.85 24.78
CA THR A 190 0.04 -0.75 25.10
C THR A 190 -0.26 0.53 25.85
N LEU A 191 0.22 1.66 25.34
CA LEU A 191 -0.05 2.95 25.97
C LEU A 191 -1.34 3.52 25.38
N ILE A 192 -2.28 3.87 26.26
CA ILE A 192 -3.61 4.29 25.84
C ILE A 192 -3.71 5.80 25.96
N PHE A 193 -4.12 6.45 24.88
CA PHE A 193 -4.22 7.90 24.80
C PHE A 193 -5.68 8.31 24.68
N SER A 194 -6.05 9.40 25.34
CA SER A 194 -7.30 10.04 24.97
C SER A 194 -7.19 10.59 23.56
N ARG A 195 -8.32 10.64 22.86
CA ARG A 195 -8.31 11.09 21.49
C ARG A 195 -8.66 12.57 21.35
N HIS A 196 -9.60 13.06 22.14
CA HIS A 196 -10.11 14.42 21.98
C HIS A 196 -9.42 15.34 22.98
N ALA A 197 -9.18 16.57 22.55
CA ALA A 197 -8.41 17.54 23.32
C ALA A 197 -9.26 18.75 23.62
N VAL A 198 -9.25 19.19 24.85
CA VAL A 198 -10.01 20.35 25.27
C VAL A 198 -9.09 21.57 25.35
N ILE A 199 -9.70 22.75 25.35
CA ILE A 199 -9.03 23.99 25.74
C ILE A 199 -9.92 24.62 26.80
N ALA A 200 -9.70 24.27 28.05
CA ALA A 200 -10.54 24.77 29.13
C ALA A 200 -10.07 26.14 29.56
N VAL A 201 -10.54 26.59 30.72
CA VAL A 201 -9.99 27.75 31.41
C VAL A 201 -9.59 27.30 32.81
N ARG A 202 -8.35 27.64 33.20
CA ARG A 202 -7.85 27.22 34.49
C ARG A 202 -6.70 28.12 34.89
N ASN A 203 -6.67 28.51 36.15
CA ASN A 203 -5.55 29.26 36.72
C ASN A 203 -5.26 30.53 35.92
N GLY A 204 -6.31 31.18 35.46
CA GLY A 204 -6.17 32.49 34.86
C GLY A 204 -5.76 32.52 33.41
N LYS A 205 -5.48 31.37 32.81
CA LYS A 205 -5.13 31.30 31.39
C LYS A 205 -5.67 29.99 30.82
N LEU A 206 -5.63 29.89 29.51
CA LEU A 206 -6.19 28.72 28.83
C LEU A 206 -5.23 27.54 29.01
N CYS A 207 -5.51 26.45 28.31
CA CYS A 207 -4.76 25.21 28.52
C CYS A 207 -4.68 24.45 27.20
N PHE A 208 -4.25 23.20 27.30
CA PHE A 208 -4.27 22.26 26.19
C PHE A 208 -4.09 20.90 26.86
N MET A 209 -5.14 20.09 26.90
CA MET A 209 -5.15 18.95 27.81
C MET A 209 -5.71 17.69 27.15
N PHE A 210 -5.19 16.54 27.55
CA PHE A 210 -5.67 15.23 27.13
C PHE A 210 -5.42 14.24 28.25
N ARG A 211 -5.63 12.95 27.99
CA ARG A 211 -5.47 11.94 29.01
C ARG A 211 -4.69 10.76 28.48
N VAL A 212 -3.86 10.17 29.34
CA VAL A 212 -2.98 9.06 28.98
C VAL A 212 -2.94 8.08 30.14
N GLY A 213 -2.86 6.79 29.82
CA GLY A 213 -2.81 5.76 30.82
C GLY A 213 -2.16 4.51 30.28
N ASP A 214 -1.94 3.56 31.18
CA ASP A 214 -1.29 2.30 30.86
C ASP A 214 -2.26 1.15 31.01
N LEU A 215 -1.80 -0.02 30.69
CA LEU A 215 -2.56 -1.21 31.02
C LEU A 215 -1.73 -2.24 31.77
N ARG A 216 -0.44 -2.38 31.44
CA ARG A 216 0.42 -3.32 32.14
C ARG A 216 0.59 -2.93 33.60
N LYS A 217 0.49 -3.91 34.49
CA LYS A 217 0.59 -3.66 35.91
C LYS A 217 1.97 -3.15 36.32
N SER A 218 2.89 -3.02 35.38
CA SER A 218 4.18 -2.39 35.64
C SER A 218 4.12 -0.93 35.17
N MET A 219 4.34 0.00 36.09
CA MET A 219 4.44 1.40 35.71
C MET A 219 5.77 1.64 34.99
N ILE A 220 5.84 2.75 34.28
CA ILE A 220 6.94 3.04 33.38
C ILE A 220 7.87 4.04 34.05
N ILE A 221 9.17 3.80 33.98
CA ILE A 221 10.16 4.54 34.75
C ILE A 221 10.75 5.66 33.91
N SER A 222 11.10 6.76 34.59
CA SER A 222 11.70 7.93 33.96
C SER A 222 10.90 8.32 32.72
N ALA A 223 9.59 8.38 32.87
CA ALA A 223 8.76 8.76 31.74
C ALA A 223 8.93 10.25 31.47
N SER A 224 9.02 10.58 30.18
CA SER A 224 9.18 11.96 29.75
C SER A 224 8.14 12.29 28.71
N VAL A 225 7.68 13.54 28.74
CA VAL A 225 6.58 14.04 27.93
C VAL A 225 7.18 15.16 27.09
N ARG A 226 7.01 15.06 25.77
CA ARG A 226 7.40 16.13 24.89
C ARG A 226 6.24 16.47 23.98
N ILE A 227 6.02 17.76 23.79
CA ILE A 227 4.92 18.24 22.97
C ILE A 227 5.48 19.21 21.94
N GLN A 228 5.09 19.02 20.69
CA GLN A 228 5.61 19.83 19.61
C GLN A 228 4.46 20.24 18.72
N VAL A 229 4.66 21.36 18.03
CA VAL A 229 3.71 21.90 17.07
C VAL A 229 4.35 21.84 15.69
N VAL A 230 3.62 21.30 14.72
CA VAL A 230 4.08 21.12 13.36
C VAL A 230 3.35 22.13 12.50
N LYS A 231 4.12 22.99 11.85
CA LYS A 231 3.57 23.98 10.94
C LYS A 231 4.66 24.41 9.98
N LYS A 232 4.23 24.88 8.80
CA LYS A 232 5.16 25.45 7.83
C LYS A 232 5.34 26.93 8.12
N THR A 233 6.58 27.36 8.23
CA THR A 233 6.90 28.76 8.37
C THR A 233 8.01 29.11 7.40
N THR A 234 8.32 30.40 7.36
CA THR A 234 9.46 30.89 6.61
C THR A 234 10.20 31.89 7.48
N THR A 235 11.47 32.08 7.15
CA THR A 235 12.24 33.14 7.76
C THR A 235 11.64 34.49 7.36
N PRO A 236 11.82 35.53 8.17
CA PRO A 236 11.46 36.87 7.69
C PRO A 236 12.19 37.22 6.43
N GLU A 237 13.42 36.72 6.26
CA GLU A 237 14.14 36.78 5.00
C GLU A 237 13.61 35.77 3.98
N GLY A 238 12.64 34.93 4.36
CA GLY A 238 11.91 34.14 3.40
C GLY A 238 12.53 32.85 2.90
N GLU A 239 12.71 31.86 3.78
CA GLU A 239 13.08 30.51 3.35
C GLU A 239 12.06 29.50 3.83
N VAL A 240 11.74 28.53 2.97
CA VAL A 240 10.69 27.56 3.23
C VAL A 240 11.27 26.45 4.08
N VAL A 241 10.81 26.43 5.33
CA VAL A 241 11.12 25.40 6.29
C VAL A 241 9.92 24.51 6.02
N PRO A 242 10.12 23.36 5.35
CA PRO A 242 8.90 22.63 4.99
C PRO A 242 7.95 22.16 6.10
N ILE A 243 8.39 21.56 7.20
CA ILE A 243 7.43 21.14 8.21
C ILE A 243 8.17 21.35 9.49
N HIS A 244 8.17 22.59 9.95
CA HIS A 244 8.90 23.00 11.14
C HIS A 244 8.23 22.41 12.36
N GLN A 245 9.03 21.72 13.17
CA GLN A 245 8.60 21.16 14.43
C GLN A 245 9.12 22.09 15.51
N GLN A 246 8.22 22.65 16.31
CA GLN A 246 8.60 23.58 17.36
C GLN A 246 8.29 22.96 18.71
N ASP A 247 9.26 23.02 19.61
CA ASP A 247 9.13 22.42 20.93
C ASP A 247 8.40 23.38 21.85
N ILE A 248 7.46 22.87 22.64
CA ILE A 248 6.78 23.80 23.54
C ILE A 248 6.74 23.25 24.95
N PRO A 249 6.95 24.09 25.95
CA PRO A 249 7.03 23.60 27.33
C PRO A 249 5.72 22.98 27.75
N VAL A 250 5.81 21.88 28.49
CA VAL A 250 4.68 21.27 29.17
C VAL A 250 4.79 21.66 30.63
N ASP A 251 3.76 22.29 31.16
CA ASP A 251 3.93 22.86 32.47
C ASP A 251 4.08 21.77 33.51
N ASN A 252 4.69 22.15 34.63
CA ASN A 252 5.00 21.25 35.72
C ASN A 252 5.38 22.10 36.93
N PRO A 253 5.41 21.52 38.12
CA PRO A 253 5.74 22.30 39.31
C PRO A 253 7.14 22.89 39.33
N ILE A 254 8.10 22.33 38.59
CA ILE A 254 9.46 22.87 38.59
C ILE A 254 9.99 23.04 37.16
N GLU A 255 9.10 22.94 36.17
CA GLU A 255 9.47 23.05 34.76
C GLU A 255 10.49 21.99 34.35
N SER A 256 10.07 20.73 34.47
CA SER A 256 10.85 19.58 34.03
C SER A 256 9.91 18.54 33.44
N ASN A 257 10.42 17.78 32.47
CA ASN A 257 9.59 17.05 31.55
C ASN A 257 9.43 15.57 31.91
N ASN A 258 9.53 15.23 33.18
CA ASN A 258 9.19 13.89 33.63
C ASN A 258 7.74 13.86 34.12
N ILE A 259 7.12 12.70 34.01
CA ILE A 259 5.77 12.49 34.54
C ILE A 259 5.68 11.08 35.12
N PHE A 260 4.96 10.94 36.24
CA PHE A 260 4.81 9.68 36.93
C PHE A 260 3.43 9.11 36.62
N LEU A 261 3.39 7.91 36.03
CA LEU A 261 2.23 7.43 35.28
C LEU A 261 1.58 6.23 35.97
N VAL A 262 0.67 6.50 36.90
CA VAL A 262 -0.04 5.43 37.58
C VAL A 262 -1.55 5.62 37.48
N ALA A 263 -2.03 6.74 37.94
CA ALA A 263 -3.40 7.03 37.55
C ALA A 263 -3.41 8.03 36.40
N PRO A 264 -4.35 7.92 35.47
CA PRO A 264 -4.33 8.79 34.29
C PRO A 264 -4.32 10.26 34.66
N LEU A 265 -3.79 11.07 33.75
CA LEU A 265 -3.42 12.44 34.05
C LEU A 265 -3.89 13.41 32.98
N ILE A 266 -3.96 14.66 33.38
CA ILE A 266 -4.12 15.79 32.48
C ILE A 266 -2.73 16.32 32.17
N ILE A 267 -2.44 16.55 30.88
CA ILE A 267 -1.13 17.08 30.50
C ILE A 267 -1.29 18.52 30.00
N CYS A 268 -1.18 19.47 30.92
CA CYS A 268 -1.46 20.84 30.58
C CYS A 268 -0.35 21.41 29.72
N HIS A 269 -0.65 22.52 29.07
CA HIS A 269 0.33 23.25 28.28
C HIS A 269 -0.14 24.70 28.24
N VAL A 270 0.41 25.53 29.11
CA VAL A 270 -0.07 26.91 29.20
C VAL A 270 0.36 27.68 27.96
N ILE A 271 -0.59 28.35 27.32
CA ILE A 271 -0.33 29.13 26.12
C ILE A 271 0.29 30.44 26.56
N ASP A 272 1.54 30.67 26.16
CA ASP A 272 2.14 31.97 26.42
C ASP A 272 2.84 32.50 25.17
N LYS A 273 3.54 33.63 25.31
CA LYS A 273 3.99 34.39 24.15
C LYS A 273 4.77 33.53 23.17
N ARG A 274 5.76 32.78 23.66
CA ARG A 274 6.58 31.99 22.77
C ARG A 274 5.81 30.86 22.12
N SER A 275 4.73 30.40 22.75
CA SER A 275 3.99 29.26 22.21
C SER A 275 3.34 29.64 20.89
N PRO A 276 3.32 28.73 19.91
CA PRO A 276 2.65 29.04 18.64
C PRO A 276 1.15 29.05 18.77
N LEU A 277 0.59 28.68 19.92
CA LEU A 277 -0.84 28.71 20.13
C LEU A 277 -1.31 30.06 20.65
N TYR A 278 -0.50 31.10 20.50
CA TYR A 278 -0.91 32.42 20.93
C TYR A 278 -2.04 32.96 20.08
N ASP A 279 -2.08 32.59 18.80
CA ASP A 279 -2.90 33.29 17.81
C ASP A 279 -4.02 32.44 17.21
N ILE A 280 -4.78 31.72 18.03
CA ILE A 280 -5.85 30.87 17.52
C ILE A 280 -7.12 31.12 18.33
N SER A 281 -8.21 31.43 17.63
CA SER A 281 -9.48 31.81 18.23
C SER A 281 -10.53 30.73 18.04
N ALA A 282 -11.72 30.97 18.61
CA ALA A 282 -12.74 29.95 18.69
C ALA A 282 -13.21 29.51 17.30
N THR A 283 -13.86 30.42 16.57
CA THR A 283 -14.34 30.06 15.24
C THR A 283 -13.20 29.81 14.28
N ASP A 284 -11.99 30.22 14.64
CA ASP A 284 -10.83 29.94 13.81
C ASP A 284 -10.44 28.47 13.88
N LEU A 285 -10.53 27.87 15.07
CA LEU A 285 -9.97 26.54 15.28
C LEU A 285 -10.90 25.45 14.76
N VAL A 286 -11.35 25.60 13.53
CA VAL A 286 -11.88 24.49 12.75
C VAL A 286 -11.17 24.49 11.41
N ASN A 287 -10.68 25.67 11.00
CA ASN A 287 -9.91 25.82 9.76
C ASN A 287 -8.48 26.21 10.10
N GLN A 288 -7.55 25.28 9.89
CA GLN A 288 -6.13 25.54 10.08
C GLN A 288 -5.33 24.33 9.60
N ASP A 289 -4.12 24.59 9.09
CA ASP A 289 -3.19 23.54 8.69
C ASP A 289 -2.12 23.42 9.78
N LEU A 290 -2.41 22.60 10.79
CA LEU A 290 -1.53 22.43 11.93
C LEU A 290 -1.53 20.96 12.32
N GLU A 291 -0.46 20.51 12.94
CA GLU A 291 -0.46 19.16 13.49
C GLU A 291 0.39 19.13 14.75
N VAL A 292 -0.23 18.81 15.88
CA VAL A 292 0.46 18.84 17.16
C VAL A 292 0.81 17.42 17.53
N ILE A 293 2.10 17.16 17.70
CA ILE A 293 2.61 15.83 18.01
C ILE A 293 2.90 15.74 19.50
N VAL A 294 2.70 14.54 20.04
CA VAL A 294 2.98 14.23 21.44
C VAL A 294 3.88 13.00 21.45
N ILE A 295 4.97 13.07 22.21
CA ILE A 295 5.97 12.00 22.25
C ILE A 295 6.20 11.61 23.71
N LEU A 296 5.92 10.34 24.02
CA LEU A 296 6.05 9.80 25.37
C LEU A 296 7.17 8.79 25.42
N GLU A 297 8.07 8.92 26.41
CA GLU A 297 9.24 8.05 26.48
C GLU A 297 9.37 7.45 27.87
N GLY A 298 9.88 6.23 27.93
CA GLY A 298 10.10 5.63 29.22
C GLY A 298 10.75 4.26 29.09
N VAL A 299 10.80 3.55 30.21
CA VAL A 299 11.26 2.17 30.22
C VAL A 299 10.29 1.37 31.08
N VAL A 300 10.12 0.10 30.74
CA VAL A 300 9.28 -0.80 31.53
C VAL A 300 10.18 -1.67 32.40
N GLU A 301 9.93 -1.67 33.71
CA GLU A 301 10.87 -2.29 34.62
C GLU A 301 10.94 -3.79 34.43
N THR A 302 9.83 -4.41 34.01
CA THR A 302 9.83 -5.86 33.85
C THR A 302 10.79 -6.29 32.75
N THR A 303 10.51 -5.90 31.51
CA THR A 303 11.32 -6.38 30.41
C THR A 303 12.64 -5.64 30.27
N GLY A 304 12.76 -4.46 30.87
CA GLY A 304 13.98 -3.68 30.73
C GLY A 304 14.26 -3.20 29.33
N ILE A 305 13.24 -2.75 28.61
CA ILE A 305 13.38 -2.25 27.25
C ILE A 305 12.84 -0.83 27.20
N THR A 306 13.62 0.08 26.60
CA THR A 306 13.14 1.45 26.41
C THR A 306 12.02 1.47 25.39
N THR A 307 10.97 2.24 25.67
CA THR A 307 9.82 2.37 24.78
C THR A 307 9.50 3.83 24.51
N GLN A 308 9.09 4.09 23.27
CA GLN A 308 8.67 5.40 22.80
C GLN A 308 7.31 5.26 22.13
N ALA A 309 6.34 6.04 22.59
CA ALA A 309 4.97 5.97 22.10
C ALA A 309 4.60 7.30 21.45
N ARG A 310 4.04 7.23 20.24
CA ARG A 310 3.73 8.39 19.43
C ARG A 310 2.24 8.46 19.13
N THR A 311 1.75 9.68 19.00
CA THR A 311 0.38 9.96 18.59
C THR A 311 0.36 11.31 17.87
N SER A 312 -0.76 11.64 17.24
CA SER A 312 -0.84 12.89 16.51
C SER A 312 -2.21 13.53 16.65
N TYR A 313 -2.23 14.86 16.70
CA TYR A 313 -3.45 15.64 16.83
C TYR A 313 -3.54 16.63 15.67
N ILE A 314 -4.74 16.87 15.17
CA ILE A 314 -4.98 17.87 14.14
C ILE A 314 -5.99 18.86 14.70
N ALA A 315 -6.02 20.05 14.10
CA ALA A 315 -6.94 21.06 14.57
C ALA A 315 -8.39 20.64 14.39
N GLU A 316 -8.67 19.69 13.51
CA GLU A 316 -10.05 19.30 13.23
C GLU A 316 -10.66 18.50 14.39
N GLU A 317 -9.87 17.65 15.05
CA GLU A 317 -10.39 16.86 16.16
C GLU A 317 -10.57 17.67 17.43
N ILE A 318 -9.77 18.72 17.62
CA ILE A 318 -9.77 19.44 18.88
C ILE A 318 -11.03 20.28 18.99
N GLN A 319 -11.74 20.15 20.11
CA GLN A 319 -13.06 20.75 20.31
C GLN A 319 -13.00 21.75 21.46
N TRP A 320 -12.92 23.03 21.10
CA TRP A 320 -12.90 24.13 22.05
C TRP A 320 -14.00 23.99 23.10
N GLY A 321 -13.76 24.58 24.26
CA GLY A 321 -14.80 24.83 25.22
C GLY A 321 -15.09 23.72 26.20
N HIS A 322 -14.32 22.65 26.20
CA HIS A 322 -14.63 21.50 27.04
C HIS A 322 -13.60 21.33 28.16
N ARG A 323 -13.77 20.24 28.89
CA ARG A 323 -12.79 19.73 29.83
C ARG A 323 -13.12 18.25 30.03
N PHE A 324 -12.35 17.59 30.87
CA PHE A 324 -12.49 16.15 31.06
C PHE A 324 -13.21 15.85 32.36
N VAL A 325 -14.15 14.91 32.30
CA VAL A 325 -14.90 14.53 33.49
C VAL A 325 -13.96 13.87 34.48
N SER A 326 -14.17 14.14 35.75
CA SER A 326 -13.30 13.57 36.78
C SER A 326 -13.57 12.08 36.81
N ILE A 327 -12.71 11.30 36.14
CA ILE A 327 -12.93 9.87 36.01
C ILE A 327 -12.86 9.19 37.37
N VAL A 328 -11.99 9.67 38.25
CA VAL A 328 -11.79 9.04 39.54
C VAL A 328 -13.01 9.29 40.41
N THR A 329 -13.11 8.55 41.52
CA THR A 329 -14.13 8.80 42.53
C THR A 329 -13.80 7.99 43.77
N GLU A 330 -13.77 8.63 44.94
CA GLU A 330 -13.43 7.90 46.15
C GLU A 330 -14.47 6.82 46.41
N GLU A 331 -14.08 5.57 46.25
CA GLU A 331 -15.01 4.46 46.35
C GLU A 331 -15.20 4.06 47.80
N GLU A 332 -15.78 2.90 48.05
CA GLU A 332 -16.12 2.48 49.40
C GLU A 332 -14.88 2.38 50.28
N GLY A 333 -13.80 1.82 49.76
CA GLY A 333 -12.60 1.70 50.58
C GLY A 333 -11.29 2.01 49.87
N VAL A 334 -11.33 2.23 48.57
CA VAL A 334 -10.10 2.39 47.81
C VAL A 334 -10.43 3.13 46.52
N TYR A 335 -9.52 4.02 46.11
CA TYR A 335 -9.71 4.78 44.90
C TYR A 335 -9.92 3.85 43.72
N SER A 336 -10.55 4.38 42.67
CA SER A 336 -10.73 3.62 41.45
C SER A 336 -10.90 4.57 40.29
N VAL A 337 -10.65 4.06 39.09
CA VAL A 337 -10.85 4.81 37.86
C VAL A 337 -11.56 3.93 36.84
N ASP A 338 -12.59 4.49 36.20
CA ASP A 338 -13.29 3.81 35.11
C ASP A 338 -12.80 4.40 33.81
N TYR A 339 -11.94 3.66 33.12
CA TYR A 339 -11.47 4.04 31.79
C TYR A 339 -12.62 4.16 30.78
N SER A 340 -13.83 3.73 31.14
CA SER A 340 -14.94 3.89 30.22
C SER A 340 -15.29 5.34 29.99
N LYS A 341 -14.91 6.22 30.91
CA LYS A 341 -15.11 7.65 30.69
C LYS A 341 -13.87 8.31 30.11
N PHE A 342 -13.16 7.61 29.22
CA PHE A 342 -11.91 8.11 28.67
C PHE A 342 -12.13 9.27 27.71
N GLY A 343 -12.82 9.01 26.60
CA GLY A 343 -13.09 10.03 25.60
C GLY A 343 -14.24 10.94 25.92
N ASN A 344 -14.90 10.73 27.06
CA ASN A 344 -15.99 11.58 27.47
C ASN A 344 -15.46 12.96 27.85
N THR A 345 -16.09 14.00 27.31
CA THR A 345 -15.77 15.37 27.66
C THR A 345 -17.06 16.13 27.98
N VAL A 346 -16.98 17.10 28.88
CA VAL A 346 -18.14 17.95 29.15
C VAL A 346 -17.80 19.40 28.85
N ARG A 347 -18.84 20.21 28.71
CA ARG A 347 -18.71 21.61 28.39
C ARG A 347 -18.93 22.45 29.64
N VAL A 348 -18.13 23.51 29.79
CA VAL A 348 -18.35 24.48 30.85
C VAL A 348 -17.95 25.85 30.32
N ALA A 349 -18.16 26.88 31.13
CA ALA A 349 -17.94 28.26 30.73
C ALA A 349 -16.59 28.44 30.06
N ALA A 350 -16.62 28.81 28.78
CA ALA A 350 -15.42 28.91 27.96
C ALA A 350 -15.41 30.26 27.26
N PRO A 351 -14.46 31.14 27.57
CA PRO A 351 -14.30 32.36 26.78
C PRO A 351 -14.01 32.05 25.32
N ARG A 352 -14.54 32.90 24.44
CA ARG A 352 -14.46 32.73 22.99
C ARG A 352 -13.40 33.60 22.34
N CYS A 353 -12.65 34.38 23.11
CA CYS A 353 -11.61 35.21 22.52
C CYS A 353 -10.30 34.43 22.44
N SER A 354 -9.27 35.09 21.92
CA SER A 354 -7.96 34.50 21.79
C SER A 354 -7.10 34.90 22.98
N ALA A 355 -6.26 33.96 23.46
CA ALA A 355 -5.32 34.28 24.53
C ALA A 355 -4.40 35.41 24.11
N ARG A 356 -4.27 35.63 22.80
CA ARG A 356 -3.57 36.79 22.28
C ARG A 356 -4.17 38.06 22.87
N GLU A 357 -5.49 38.07 23.05
CA GLU A 357 -6.19 39.19 23.63
C GLU A 357 -6.61 38.96 25.08
N LEU A 358 -6.52 37.72 25.58
CA LEU A 358 -6.93 37.50 26.96
C LEU A 358 -5.98 38.15 27.97
N ASP A 359 -4.91 38.81 27.52
CA ASP A 359 -4.20 39.79 28.33
C ASP A 359 -4.28 41.18 27.74
N GLU A 360 -4.68 41.31 26.46
CA GLU A 360 -4.77 42.62 25.82
C GLU A 360 -5.94 43.43 26.37
N LYS A 361 -7.03 42.73 26.65
CA LYS A 361 -8.26 43.29 27.18
C LYS A 361 -8.18 42.72 28.55
N PRO A 362 -7.67 43.50 29.52
CA PRO A 362 -7.49 42.81 30.81
C PRO A 362 -8.68 42.63 31.76
N SER A 363 -9.66 41.85 31.30
CA SER A 363 -10.82 41.48 32.09
C SER A 363 -10.87 39.98 31.93
N ILE A 364 -10.98 39.21 33.00
CA ILE A 364 -11.04 37.78 32.83
C ILE A 364 -12.31 37.42 32.10
N LEU A 365 -13.18 38.42 31.93
CA LEU A 365 -14.44 38.27 31.22
C LEU A 365 -14.22 38.39 29.72
N ILE A 366 -14.95 37.59 28.95
CA ILE A 366 -14.86 37.64 27.50
C ILE A 366 -16.23 37.93 26.90
N ARG B 30 50.50 20.13 0.10
CA ARG B 30 51.69 19.61 0.77
C ARG B 30 51.31 18.74 1.96
N LEU B 31 52.11 18.77 3.01
CA LEU B 31 51.81 17.99 4.21
C LEU B 31 50.51 18.49 4.83
N PRO B 32 49.62 17.55 5.11
CA PRO B 32 48.26 17.90 5.52
C PRO B 32 48.27 18.63 6.85
N LYS B 33 47.51 19.73 6.91
CA LYS B 33 47.24 20.38 8.19
C LYS B 33 46.32 19.52 9.04
N ALA B 34 46.52 19.58 10.35
CA ALA B 34 45.86 18.66 11.26
C ALA B 34 44.35 18.83 11.25
N ARG B 35 43.64 17.70 11.33
CA ARG B 35 42.22 17.63 11.64
C ARG B 35 42.05 16.95 12.99
N PHE B 36 40.89 17.13 13.61
CA PHE B 36 40.62 16.47 14.88
C PHE B 36 39.88 15.16 14.70
N ILE B 37 38.69 15.20 14.13
CA ILE B 37 38.00 13.98 13.70
C ILE B 37 37.56 14.17 12.25
N ALA B 38 37.57 13.08 11.49
CA ALA B 38 37.58 13.15 10.04
C ALA B 38 36.19 13.50 9.51
N LYS B 39 36.02 13.43 8.20
CA LYS B 39 34.73 13.61 7.56
C LYS B 39 33.84 12.38 7.67
N SER B 40 34.32 11.32 8.29
CA SER B 40 33.54 10.12 8.56
C SER B 40 33.69 9.70 10.01
N GLY B 41 33.80 10.69 10.89
CA GLY B 41 34.00 10.39 12.30
C GLY B 41 35.33 9.72 12.53
N ALA B 42 35.33 8.77 13.47
CA ALA B 42 36.47 7.88 13.70
C ALA B 42 37.73 8.69 14.05
N CYS B 43 37.66 9.33 15.21
CA CYS B 43 38.68 10.27 15.67
C CYS B 43 40.09 9.82 15.27
N ASN B 44 40.81 10.71 14.60
CA ASN B 44 42.11 10.41 14.03
C ASN B 44 43.24 10.59 15.02
N LEU B 45 42.95 10.67 16.32
CA LEU B 45 44.01 10.96 17.25
C LEU B 45 45.01 9.81 17.28
N ALA B 46 46.23 10.12 17.70
CA ALA B 46 47.33 9.16 17.76
C ALA B 46 47.88 9.17 19.17
N HIS B 47 47.30 8.37 20.04
CA HIS B 47 47.87 8.18 21.36
C HIS B 47 49.21 7.50 21.21
N LYS B 48 50.23 7.98 21.93
CA LYS B 48 51.56 7.41 21.80
C LYS B 48 52.19 7.20 23.18
N ASN B 49 53.08 6.21 23.24
CA ASN B 49 53.87 5.87 24.43
C ASN B 49 52.98 5.60 25.64
N ILE B 50 51.74 5.19 25.40
CA ILE B 50 50.85 4.79 26.48
C ILE B 50 51.50 3.69 27.30
N ARG B 51 51.44 3.82 28.61
CA ARG B 51 52.03 2.79 29.45
C ARG B 51 51.18 1.53 29.38
N GLU B 52 51.57 0.60 28.52
CA GLU B 52 50.82 -0.62 28.28
C GLU B 52 51.35 -1.77 29.14
N GLN B 53 50.43 -2.59 29.64
CA GLN B 53 50.79 -3.85 30.26
C GLN B 53 50.90 -4.91 29.16
N GLY B 54 51.05 -6.18 29.55
CA GLY B 54 51.30 -7.24 28.59
C GLY B 54 50.06 -7.84 27.94
N ARG B 55 50.04 -9.16 27.81
CA ARG B 55 48.93 -9.89 27.22
C ARG B 55 48.02 -10.42 28.31
N PHE B 56 46.72 -10.21 28.14
CA PHE B 56 45.69 -10.85 28.94
C PHE B 56 44.96 -11.85 28.05
N LEU B 57 45.27 -13.14 28.20
CA LEU B 57 44.71 -14.17 27.31
C LEU B 57 43.21 -14.01 27.13
N GLN B 58 42.55 -13.40 28.12
CA GLN B 58 41.14 -13.06 27.97
C GLN B 58 40.93 -12.24 26.71
N ASP B 59 41.93 -11.44 26.34
CA ASP B 59 41.86 -10.70 25.08
C ASP B 59 41.82 -11.64 23.88
N ILE B 60 42.61 -12.71 23.92
CA ILE B 60 42.56 -13.69 22.83
C ILE B 60 41.17 -14.32 22.75
N PHE B 61 40.60 -14.73 23.89
CA PHE B 61 39.26 -15.32 23.80
C PHE B 61 38.27 -14.30 23.26
N THR B 62 38.42 -13.04 23.69
CA THR B 62 37.53 -11.99 23.21
C THR B 62 37.65 -11.83 21.70
N THR B 63 38.86 -11.91 21.17
CA THR B 63 39.02 -11.95 19.72
C THR B 63 38.28 -13.16 19.15
N LEU B 64 38.29 -14.27 19.86
CA LEU B 64 37.58 -15.45 19.35
C LEU B 64 36.10 -15.15 19.18
N VAL B 65 35.51 -14.41 20.12
CA VAL B 65 34.09 -14.16 19.98
C VAL B 65 33.85 -13.04 18.97
N ASP B 66 34.76 -12.08 18.89
CA ASP B 66 34.69 -11.00 17.89
C ASP B 66 35.31 -11.51 16.60
N LEU B 67 34.50 -12.06 15.71
CA LEU B 67 35.05 -12.65 14.49
C LEU B 67 34.08 -12.46 13.34
N LYS B 68 34.53 -12.83 12.15
CA LYS B 68 33.70 -12.84 10.97
C LYS B 68 33.26 -14.26 10.66
N TRP B 69 32.04 -14.39 10.11
CA TRP B 69 31.47 -15.71 9.88
C TRP B 69 32.35 -16.54 8.95
N ARG B 70 32.93 -15.91 7.94
CA ARG B 70 33.79 -16.62 7.00
C ARG B 70 34.95 -17.31 7.72
N HIS B 71 35.39 -16.78 8.86
CA HIS B 71 36.46 -17.43 9.62
C HIS B 71 35.95 -18.22 10.81
N THR B 72 34.85 -17.77 11.43
CA THR B 72 34.24 -18.53 12.51
C THR B 72 33.86 -19.94 12.05
N LEU B 73 33.24 -20.05 10.87
CA LEU B 73 32.86 -21.36 10.38
C LEU B 73 34.09 -22.25 10.18
N VAL B 74 35.17 -21.67 9.67
CA VAL B 74 36.36 -22.46 9.39
C VAL B 74 36.99 -22.97 10.68
N ILE B 75 37.17 -22.09 11.67
CA ILE B 75 37.78 -22.55 12.91
C ILE B 75 36.85 -23.51 13.64
N PHE B 76 35.54 -23.28 13.54
CA PHE B 76 34.57 -24.21 14.13
C PHE B 76 34.78 -25.61 13.60
N THR B 77 34.88 -25.76 12.27
CA THR B 77 35.12 -27.09 11.74
C THR B 77 36.49 -27.61 12.12
N MET B 78 37.51 -26.74 12.06
CA MET B 78 38.87 -27.21 12.25
C MET B 78 39.10 -27.68 13.68
N SER B 79 38.43 -27.09 14.66
CA SER B 79 38.58 -27.55 16.02
C SER B 79 38.18 -29.01 16.13
N PHE B 80 37.02 -29.37 15.55
CA PHE B 80 36.56 -30.74 15.65
C PHE B 80 37.47 -31.68 14.89
N LEU B 81 37.91 -31.28 13.70
CA LEU B 81 38.78 -32.15 12.93
C LEU B 81 40.07 -32.43 13.69
N CYS B 82 40.69 -31.38 14.21
CA CYS B 82 41.94 -31.58 14.92
C CYS B 82 41.73 -32.42 16.17
N SER B 83 40.61 -32.21 16.89
CA SER B 83 40.41 -32.96 18.11
C SER B 83 40.24 -34.45 17.82
N TRP B 84 39.43 -34.77 16.80
CA TRP B 84 39.29 -36.17 16.44
C TRP B 84 40.62 -36.78 16.05
N LEU B 85 41.43 -36.06 15.28
CA LEU B 85 42.68 -36.68 14.86
C LEU B 85 43.60 -36.91 16.05
N LEU B 86 43.66 -35.94 16.96
CA LEU B 86 44.54 -36.06 18.13
C LEU B 86 44.14 -37.25 18.99
N PHE B 87 42.85 -37.38 19.25
CA PHE B 87 42.47 -38.51 20.08
C PHE B 87 42.55 -39.81 19.30
N ALA B 88 42.49 -39.76 17.97
CA ALA B 88 42.73 -40.97 17.19
C ALA B 88 44.14 -41.48 17.36
N ILE B 89 45.12 -40.58 17.34
CA ILE B 89 46.48 -41.04 17.55
C ILE B 89 46.62 -41.62 18.96
N MET B 90 46.03 -40.94 19.94
CA MET B 90 46.11 -41.48 21.29
C MET B 90 45.47 -42.86 21.37
N TRP B 91 44.32 -43.03 20.70
CA TRP B 91 43.61 -44.30 20.73
C TRP B 91 44.42 -45.40 20.07
N TRP B 92 45.13 -45.05 19.00
CA TRP B 92 45.99 -46.03 18.36
C TRP B 92 47.09 -46.46 19.30
N LEU B 93 47.67 -45.51 20.03
CA LEU B 93 48.70 -45.88 21.00
C LEU B 93 48.14 -46.78 22.09
N VAL B 94 46.92 -46.50 22.56
CA VAL B 94 46.39 -47.35 23.62
C VAL B 94 45.98 -48.70 23.08
N ALA B 95 45.68 -48.80 21.78
CA ALA B 95 45.46 -50.10 21.16
C ALA B 95 46.78 -50.80 20.90
N PHE B 96 47.87 -50.05 20.90
CA PHE B 96 49.22 -50.57 20.72
C PHE B 96 49.74 -51.20 22.00
N ALA B 97 49.51 -50.52 23.13
CA ALA B 97 50.08 -50.98 24.40
C ALA B 97 49.60 -52.38 24.76
N HIS B 98 48.29 -52.60 24.76
CA HIS B 98 47.79 -53.93 25.09
C HIS B 98 48.16 -54.90 23.97
N GLY B 99 47.77 -56.16 24.14
CA GLY B 99 48.06 -57.14 23.12
C GLY B 99 47.01 -57.17 22.03
N ASP B 100 46.69 -56.03 21.42
CA ASP B 100 45.57 -55.97 20.50
C ASP B 100 45.96 -56.20 19.04
N ILE B 101 46.87 -55.37 18.53
CA ILE B 101 47.23 -55.45 17.12
C ILE B 101 47.83 -56.81 16.79
N TYR B 102 48.66 -57.34 17.69
CA TYR B 102 49.24 -58.66 17.43
C TYR B 102 48.14 -59.70 17.30
N ALA B 103 47.15 -59.65 18.19
CA ALA B 103 46.08 -60.62 18.15
C ALA B 103 45.30 -60.52 16.85
N TYR B 104 44.97 -59.30 16.43
CA TYR B 104 44.19 -59.17 15.21
C TYR B 104 44.99 -59.44 13.94
N MET B 105 46.32 -59.29 14.00
CA MET B 105 47.11 -59.69 12.83
C MET B 105 47.29 -61.19 12.74
N GLU B 106 47.41 -61.88 13.87
CA GLU B 106 47.61 -63.32 13.80
C GLU B 106 46.32 -64.08 13.62
N LYS B 107 45.18 -63.49 14.02
CA LYS B 107 43.91 -64.19 13.85
C LYS B 107 43.60 -64.40 12.37
N GLY B 108 43.89 -63.41 11.53
CA GLY B 108 43.69 -63.56 10.11
C GLY B 108 44.49 -64.70 9.51
N ILE B 109 45.73 -64.88 9.98
CA ILE B 109 46.54 -65.98 9.50
C ILE B 109 45.98 -67.31 10.01
N THR B 110 45.69 -67.37 11.31
CA THR B 110 45.21 -68.60 11.93
C THR B 110 43.76 -68.91 11.60
N GLU B 111 42.96 -67.89 11.28
CA GLU B 111 41.53 -68.06 11.06
C GLU B 111 40.88 -68.75 12.25
N LYS B 112 41.30 -68.37 13.45
CA LYS B 112 40.81 -68.97 14.67
C LYS B 112 40.31 -67.87 15.61
N SER B 113 39.20 -68.13 16.29
CA SER B 113 38.62 -67.17 17.21
C SER B 113 39.25 -67.33 18.61
N GLY B 114 40.57 -67.22 18.64
CA GLY B 114 41.36 -67.29 19.85
C GLY B 114 41.56 -65.96 20.56
N LEU B 115 40.86 -64.91 20.14
CA LEU B 115 40.97 -63.58 20.72
C LEU B 115 39.60 -62.98 20.93
N GLU B 116 38.67 -63.78 21.45
CA GLU B 116 37.28 -63.35 21.53
C GLU B 116 37.08 -62.20 22.52
N SER B 117 37.71 -62.26 23.69
CA SER B 117 37.41 -61.32 24.77
C SER B 117 38.60 -60.57 25.35
N ALA B 118 39.84 -61.00 25.08
CA ALA B 118 40.98 -60.41 25.77
C ALA B 118 41.27 -58.98 25.34
N VAL B 119 40.88 -58.59 24.12
CA VAL B 119 41.37 -57.34 23.53
C VAL B 119 40.89 -56.15 24.34
N CYS B 120 41.68 -55.06 24.30
CA CYS B 120 41.35 -53.90 25.10
C CYS B 120 40.15 -53.16 24.56
N VAL B 121 40.20 -52.79 23.29
CA VAL B 121 39.12 -52.07 22.63
C VAL B 121 38.73 -52.87 21.40
N THR B 122 37.58 -53.56 21.48
CA THR B 122 37.26 -54.59 20.52
C THR B 122 37.28 -54.06 19.10
N ASN B 123 37.81 -54.88 18.18
CA ASN B 123 37.81 -54.58 16.75
C ASN B 123 38.46 -53.22 16.45
N VAL B 124 39.40 -52.80 17.28
CA VAL B 124 40.23 -51.65 16.97
C VAL B 124 41.60 -52.19 16.59
N ARG B 125 41.93 -52.14 15.30
CA ARG B 125 43.15 -52.77 14.83
C ARG B 125 43.91 -51.93 13.82
N SER B 126 43.58 -50.66 13.66
CA SER B 126 44.27 -49.84 12.68
C SER B 126 44.13 -48.39 13.11
N PHE B 127 45.11 -47.58 12.70
CA PHE B 127 44.98 -46.15 12.96
C PHE B 127 43.68 -45.63 12.37
N THR B 128 43.30 -46.14 11.19
CA THR B 128 42.01 -45.79 10.63
C THR B 128 40.89 -46.24 11.56
N SER B 129 41.01 -47.45 12.11
CA SER B 129 39.98 -47.92 13.01
C SER B 129 39.95 -47.12 14.31
N ALA B 130 41.12 -46.71 14.80
CA ALA B 130 41.11 -45.85 15.97
C ALA B 130 40.46 -44.51 15.66
N PHE B 131 40.73 -43.97 14.48
CA PHE B 131 40.12 -42.71 14.11
C PHE B 131 38.61 -42.84 14.06
N LEU B 132 38.13 -43.93 13.47
CA LEU B 132 36.70 -44.17 13.41
C LEU B 132 36.11 -44.34 14.80
N PHE B 133 36.82 -45.05 15.68
CA PHE B 133 36.29 -45.21 17.02
C PHE B 133 36.22 -43.89 17.76
N SER B 134 37.20 -43.01 17.54
CA SER B 134 37.17 -41.73 18.19
C SER B 134 35.98 -40.91 17.73
N ILE B 135 35.71 -40.94 16.43
CA ILE B 135 34.53 -40.23 15.93
C ILE B 135 33.28 -40.81 16.57
N GLU B 136 33.22 -42.14 16.65
CA GLU B 136 32.04 -42.76 17.23
C GLU B 136 31.84 -42.34 18.68
N VAL B 137 32.92 -42.30 19.46
CA VAL B 137 32.84 -42.00 20.89
C VAL B 137 32.51 -40.55 21.17
N GLN B 138 33.03 -39.61 20.39
CA GLN B 138 32.85 -38.24 20.87
C GLN B 138 31.54 -37.58 20.44
N VAL B 139 31.12 -37.71 19.20
CA VAL B 139 29.91 -37.04 18.76
C VAL B 139 28.73 -37.84 19.26
N THR B 140 29.02 -38.85 20.08
CA THR B 140 28.04 -39.70 20.73
C THR B 140 27.37 -40.67 19.76
N ILE B 141 27.98 -40.94 18.61
CA ILE B 141 27.39 -41.88 17.69
C ILE B 141 27.46 -43.28 18.28
N GLY B 142 28.66 -43.79 18.48
CA GLY B 142 28.86 -45.09 19.08
C GLY B 142 28.11 -46.21 18.40
N PHE B 143 28.54 -46.57 17.19
CA PHE B 143 27.77 -47.53 16.41
C PHE B 143 27.54 -48.82 17.19
N GLY B 144 28.51 -49.25 17.98
CA GLY B 144 28.29 -50.38 18.84
C GLY B 144 28.83 -51.70 18.33
N GLY B 145 29.44 -51.72 17.15
CA GLY B 145 30.22 -52.87 16.76
C GLY B 145 31.63 -52.86 17.30
N ARG B 146 32.04 -51.74 17.89
CA ARG B 146 33.38 -51.59 18.46
C ARG B 146 33.23 -51.29 19.95
N MET B 147 33.09 -52.33 20.75
CA MET B 147 32.82 -52.17 22.17
C MET B 147 34.10 -51.87 22.93
N MET B 148 33.92 -51.47 24.17
CA MET B 148 35.01 -51.08 25.07
C MET B 148 34.90 -51.93 26.34
N THR B 149 35.87 -52.80 26.56
CA THR B 149 35.77 -53.77 27.64
C THR B 149 35.98 -53.07 28.97
N GLU B 150 36.05 -53.85 30.04
CA GLU B 150 36.24 -53.33 31.39
C GLU B 150 37.59 -53.75 31.97
N GLU B 151 38.62 -53.83 31.14
CA GLU B 151 39.87 -54.42 31.56
C GLU B 151 41.00 -53.40 31.62
N CYS B 152 41.29 -52.72 30.53
CA CYS B 152 42.45 -51.86 30.50
C CYS B 152 42.14 -50.53 31.17
N PRO B 153 42.57 -50.29 32.42
CA PRO B 153 42.17 -49.04 33.10
C PRO B 153 42.64 -47.83 32.35
N LEU B 154 43.77 -47.94 31.65
CA LEU B 154 44.26 -46.81 30.89
C LEU B 154 43.25 -46.41 29.83
N ALA B 155 42.62 -47.39 29.20
CA ALA B 155 41.60 -47.08 28.21
C ALA B 155 40.41 -46.37 28.82
N ILE B 156 39.97 -46.81 30.00
CA ILE B 156 38.84 -46.13 30.64
C ILE B 156 39.22 -44.71 31.00
N THR B 157 40.46 -44.49 31.42
CA THR B 157 40.92 -43.13 31.67
C THR B 157 40.85 -42.31 30.39
N VAL B 158 41.29 -42.90 29.28
CA VAL B 158 41.28 -42.17 28.02
C VAL B 158 39.85 -41.85 27.61
N LEU B 159 38.91 -42.75 27.88
CA LEU B 159 37.52 -42.48 27.51
C LEU B 159 36.94 -41.36 28.34
N ILE B 160 37.20 -41.37 29.65
CA ILE B 160 36.71 -40.28 30.50
C ILE B 160 37.27 -38.95 30.04
N LEU B 161 38.58 -38.91 29.79
CA LEU B 161 39.21 -37.67 29.38
C LEU B 161 38.63 -37.17 28.06
N GLN B 162 38.46 -38.07 27.09
CA GLN B 162 37.96 -37.65 25.79
C GLN B 162 36.52 -37.18 25.87
N ASN B 163 35.68 -37.87 26.64
CA ASN B 163 34.30 -37.42 26.75
C ASN B 163 34.22 -36.04 27.37
N ILE B 164 35.00 -35.78 28.42
CA ILE B 164 34.96 -34.46 29.05
C ILE B 164 35.41 -33.40 28.06
N VAL B 165 36.48 -33.65 27.33
CA VAL B 165 36.97 -32.63 26.40
C VAL B 165 35.92 -32.36 25.34
N GLY B 166 35.26 -33.40 24.86
CA GLY B 166 34.22 -33.18 23.87
C GLY B 166 33.08 -32.35 24.39
N LEU B 167 32.67 -32.61 25.63
CA LEU B 167 31.58 -31.82 26.21
C LEU B 167 31.97 -30.35 26.34
N ILE B 168 33.19 -30.08 26.80
CA ILE B 168 33.62 -28.69 26.93
C ILE B 168 33.66 -28.00 25.57
N ILE B 169 34.21 -28.69 24.56
CA ILE B 169 34.34 -28.08 23.25
C ILE B 169 32.96 -27.74 22.69
N ASN B 170 32.01 -28.66 22.85
CA ASN B 170 30.67 -28.40 22.36
C ASN B 170 30.04 -27.20 23.05
N ALA B 171 30.23 -27.10 24.37
CA ALA B 171 29.65 -25.96 25.09
C ALA B 171 30.26 -24.64 24.66
N VAL B 172 31.58 -24.59 24.49
CA VAL B 172 32.21 -23.34 24.09
C VAL B 172 31.71 -22.90 22.72
N MET B 173 31.66 -23.83 21.77
CA MET B 173 31.23 -23.42 20.44
C MET B 173 29.77 -23.00 20.45
N LEU B 174 28.94 -23.67 21.25
CA LEU B 174 27.56 -23.21 21.41
C LEU B 174 27.51 -21.76 21.89
N GLY B 175 28.39 -21.41 22.83
CA GLY B 175 28.43 -20.03 23.30
C GLY B 175 28.84 -19.08 22.20
N CYS B 176 29.77 -19.52 21.37
CA CYS B 176 30.18 -18.69 20.24
C CYS B 176 29.01 -18.41 19.31
N ILE B 177 28.19 -19.44 19.04
CA ILE B 177 27.06 -19.23 18.15
C ILE B 177 26.01 -18.33 18.78
N PHE B 178 25.77 -18.46 20.10
CA PHE B 178 24.80 -17.56 20.73
C PHE B 178 25.24 -16.10 20.65
N MET B 179 26.53 -15.84 20.90
CA MET B 179 27.01 -14.46 20.80
C MET B 179 26.90 -13.96 19.36
N LYS B 180 27.24 -14.80 18.39
CA LYS B 180 27.07 -14.39 16.99
C LYS B 180 25.63 -14.00 16.71
N THR B 181 24.67 -14.84 17.10
CA THR B 181 23.28 -14.53 16.83
C THR B 181 22.88 -13.23 17.51
N ALA B 182 23.34 -13.01 18.74
CA ALA B 182 22.97 -11.78 19.42
C ALA B 182 23.53 -10.56 18.68
N GLN B 183 24.77 -10.64 18.23
CA GLN B 183 25.42 -9.53 17.55
C GLN B 183 25.13 -9.53 16.06
N ALA B 184 24.15 -10.29 15.61
CA ALA B 184 23.77 -10.26 14.20
C ALA B 184 23.11 -8.94 13.82
N HIS B 185 22.15 -8.48 14.62
CA HIS B 185 21.18 -7.49 14.13
C HIS B 185 21.86 -6.19 13.71
N ARG B 186 22.76 -5.68 14.54
CA ARG B 186 23.47 -4.45 14.17
C ARG B 186 24.27 -4.67 12.90
N ARG B 187 24.21 -3.69 12.00
CA ARG B 187 24.92 -3.79 10.72
C ARG B 187 26.01 -2.74 10.58
N ALA B 188 25.66 -1.46 10.68
CA ALA B 188 26.63 -0.38 10.51
C ALA B 188 25.95 0.91 10.94
N GLU B 189 26.77 1.95 11.13
CA GLU B 189 26.23 3.25 11.49
C GLU B 189 25.33 3.76 10.37
N THR B 190 24.29 4.50 10.76
CA THR B 190 23.24 4.82 9.81
C THR B 190 22.80 6.27 9.79
N LEU B 191 23.29 7.11 10.68
CA LEU B 191 22.92 8.52 10.67
C LEU B 191 23.87 9.26 9.74
N ILE B 192 23.32 10.08 8.86
CA ILE B 192 24.09 10.63 7.75
C ILE B 192 24.14 12.15 7.86
N PHE B 193 25.34 12.70 7.82
CA PHE B 193 25.54 14.14 7.89
C PHE B 193 26.01 14.67 6.54
N SER B 194 25.73 15.95 6.31
CA SER B 194 25.89 16.56 4.99
C SER B 194 27.35 16.60 4.55
N ARG B 195 27.53 16.74 3.23
CA ARG B 195 28.84 16.98 2.66
C ARG B 195 29.49 18.17 3.33
N HIS B 196 28.78 19.29 3.39
CA HIS B 196 29.26 20.44 4.13
C HIS B 196 28.07 21.17 4.74
N ALA B 197 28.36 22.26 5.44
CA ALA B 197 27.42 22.98 6.24
C ALA B 197 27.08 24.31 5.58
N VAL B 198 26.36 25.18 6.30
CA VAL B 198 26.06 26.51 5.82
C VAL B 198 26.14 27.49 6.99
N ILE B 199 26.27 28.76 6.65
CA ILE B 199 26.28 29.86 7.61
C ILE B 199 25.33 30.90 7.04
N ALA B 200 24.08 30.88 7.49
CA ALA B 200 23.07 31.76 6.90
C ALA B 200 22.76 32.94 7.80
N VAL B 201 21.76 33.72 7.38
CA VAL B 201 21.17 34.76 8.21
C VAL B 201 19.73 34.38 8.48
N ARG B 202 19.39 34.25 9.76
CA ARG B 202 18.06 33.80 10.18
C ARG B 202 17.64 34.60 11.39
N ASN B 203 16.57 35.38 11.25
CA ASN B 203 15.99 36.17 12.34
C ASN B 203 16.99 37.19 12.88
N GLY B 204 17.50 38.02 11.97
CA GLY B 204 18.25 39.19 12.36
C GLY B 204 19.55 38.91 13.08
N LYS B 205 20.09 37.71 12.96
CA LYS B 205 21.40 37.37 13.50
C LYS B 205 21.91 36.13 12.77
N LEU B 206 23.20 36.10 12.50
CA LEU B 206 23.80 35.00 11.76
C LEU B 206 23.65 33.68 12.51
N CYS B 207 23.39 32.60 11.76
CA CYS B 207 23.25 31.29 12.37
C CYS B 207 23.98 30.22 11.57
N PHE B 208 24.64 29.34 12.32
CA PHE B 208 25.36 28.19 11.78
C PHE B 208 24.42 27.00 11.66
N MET B 209 24.30 26.44 10.46
CA MET B 209 23.34 25.37 10.22
C MET B 209 24.05 24.21 9.57
N PHE B 210 23.57 23.01 9.87
CA PHE B 210 24.03 21.83 9.15
C PHE B 210 22.84 20.90 8.96
N ARG B 211 23.05 19.84 8.17
CA ARG B 211 21.98 18.94 7.81
C ARG B 211 22.27 17.52 8.28
N VAL B 212 21.30 16.93 8.97
CA VAL B 212 21.37 15.57 9.48
C VAL B 212 20.18 14.80 8.95
N GLY B 213 20.40 13.58 8.48
CA GLY B 213 19.33 12.74 8.00
C GLY B 213 19.46 11.33 8.56
N ASP B 214 18.39 10.58 8.37
CA ASP B 214 18.28 9.21 8.86
C ASP B 214 17.94 8.29 7.71
N LEU B 215 18.49 7.07 7.76
CA LEU B 215 18.20 6.06 6.77
C LEU B 215 17.49 4.84 7.32
N ARG B 216 17.36 4.72 8.64
CA ARG B 216 16.81 3.54 9.27
C ARG B 216 15.33 3.36 8.91
N LYS B 217 14.76 2.26 9.41
CA LYS B 217 13.32 2.05 9.36
C LYS B 217 12.65 2.47 10.66
N SER B 218 13.31 2.25 11.79
CA SER B 218 12.82 2.71 13.08
C SER B 218 13.20 4.17 13.25
N MET B 219 13.06 4.70 14.46
CA MET B 219 13.49 6.06 14.77
C MET B 219 14.26 6.05 16.07
N ILE B 220 15.14 7.04 16.22
CA ILE B 220 16.09 7.04 17.33
C ILE B 220 15.41 7.64 18.56
N ILE B 221 15.33 6.85 19.62
CA ILE B 221 14.72 7.26 20.88
C ILE B 221 15.66 8.19 21.63
N SER B 222 15.10 9.25 22.20
CA SER B 222 15.85 10.16 23.07
C SER B 222 17.10 10.67 22.37
N ALA B 223 16.97 11.01 21.10
CA ALA B 223 18.12 11.46 20.37
C ALA B 223 18.67 12.75 20.98
N SER B 224 19.98 12.92 20.87
CA SER B 224 20.60 14.12 21.41
C SER B 224 21.74 14.52 20.50
N VAL B 225 21.93 15.84 20.40
CA VAL B 225 22.90 16.44 19.50
C VAL B 225 23.75 17.40 20.31
N ARG B 226 25.06 17.31 20.14
CA ARG B 226 25.97 18.22 20.82
C ARG B 226 26.99 18.73 19.82
N ILE B 227 27.35 20.00 19.97
CA ILE B 227 28.21 20.70 19.02
C ILE B 227 29.40 21.26 19.78
N GLN B 228 30.59 21.10 19.19
CA GLN B 228 31.80 21.55 19.83
C GLN B 228 32.66 22.32 18.83
N VAL B 229 33.44 23.24 19.38
CA VAL B 229 34.35 24.10 18.64
C VAL B 229 35.77 23.74 19.07
N VAL B 230 36.56 23.27 18.11
CA VAL B 230 37.95 22.93 18.30
C VAL B 230 38.80 24.10 17.84
N LYS B 231 39.69 24.54 18.71
CA LYS B 231 40.58 25.67 18.44
C LYS B 231 41.75 25.61 19.41
N LYS B 232 42.94 25.95 18.92
CA LYS B 232 44.08 26.07 19.81
C LYS B 232 43.97 27.36 20.59
N THR B 233 44.02 27.27 21.91
CA THR B 233 43.65 28.40 22.75
C THR B 233 44.69 28.70 23.79
N THR B 234 44.58 29.90 24.36
CA THR B 234 45.33 30.33 25.53
C THR B 234 44.40 31.05 26.48
N THR B 235 44.81 31.13 27.70
CA THR B 235 44.11 31.85 28.74
C THR B 235 44.84 33.15 29.05
N PRO B 236 44.11 34.21 29.38
CA PRO B 236 44.75 35.53 29.52
C PRO B 236 45.84 35.58 30.56
N GLU B 237 45.75 34.77 31.59
CA GLU B 237 46.77 34.84 32.62
C GLU B 237 47.98 34.04 32.26
N GLY B 238 47.98 33.44 31.08
CA GLY B 238 49.16 32.71 30.69
C GLY B 238 49.20 31.20 30.57
N GLU B 239 48.11 30.49 30.83
CA GLU B 239 48.19 29.04 30.68
C GLU B 239 48.05 28.69 29.22
N VAL B 240 48.52 27.50 28.81
CA VAL B 240 48.40 27.13 27.40
C VAL B 240 47.58 25.91 27.14
N VAL B 241 46.53 26.06 26.35
CA VAL B 241 45.68 24.94 26.08
C VAL B 241 45.88 24.57 24.66
N PRO B 242 46.40 23.35 24.41
CA PRO B 242 46.75 22.63 23.17
C PRO B 242 45.74 22.16 22.14
N ILE B 243 44.69 21.47 22.48
CA ILE B 243 43.72 21.14 21.45
C ILE B 243 42.37 21.25 22.06
N HIS B 244 42.24 22.14 23.03
CA HIS B 244 41.04 22.36 23.83
C HIS B 244 39.72 22.24 23.21
N GLN B 245 38.80 21.66 23.93
CA GLN B 245 37.46 21.58 23.46
C GLN B 245 36.68 22.75 24.07
N GLN B 246 35.39 22.73 23.84
CA GLN B 246 34.40 23.66 24.38
C GLN B 246 33.03 23.09 24.05
N ASP B 247 32.00 23.92 24.05
CA ASP B 247 30.67 23.50 23.64
C ASP B 247 29.88 24.71 23.21
N ILE B 248 29.06 24.53 22.20
CA ILE B 248 28.28 25.65 21.67
C ILE B 248 26.81 25.35 21.94
N PRO B 249 26.04 26.31 22.40
CA PRO B 249 24.65 26.02 22.75
C PRO B 249 23.78 25.78 21.53
N VAL B 250 23.41 24.53 21.26
CA VAL B 250 22.42 24.28 20.23
C VAL B 250 21.10 24.87 20.71
N ASP B 251 20.34 25.44 19.80
CA ASP B 251 19.17 26.20 20.17
C ASP B 251 17.88 25.42 19.93
N ASN B 252 16.96 25.56 20.88
CA ASN B 252 15.56 25.25 20.71
C ASN B 252 14.79 26.34 21.44
N PRO B 253 13.55 26.57 21.08
CA PRO B 253 12.79 27.60 21.78
C PRO B 253 12.61 27.33 23.26
N ILE B 254 13.09 26.19 23.74
CA ILE B 254 12.88 25.79 25.14
C ILE B 254 14.19 25.58 25.89
N GLU B 255 15.33 25.82 25.26
CA GLU B 255 16.64 25.52 25.85
C GLU B 255 16.71 24.06 26.29
N SER B 256 16.64 23.17 25.30
CA SER B 256 16.79 21.74 25.54
C SER B 256 17.31 21.10 24.26
N ASN B 257 17.92 19.93 24.42
CA ASN B 257 18.70 19.35 23.34
C ASN B 257 18.13 18.09 22.72
N ASN B 258 17.16 17.46 23.35
CA ASN B 258 16.53 16.30 22.72
C ASN B 258 15.91 16.71 21.39
N ILE B 259 16.12 15.90 20.36
CA ILE B 259 15.54 16.16 19.05
C ILE B 259 14.96 14.87 18.48
N PHE B 260 13.84 15.00 17.78
CA PHE B 260 13.13 13.88 17.17
C PHE B 260 13.39 13.90 15.68
N LEU B 261 13.92 12.80 15.15
CA LEU B 261 14.44 12.74 13.77
C LEU B 261 13.65 11.71 12.96
N VAL B 262 12.63 12.17 12.24
CA VAL B 262 11.98 11.38 11.21
C VAL B 262 12.10 12.03 9.86
N ALA B 263 11.84 13.24 9.78
CA ALA B 263 12.23 13.95 8.57
C ALA B 263 13.69 14.35 8.69
N PRO B 264 14.37 14.55 7.56
CA PRO B 264 15.70 15.16 7.64
C PRO B 264 15.60 16.52 8.30
N LEU B 265 16.56 16.82 9.16
CA LEU B 265 16.53 18.07 9.90
C LEU B 265 17.75 18.91 9.59
N ILE B 266 17.59 20.20 9.84
CA ILE B 266 18.66 21.18 9.75
C ILE B 266 18.88 21.66 11.17
N ILE B 267 19.91 21.14 11.82
CA ILE B 267 20.27 21.61 13.13
C ILE B 267 20.89 22.99 13.03
N CYS B 268 20.50 23.89 13.91
CA CYS B 268 20.96 25.26 13.83
C CYS B 268 21.48 25.69 15.19
N HIS B 269 22.42 26.62 15.16
CA HIS B 269 22.97 27.21 16.36
C HIS B 269 23.14 28.71 16.13
N VAL B 270 22.69 29.51 17.08
CA VAL B 270 22.66 30.95 16.92
C VAL B 270 23.90 31.55 17.59
N ILE B 271 24.48 32.54 16.95
CA ILE B 271 25.74 33.12 17.41
C ILE B 271 25.43 34.18 18.47
N ASP B 272 25.97 33.98 19.66
CA ASP B 272 25.87 34.95 20.74
C ASP B 272 27.24 35.56 21.00
N LYS B 273 27.26 36.55 21.90
CA LYS B 273 28.54 37.17 22.26
C LYS B 273 29.46 36.20 22.98
N ARG B 274 28.93 35.08 23.48
CA ARG B 274 29.74 34.18 24.29
C ARG B 274 30.13 32.90 23.56
N SER B 275 29.65 32.67 22.35
CA SER B 275 30.24 31.54 21.65
C SER B 275 31.55 31.96 20.99
N PRO B 276 32.53 31.06 20.94
CA PRO B 276 33.77 31.38 20.22
C PRO B 276 33.57 31.56 18.75
N LEU B 277 32.36 31.33 18.22
CA LEU B 277 32.06 31.52 16.82
C LEU B 277 31.45 32.88 16.53
N TYR B 278 31.84 33.91 17.28
CA TYR B 278 31.26 35.24 17.16
C TYR B 278 32.23 36.29 16.65
N ASP B 279 33.51 36.20 16.97
CA ASP B 279 34.44 37.23 16.55
C ASP B 279 35.10 36.93 15.23
N ILE B 280 34.76 35.81 14.59
CA ILE B 280 35.36 35.49 13.30
C ILE B 280 34.81 36.44 12.25
N SER B 281 35.59 36.66 11.19
CA SER B 281 35.14 37.46 10.07
C SER B 281 34.36 36.59 9.09
N ALA B 282 34.00 37.17 7.94
CA ALA B 282 33.29 36.45 6.90
C ALA B 282 34.23 36.00 5.79
N THR B 283 34.93 36.95 5.16
CA THR B 283 35.84 36.62 4.07
C THR B 283 36.94 35.69 4.54
N ASP B 284 37.49 35.93 5.72
CA ASP B 284 38.66 35.23 6.23
C ASP B 284 38.31 34.03 7.10
N LEU B 285 37.17 33.38 6.87
CA LEU B 285 36.98 32.09 7.51
C LEU B 285 37.79 30.98 6.83
N VAL B 286 37.91 31.02 5.51
CA VAL B 286 38.58 29.94 4.78
C VAL B 286 40.02 29.81 5.24
N ASN B 287 40.64 30.89 5.70
CA ASN B 287 41.98 30.86 6.26
C ASN B 287 41.88 31.20 7.74
N GLN B 288 41.58 30.18 8.55
CA GLN B 288 41.30 30.36 9.96
C GLN B 288 41.29 29.00 10.65
N ASP B 289 41.93 28.89 11.82
CA ASP B 289 42.09 27.61 12.48
C ASP B 289 40.90 27.34 13.38
N LEU B 290 39.90 26.63 12.85
CA LEU B 290 38.73 26.21 13.63
C LEU B 290 38.28 24.84 13.16
N GLU B 291 37.43 24.21 13.97
CA GLU B 291 36.78 22.96 13.57
C GLU B 291 35.46 22.84 14.31
N VAL B 292 34.44 22.29 13.65
CA VAL B 292 33.13 22.09 14.27
C VAL B 292 32.83 20.60 14.29
N ILE B 293 32.76 20.03 15.50
CA ILE B 293 32.47 18.62 15.73
C ILE B 293 30.99 18.45 16.07
N VAL B 294 30.34 17.46 15.47
CA VAL B 294 28.95 17.13 15.77
C VAL B 294 28.88 15.70 16.28
N ILE B 295 28.25 15.53 17.45
CA ILE B 295 28.08 14.23 18.09
C ILE B 295 26.58 13.97 18.27
N LEU B 296 26.09 12.85 17.75
CA LEU B 296 24.66 12.57 17.84
C LEU B 296 24.49 11.20 18.47
N GLU B 297 23.85 11.15 19.62
CA GLU B 297 23.68 9.92 20.36
C GLU B 297 22.21 9.56 20.46
N GLY B 298 21.94 8.29 20.74
CA GLY B 298 20.57 7.88 20.90
C GLY B 298 20.51 6.40 21.22
N VAL B 299 19.28 5.89 21.33
CA VAL B 299 19.06 4.49 21.65
C VAL B 299 18.08 3.94 20.64
N VAL B 300 18.48 2.88 19.93
CA VAL B 300 17.64 2.32 18.88
C VAL B 300 16.50 1.52 19.51
N GLU B 301 15.30 1.66 18.96
CA GLU B 301 14.13 1.09 19.61
C GLU B 301 14.01 -0.41 19.36
N THR B 302 14.41 -0.89 18.17
CA THR B 302 14.17 -2.28 17.81
C THR B 302 15.01 -3.23 18.66
N THR B 303 16.31 -2.97 18.78
CA THR B 303 17.20 -3.87 19.50
C THR B 303 17.70 -3.31 20.82
N GLY B 304 17.43 -2.04 21.12
CA GLY B 304 17.82 -1.48 22.40
C GLY B 304 19.31 -1.39 22.66
N ILE B 305 20.09 -0.94 21.67
CA ILE B 305 21.52 -0.74 21.83
C ILE B 305 21.82 0.73 21.68
N THR B 306 22.50 1.31 22.67
CA THR B 306 22.83 2.72 22.61
C THR B 306 23.91 2.96 21.56
N THR B 307 23.69 3.95 20.70
CA THR B 307 24.63 4.25 19.63
C THR B 307 25.02 5.71 19.65
N GLN B 308 26.21 5.99 19.15
CA GLN B 308 26.75 7.34 19.01
C GLN B 308 27.43 7.46 17.67
N ALA B 309 27.04 8.46 16.87
CA ALA B 309 27.62 8.70 15.56
C ALA B 309 28.23 10.09 15.52
N ARG B 310 29.40 10.20 14.91
CA ARG B 310 30.16 11.43 14.95
C ARG B 310 30.51 11.91 13.55
N THR B 311 30.70 13.22 13.41
CA THR B 311 31.24 13.80 12.18
C THR B 311 31.81 15.17 12.49
N SER B 312 32.48 15.75 11.50
CA SER B 312 33.10 17.05 11.69
C SER B 312 33.13 17.86 10.40
N TYR B 313 33.15 19.17 10.56
CA TYR B 313 33.26 20.13 9.48
C TYR B 313 34.49 20.99 9.74
N ILE B 314 35.27 21.25 8.70
CA ILE B 314 36.48 22.05 8.85
C ILE B 314 36.36 23.33 8.04
N ALA B 315 37.40 24.14 8.09
CA ALA B 315 37.37 25.42 7.40
C ALA B 315 37.28 25.24 5.89
N GLU B 316 38.03 24.27 5.34
CA GLU B 316 38.07 24.10 3.90
C GLU B 316 36.71 23.75 3.33
N GLU B 317 35.85 23.13 4.12
CA GLU B 317 34.55 22.66 3.64
C GLU B 317 33.41 23.39 4.33
N ILE B 318 33.53 24.70 4.48
CA ILE B 318 32.43 25.51 4.97
C ILE B 318 32.19 26.63 3.97
N GLN B 319 31.00 26.62 3.37
CA GLN B 319 30.66 27.53 2.28
C GLN B 319 29.84 28.66 2.89
N TRP B 320 30.47 29.83 3.04
CA TRP B 320 29.84 30.94 3.73
C TRP B 320 28.70 31.55 2.91
N GLY B 321 27.67 31.99 3.61
CA GLY B 321 26.59 32.71 2.98
C GLY B 321 25.65 31.86 2.16
N HIS B 322 25.84 30.55 2.12
CA HIS B 322 24.97 29.69 1.35
C HIS B 322 23.70 29.39 2.15
N ARG B 323 22.78 28.63 1.57
CA ARG B 323 21.66 28.14 2.35
C ARG B 323 21.05 26.93 1.64
N PHE B 324 20.53 26.01 2.45
CA PHE B 324 19.94 24.76 1.97
C PHE B 324 18.59 25.01 1.32
N VAL B 325 18.28 24.19 0.32
CA VAL B 325 16.95 24.23 -0.29
C VAL B 325 16.03 23.26 0.44
N SER B 326 14.73 23.53 0.40
CA SER B 326 13.75 22.64 1.01
C SER B 326 13.63 21.35 0.21
N ILE B 327 13.31 20.26 0.92
CA ILE B 327 13.20 18.94 0.30
C ILE B 327 11.89 18.24 0.64
N VAL B 328 11.13 18.69 1.65
CA VAL B 328 9.83 18.11 1.96
C VAL B 328 8.75 18.89 1.24
N THR B 329 7.93 18.18 0.45
CA THR B 329 6.80 18.78 -0.26
C THR B 329 5.55 17.96 0.00
N GLU B 330 4.42 18.46 -0.49
CA GLU B 330 3.14 17.76 -0.35
C GLU B 330 2.78 17.11 -1.67
N GLU B 331 2.72 15.77 -1.68
CA GLU B 331 2.38 15.01 -2.88
C GLU B 331 0.91 14.64 -2.95
N GLU B 332 0.06 15.37 -2.23
CA GLU B 332 -1.40 15.28 -2.33
C GLU B 332 -1.95 13.99 -1.73
N GLY B 333 -1.09 13.05 -1.38
CA GLY B 333 -1.53 11.93 -0.59
C GLY B 333 -0.96 11.94 0.81
N VAL B 334 0.33 12.28 0.90
CA VAL B 334 1.08 12.38 2.15
C VAL B 334 2.19 13.40 1.92
N TYR B 335 2.88 13.77 2.97
CA TYR B 335 4.12 14.50 2.77
C TYR B 335 5.14 13.58 2.10
N SER B 336 6.12 14.19 1.42
CA SER B 336 7.11 13.41 0.68
C SER B 336 8.44 14.14 0.68
N VAL B 337 9.52 13.42 0.96
CA VAL B 337 10.86 13.99 0.89
C VAL B 337 11.71 13.13 -0.03
N ASP B 338 12.86 13.66 -0.46
CA ASP B 338 13.67 12.96 -1.45
C ASP B 338 15.14 13.26 -1.14
N TYR B 339 15.82 12.28 -0.55
CA TYR B 339 17.18 12.50 -0.08
C TYR B 339 18.18 12.64 -1.21
N SER B 340 17.78 12.36 -2.45
CA SER B 340 18.69 12.52 -3.58
C SER B 340 19.15 13.96 -3.68
N LYS B 341 18.32 14.89 -3.23
CA LYS B 341 18.64 16.31 -3.24
C LYS B 341 19.11 16.80 -1.87
N PHE B 342 19.74 15.90 -1.10
CA PHE B 342 20.12 16.22 0.27
C PHE B 342 21.16 17.32 0.33
N GLY B 343 22.27 17.16 -0.41
CA GLY B 343 23.42 18.00 -0.25
C GLY B 343 23.49 19.24 -1.11
N ASN B 344 22.55 19.41 -2.04
CA ASN B 344 22.55 20.62 -2.86
C ASN B 344 22.29 21.84 -1.97
N THR B 345 22.95 22.95 -2.31
CA THR B 345 22.88 24.15 -1.48
C THR B 345 23.12 25.37 -2.34
N VAL B 346 22.18 26.31 -2.34
CA VAL B 346 22.24 27.47 -3.23
C VAL B 346 22.59 28.71 -2.42
N ARG B 347 23.31 29.64 -3.03
CA ARG B 347 23.76 30.82 -2.31
C ARG B 347 22.73 31.95 -2.40
N VAL B 348 22.50 32.62 -1.28
CA VAL B 348 21.65 33.81 -1.20
C VAL B 348 22.32 34.82 -0.26
N ALA B 349 21.63 35.93 -0.02
CA ALA B 349 22.26 37.11 0.58
C ALA B 349 22.81 36.83 1.98
N ALA B 350 23.96 37.42 2.27
CA ALA B 350 24.61 37.37 3.57
C ALA B 350 25.59 38.55 3.67
N PRO B 351 25.45 39.41 4.68
CA PRO B 351 26.30 40.61 4.74
C PRO B 351 27.78 40.27 4.89
N ARG B 352 28.62 41.14 4.30
CA ARG B 352 30.07 40.97 4.30
C ARG B 352 30.69 41.72 5.48
N CYS B 353 30.45 41.17 6.67
CA CYS B 353 31.05 41.68 7.90
C CYS B 353 31.12 40.56 8.91
N SER B 354 31.94 40.74 9.94
CA SER B 354 32.02 39.76 11.01
C SER B 354 30.73 39.78 11.83
N ALA B 355 30.39 38.62 12.39
CA ALA B 355 29.19 38.54 13.20
C ALA B 355 29.28 39.35 14.48
N ARG B 356 30.39 40.05 14.70
CA ARG B 356 30.49 41.07 15.75
C ARG B 356 30.06 42.44 15.25
N GLU B 357 30.43 42.78 14.02
CA GLU B 357 30.18 44.11 13.50
C GLU B 357 28.69 44.43 13.45
N LEU B 358 27.83 43.42 13.46
CA LEU B 358 26.39 43.63 13.37
C LEU B 358 25.76 44.09 14.68
N ASP B 359 26.48 44.08 15.78
CA ASP B 359 25.89 44.53 17.03
C ASP B 359 26.69 45.60 17.77
N GLU B 360 28.02 45.56 17.71
CA GLU B 360 28.81 46.60 18.36
C GLU B 360 28.55 47.97 17.76
N LYS B 361 28.50 48.06 16.44
CA LYS B 361 28.24 49.33 15.77
C LYS B 361 27.12 49.09 14.75
N PRO B 362 25.87 49.36 15.11
CA PRO B 362 24.79 49.19 14.13
C PRO B 362 25.08 49.92 12.82
N SER B 363 25.51 51.18 12.91
CA SER B 363 25.75 51.97 11.71
C SER B 363 26.81 51.31 10.84
N ILE B 364 27.71 50.55 11.45
CA ILE B 364 28.71 49.81 10.69
C ILE B 364 28.05 48.74 9.84
N LEU B 365 27.11 48.01 10.40
CA LEU B 365 26.50 46.90 9.67
C LEU B 365 24.99 47.03 9.49
N ILE B 366 24.27 47.48 10.50
CA ILE B 366 22.81 47.46 10.44
C ILE B 366 22.32 48.41 9.36
N GLN B 367 21.40 47.94 8.53
CA GLN B 367 20.84 48.74 7.45
C GLN B 367 19.39 48.35 7.16
N ARG C 30 51.54 10.30 64.19
CA ARG C 30 50.24 9.74 64.53
C ARG C 30 49.47 9.36 63.28
N LEU C 31 48.32 8.73 63.47
CA LEU C 31 47.48 8.36 62.35
C LEU C 31 46.80 9.59 61.76
N PRO C 32 46.82 9.69 60.43
CA PRO C 32 46.07 10.72 59.74
C PRO C 32 44.57 10.44 59.86
N LYS C 33 43.77 11.30 59.25
CA LYS C 33 42.32 11.17 59.35
C LYS C 33 41.87 9.92 58.59
N ALA C 34 40.57 9.70 58.59
CA ALA C 34 40.00 8.55 57.91
C ALA C 34 39.64 8.92 56.47
N ARG C 35 39.72 7.92 55.59
CA ARG C 35 39.40 8.11 54.19
C ARG C 35 38.03 7.50 53.90
N PHE C 36 37.11 8.35 53.44
CA PHE C 36 35.77 7.90 53.10
C PHE C 36 35.79 6.96 51.90
N ILE C 37 36.44 7.36 50.80
CA ILE C 37 36.76 6.43 49.73
C ILE C 37 38.20 6.68 49.28
N ALA C 38 38.85 5.60 48.87
CA ALA C 38 40.30 5.52 48.76
C ALA C 38 40.78 6.03 47.39
N LYS C 39 42.05 5.74 47.09
CA LYS C 39 42.67 6.20 45.87
C LYS C 39 42.31 5.36 44.66
N SER C 40 41.57 4.26 44.82
CA SER C 40 41.12 3.52 43.65
C SER C 40 39.68 3.07 43.80
N GLY C 41 38.92 3.78 44.64
CA GLY C 41 37.53 3.46 44.84
C GLY C 41 37.27 2.65 46.09
N ALA C 42 36.27 1.77 46.04
CA ALA C 42 36.01 0.82 47.12
C ALA C 42 35.75 1.56 48.44
N CYS C 43 34.60 2.22 48.49
CA CYS C 43 34.24 3.09 49.60
C CYS C 43 34.53 2.43 50.94
N ASN C 44 35.46 3.05 51.68
CA ASN C 44 35.93 2.52 52.96
C ASN C 44 34.91 2.84 54.05
N LEU C 45 33.75 2.21 53.94
CA LEU C 45 32.72 2.35 54.96
C LEU C 45 32.61 1.08 55.77
N ALA C 46 31.87 1.18 56.87
CA ALA C 46 31.54 0.04 57.70
C ALA C 46 30.03 0.00 57.88
N HIS C 47 29.40 -1.05 57.36
CA HIS C 47 27.99 -1.30 57.55
C HIS C 47 27.92 -2.53 58.44
N LYS C 48 27.80 -2.30 59.74
CA LYS C 48 27.59 -3.37 60.71
C LYS C 48 26.26 -3.20 61.40
N ASN C 49 25.90 -4.21 62.19
CA ASN C 49 24.67 -4.26 62.97
C ASN C 49 23.43 -4.35 62.10
N ILE C 50 23.54 -4.85 60.88
CA ILE C 50 22.38 -5.05 60.03
C ILE C 50 21.52 -6.16 60.60
N ARG C 51 20.21 -5.98 60.54
CA ARG C 51 19.32 -7.07 60.95
C ARG C 51 19.57 -8.27 60.06
N GLU C 52 19.66 -9.45 60.69
CA GLU C 52 20.19 -10.64 60.03
C GLU C 52 19.24 -11.10 58.92
N GLN C 53 19.64 -10.90 57.67
CA GLN C 53 18.80 -11.31 56.56
C GLN C 53 18.76 -12.83 56.44
N GLY C 54 19.88 -13.49 56.68
CA GLY C 54 19.94 -14.94 56.62
C GLY C 54 20.46 -15.44 55.29
N ARG C 55 21.14 -16.58 55.32
CA ARG C 55 21.71 -17.17 54.11
C ARG C 55 20.60 -17.63 53.17
N PHE C 56 20.88 -17.58 51.87
CA PHE C 56 19.92 -17.89 50.82
C PHE C 56 20.44 -19.01 49.94
N LEU C 57 19.67 -19.32 48.88
CA LEU C 57 20.09 -20.29 47.89
C LEU C 57 20.17 -19.74 46.47
N GLN C 58 19.60 -18.55 46.19
CA GLN C 58 19.96 -17.88 44.94
C GLN C 58 21.34 -17.25 45.02
N ASP C 59 21.87 -17.07 46.23
CA ASP C 59 23.26 -16.66 46.38
C ASP C 59 24.19 -17.72 45.83
N ILE C 60 23.87 -18.99 46.06
CA ILE C 60 24.71 -20.07 45.55
C ILE C 60 24.78 -19.98 44.04
N PHE C 61 23.63 -19.81 43.39
CA PHE C 61 23.62 -19.74 41.94
C PHE C 61 24.38 -18.51 41.46
N THR C 62 24.18 -17.37 42.12
CA THR C 62 24.87 -16.16 41.71
C THR C 62 26.37 -16.33 41.85
N THR C 63 26.82 -17.10 42.84
CA THR C 63 28.24 -17.41 42.94
C THR C 63 28.67 -18.30 41.78
N LEU C 64 27.85 -19.28 41.41
CA LEU C 64 28.24 -20.18 40.33
C LEU C 64 28.37 -19.43 39.00
N VAL C 65 27.45 -18.52 38.72
CA VAL C 65 27.50 -17.83 37.43
C VAL C 65 28.67 -16.87 37.37
N ASP C 66 28.93 -16.13 38.44
CA ASP C 66 29.90 -15.04 38.40
C ASP C 66 31.22 -15.52 38.99
N LEU C 67 31.99 -16.23 38.16
CA LEU C 67 33.32 -16.72 38.52
C LEU C 67 34.35 -16.31 37.47
N LYS C 68 35.55 -16.85 37.56
CA LYS C 68 36.49 -16.85 36.46
C LYS C 68 36.59 -18.26 35.90
N TRP C 69 37.20 -18.37 34.71
CA TRP C 69 37.27 -19.64 34.02
C TRP C 69 38.04 -20.68 34.82
N ARG C 70 39.12 -20.28 35.48
CA ARG C 70 39.98 -21.21 36.18
C ARG C 70 39.24 -22.02 37.24
N HIS C 71 38.06 -21.59 37.67
CA HIS C 71 37.28 -22.38 38.61
C HIS C 71 36.06 -23.04 38.00
N THR C 72 35.47 -22.42 36.98
CA THR C 72 34.39 -23.05 36.25
C THR C 72 34.86 -24.32 35.56
N LEU C 73 36.03 -24.27 34.92
CA LEU C 73 36.49 -25.47 34.22
C LEU C 73 36.93 -26.54 35.13
N VAL C 74 36.80 -26.38 36.44
CA VAL C 74 37.01 -27.46 37.37
C VAL C 74 35.69 -27.94 37.98
N ILE C 75 34.81 -27.00 38.33
CA ILE C 75 33.49 -27.42 38.84
C ILE C 75 32.70 -28.14 37.75
N PHE C 76 32.87 -27.74 36.49
CA PHE C 76 32.22 -28.42 35.37
C PHE C 76 32.65 -29.88 35.31
N THR C 77 33.94 -30.13 35.48
CA THR C 77 34.42 -31.50 35.40
C THR C 77 33.98 -32.31 36.61
N MET C 78 34.02 -31.70 37.79
CA MET C 78 33.68 -32.48 38.97
C MET C 78 32.19 -32.78 39.05
N SER C 79 31.35 -31.91 38.50
CA SER C 79 29.92 -32.21 38.48
C SER C 79 29.64 -33.51 37.73
N PHE C 80 30.14 -33.62 36.50
CA PHE C 80 30.00 -34.86 35.76
C PHE C 80 30.64 -36.01 36.52
N LEU C 81 31.95 -35.93 36.72
CA LEU C 81 32.71 -37.02 37.32
C LEU C 81 32.14 -37.48 38.66
N CYS C 82 31.26 -36.68 39.26
CA CYS C 82 30.58 -37.16 40.46
C CYS C 82 29.23 -37.78 40.13
N SER C 83 28.51 -37.24 39.15
CA SER C 83 27.24 -37.87 38.80
C SER C 83 27.44 -39.26 38.24
N TRP C 84 28.46 -39.44 37.40
CA TRP C 84 28.78 -40.78 36.88
C TRP C 84 29.04 -41.76 38.01
N LEU C 85 29.82 -41.37 39.01
CA LEU C 85 30.12 -42.28 40.10
C LEU C 85 28.86 -42.62 40.87
N LEU C 86 28.00 -41.63 41.11
CA LEU C 86 26.78 -41.88 41.86
C LEU C 86 25.91 -42.90 41.15
N PHE C 87 25.64 -42.67 39.86
CA PHE C 87 24.79 -43.63 39.18
C PHE C 87 25.47 -44.95 38.94
N ALA C 88 26.79 -44.99 38.88
CA ALA C 88 27.45 -46.29 38.78
C ALA C 88 27.23 -47.11 40.02
N ILE C 89 27.36 -46.49 41.20
CA ILE C 89 27.07 -47.25 42.41
C ILE C 89 25.64 -47.72 42.40
N MET C 90 24.72 -46.87 41.92
CA MET C 90 23.33 -47.32 41.89
C MET C 90 23.17 -48.55 41.01
N TRP C 91 23.84 -48.55 39.86
CA TRP C 91 23.72 -49.70 38.96
C TRP C 91 24.39 -50.93 39.56
N TRP C 92 25.50 -50.75 40.26
CA TRP C 92 26.16 -51.88 40.89
C TRP C 92 25.25 -52.55 41.90
N LEU C 93 24.54 -51.74 42.69
CA LEU C 93 23.56 -52.32 43.58
C LEU C 93 22.49 -53.04 42.78
N VAL C 94 21.82 -52.33 41.88
CA VAL C 94 20.70 -52.94 41.17
C VAL C 94 21.11 -54.16 40.35
N ALA C 95 22.41 -54.40 40.14
CA ALA C 95 22.84 -55.66 39.55
C ALA C 95 23.32 -56.67 40.56
N PHE C 96 23.57 -56.25 41.82
CA PHE C 96 23.83 -57.19 42.90
C PHE C 96 22.54 -57.75 43.48
N ALA C 97 21.51 -56.92 43.35
CA ALA C 97 20.16 -57.19 43.75
C ALA C 97 19.43 -58.35 43.12
N HIS C 98 19.57 -58.58 41.83
CA HIS C 98 18.85 -59.70 41.21
C HIS C 98 19.71 -60.92 41.08
N GLY C 99 20.88 -60.87 41.70
CA GLY C 99 21.80 -61.98 41.67
C GLY C 99 22.53 -62.16 40.35
N ASP C 100 22.56 -61.11 39.56
CA ASP C 100 23.17 -61.27 38.28
C ASP C 100 24.64 -61.62 38.28
N ILE C 101 25.40 -60.79 39.01
CA ILE C 101 26.83 -60.83 39.09
C ILE C 101 27.00 -62.16 39.62
N TYR C 102 26.10 -62.53 40.55
CA TYR C 102 26.20 -63.89 41.06
C TYR C 102 25.95 -64.87 39.92
N ALA C 103 24.99 -64.55 39.06
CA ALA C 103 24.76 -65.41 37.91
C ALA C 103 26.02 -65.49 37.05
N TYR C 104 26.60 -64.35 36.69
CA TYR C 104 27.77 -64.42 35.83
C TYR C 104 28.98 -65.03 36.53
N MET C 105 28.96 -65.18 37.85
CA MET C 105 30.06 -65.75 38.62
C MET C 105 29.91 -67.24 38.80
N GLU C 106 28.67 -67.72 38.84
CA GLU C 106 28.37 -69.13 39.02
C GLU C 106 28.33 -69.75 37.62
N LYS C 107 27.54 -69.16 36.74
CA LYS C 107 27.47 -69.67 35.38
C LYS C 107 28.79 -69.47 34.65
N GLY C 108 29.65 -68.54 35.06
CA GLY C 108 30.97 -68.54 34.49
C GLY C 108 31.73 -69.82 34.81
N ILE C 109 31.30 -70.53 35.86
CA ILE C 109 31.91 -71.81 36.18
C ILE C 109 31.16 -72.95 35.49
N THR C 110 29.83 -72.98 35.61
CA THR C 110 29.07 -74.12 35.11
C THR C 110 28.95 -74.08 33.58
N GLU C 111 28.28 -73.06 33.05
CA GLU C 111 28.13 -72.87 31.61
C GLU C 111 27.73 -71.42 31.38
N LYS C 112 28.59 -70.65 30.71
CA LYS C 112 28.41 -69.20 30.64
C LYS C 112 27.12 -68.77 29.95
N SER C 113 26.39 -69.69 29.33
CA SER C 113 25.16 -69.38 28.62
C SER C 113 24.01 -69.24 29.62
N GLY C 114 22.79 -69.24 29.12
CA GLY C 114 21.60 -69.15 29.96
C GLY C 114 20.93 -67.79 29.98
N LEU C 115 21.31 -66.88 29.09
CA LEU C 115 20.79 -65.51 29.07
C LEU C 115 20.90 -64.84 30.43
N GLU C 116 21.86 -65.31 31.24
CA GLU C 116 22.15 -64.78 32.57
C GLU C 116 20.94 -64.88 33.52
N SER C 117 20.04 -65.84 33.28
CA SER C 117 18.92 -66.10 34.18
C SER C 117 17.97 -64.91 34.25
N ALA C 118 17.72 -64.27 33.10
CA ALA C 118 16.81 -63.13 32.99
C ALA C 118 17.25 -61.98 33.90
N VAL C 119 18.43 -61.42 33.59
CA VAL C 119 18.99 -60.35 34.39
C VAL C 119 18.16 -59.08 34.26
N CYS C 120 18.21 -58.24 35.29
CA CYS C 120 17.66 -56.90 35.18
C CYS C 120 18.41 -56.12 34.11
N VAL C 121 19.71 -56.33 34.03
CA VAL C 121 20.56 -55.70 33.02
C VAL C 121 21.48 -56.76 32.47
N THR C 122 21.61 -56.81 31.14
CA THR C 122 22.54 -57.77 30.55
C THR C 122 23.96 -57.26 30.67
N ASN C 123 24.88 -58.18 30.93
CA ASN C 123 26.31 -57.91 30.89
C ASN C 123 26.71 -56.76 31.80
N VAL C 124 26.44 -56.95 33.10
CA VAL C 124 27.10 -56.20 34.15
C VAL C 124 27.63 -57.23 35.12
N ARG C 125 28.95 -57.33 35.23
CA ARG C 125 29.54 -58.29 36.15
C ARG C 125 30.76 -57.70 36.86
N SER C 126 30.66 -56.46 37.30
CA SER C 126 31.70 -55.81 38.08
C SER C 126 31.16 -54.50 38.61
N PHE C 127 32.02 -53.74 39.29
CA PHE C 127 31.69 -52.33 39.48
C PHE C 127 32.28 -51.49 38.38
N THR C 128 33.41 -51.91 37.79
CA THR C 128 33.91 -51.22 36.61
C THR C 128 32.94 -51.37 35.44
N SER C 129 32.39 -52.56 35.25
CA SER C 129 31.41 -52.74 34.17
C SER C 129 30.20 -51.85 34.39
N ALA C 130 29.68 -51.79 35.61
CA ALA C 130 28.52 -50.94 35.87
C ALA C 130 28.89 -49.49 35.65
N PHE C 131 30.10 -49.11 36.02
CA PHE C 131 30.54 -47.74 35.82
C PHE C 131 30.54 -47.40 34.34
N LEU C 132 31.04 -48.32 33.51
CA LEU C 132 31.06 -48.10 32.07
C LEU C 132 29.65 -48.04 31.51
N PHE C 133 28.75 -48.88 32.03
CA PHE C 133 27.36 -48.82 31.60
C PHE C 133 26.74 -47.47 31.91
N SER C 134 27.07 -46.92 33.08
CA SER C 134 26.56 -45.60 33.42
C SER C 134 27.11 -44.55 32.48
N ILE C 135 28.40 -44.63 32.14
CA ILE C 135 28.95 -43.66 31.21
C ILE C 135 28.19 -43.72 29.90
N GLU C 136 27.95 -44.94 29.43
CA GLU C 136 27.25 -45.13 28.17
C GLU C 136 25.88 -44.48 28.24
N VAL C 137 25.09 -44.82 29.25
CA VAL C 137 23.72 -44.33 29.30
C VAL C 137 23.65 -42.82 29.48
N GLN C 138 24.63 -42.20 30.13
CA GLN C 138 24.40 -40.77 30.33
C GLN C 138 24.97 -39.89 29.24
N VAL C 139 26.16 -40.17 28.72
CA VAL C 139 26.73 -39.23 27.75
C VAL C 139 26.12 -39.49 26.38
N THR C 140 25.09 -40.32 26.33
CA THR C 140 24.45 -40.75 25.09
C THR C 140 25.44 -41.38 24.13
N ILE C 141 26.34 -42.19 24.65
CA ILE C 141 27.21 -42.98 23.79
C ILE C 141 26.47 -44.21 23.29
N GLY C 142 25.98 -45.01 24.21
CA GLY C 142 25.23 -46.19 23.83
C GLY C 142 26.01 -47.22 23.05
N PHE C 143 27.07 -47.76 23.64
CA PHE C 143 27.76 -48.85 22.98
C PHE C 143 26.84 -50.05 22.85
N GLY C 144 26.18 -50.43 23.93
CA GLY C 144 25.06 -51.31 23.89
C GLY C 144 25.35 -52.78 24.15
N GLY C 145 26.59 -53.22 23.99
CA GLY C 145 26.93 -54.58 24.33
C GLY C 145 26.46 -54.91 25.72
N ARG C 146 26.35 -53.88 26.54
CA ARG C 146 25.63 -53.92 27.80
C ARG C 146 24.29 -53.26 27.56
N MET C 147 23.24 -54.06 27.41
CA MET C 147 21.91 -53.57 27.07
C MET C 147 20.92 -53.99 28.15
N MET C 148 19.85 -53.22 28.28
CA MET C 148 18.82 -53.46 29.27
C MET C 148 17.61 -54.15 28.64
N THR C 149 17.18 -55.25 29.25
CA THR C 149 15.90 -55.84 28.91
C THR C 149 14.85 -55.30 29.87
N GLU C 150 13.69 -55.94 29.91
CA GLU C 150 12.58 -55.46 30.72
C GLU C 150 12.16 -56.48 31.78
N GLU C 151 13.11 -57.25 32.30
CA GLU C 151 12.74 -58.28 33.26
C GLU C 151 12.57 -57.75 34.68
N CYS C 152 12.83 -56.47 34.93
CA CYS C 152 12.53 -55.93 36.25
C CYS C 152 12.32 -54.43 36.17
N PRO C 153 11.12 -53.95 36.49
CA PRO C 153 10.79 -52.54 36.22
C PRO C 153 11.63 -51.57 37.01
N LEU C 154 12.23 -52.00 38.12
CA LEU C 154 13.04 -51.09 38.92
C LEU C 154 14.16 -50.51 38.10
N ALA C 155 14.78 -51.33 37.26
CA ALA C 155 15.83 -50.84 36.38
C ALA C 155 15.29 -49.78 35.42
N ILE C 156 14.08 -49.98 34.90
CA ILE C 156 13.53 -48.99 33.99
C ILE C 156 13.29 -47.67 34.71
N THR C 157 12.80 -47.73 35.95
CA THR C 157 12.64 -46.52 36.73
C THR C 157 13.98 -45.83 36.94
N VAL C 158 15.00 -46.60 37.29
CA VAL C 158 16.29 -45.96 37.54
C VAL C 158 16.83 -45.36 36.26
N LEU C 159 16.55 -45.99 35.11
CA LEU C 159 16.98 -45.43 33.83
C LEU C 159 16.29 -44.10 33.57
N ILE C 160 14.99 -44.03 33.84
CA ILE C 160 14.28 -42.75 33.67
C ILE C 160 14.89 -41.70 34.57
N LEU C 161 15.14 -42.06 35.83
CA LEU C 161 15.72 -41.13 36.79
C LEU C 161 17.05 -40.61 36.30
N GLN C 162 17.91 -41.52 35.83
CA GLN C 162 19.24 -41.12 35.42
C GLN C 162 19.18 -40.25 34.17
N ASN C 163 18.31 -40.58 33.24
CA ASN C 163 18.21 -39.76 32.05
C ASN C 163 17.79 -38.33 32.41
N ILE C 164 16.80 -38.19 33.30
CA ILE C 164 16.35 -36.85 33.62
C ILE C 164 17.43 -36.07 34.36
N VAL C 165 18.11 -36.70 35.32
CA VAL C 165 19.15 -35.99 36.04
C VAL C 165 20.24 -35.55 35.09
N GLY C 166 20.65 -36.43 34.18
CA GLY C 166 21.71 -36.08 33.25
C GLY C 166 21.32 -34.96 32.32
N LEU C 167 20.10 -34.99 31.79
CA LEU C 167 19.68 -33.92 30.90
C LEU C 167 19.62 -32.57 31.63
N ILE C 168 19.09 -32.56 32.85
CA ILE C 168 19.01 -31.30 33.59
C ILE C 168 20.41 -30.78 33.89
N ILE C 169 21.30 -31.64 34.37
CA ILE C 169 22.66 -31.20 34.68
C ILE C 169 23.31 -30.62 33.44
N ASN C 170 23.12 -31.28 32.30
CA ASN C 170 23.73 -30.80 31.07
C ASN C 170 23.19 -29.43 30.70
N ALA C 171 21.88 -29.23 30.84
CA ALA C 171 21.30 -27.93 30.54
C ALA C 171 21.83 -26.84 31.46
N VAL C 172 21.93 -27.13 32.76
CA VAL C 172 22.38 -26.10 33.69
C VAL C 172 23.82 -25.73 33.41
N MET C 173 24.67 -26.71 33.15
CA MET C 173 26.06 -26.38 32.89
C MET C 173 26.19 -25.62 31.58
N LEU C 174 25.40 -25.98 30.57
CA LEU C 174 25.42 -25.19 29.34
C LEU C 174 25.03 -23.75 29.61
N GLY C 175 24.03 -23.53 30.47
CA GLY C 175 23.64 -22.17 30.83
C GLY C 175 24.77 -21.42 31.51
N CYS C 176 25.47 -22.11 32.42
CA CYS C 176 26.59 -21.47 33.10
C CYS C 176 27.65 -21.05 32.10
N ILE C 177 27.96 -21.92 31.13
CA ILE C 177 28.99 -21.56 30.18
C ILE C 177 28.53 -20.40 29.29
N PHE C 178 27.24 -20.34 28.98
CA PHE C 178 26.74 -19.22 28.19
C PHE C 178 26.86 -17.91 28.96
N MET C 179 26.59 -17.95 30.26
CA MET C 179 26.76 -16.75 31.07
C MET C 179 28.20 -16.31 31.09
N LYS C 180 29.13 -17.25 31.28
CA LYS C 180 30.55 -16.87 31.24
C LYS C 180 30.97 -16.34 29.88
N THR C 181 30.36 -16.82 28.80
CA THR C 181 30.72 -16.34 27.48
C THR C 181 30.15 -14.96 27.15
N ALA C 182 28.95 -14.65 27.61
CA ALA C 182 28.32 -13.39 27.23
C ALA C 182 28.97 -12.16 27.86
N GLN C 183 29.87 -12.32 28.82
CA GLN C 183 30.58 -11.20 29.40
C GLN C 183 32.06 -11.22 29.05
N ALA C 184 32.39 -11.76 27.88
CA ALA C 184 33.79 -11.87 27.49
C ALA C 184 34.42 -10.52 27.19
N HIS C 185 33.62 -9.47 27.11
CA HIS C 185 34.13 -8.13 26.89
C HIS C 185 34.01 -7.25 28.12
N ARG C 186 33.51 -7.79 29.24
CA ARG C 186 33.43 -7.01 30.46
C ARG C 186 34.81 -6.52 30.83
N ARG C 187 34.95 -5.20 30.92
CA ARG C 187 36.24 -4.55 30.87
C ARG C 187 36.74 -4.22 32.27
N ALA C 188 38.05 -4.00 32.36
CA ALA C 188 38.65 -3.55 33.59
C ALA C 188 38.51 -2.04 33.70
N GLU C 189 39.07 -1.48 34.77
CA GLU C 189 38.99 -0.05 35.00
C GLU C 189 40.03 0.63 34.14
N THR C 190 39.58 1.34 33.11
CA THR C 190 40.47 2.02 32.18
C THR C 190 40.47 3.53 32.36
N LEU C 191 39.35 4.13 32.75
CA LEU C 191 39.32 5.56 32.98
C LEU C 191 40.28 5.88 34.11
N ILE C 192 41.16 6.85 33.89
CA ILE C 192 42.32 7.04 34.74
C ILE C 192 42.42 8.48 35.20
N PHE C 193 42.78 8.65 36.47
CA PHE C 193 42.95 9.92 37.13
C PHE C 193 44.40 10.04 37.62
N SER C 194 44.74 11.20 38.15
CA SER C 194 46.06 11.43 38.71
C SER C 194 45.93 11.84 40.17
N ARG C 195 46.90 11.43 40.97
CA ARG C 195 46.80 11.65 42.42
C ARG C 195 46.82 13.12 42.80
N HIS C 196 47.20 14.00 41.89
CA HIS C 196 47.38 15.41 42.21
C HIS C 196 46.28 16.25 41.57
N ALA C 197 45.81 17.24 42.32
CA ALA C 197 44.82 18.19 41.88
C ALA C 197 45.39 19.58 42.06
N VAL C 198 45.04 20.49 41.18
CA VAL C 198 45.76 21.75 41.12
C VAL C 198 44.79 22.91 41.25
N ILE C 199 45.21 23.91 42.01
CA ILE C 199 44.51 25.18 42.12
C ILE C 199 45.31 26.21 41.32
N ALA C 200 44.63 26.94 40.45
CA ALA C 200 45.37 27.87 39.60
C ALA C 200 44.53 29.12 39.41
N VAL C 201 44.94 29.96 38.46
CA VAL C 201 44.28 31.22 38.19
C VAL C 201 43.75 31.20 36.76
N ARG C 202 42.43 31.34 36.61
CA ARG C 202 41.81 31.47 35.30
C ARG C 202 40.92 32.70 35.29
N ASN C 203 41.07 33.53 34.27
CA ASN C 203 40.17 34.65 34.00
C ASN C 203 39.89 35.50 35.23
N GLY C 204 40.87 35.61 36.12
CA GLY C 204 40.79 36.49 37.26
C GLY C 204 40.50 35.82 38.59
N LYS C 205 39.99 34.59 38.58
CA LYS C 205 39.61 33.90 39.80
C LYS C 205 40.41 32.61 39.94
N LEU C 206 40.33 32.02 41.13
CA LEU C 206 40.90 30.70 41.38
C LEU C 206 40.05 29.60 40.74
N CYS C 207 40.67 28.43 40.57
CA CYS C 207 40.00 27.31 39.94
C CYS C 207 40.64 26.01 40.40
N PHE C 208 39.79 25.03 40.70
CA PHE C 208 40.18 23.67 41.05
C PHE C 208 40.07 22.76 39.83
N MET C 209 41.17 22.08 39.47
CA MET C 209 41.22 21.30 38.23
C MET C 209 41.96 19.99 38.45
N PHE C 210 41.63 18.99 37.62
CA PHE C 210 42.40 17.74 37.56
C PHE C 210 42.30 17.19 36.15
N ARG C 211 43.00 16.10 35.88
CA ARG C 211 43.02 15.54 34.52
C ARG C 211 42.37 14.16 34.44
N VAL C 212 41.81 13.85 33.27
CA VAL C 212 41.18 12.55 33.04
C VAL C 212 41.36 12.17 31.59
N GLY C 213 41.59 10.88 31.34
CA GLY C 213 41.76 10.37 30.00
C GLY C 213 41.23 8.96 29.90
N ASP C 214 41.14 8.46 28.68
CA ASP C 214 40.56 7.16 28.39
C ASP C 214 41.62 6.20 27.90
N LEU C 215 41.54 4.95 28.34
CA LEU C 215 42.53 3.94 27.98
C LEU C 215 42.03 2.96 26.93
N ARG C 216 40.77 2.56 27.01
CA ARG C 216 40.20 1.67 25.99
C ARG C 216 40.26 2.34 24.62
N LYS C 217 40.04 1.54 23.59
CA LYS C 217 40.02 2.08 22.23
C LYS C 217 38.69 2.73 21.87
N SER C 218 37.63 2.44 22.61
CA SER C 218 36.31 2.98 22.29
C SER C 218 36.10 4.32 22.97
N MET C 219 35.21 5.13 22.40
CA MET C 219 34.85 6.43 22.98
C MET C 219 33.53 6.29 23.72
N ILE C 220 33.49 6.83 24.94
CA ILE C 220 32.38 6.55 25.84
C ILE C 220 31.17 7.40 25.47
N ILE C 221 30.01 6.93 25.90
CA ILE C 221 28.72 7.46 25.48
C ILE C 221 28.04 8.15 26.65
N SER C 222 27.53 9.35 26.41
CA SER C 222 26.73 10.07 27.38
C SER C 222 27.46 10.23 28.71
N ALA C 223 28.76 10.47 28.62
CA ALA C 223 29.57 10.54 29.82
C ALA C 223 29.06 11.65 30.74
N SER C 224 29.46 11.57 32.00
CA SER C 224 29.09 12.61 32.94
C SER C 224 30.07 12.62 34.11
N VAL C 225 30.23 13.80 34.69
CA VAL C 225 31.18 14.04 35.76
C VAL C 225 30.43 14.72 36.90
N ARG C 226 30.76 14.34 38.13
CA ARG C 226 30.24 15.02 39.31
C ARG C 226 31.33 15.10 40.37
N ILE C 227 31.23 16.13 41.19
CA ILE C 227 32.21 16.44 42.22
C ILE C 227 31.45 16.72 43.51
N GLN C 228 31.93 16.14 44.60
CA GLN C 228 31.22 16.27 45.87
C GLN C 228 32.21 16.51 46.97
N VAL C 229 31.98 17.57 47.72
CA VAL C 229 32.81 17.90 48.87
C VAL C 229 32.17 17.27 50.09
N VAL C 230 32.94 16.48 50.82
CA VAL C 230 32.46 15.88 52.05
C VAL C 230 32.96 16.71 53.21
N LYS C 231 32.09 17.05 54.14
CA LYS C 231 32.53 17.84 55.28
C LYS C 231 31.74 17.40 56.51
N LYS C 232 31.91 18.15 57.60
CA LYS C 232 31.25 17.85 58.87
C LYS C 232 30.25 18.97 59.12
N THR C 233 29.05 18.80 58.59
CA THR C 233 28.07 19.88 58.55
C THR C 233 27.63 20.27 59.95
N THR C 234 27.26 21.55 60.09
CA THR C 234 26.82 22.07 61.38
C THR C 234 25.93 23.28 61.12
N THR C 235 24.63 23.10 61.26
CA THR C 235 23.71 24.23 61.29
C THR C 235 23.66 24.82 62.69
N PRO C 236 23.26 26.08 62.82
CA PRO C 236 23.31 26.74 64.14
C PRO C 236 22.40 26.13 65.19
N GLU C 237 21.40 25.34 64.81
CA GLU C 237 20.37 24.95 65.77
C GLU C 237 20.59 23.59 66.41
N GLY C 238 21.47 22.75 65.86
CA GLY C 238 21.73 21.48 66.51
C GLY C 238 21.80 20.27 65.61
N GLU C 239 21.04 20.26 64.51
CA GLU C 239 21.14 19.16 63.57
C GLU C 239 22.57 19.02 63.06
N VAL C 240 23.15 17.83 63.23
CA VAL C 240 24.57 17.63 62.96
C VAL C 240 24.78 16.24 62.40
N VAL C 241 25.38 16.14 61.22
CA VAL C 241 25.70 14.86 60.59
C VAL C 241 27.19 14.81 60.29
N PRO C 242 27.93 13.83 60.82
CA PRO C 242 29.40 13.90 60.77
C PRO C 242 29.99 13.93 59.37
N ILE C 243 29.36 13.30 58.37
CA ILE C 243 29.86 13.32 57.00
C ILE C 243 28.69 13.68 56.09
N HIS C 244 28.58 14.95 55.73
CA HIS C 244 27.56 15.43 54.81
C HIS C 244 28.20 15.71 53.46
N GLN C 245 27.60 15.18 52.40
CA GLN C 245 28.17 15.23 51.06
C GLN C 245 27.50 16.34 50.25
N GLN C 246 28.01 17.56 50.39
CA GLN C 246 27.54 18.64 49.53
C GLN C 246 28.00 18.40 48.09
N ASP C 247 27.19 18.81 47.13
CA ASP C 247 27.50 18.66 45.71
C ASP C 247 28.04 19.99 45.17
N ILE C 248 28.85 19.91 44.12
CA ILE C 248 29.47 21.14 43.60
C ILE C 248 29.26 21.24 42.11
N PRO C 249 28.96 22.42 41.57
CA PRO C 249 28.63 22.53 40.14
C PRO C 249 29.90 22.51 39.30
N VAL C 250 30.04 21.47 38.48
CA VAL C 250 31.09 21.46 37.47
C VAL C 250 30.92 22.70 36.60
N ASP C 251 32.05 23.24 36.14
CA ASP C 251 31.99 24.31 35.16
C ASP C 251 31.86 23.73 33.76
N ASN C 252 30.96 24.33 32.98
CA ASN C 252 30.85 24.01 31.57
C ASN C 252 30.10 25.14 30.88
N PRO C 253 30.42 25.42 29.63
CA PRO C 253 29.91 26.65 28.99
C PRO C 253 28.39 26.76 28.97
N ILE C 254 27.67 25.65 28.87
CA ILE C 254 26.22 25.68 28.88
C ILE C 254 25.66 25.25 30.23
N GLU C 255 26.49 25.21 31.27
CA GLU C 255 26.08 24.81 32.62
C GLU C 255 25.38 23.46 32.62
N SER C 256 25.95 22.51 31.90
CA SER C 256 25.50 21.13 31.86
C SER C 256 26.70 20.22 32.11
N ASN C 257 26.44 18.96 32.41
CA ASN C 257 27.49 18.13 32.96
C ASN C 257 28.13 17.18 31.96
N ASN C 258 27.48 16.89 30.85
CA ASN C 258 28.07 15.94 29.91
C ASN C 258 29.42 16.46 29.42
N ILE C 259 30.39 15.56 29.34
CA ILE C 259 31.73 15.87 28.84
C ILE C 259 32.10 14.78 27.84
N PHE C 260 33.03 15.13 26.95
CA PHE C 260 33.45 14.25 25.86
C PHE C 260 34.89 13.81 26.11
N LEU C 261 35.10 12.50 26.19
CA LEU C 261 36.41 11.94 26.51
C LEU C 261 37.03 11.34 25.26
N VAL C 262 37.93 12.09 24.62
CA VAL C 262 38.70 11.56 23.51
C VAL C 262 40.19 11.77 23.77
N ALA C 263 40.57 13.00 23.98
CA ALA C 263 41.91 13.34 24.37
C ALA C 263 41.95 13.71 25.84
N PRO C 264 42.97 13.28 26.57
CA PRO C 264 43.04 13.60 28.00
C PRO C 264 42.82 15.08 28.23
N LEU C 265 41.92 15.39 29.16
CA LEU C 265 41.42 16.75 29.29
C LEU C 265 41.36 17.15 30.75
N ILE C 266 41.17 18.45 30.95
CA ILE C 266 41.23 19.09 32.25
C ILE C 266 39.81 19.42 32.71
N ILE C 267 39.39 18.80 33.80
CA ILE C 267 38.10 19.09 34.42
C ILE C 267 38.32 20.19 35.45
N CYS C 268 37.55 21.27 35.34
CA CYS C 268 37.80 22.42 36.20
C CYS C 268 36.50 23.14 36.49
N HIS C 269 36.52 23.89 37.58
CA HIS C 269 35.36 24.65 38.04
C HIS C 269 35.87 25.87 38.79
N VAL C 270 35.16 26.99 38.62
CA VAL C 270 35.60 28.26 39.18
C VAL C 270 35.00 28.39 40.58
N ILE C 271 35.86 28.46 41.59
CA ILE C 271 35.37 28.71 42.95
C ILE C 271 34.88 30.16 42.99
N ASP C 272 33.58 30.34 43.02
CA ASP C 272 32.95 31.61 43.30
C ASP C 272 32.65 31.68 44.80
N LYS C 273 31.78 32.60 45.20
CA LYS C 273 31.37 32.66 46.58
C LYS C 273 30.52 31.47 47.02
N ARG C 274 30.24 30.51 46.16
CA ARG C 274 29.33 29.42 46.48
C ARG C 274 30.03 28.11 46.76
N SER C 275 31.25 28.12 46.94
CA SER C 275 31.83 26.79 47.11
C SER C 275 32.08 26.50 48.57
N PRO C 276 32.06 25.23 48.98
CA PRO C 276 32.48 24.90 50.33
C PRO C 276 33.92 25.22 50.57
N LEU C 277 34.71 25.37 49.52
CA LEU C 277 36.12 25.70 49.64
C LEU C 277 36.36 27.17 49.39
N TYR C 278 35.33 27.99 49.55
CA TYR C 278 35.45 29.43 49.33
C TYR C 278 36.39 30.09 50.32
N ASP C 279 36.67 29.44 51.45
CA ASP C 279 37.58 29.99 52.44
C ASP C 279 38.84 29.13 52.56
N ILE C 280 39.37 28.72 51.42
CA ILE C 280 40.50 27.80 51.36
C ILE C 280 41.67 28.51 50.72
N SER C 281 42.81 28.53 51.41
CA SER C 281 44.09 28.94 50.88
C SER C 281 45.11 27.84 51.12
N ALA C 282 46.28 27.97 50.48
CA ALA C 282 47.36 27.02 50.77
C ALA C 282 47.70 27.03 52.25
N THR C 283 47.88 28.22 52.82
CA THR C 283 48.17 28.33 54.24
C THR C 283 47.10 27.63 55.06
N ASP C 284 45.87 27.61 54.57
CA ASP C 284 44.89 26.70 55.15
C ASP C 284 45.07 25.28 54.60
N LEU C 285 45.42 25.13 53.33
CA LEU C 285 45.44 23.82 52.69
C LEU C 285 46.68 23.04 53.12
N VAL C 286 46.80 22.86 54.43
CA VAL C 286 47.86 22.06 55.03
C VAL C 286 47.24 21.06 55.97
N ASN C 287 46.41 21.54 56.90
CA ASN C 287 45.72 20.69 57.87
C ASN C 287 44.24 21.06 57.82
N GLN C 288 43.45 20.23 57.17
CA GLN C 288 42.05 20.56 56.90
C GLN C 288 41.29 19.28 56.66
N ASP C 289 40.00 19.28 57.01
CA ASP C 289 39.18 18.13 56.66
C ASP C 289 38.53 18.33 55.30
N LEU C 290 39.35 18.67 54.32
CA LEU C 290 38.88 18.68 52.94
C LEU C 290 38.68 17.25 52.48
N GLU C 291 37.76 17.06 51.53
CA GLU C 291 37.74 15.80 50.83
C GLU C 291 36.92 15.95 49.56
N VAL C 292 37.57 15.80 48.42
CA VAL C 292 36.92 15.96 47.13
C VAL C 292 36.71 14.58 46.52
N ILE C 293 35.45 14.20 46.36
CA ILE C 293 35.04 12.94 45.76
C ILE C 293 34.77 13.21 44.29
N VAL C 294 35.29 12.38 43.40
CA VAL C 294 35.02 12.52 41.97
C VAL C 294 34.36 11.26 41.47
N ILE C 295 33.20 11.42 40.84
CA ILE C 295 32.42 10.30 40.34
C ILE C 295 32.11 10.55 38.87
N LEU C 296 32.59 9.69 38.00
CA LEU C 296 32.41 9.87 36.57
C LEU C 296 31.71 8.62 36.06
N GLU C 297 30.59 8.80 35.37
CA GLU C 297 29.79 7.65 34.97
C GLU C 297 29.29 7.79 33.55
N GLY C 298 29.03 6.65 32.93
CA GLY C 298 28.53 6.65 31.57
C GLY C 298 28.45 5.22 31.05
N VAL C 299 28.21 5.12 29.74
CA VAL C 299 28.09 3.85 29.06
C VAL C 299 29.16 3.74 28.00
N VAL C 300 29.67 2.53 27.79
CA VAL C 300 30.71 2.27 26.79
C VAL C 300 30.08 1.71 25.53
N GLU C 301 30.39 2.32 24.38
CA GLU C 301 29.67 2.05 23.15
C GLU C 301 29.95 0.68 22.58
N THR C 302 31.04 0.03 22.99
CA THR C 302 31.40 -1.26 22.40
C THR C 302 30.63 -2.40 23.05
N THR C 303 30.78 -2.57 24.36
CA THR C 303 30.04 -3.63 25.04
C THR C 303 28.58 -3.23 25.25
N GLY C 304 28.35 -2.15 25.99
CA GLY C 304 27.00 -1.64 26.15
C GLY C 304 26.37 -1.81 27.51
N ILE C 305 27.17 -1.82 28.57
CA ILE C 305 26.67 -1.92 29.94
C ILE C 305 27.35 -0.86 30.80
N THR C 306 26.54 0.03 31.38
CA THR C 306 27.06 1.27 31.94
C THR C 306 27.99 1.02 33.12
N THR C 307 29.09 1.76 33.16
CA THR C 307 30.07 1.69 34.23
C THR C 307 30.35 3.08 34.76
N GLN C 308 30.84 3.10 36.00
CA GLN C 308 31.18 4.33 36.69
C GLN C 308 32.44 4.13 37.50
N ALA C 309 33.37 5.07 37.38
CA ALA C 309 34.60 5.01 38.14
C ALA C 309 34.68 6.19 39.07
N ARG C 310 35.38 6.00 40.19
CA ARG C 310 35.41 7.01 41.23
C ARG C 310 36.84 7.14 41.74
N THR C 311 37.12 8.29 42.33
CA THR C 311 38.40 8.49 42.99
C THR C 311 38.23 9.61 44.00
N SER C 312 39.26 9.80 44.81
CA SER C 312 39.18 10.81 45.85
C SER C 312 40.51 11.52 46.00
N TYR C 313 40.42 12.76 46.48
CA TYR C 313 41.60 13.54 46.82
C TYR C 313 41.41 14.12 48.21
N ILE C 314 42.44 14.00 49.05
CA ILE C 314 42.43 14.59 50.37
C ILE C 314 43.46 15.72 50.44
N ALA C 315 43.51 16.42 51.57
CA ALA C 315 44.40 17.58 51.67
C ALA C 315 45.86 17.20 51.55
N GLU C 316 46.21 15.94 51.78
CA GLU C 316 47.60 15.53 51.64
C GLU C 316 48.05 15.60 50.19
N GLU C 317 47.23 15.11 49.27
CA GLU C 317 47.61 14.99 47.88
C GLU C 317 47.09 16.12 47.03
N ILE C 318 46.59 17.19 47.62
CA ILE C 318 46.21 18.39 46.88
C ILE C 318 47.40 19.34 46.91
N GLN C 319 47.99 19.60 45.75
CA GLN C 319 49.16 20.48 45.68
C GLN C 319 48.70 21.82 45.13
N TRP C 320 48.94 22.87 45.89
CA TRP C 320 48.43 24.20 45.59
C TRP C 320 49.42 24.96 44.72
N GLY C 321 48.90 25.94 44.01
CA GLY C 321 49.76 26.89 43.34
C GLY C 321 50.49 26.34 42.14
N HIS C 322 50.23 25.12 41.75
CA HIS C 322 50.84 24.59 40.56
C HIS C 322 49.90 24.81 39.39
N ARG C 323 50.24 24.22 38.24
CA ARG C 323 49.37 24.22 37.08
C ARG C 323 49.75 23.03 36.23
N PHE C 324 48.87 22.68 35.30
CA PHE C 324 49.12 21.49 34.51
C PHE C 324 49.87 21.83 33.24
N VAL C 325 50.59 20.84 32.72
CA VAL C 325 51.45 20.99 31.55
C VAL C 325 50.64 20.88 30.28
N SER C 326 51.22 21.26 29.16
CA SER C 326 50.63 20.94 27.88
C SER C 326 50.98 19.52 27.47
N ILE C 327 50.06 18.86 26.78
CA ILE C 327 50.33 17.51 26.34
C ILE C 327 50.39 17.43 24.83
N VAL C 328 49.29 17.73 24.16
CA VAL C 328 49.22 17.52 22.73
C VAL C 328 50.02 18.61 22.01
N THR C 329 50.85 18.18 21.07
CA THR C 329 51.71 19.11 20.34
C THR C 329 51.90 18.57 18.93
N GLU C 330 51.59 19.38 17.94
CA GLU C 330 51.60 18.92 16.55
C GLU C 330 53.04 18.62 16.16
N GLU C 331 53.40 17.34 16.16
CA GLU C 331 54.73 16.95 15.71
C GLU C 331 54.85 17.11 14.19
N GLU C 332 53.88 16.60 13.45
CA GLU C 332 53.80 16.78 12.02
C GLU C 332 52.41 16.39 11.56
N GLY C 333 51.65 17.34 11.03
CA GLY C 333 50.33 17.02 10.55
C GLY C 333 49.47 16.40 11.62
N VAL C 334 49.21 15.10 11.50
CA VAL C 334 48.31 14.36 12.37
C VAL C 334 48.70 14.56 13.83
N TYR C 335 47.71 14.50 14.72
CA TYR C 335 47.91 14.85 16.12
C TYR C 335 48.69 13.79 16.88
N SER C 336 49.30 14.20 17.98
CA SER C 336 50.06 13.31 18.84
C SER C 336 49.79 13.69 20.29
N VAL C 337 49.27 12.75 21.07
CA VAL C 337 48.96 12.95 22.47
C VAL C 337 49.91 12.10 23.29
N ASP C 338 50.67 12.74 24.17
CA ASP C 338 51.74 12.09 24.91
C ASP C 338 51.20 11.76 26.31
N TYR C 339 50.90 10.49 26.55
CA TYR C 339 50.46 10.14 27.90
C TYR C 339 51.61 10.05 28.89
N SER C 340 52.86 10.11 28.45
CA SER C 340 53.97 9.96 29.39
C SER C 340 54.02 11.09 30.40
N LYS C 341 53.39 12.23 30.12
CA LYS C 341 53.41 13.36 31.03
C LYS C 341 52.00 13.64 31.57
N PHE C 342 51.24 12.57 31.82
CA PHE C 342 49.89 12.73 32.36
C PHE C 342 49.95 13.29 33.78
N GLY C 343 50.75 12.68 34.65
CA GLY C 343 50.83 13.08 36.03
C GLY C 343 51.86 14.14 36.33
N ASN C 344 52.58 14.63 35.31
CA ASN C 344 53.58 15.66 35.54
C ASN C 344 52.90 16.98 35.87
N THR C 345 53.72 17.95 36.24
CA THR C 345 53.24 19.30 36.55
C THR C 345 54.43 20.23 36.59
N VAL C 346 54.20 21.49 36.22
CA VAL C 346 55.22 22.52 36.25
C VAL C 346 54.77 23.57 37.24
N ARG C 347 55.66 23.97 38.15
CA ARG C 347 55.31 24.95 39.16
C ARG C 347 55.24 26.35 38.56
N VAL C 348 54.13 27.05 38.83
CA VAL C 348 53.88 28.36 38.26
C VAL C 348 53.58 29.33 39.40
N ALA C 349 53.68 30.62 39.08
CA ALA C 349 53.44 31.66 40.06
C ALA C 349 51.94 31.93 40.15
N ALA C 350 51.44 32.04 41.38
CA ALA C 350 50.05 32.37 41.64
C ALA C 350 49.98 32.99 43.02
N PRO C 351 48.92 33.74 43.32
CA PRO C 351 48.80 34.33 44.65
C PRO C 351 48.74 33.27 45.74
N ARG C 352 48.78 33.73 46.98
CA ARG C 352 48.96 32.85 48.12
C ARG C 352 48.00 33.20 49.24
N CYS C 353 46.75 33.48 48.91
CA CYS C 353 45.74 33.65 49.94
C CYS C 353 44.52 32.82 49.57
N SER C 354 43.42 32.99 50.29
CA SER C 354 42.20 32.24 50.01
C SER C 354 41.34 32.96 48.98
N ALA C 355 40.47 32.20 48.30
CA ALA C 355 39.67 32.80 47.24
C ALA C 355 38.82 33.93 47.76
N ARG C 356 38.49 33.92 49.05
CA ARG C 356 37.79 35.04 49.65
C ARG C 356 38.67 36.30 49.65
N GLU C 357 39.95 36.15 49.94
CA GLU C 357 40.84 37.31 50.00
C GLU C 357 40.95 38.04 48.66
N LEU C 358 41.10 37.29 47.55
CA LEU C 358 41.37 37.96 46.27
C LEU C 358 40.27 38.92 45.86
N ASP C 359 39.06 38.74 46.39
CA ASP C 359 37.99 39.70 46.20
C ASP C 359 37.69 40.56 47.44
N GLU C 360 38.19 40.17 48.62
CA GLU C 360 38.03 41.03 49.79
C GLU C 360 38.77 42.35 49.62
N LYS C 361 40.01 42.31 49.16
CA LYS C 361 40.81 43.50 48.88
C LYS C 361 41.07 43.51 47.38
N PRO C 362 40.29 44.27 46.60
CA PRO C 362 40.28 44.08 45.15
C PRO C 362 41.65 44.30 44.53
N SER C 363 41.95 43.47 43.53
CA SER C 363 43.25 43.50 42.84
C SER C 363 44.40 43.33 43.83
N ILE C 364 44.20 42.44 44.81
CA ILE C 364 45.25 42.22 45.81
C ILE C 364 46.50 41.63 45.15
N LEU C 365 46.33 40.56 44.39
CA LEU C 365 47.45 39.93 43.68
C LEU C 365 47.05 39.61 42.24
N ILE C 366 45.85 40.01 41.83
CA ILE C 366 45.33 39.68 40.51
C ILE C 366 45.76 40.76 39.53
N GLN C 367 46.63 40.40 38.59
CA GLN C 367 47.11 41.34 37.59
C GLN C 367 47.38 40.59 36.30
N THR C 368 47.47 41.34 35.20
CA THR C 368 47.68 40.77 33.89
C THR C 368 48.58 41.65 33.04
N ARG D 30 -10.42 2.58 63.61
CA ARG D 30 -11.15 2.38 62.35
C ARG D 30 -10.19 2.12 61.19
N LEU D 31 -10.74 1.96 59.99
CA LEU D 31 -9.91 1.72 58.81
C LEU D 31 -9.15 2.97 58.44
N PRO D 32 -7.88 2.78 58.06
CA PRO D 32 -7.04 3.90 57.64
C PRO D 32 -7.51 4.48 56.32
N LYS D 33 -7.29 5.79 56.16
CA LYS D 33 -7.66 6.46 54.92
C LYS D 33 -6.98 5.77 53.74
N ALA D 34 -7.71 5.65 52.64
CA ALA D 34 -7.20 4.90 51.50
C ALA D 34 -5.91 5.49 50.96
N ARG D 35 -4.79 4.79 51.17
CA ARG D 35 -3.50 5.25 50.69
C ARG D 35 -3.46 5.16 49.16
N PHE D 36 -2.42 5.76 48.59
CA PHE D 36 -2.26 5.79 47.14
C PHE D 36 -1.22 4.83 46.62
N ILE D 37 -0.16 4.59 47.39
CA ILE D 37 0.68 3.41 47.22
C ILE D 37 1.06 2.91 48.61
N ALA D 38 1.01 1.60 48.81
CA ALA D 38 1.04 1.02 50.15
C ALA D 38 2.46 0.95 50.69
N LYS D 39 2.56 0.82 52.02
CA LYS D 39 3.85 0.95 52.67
C LYS D 39 4.85 -0.08 52.17
N SER D 40 4.39 -1.23 51.69
CA SER D 40 5.32 -2.16 51.08
C SER D 40 5.95 -1.55 49.84
N GLY D 41 5.16 -0.85 49.04
CA GLY D 41 5.71 -0.18 47.88
C GLY D 41 4.91 -0.41 46.63
N ALA D 42 3.84 -1.19 46.74
CA ALA D 42 3.00 -1.48 45.60
C ALA D 42 1.83 -0.52 45.56
N CYS D 43 1.43 -0.14 44.35
CA CYS D 43 0.25 0.69 44.19
C CYS D 43 -1.00 -0.09 44.54
N ASN D 44 -1.92 0.57 45.23
CA ASN D 44 -3.21 -0.02 45.59
C ASN D 44 -4.34 0.55 44.75
N LEU D 45 -4.03 1.18 43.63
CA LEU D 45 -5.06 1.56 42.70
C LEU D 45 -5.76 0.33 42.16
N ALA D 46 -7.06 0.44 41.90
CA ALA D 46 -7.84 -0.64 41.35
C ALA D 46 -8.45 -0.21 40.02
N HIS D 47 -8.25 -1.03 39.00
CA HIS D 47 -8.75 -0.75 37.66
C HIS D 47 -9.95 -1.65 37.38
N LYS D 48 -11.00 -1.08 36.79
CA LYS D 48 -12.15 -1.84 36.36
C LYS D 48 -12.76 -1.20 35.11
N ASN D 49 -13.48 -2.03 34.34
CA ASN D 49 -14.06 -1.65 33.05
C ASN D 49 -12.97 -1.33 32.02
N ILE D 50 -12.09 -2.30 31.83
CA ILE D 50 -11.01 -2.25 30.84
C ILE D 50 -11.44 -3.08 29.64
N ARG D 51 -11.22 -2.56 28.43
CA ARG D 51 -11.59 -3.33 27.25
C ARG D 51 -10.77 -4.61 27.21
N GLU D 52 -11.40 -5.73 27.54
CA GLU D 52 -10.70 -6.99 27.60
C GLU D 52 -10.34 -7.45 26.20
N GLN D 53 -9.04 -7.50 25.90
CA GLN D 53 -8.59 -7.91 24.59
C GLN D 53 -8.34 -9.41 24.47
N GLY D 54 -8.34 -10.14 25.59
CA GLY D 54 -8.16 -11.57 25.57
C GLY D 54 -6.74 -12.01 25.86
N ARG D 55 -6.61 -13.28 26.20
CA ARG D 55 -5.34 -13.90 26.56
C ARG D 55 -4.97 -14.91 25.48
N PHE D 56 -3.92 -14.60 24.71
CA PHE D 56 -3.54 -15.42 23.57
C PHE D 56 -2.78 -16.65 24.04
N LEU D 57 -2.14 -17.36 23.11
CA LEU D 57 -1.29 -18.48 23.45
C LEU D 57 0.16 -18.07 23.70
N GLN D 58 0.54 -16.86 23.31
CA GLN D 58 1.89 -16.38 23.56
C GLN D 58 2.10 -15.93 24.99
N ASP D 59 1.03 -15.59 25.70
CA ASP D 59 1.16 -15.26 27.12
C ASP D 59 1.55 -16.47 27.94
N ILE D 60 1.00 -17.64 27.59
CA ILE D 60 1.25 -18.87 28.34
C ILE D 60 2.70 -19.28 28.26
N PHE D 61 3.44 -18.75 27.29
CA PHE D 61 4.86 -19.06 27.17
C PHE D 61 5.67 -18.06 27.98
N THR D 62 5.24 -16.80 27.96
CA THR D 62 5.90 -15.82 28.79
C THR D 62 5.82 -16.26 30.25
N THR D 63 4.68 -16.82 30.64
CA THR D 63 4.60 -17.37 31.99
C THR D 63 5.58 -18.52 32.18
N LEU D 64 5.92 -19.22 31.11
CA LEU D 64 6.89 -20.31 31.22
C LEU D 64 8.30 -19.79 31.46
N VAL D 65 8.67 -18.68 30.80
CA VAL D 65 10.03 -18.19 30.97
C VAL D 65 10.28 -17.69 32.39
N ASP D 66 9.25 -17.19 33.06
CA ASP D 66 9.39 -16.70 34.43
C ASP D 66 8.64 -17.63 35.36
N LEU D 67 9.36 -18.60 35.93
CA LEU D 67 8.79 -19.45 36.95
C LEU D 67 9.83 -19.71 38.03
N LYS D 68 9.35 -19.81 39.27
CA LYS D 68 10.22 -20.19 40.37
C LYS D 68 10.73 -21.60 40.15
N TRP D 69 12.02 -21.81 40.43
CA TRP D 69 12.68 -23.05 40.02
C TRP D 69 11.94 -24.29 40.52
N ARG D 70 11.34 -24.18 41.71
CA ARG D 70 10.61 -25.29 42.31
C ARG D 70 9.53 -25.84 41.40
N HIS D 71 8.99 -25.03 40.50
CA HIS D 71 7.98 -25.55 39.58
C HIS D 71 8.53 -25.75 38.18
N THR D 72 9.57 -25.01 37.81
CA THR D 72 10.23 -25.28 36.53
C THR D 72 10.71 -26.72 36.50
N LEU D 73 11.25 -27.21 37.61
CA LEU D 73 11.69 -28.60 37.65
C LEU D 73 10.53 -29.56 37.42
N VAL D 74 9.34 -29.22 37.96
CA VAL D 74 8.19 -30.11 37.78
C VAL D 74 7.78 -30.17 36.31
N ILE D 75 7.69 -29.01 35.66
CA ILE D 75 7.25 -29.08 34.26
C ILE D 75 8.33 -29.71 33.40
N PHE D 76 9.60 -29.49 33.76
CA PHE D 76 10.72 -30.13 33.07
C PHE D 76 10.61 -31.64 33.13
N THR D 77 10.26 -32.19 34.29
CA THR D 77 10.11 -33.64 34.41
C THR D 77 8.88 -34.12 33.65
N MET D 78 7.75 -33.43 33.83
CA MET D 78 6.49 -33.94 33.30
C MET D 78 6.49 -33.91 31.78
N SER D 79 7.12 -32.92 31.16
CA SER D 79 7.19 -32.89 29.71
C SER D 79 7.83 -34.16 29.19
N PHE D 80 9.00 -34.51 29.72
CA PHE D 80 9.70 -35.70 29.23
C PHE D 80 8.93 -36.98 29.53
N LEU D 81 8.41 -37.12 30.75
CA LEU D 81 7.72 -38.37 31.09
C LEU D 81 6.48 -38.56 30.23
N CYS D 82 5.65 -37.52 30.10
CA CYS D 82 4.43 -37.66 29.33
C CYS D 82 4.74 -37.87 27.86
N SER D 83 5.74 -37.16 27.32
CA SER D 83 6.06 -37.36 25.92
C SER D 83 6.53 -38.79 25.68
N TRP D 84 7.38 -39.30 26.58
CA TRP D 84 7.84 -40.67 26.44
C TRP D 84 6.67 -41.65 26.47
N LEU D 85 5.75 -41.48 27.41
CA LEU D 85 4.63 -42.43 27.49
C LEU D 85 3.77 -42.36 26.23
N LEU D 86 3.53 -41.15 25.73
CA LEU D 86 2.70 -41.00 24.54
C LEU D 86 3.32 -41.71 23.35
N PHE D 87 4.61 -41.47 23.12
CA PHE D 87 5.23 -42.12 21.97
C PHE D 87 5.42 -43.60 22.19
N ALA D 88 5.50 -44.04 23.45
CA ALA D 88 5.51 -45.48 23.71
C ALA D 88 4.21 -46.11 23.27
N ILE D 89 3.09 -45.44 23.56
CA ILE D 89 1.83 -45.98 23.07
C ILE D 89 1.87 -46.05 21.55
N MET D 90 2.42 -45.01 20.91
CA MET D 90 2.44 -45.03 19.45
C MET D 90 3.26 -46.21 18.92
N TRP D 91 4.42 -46.46 19.53
CA TRP D 91 5.26 -47.58 19.08
C TRP D 91 4.58 -48.92 19.35
N TRP D 92 3.91 -49.04 20.50
CA TRP D 92 3.21 -50.28 20.78
C TRP D 92 2.14 -50.54 19.74
N LEU D 93 1.45 -49.49 19.32
CA LEU D 93 0.45 -49.67 18.28
C LEU D 93 1.11 -50.12 16.98
N VAL D 94 2.23 -49.51 16.63
CA VAL D 94 2.81 -49.89 15.33
C VAL D 94 3.45 -51.27 15.38
N ALA D 95 3.78 -51.77 16.57
CA ALA D 95 4.21 -53.15 16.73
C ALA D 95 3.04 -54.11 16.90
N PHE D 96 1.84 -53.58 17.13
CA PHE D 96 0.61 -54.36 17.14
C PHE D 96 0.11 -54.60 15.72
N ALA D 97 -0.14 -53.51 14.99
CA ALA D 97 -0.84 -53.61 13.71
C ALA D 97 -0.18 -54.59 12.76
N HIS D 98 1.13 -54.49 12.60
CA HIS D 98 1.78 -55.26 11.55
C HIS D 98 1.93 -56.72 11.90
N GLY D 99 1.20 -57.19 12.89
CA GLY D 99 1.30 -58.59 13.25
C GLY D 99 2.66 -58.96 13.76
N ASP D 100 3.29 -58.07 14.52
CA ASP D 100 4.59 -58.39 15.10
C ASP D 100 4.41 -59.23 16.36
N ILE D 101 3.68 -58.70 17.34
CA ILE D 101 3.64 -59.29 18.67
C ILE D 101 3.26 -60.76 18.60
N TYR D 102 2.31 -61.09 17.73
CA TYR D 102 1.89 -62.47 17.59
C TYR D 102 3.05 -63.35 17.16
N ALA D 103 3.88 -62.84 16.25
CA ALA D 103 4.99 -63.66 15.77
C ALA D 103 5.94 -64.01 16.90
N TYR D 104 6.28 -63.05 17.75
CA TYR D 104 7.19 -63.37 18.84
C TYR D 104 6.57 -64.29 19.87
N MET D 105 5.32 -64.04 20.27
CA MET D 105 4.71 -64.91 21.27
C MET D 105 4.54 -66.33 20.74
N GLU D 106 4.14 -66.49 19.49
CA GLU D 106 3.98 -67.84 18.94
C GLU D 106 5.31 -68.52 18.68
N LYS D 107 6.31 -67.77 18.19
CA LYS D 107 7.61 -68.38 17.94
C LYS D 107 8.23 -68.88 19.23
N GLY D 108 8.05 -68.14 20.32
CA GLY D 108 8.37 -68.70 21.62
C GLY D 108 7.52 -69.91 21.93
N ILE D 109 6.24 -69.87 21.57
CA ILE D 109 5.37 -71.02 21.76
C ILE D 109 5.73 -72.15 20.81
N THR D 110 6.05 -71.83 19.56
CA THR D 110 6.19 -72.84 18.51
C THR D 110 7.55 -73.53 18.59
N GLU D 111 7.87 -74.31 17.57
CA GLU D 111 9.10 -75.08 17.49
C GLU D 111 10.17 -74.39 16.65
N LYS D 112 9.80 -73.84 15.51
CA LYS D 112 10.76 -73.25 14.57
C LYS D 112 10.71 -71.75 14.68
N SER D 113 11.89 -71.12 14.68
CA SER D 113 11.97 -69.68 14.85
C SER D 113 11.59 -68.93 13.57
N GLY D 114 12.21 -69.31 12.45
CA GLY D 114 11.98 -68.63 11.19
C GLY D 114 12.43 -67.19 11.16
N LEU D 115 13.61 -66.90 11.73
CA LEU D 115 14.18 -65.54 11.75
C LEU D 115 13.20 -64.51 12.31
N GLU D 116 12.24 -64.93 13.12
CA GLU D 116 11.21 -64.06 13.68
C GLU D 116 10.41 -63.31 12.62
N SER D 117 10.52 -63.70 11.35
CA SER D 117 9.76 -63.12 10.23
C SER D 117 9.92 -61.60 10.09
N ALA D 118 10.99 -61.04 10.64
CA ALA D 118 11.44 -59.67 10.34
C ALA D 118 10.28 -58.66 10.39
N VAL D 119 9.75 -58.49 11.59
CA VAL D 119 8.62 -57.60 11.84
C VAL D 119 9.03 -56.13 11.72
N CYS D 120 8.03 -55.24 11.79
CA CYS D 120 8.26 -53.81 11.56
C CYS D 120 9.44 -53.30 12.34
N VAL D 121 9.57 -53.71 13.59
CA VAL D 121 10.63 -53.22 14.47
C VAL D 121 11.16 -54.41 15.25
N THR D 122 12.46 -54.66 15.16
CA THR D 122 13.02 -55.81 15.85
C THR D 122 12.86 -55.66 17.37
N ASN D 123 12.64 -56.80 18.02
CA ASN D 123 12.74 -56.92 19.47
C ASN D 123 11.81 -55.98 20.23
N VAL D 124 10.57 -55.86 19.76
CA VAL D 124 9.51 -55.25 20.55
C VAL D 124 8.46 -56.31 20.78
N ARG D 125 8.29 -56.71 22.04
CA ARG D 125 7.36 -57.78 22.36
C ARG D 125 6.22 -57.34 23.25
N SER D 126 6.22 -56.10 23.72
CA SER D 126 5.19 -55.65 24.65
C SER D 126 5.30 -54.15 24.85
N PHE D 127 4.24 -53.58 25.45
CA PHE D 127 4.21 -52.15 25.70
C PHE D 127 5.44 -51.72 26.46
N THR D 128 5.92 -52.55 27.38
CA THR D 128 7.12 -52.20 28.11
C THR D 128 8.30 -52.11 27.16
N SER D 129 8.39 -53.05 26.21
CA SER D 129 9.46 -52.98 25.23
C SER D 129 9.34 -51.75 24.34
N ALA D 130 8.13 -51.38 23.97
CA ALA D 130 7.98 -50.17 23.19
C ALA D 130 8.39 -48.92 23.98
N PHE D 131 8.05 -48.88 25.27
CA PHE D 131 8.45 -47.71 26.05
C PHE D 131 9.95 -47.64 26.16
N LEU D 132 10.59 -48.78 26.40
CA LEU D 132 12.04 -48.79 26.48
C LEU D 132 12.64 -48.36 25.15
N PHE D 133 12.05 -48.82 24.05
CA PHE D 133 12.55 -48.44 22.74
C PHE D 133 12.42 -46.94 22.53
N SER D 134 11.33 -46.34 23.02
CA SER D 134 11.21 -44.91 22.85
C SER D 134 12.30 -44.18 23.62
N ILE D 135 12.55 -44.59 24.86
CA ILE D 135 13.63 -43.94 25.60
C ILE D 135 14.92 -44.10 24.84
N GLU D 136 15.15 -45.29 24.28
CA GLU D 136 16.39 -45.50 23.54
C GLU D 136 16.49 -44.50 22.40
N VAL D 137 15.36 -44.22 21.75
CA VAL D 137 15.40 -43.48 20.49
C VAL D 137 15.24 -41.98 20.61
N GLN D 138 15.09 -41.43 21.80
CA GLN D 138 14.91 -39.97 21.83
C GLN D 138 16.10 -39.25 22.44
N VAL D 139 16.48 -39.60 23.66
CA VAL D 139 17.57 -38.93 24.36
C VAL D 139 18.88 -39.16 23.63
N THR D 140 18.81 -39.87 22.51
CA THR D 140 19.96 -40.29 21.73
C THR D 140 20.81 -41.30 22.49
N ILE D 141 20.20 -42.12 23.34
CA ILE D 141 20.92 -43.23 23.91
C ILE D 141 21.36 -44.17 22.81
N GLY D 142 20.44 -44.47 21.91
CA GLY D 142 20.73 -45.39 20.84
C GLY D 142 21.33 -46.68 21.35
N PHE D 143 20.55 -47.47 22.08
CA PHE D 143 21.16 -48.60 22.76
C PHE D 143 21.74 -49.58 21.76
N GLY D 144 21.07 -49.82 20.65
CA GLY D 144 21.68 -50.62 19.63
C GLY D 144 21.50 -52.11 19.79
N GLY D 145 20.48 -52.56 20.51
CA GLY D 145 20.11 -53.95 20.46
C GLY D 145 18.77 -54.15 19.78
N ARG D 146 17.85 -53.20 19.96
CA ARG D 146 16.51 -53.27 19.39
C ARG D 146 16.48 -52.34 18.18
N MET D 147 16.95 -52.82 17.05
CA MET D 147 17.19 -51.98 15.89
C MET D 147 15.88 -51.68 15.18
N MET D 148 15.96 -51.02 14.03
CA MET D 148 14.81 -50.72 13.20
C MET D 148 15.14 -51.07 11.75
N THR D 149 14.38 -51.98 11.17
CA THR D 149 14.53 -52.29 9.77
C THR D 149 13.65 -51.35 8.96
N GLU D 150 13.56 -51.63 7.66
CA GLU D 150 12.79 -50.82 6.74
C GLU D 150 11.60 -51.57 6.15
N GLU D 151 11.17 -52.66 6.80
CA GLU D 151 10.10 -53.47 6.24
C GLU D 151 8.84 -52.67 6.02
N CYS D 152 8.49 -51.80 6.97
CA CYS D 152 7.28 -51.03 6.86
C CYS D 152 7.58 -49.55 7.01
N PRO D 153 7.14 -48.72 6.07
CA PRO D 153 7.54 -47.30 6.12
C PRO D 153 6.79 -46.48 7.15
N LEU D 154 5.67 -46.96 7.69
CA LEU D 154 5.00 -46.24 8.76
C LEU D 154 5.88 -46.11 9.99
N ALA D 155 6.69 -47.13 10.27
CA ALA D 155 7.64 -47.00 11.37
C ALA D 155 8.60 -45.86 11.12
N ILE D 156 9.08 -45.73 9.88
CA ILE D 156 10.00 -44.63 9.58
C ILE D 156 9.29 -43.29 9.74
N THR D 157 8.01 -43.23 9.37
CA THR D 157 7.26 -42.00 9.57
C THR D 157 7.20 -41.63 11.05
N VAL D 158 6.93 -42.64 11.89
CA VAL D 158 6.88 -42.38 13.32
C VAL D 158 8.24 -41.93 13.83
N LEU D 159 9.31 -42.52 13.31
CA LEU D 159 10.65 -42.13 13.74
C LEU D 159 10.93 -40.67 13.40
N ILE D 160 10.55 -40.24 12.20
CA ILE D 160 10.79 -38.86 11.83
C ILE D 160 10.01 -37.92 12.75
N LEU D 161 8.74 -38.24 12.99
CA LEU D 161 7.92 -37.41 13.85
C LEU D 161 8.51 -37.31 15.25
N GLN D 162 8.85 -38.45 15.83
CA GLN D 162 9.35 -38.46 17.20
C GLN D 162 10.70 -37.75 17.31
N ASN D 163 11.59 -37.95 16.35
CA ASN D 163 12.88 -37.28 16.40
C ASN D 163 12.72 -35.76 16.37
N ILE D 164 11.87 -35.27 15.47
CA ILE D 164 11.73 -33.81 15.38
C ILE D 164 11.13 -33.27 16.66
N VAL D 165 10.13 -33.95 17.21
CA VAL D 165 9.53 -33.46 18.44
C VAL D 165 10.55 -33.46 19.57
N GLY D 166 11.33 -34.53 19.67
CA GLY D 166 12.33 -34.59 20.72
C GLY D 166 13.35 -33.49 20.64
N LEU D 167 13.88 -33.22 19.45
CA LEU D 167 14.87 -32.16 19.35
C LEU D 167 14.26 -30.80 19.68
N ILE D 168 13.05 -30.54 19.20
CA ILE D 168 12.45 -29.24 19.51
C ILE D 168 12.22 -29.11 21.01
N ILE D 169 11.75 -30.17 21.65
CA ILE D 169 11.52 -30.10 23.10
C ILE D 169 12.83 -29.83 23.81
N ASN D 170 13.91 -30.47 23.34
CA ASN D 170 15.21 -30.23 23.96
C ASN D 170 15.58 -28.77 23.84
N ALA D 171 15.32 -28.16 22.68
CA ALA D 171 15.60 -26.75 22.51
C ALA D 171 14.81 -25.88 23.47
N VAL D 172 13.52 -26.15 23.63
CA VAL D 172 12.69 -25.33 24.49
C VAL D 172 13.17 -25.44 25.95
N MET D 173 13.46 -26.67 26.38
CA MET D 173 13.91 -26.84 27.77
C MET D 173 15.25 -26.17 27.99
N LEU D 174 16.16 -26.28 27.02
CA LEU D 174 17.44 -25.61 27.15
C LEU D 174 17.24 -24.11 27.27
N GLY D 175 16.30 -23.56 26.49
CA GLY D 175 16.02 -22.13 26.58
C GLY D 175 15.50 -21.72 27.94
N CYS D 176 14.61 -22.50 28.52
CA CYS D 176 14.08 -22.13 29.83
C CYS D 176 15.19 -22.14 30.87
N ILE D 177 16.07 -23.13 30.80
CA ILE D 177 17.16 -23.17 31.76
C ILE D 177 18.13 -22.03 31.49
N PHE D 178 18.29 -21.63 30.23
CA PHE D 178 19.11 -20.46 29.91
C PHE D 178 18.51 -19.20 30.52
N MET D 179 17.20 -19.07 30.51
CA MET D 179 16.58 -17.90 31.10
C MET D 179 16.85 -17.83 32.59
N LYS D 180 16.73 -18.95 33.29
CA LYS D 180 17.08 -18.93 34.71
C LYS D 180 18.55 -18.57 34.92
N THR D 181 19.44 -19.17 34.14
CA THR D 181 20.86 -18.88 34.33
C THR D 181 21.20 -17.44 33.96
N ALA D 182 20.35 -16.77 33.18
CA ALA D 182 20.58 -15.35 32.94
C ALA D 182 20.01 -14.49 34.07
N GLN D 183 18.86 -14.87 34.61
CA GLN D 183 18.28 -14.13 35.72
C GLN D 183 18.91 -14.50 37.06
N ALA D 184 19.99 -15.29 37.04
CA ALA D 184 20.65 -15.63 38.30
C ALA D 184 20.97 -14.40 39.15
N HIS D 185 21.46 -13.32 38.55
CA HIS D 185 21.86 -12.16 39.33
C HIS D 185 20.69 -11.36 39.89
N ARG D 186 19.46 -11.62 39.43
CA ARG D 186 18.31 -10.82 39.85
C ARG D 186 17.85 -11.21 41.24
N ARG D 187 17.47 -10.20 42.03
CA ARG D 187 16.90 -10.44 43.36
C ARG D 187 15.70 -9.54 43.60
N ALA D 188 15.23 -9.50 44.84
CA ALA D 188 14.02 -8.78 45.21
C ALA D 188 14.34 -7.33 45.57
N GLU D 189 13.33 -6.61 46.09
CA GLU D 189 13.48 -5.21 46.43
C GLU D 189 14.55 -5.03 47.49
N THR D 190 15.38 -4.00 47.35
CA THR D 190 16.53 -3.90 48.22
C THR D 190 16.86 -2.50 48.71
N LEU D 191 16.06 -1.48 48.38
CA LEU D 191 16.27 -0.15 48.94
C LEU D 191 15.31 0.07 50.11
N ILE D 192 15.68 0.96 51.03
CA ILE D 192 14.94 1.07 52.27
C ILE D 192 14.67 2.53 52.62
N PHE D 193 13.41 2.82 52.94
CA PHE D 193 12.98 4.11 53.48
C PHE D 193 12.48 3.92 54.91
N SER D 194 12.59 4.97 55.71
CA SER D 194 12.21 4.87 57.10
C SER D 194 10.74 4.53 57.23
N ARG D 195 10.33 4.23 58.46
CA ARG D 195 8.92 4.01 58.74
C ARG D 195 8.21 5.29 59.15
N HIS D 196 8.94 6.39 59.34
CA HIS D 196 8.31 7.68 59.56
C HIS D 196 9.07 8.75 58.81
N ALA D 197 8.34 9.66 58.18
CA ALA D 197 8.94 10.91 57.80
C ALA D 197 9.26 11.72 59.04
N VAL D 198 9.92 12.86 58.87
CA VAL D 198 10.05 13.84 59.94
C VAL D 198 9.89 15.24 59.36
N ILE D 199 9.69 16.19 60.25
CA ILE D 199 9.52 17.59 59.90
C ILE D 199 10.34 18.38 60.88
N ALA D 200 11.43 18.97 60.42
CA ALA D 200 12.33 19.62 61.35
C ALA D 200 12.69 21.03 60.92
N VAL D 201 13.68 21.60 61.61
CA VAL D 201 14.14 22.95 61.35
C VAL D 201 15.59 22.84 60.88
N ARG D 202 15.86 23.32 59.67
CA ARG D 202 17.19 23.33 59.08
C ARG D 202 17.52 24.77 58.71
N ASN D 203 18.57 25.30 59.33
CA ASN D 203 19.02 26.67 59.09
C ASN D 203 17.87 27.65 59.24
N GLY D 204 17.10 27.48 60.30
CA GLY D 204 15.99 28.37 60.59
C GLY D 204 14.82 28.26 59.65
N LYS D 205 14.76 27.21 58.83
CA LYS D 205 13.68 27.00 57.89
C LYS D 205 12.98 25.68 58.21
N LEU D 206 11.66 25.69 58.17
CA LEU D 206 10.88 24.50 58.48
C LEU D 206 10.79 23.60 57.25
N CYS D 207 11.47 22.44 57.29
CA CYS D 207 11.63 21.61 56.10
C CYS D 207 11.31 20.14 56.40
N PHE D 208 10.88 19.42 55.36
CA PHE D 208 10.36 18.06 55.47
C PHE D 208 11.46 17.10 55.02
N MET D 209 11.80 16.13 55.85
CA MET D 209 12.93 15.28 55.51
C MET D 209 12.68 13.85 55.94
N PHE D 210 13.29 12.90 55.24
CA PHE D 210 13.15 11.49 55.55
C PHE D 210 14.48 10.81 55.32
N ARG D 211 14.51 9.49 55.46
CA ARG D 211 15.77 8.74 55.44
C ARG D 211 15.70 7.65 54.37
N VAL D 212 16.78 7.51 53.60
CA VAL D 212 16.84 6.49 52.55
C VAL D 212 18.20 5.81 52.60
N GLY D 213 18.21 4.50 52.37
CA GLY D 213 19.42 3.71 52.48
C GLY D 213 19.37 2.51 51.58
N ASP D 214 20.54 1.90 51.43
CA ASP D 214 20.71 0.77 50.57
C ASP D 214 21.30 -0.28 51.43
N LEU D 215 20.75 -1.48 51.29
CA LEU D 215 21.16 -2.65 52.01
C LEU D 215 21.36 -3.68 50.94
N ARG D 216 22.49 -3.60 50.27
CA ARG D 216 22.80 -4.51 49.20
C ARG D 216 24.31 -4.50 48.96
N LYS D 217 24.78 -5.36 48.06
CA LYS D 217 26.19 -5.41 47.67
C LYS D 217 26.84 -4.24 46.82
N SER D 218 26.15 -3.73 45.79
CA SER D 218 26.71 -2.68 44.91
C SER D 218 26.31 -1.25 45.28
N MET D 219 26.86 -0.26 44.55
CA MET D 219 26.51 1.18 44.74
C MET D 219 25.73 1.64 43.53
N ILE D 220 24.49 2.05 43.68
CA ILE D 220 23.69 2.36 42.50
C ILE D 220 24.19 3.51 41.63
N ILE D 221 23.91 3.49 40.32
CA ILE D 221 24.33 4.52 39.37
C ILE D 221 23.20 5.51 39.11
N SER D 222 23.55 6.79 39.05
CA SER D 222 22.67 7.83 38.51
C SER D 222 21.30 7.82 39.18
N ALA D 223 21.30 7.80 40.51
CA ALA D 223 20.04 7.80 41.23
C ALA D 223 19.33 9.15 41.07
N SER D 224 18.01 9.11 41.28
CA SER D 224 17.20 10.32 41.24
C SER D 224 16.04 10.17 42.21
N VAL D 225 15.84 11.17 43.07
CA VAL D 225 14.83 11.15 44.11
C VAL D 225 13.79 12.20 43.77
N ARG D 226 12.58 11.75 43.50
CA ARG D 226 11.46 12.60 43.13
C ARG D 226 10.39 12.49 44.20
N ILE D 227 9.78 13.62 44.52
CA ILE D 227 8.83 13.69 45.61
C ILE D 227 7.56 14.31 45.07
N GLN D 228 6.41 13.76 45.46
CA GLN D 228 5.15 14.26 44.98
C GLN D 228 4.18 14.36 46.14
N VAL D 229 3.19 15.23 45.97
CA VAL D 229 2.10 15.37 46.92
C VAL D 229 0.81 14.97 46.21
N VAL D 230 0.11 14.01 46.78
CA VAL D 230 -1.17 13.55 46.28
C VAL D 230 -2.24 14.14 47.17
N LYS D 231 -3.03 15.07 46.64
CA LYS D 231 -3.98 15.75 47.50
C LYS D 231 -5.19 16.18 46.69
N LYS D 232 -6.32 16.33 47.37
CA LYS D 232 -7.56 16.81 46.77
C LYS D 232 -7.65 18.30 47.05
N THR D 233 -7.01 19.10 46.19
CA THR D 233 -7.07 20.54 46.32
C THR D 233 -8.40 21.03 45.75
N THR D 234 -8.53 22.34 45.56
CA THR D 234 -9.72 22.90 44.94
C THR D 234 -9.28 23.65 43.70
N THR D 235 -9.63 23.13 42.55
CA THR D 235 -9.38 23.82 41.29
C THR D 235 -10.12 25.16 41.29
N PRO D 236 -9.49 26.23 40.81
CA PRO D 236 -10.18 27.53 40.81
C PRO D 236 -11.48 27.54 40.04
N GLU D 237 -11.60 26.77 38.95
CA GLU D 237 -12.76 26.85 38.06
C GLU D 237 -13.35 25.48 37.77
N GLY D 238 -13.56 24.69 38.82
CA GLY D 238 -14.38 23.49 38.70
C GLY D 238 -13.74 22.28 38.07
N GLU D 239 -12.51 22.38 37.58
CA GLU D 239 -11.77 21.20 37.11
C GLU D 239 -11.21 20.47 38.33
N VAL D 240 -12.11 20.11 39.23
CA VAL D 240 -11.71 19.42 40.44
C VAL D 240 -11.17 18.05 40.04
N VAL D 241 -9.87 17.86 40.18
CA VAL D 241 -9.25 16.56 39.94
C VAL D 241 -8.86 16.00 41.31
N PRO D 242 -9.44 14.89 41.74
CA PRO D 242 -9.34 14.53 43.15
C PRO D 242 -7.94 14.16 43.57
N ILE D 243 -7.29 13.26 42.84
CA ILE D 243 -5.96 12.78 43.21
C ILE D 243 -4.97 13.66 42.46
N HIS D 244 -4.65 14.82 43.03
CA HIS D 244 -3.79 15.78 42.36
C HIS D 244 -2.35 15.48 42.74
N GLN D 245 -1.54 15.16 41.74
CA GLN D 245 -0.12 14.88 41.92
C GLN D 245 0.69 16.13 41.60
N GLN D 246 1.34 16.71 42.61
CA GLN D 246 2.13 17.91 42.42
C GLN D 246 3.58 17.60 42.77
N ASP D 247 4.48 17.83 41.83
CA ASP D 247 5.89 17.55 42.04
C ASP D 247 6.50 18.57 43.00
N ILE D 248 7.52 18.15 43.74
CA ILE D 248 8.15 19.04 44.71
C ILE D 248 9.66 19.03 44.47
N PRO D 249 10.36 20.15 44.71
CA PRO D 249 11.80 20.16 44.45
C PRO D 249 12.66 19.68 45.60
N VAL D 250 13.46 18.63 45.39
CA VAL D 250 14.45 18.23 46.39
C VAL D 250 15.54 19.28 46.39
N ASP D 251 16.43 19.21 47.36
CA ASP D 251 17.43 20.26 47.57
C ASP D 251 18.82 19.72 47.34
N ASN D 252 19.60 20.45 46.56
CA ASN D 252 21.03 20.29 46.32
C ASN D 252 21.50 21.57 45.67
N PRO D 253 22.57 22.17 46.13
CA PRO D 253 22.90 23.53 45.73
C PRO D 253 23.21 23.72 44.25
N ILE D 254 23.09 22.66 43.45
CA ILE D 254 23.20 22.79 42.01
C ILE D 254 21.85 22.78 41.33
N GLU D 255 20.75 22.70 42.10
CA GLU D 255 19.40 22.62 41.56
C GLU D 255 19.28 21.44 40.61
N SER D 256 19.76 20.28 41.05
CA SER D 256 19.65 19.07 40.27
C SER D 256 19.41 17.90 41.21
N ASN D 257 18.53 16.99 40.80
CA ASN D 257 18.00 16.02 41.73
C ASN D 257 18.98 14.92 42.07
N ASN D 258 19.86 14.55 41.13
CA ASN D 258 20.71 13.37 41.31
C ASN D 258 21.38 13.35 42.67
N ILE D 259 21.49 12.16 43.26
CA ILE D 259 22.00 11.99 44.61
C ILE D 259 22.92 10.76 44.64
N PHE D 260 23.95 10.84 45.46
CA PHE D 260 24.90 9.74 45.63
C PHE D 260 24.52 8.95 46.88
N LEU D 261 24.42 7.63 46.74
CA LEU D 261 23.97 6.73 47.81
C LEU D 261 25.12 5.83 48.22
N VAL D 262 25.76 6.14 49.34
CA VAL D 262 26.80 5.26 49.87
C VAL D 262 26.40 4.85 51.27
N ALA D 263 26.30 5.82 52.15
CA ALA D 263 25.82 5.65 53.51
C ALA D 263 24.36 6.04 53.59
N PRO D 264 23.71 5.79 54.71
CA PRO D 264 22.34 6.27 54.88
C PRO D 264 22.26 7.78 54.70
N LEU D 265 21.24 8.22 53.98
CA LEU D 265 21.12 9.64 53.65
C LEU D 265 19.83 10.21 54.21
N ILE D 266 19.88 11.51 54.50
CA ILE D 266 18.70 12.27 54.88
C ILE D 266 18.34 13.12 53.67
N ILE D 267 17.28 12.75 52.99
CA ILE D 267 16.75 13.57 51.91
C ILE D 267 15.82 14.62 52.49
N CYS D 268 15.79 15.80 51.88
CA CYS D 268 15.06 16.91 52.45
C CYS D 268 14.41 17.70 51.34
N HIS D 269 13.37 18.42 51.72
CA HIS D 269 12.58 19.22 50.80
C HIS D 269 12.17 20.47 51.55
N VAL D 270 12.52 21.62 51.03
CA VAL D 270 12.33 22.87 51.72
C VAL D 270 10.90 23.36 51.54
N ILE D 271 10.38 24.04 52.56
CA ILE D 271 9.06 24.65 52.48
C ILE D 271 9.19 25.98 51.75
N ASP D 272 8.50 26.13 50.64
CA ASP D 272 8.71 27.26 49.74
C ASP D 272 7.37 27.84 49.34
N LYS D 273 7.43 28.88 48.50
CA LYS D 273 6.22 29.47 47.94
C LYS D 273 5.42 28.46 47.14
N ARG D 274 6.06 27.39 46.68
CA ARG D 274 5.43 26.39 45.83
C ARG D 274 4.99 25.14 46.58
N SER D 275 5.45 24.96 47.82
CA SER D 275 5.19 23.70 48.51
C SER D 275 3.71 23.58 48.86
N PRO D 276 3.15 22.39 48.74
CA PRO D 276 1.79 22.18 49.23
C PRO D 276 1.68 22.27 50.74
N LEU D 277 2.76 21.98 51.44
CA LEU D 277 2.77 22.02 52.89
C LEU D 277 2.87 23.42 53.47
N TYR D 278 2.67 24.48 52.68
CA TYR D 278 2.89 25.82 53.18
C TYR D 278 1.90 26.22 54.26
N ASP D 279 0.78 25.51 54.39
CA ASP D 279 -0.25 25.82 55.38
C ASP D 279 -0.33 24.78 56.51
N ILE D 280 0.71 23.99 56.70
CA ILE D 280 0.71 22.92 57.68
C ILE D 280 0.98 23.49 59.06
N SER D 281 0.19 23.09 60.03
CA SER D 281 0.14 23.71 61.34
C SER D 281 0.58 22.73 62.43
N ALA D 282 0.42 23.14 63.68
CA ALA D 282 0.82 22.29 64.80
C ALA D 282 -0.28 21.28 65.13
N THR D 283 -1.41 21.75 65.64
CA THR D 283 -2.47 20.84 66.04
C THR D 283 -3.22 20.30 64.83
N ASP D 284 -3.28 21.09 63.75
CA ASP D 284 -4.03 20.73 62.55
C ASP D 284 -3.41 19.54 61.82
N LEU D 285 -2.36 18.94 62.37
CA LEU D 285 -1.76 17.79 61.71
C LEU D 285 -2.67 16.57 61.76
N VAL D 286 -3.52 16.46 62.77
CA VAL D 286 -4.24 15.20 62.99
C VAL D 286 -5.18 14.89 61.83
N ASN D 287 -5.81 15.90 61.26
CA ASN D 287 -6.96 15.64 60.40
C ASN D 287 -6.73 16.13 58.99
N GLN D 288 -5.60 15.79 58.41
CA GLN D 288 -5.24 16.29 57.10
C GLN D 288 -5.61 15.30 56.01
N ASP D 289 -6.07 15.83 54.88
CA ASP D 289 -6.27 15.03 53.68
C ASP D 289 -5.01 15.08 52.80
N LEU D 290 -3.92 14.59 53.39
CA LEU D 290 -2.60 14.74 52.81
C LEU D 290 -1.98 13.38 52.50
N GLU D 291 -0.93 13.41 51.68
CA GLU D 291 -0.14 12.22 51.37
C GLU D 291 1.09 12.65 50.58
N VAL D 292 2.21 11.96 50.80
CA VAL D 292 3.48 12.27 50.12
C VAL D 292 4.05 11.00 49.55
N ILE D 293 4.34 11.01 48.25
CA ILE D 293 4.79 9.85 47.49
C ILE D 293 6.27 10.03 47.16
N VAL D 294 7.09 9.00 47.43
CA VAL D 294 8.52 9.08 47.14
C VAL D 294 8.90 8.06 46.09
N ILE D 295 9.56 8.53 45.03
CA ILE D 295 10.02 7.68 43.94
C ILE D 295 11.52 7.84 43.78
N LEU D 296 12.23 6.75 43.55
CA LEU D 296 13.68 6.78 43.46
C LEU D 296 14.13 5.89 42.31
N GLU D 297 14.74 6.48 41.30
CA GLU D 297 15.10 5.70 40.12
C GLU D 297 16.61 5.58 40.01
N GLY D 298 17.05 4.56 39.29
CA GLY D 298 18.47 4.34 39.09
C GLY D 298 18.72 3.03 38.40
N VAL D 299 20.00 2.73 38.23
CA VAL D 299 20.43 1.49 37.61
C VAL D 299 21.43 0.79 38.52
N VAL D 300 21.41 -0.53 38.49
CA VAL D 300 22.34 -1.33 39.27
C VAL D 300 23.72 -1.25 38.64
N GLU D 301 24.76 -1.23 39.49
CA GLU D 301 26.12 -1.17 38.96
C GLU D 301 26.51 -2.46 38.27
N THR D 302 26.11 -3.61 38.81
CA THR D 302 26.58 -4.90 38.30
C THR D 302 25.64 -5.51 37.26
N THR D 303 24.38 -5.73 37.63
CA THR D 303 23.47 -6.42 36.74
C THR D 303 23.00 -5.54 35.58
N GLY D 304 23.03 -4.23 35.74
CA GLY D 304 22.67 -3.37 34.63
C GLY D 304 21.22 -3.43 34.23
N ILE D 305 20.30 -3.47 35.19
CA ILE D 305 18.86 -3.39 34.93
C ILE D 305 18.27 -2.34 35.86
N THR D 306 17.43 -1.46 35.32
CA THR D 306 16.93 -0.32 36.07
C THR D 306 16.01 -0.77 37.21
N THR D 307 16.06 -0.05 38.32
CA THR D 307 15.20 -0.37 39.46
C THR D 307 14.36 0.83 39.85
N GLN D 308 13.50 0.62 40.84
CA GLN D 308 12.69 1.68 41.42
C GLN D 308 12.02 1.20 42.68
N ALA D 309 12.16 1.91 43.79
CA ALA D 309 11.45 1.57 45.02
C ALA D 309 10.44 2.68 45.31
N ARG D 310 9.34 2.33 45.97
CA ARG D 310 8.32 3.32 46.22
C ARG D 310 7.80 3.23 47.65
N THR D 311 7.32 4.36 48.16
CA THR D 311 6.70 4.39 49.47
C THR D 311 5.85 5.65 49.59
N SER D 312 5.06 5.69 50.66
CA SER D 312 4.09 6.75 50.90
C SER D 312 4.14 7.13 52.37
N TYR D 313 3.82 8.39 52.64
CA TYR D 313 3.73 8.92 53.98
C TYR D 313 2.43 9.71 54.14
N ILE D 314 1.79 9.60 55.31
CA ILE D 314 0.53 10.30 55.56
C ILE D 314 0.53 10.86 56.98
N ALA D 315 -0.46 11.71 57.24
CA ALA D 315 -0.53 12.51 58.46
C ALA D 315 -0.66 11.69 59.72
N GLU D 316 -0.76 10.37 59.61
CA GLU D 316 -0.56 9.51 60.76
C GLU D 316 0.89 9.09 60.93
N GLU D 317 1.74 9.39 59.95
CA GLU D 317 3.16 9.11 60.05
C GLU D 317 3.97 10.31 60.52
N ILE D 318 3.54 11.52 60.21
CA ILE D 318 4.36 12.70 60.41
C ILE D 318 4.54 12.91 61.91
N GLN D 319 5.75 12.68 62.39
CA GLN D 319 6.11 13.03 63.76
C GLN D 319 6.71 14.43 63.79
N TRP D 320 5.82 15.42 63.68
CA TRP D 320 6.21 16.82 63.66
C TRP D 320 7.12 17.16 64.83
N GLY D 321 7.92 18.21 64.71
CA GLY D 321 8.81 18.59 65.78
C GLY D 321 9.98 17.66 66.00
N HIS D 322 9.96 16.48 65.41
CA HIS D 322 11.06 15.54 65.50
C HIS D 322 12.12 15.84 64.46
N ARG D 323 13.36 15.46 64.78
CA ARG D 323 14.45 15.49 63.83
C ARG D 323 15.23 14.20 63.97
N PHE D 324 15.83 13.77 62.87
CA PHE D 324 16.44 12.46 62.89
C PHE D 324 17.69 12.49 63.76
N VAL D 325 18.26 11.31 64.00
CA VAL D 325 19.38 11.16 64.92
C VAL D 325 20.66 10.91 64.13
N SER D 326 21.78 11.34 64.69
CA SER D 326 23.07 11.22 64.01
C SER D 326 23.52 9.78 64.03
N ILE D 327 23.89 9.25 62.87
CA ILE D 327 24.32 7.86 62.80
C ILE D 327 25.83 7.76 62.76
N VAL D 328 26.42 8.29 61.68
CA VAL D 328 27.77 7.88 61.30
C VAL D 328 28.79 8.28 62.37
N THR D 329 29.74 7.38 62.63
CA THR D 329 30.71 7.59 63.69
C THR D 329 32.12 7.27 63.19
N GLU D 330 33.08 8.01 63.73
CA GLU D 330 34.48 7.90 63.38
C GLU D 330 35.20 7.08 64.44
N GLU D 331 35.93 6.04 64.03
CA GLU D 331 36.51 5.11 64.99
C GLU D 331 37.64 4.35 64.33
N GLU D 332 38.77 4.26 65.04
CA GLU D 332 39.93 3.51 64.59
C GLU D 332 40.39 3.97 63.21
N GLY D 333 40.21 5.24 62.92
CA GLY D 333 40.56 5.77 61.61
C GLY D 333 39.72 5.26 60.47
N VAL D 334 38.45 4.94 60.71
CA VAL D 334 37.51 4.62 59.64
C VAL D 334 36.10 4.97 60.12
N TYR D 335 35.21 5.16 59.17
CA TYR D 335 33.82 5.47 59.45
C TYR D 335 32.98 4.21 59.68
N SER D 336 31.86 4.40 60.38
CA SER D 336 30.94 3.32 60.70
C SER D 336 29.53 3.86 60.76
N VAL D 337 28.56 2.99 60.51
CA VAL D 337 27.15 3.35 60.56
C VAL D 337 26.43 2.42 61.52
N ASP D 338 25.57 2.99 62.36
CA ASP D 338 24.83 2.25 63.37
C ASP D 338 23.42 1.98 62.86
N TYR D 339 23.24 0.85 62.15
CA TYR D 339 21.91 0.55 61.65
C TYR D 339 20.92 0.23 62.76
N SER D 340 21.36 0.21 64.01
CA SER D 340 20.40 0.02 65.08
C SER D 340 19.59 1.29 65.33
N LYS D 341 20.20 2.44 65.09
CA LYS D 341 19.53 3.71 65.32
C LYS D 341 18.84 4.25 64.07
N PHE D 342 18.77 3.47 63.00
CA PHE D 342 18.26 3.98 61.73
C PHE D 342 16.94 4.70 61.92
N GLY D 343 16.05 4.14 62.73
CA GLY D 343 14.70 4.66 62.82
C GLY D 343 14.40 5.62 63.94
N ASN D 344 15.29 5.72 64.93
CA ASN D 344 15.02 6.60 66.05
C ASN D 344 15.03 8.06 65.60
N THR D 345 14.32 8.89 66.36
CA THR D 345 14.11 10.28 66.02
C THR D 345 13.79 11.03 67.29
N VAL D 346 14.49 12.13 67.57
CA VAL D 346 14.25 12.82 68.82
C VAL D 346 13.32 14.00 68.57
N ARG D 347 12.68 14.44 69.64
CA ARG D 347 11.78 15.58 69.62
C ARG D 347 12.52 16.81 70.10
N VAL D 348 12.68 17.81 69.23
CA VAL D 348 13.45 19.00 69.54
C VAL D 348 12.64 20.23 69.15
N ALA D 349 12.84 21.31 69.92
CA ALA D 349 11.96 22.48 69.86
C ALA D 349 11.91 23.09 68.47
N ALA D 350 10.70 23.39 68.03
CA ALA D 350 10.44 24.09 66.78
C ALA D 350 9.29 25.05 67.03
N PRO D 351 9.12 26.06 66.18
CA PRO D 351 7.97 26.96 66.34
C PRO D 351 6.67 26.29 65.90
N ARG D 352 5.66 26.39 66.76
CA ARG D 352 4.41 25.65 66.59
C ARG D 352 3.35 26.53 65.94
N CYS D 353 3.53 26.79 64.65
CA CYS D 353 2.51 27.45 63.86
C CYS D 353 2.83 27.25 62.39
N SER D 354 1.91 27.70 61.54
CA SER D 354 1.99 27.40 60.12
C SER D 354 3.24 28.00 59.49
N ALA D 355 3.67 27.41 58.38
CA ALA D 355 4.83 27.93 57.69
C ALA D 355 4.58 29.36 57.22
N ARG D 356 3.40 29.61 56.67
CA ARG D 356 3.09 30.98 56.25
C ARG D 356 3.02 31.90 57.46
N GLU D 357 2.51 31.38 58.57
CA GLU D 357 2.37 32.19 59.78
C GLU D 357 3.73 32.64 60.30
N LEU D 358 4.63 31.69 60.61
CA LEU D 358 5.92 32.10 61.12
C LEU D 358 6.70 32.92 60.10
N ASP D 359 6.69 32.49 58.84
CA ASP D 359 7.56 33.12 57.86
C ASP D 359 7.12 34.53 57.56
N GLU D 360 5.81 34.79 57.57
CA GLU D 360 5.33 36.14 57.28
C GLU D 360 5.85 37.13 58.30
N LYS D 361 6.12 36.70 59.53
CA LYS D 361 6.74 37.54 60.56
C LYS D 361 7.89 36.77 61.21
N PRO D 362 9.11 36.88 60.67
CA PRO D 362 10.25 36.15 61.28
C PRO D 362 10.50 36.56 62.72
N SER D 363 10.42 37.86 63.02
CA SER D 363 10.57 38.33 64.38
C SER D 363 9.57 39.42 64.76
N ILE D 364 8.87 40.03 63.81
CA ILE D 364 7.96 41.13 64.13
C ILE D 364 6.80 40.61 64.96
N LEU D 365 6.20 39.50 64.54
CA LEU D 365 5.07 38.91 65.25
C LEU D 365 5.37 37.44 65.54
N ILE D 366 6.66 37.12 65.69
CA ILE D 366 7.06 35.74 65.90
C ILE D 366 6.35 35.14 67.12
N GLN D 367 6.05 33.85 67.03
CA GLN D 367 5.39 33.12 68.09
C GLN D 367 6.09 31.79 68.31
N THR D 368 6.07 31.32 69.55
CA THR D 368 6.70 30.06 69.91
C THR D 368 5.69 29.08 70.48
N MET E 1 7.55 -57.33 -6.14
CA MET E 1 8.55 -57.39 -5.07
C MET E 1 8.71 -56.02 -4.40
N SER E 2 9.94 -55.54 -4.34
CA SER E 2 10.23 -54.23 -3.77
C SER E 2 9.79 -53.11 -4.73
N LEU E 3 10.12 -51.88 -4.37
CA LEU E 3 9.86 -50.71 -5.21
C LEU E 3 11.22 -50.22 -5.71
N SER E 4 11.66 -50.78 -6.83
CA SER E 4 13.04 -50.67 -7.26
C SER E 4 13.31 -49.36 -8.00
N PHE E 5 14.60 -49.13 -8.28
CA PHE E 5 15.03 -48.09 -9.21
C PHE E 5 15.93 -48.64 -10.30
N CYS E 6 16.15 -49.95 -10.33
CA CYS E 6 16.67 -50.61 -11.52
C CYS E 6 16.04 -51.98 -11.71
N GLY E 7 14.88 -52.22 -11.14
CA GLY E 7 14.12 -53.43 -11.39
C GLY E 7 14.31 -54.48 -10.32
N ASN E 8 13.65 -55.61 -10.54
CA ASN E 8 13.73 -56.75 -9.65
C ASN E 8 14.81 -57.74 -10.05
N ASN E 9 15.60 -57.44 -11.07
CA ASN E 9 16.58 -58.37 -11.62
C ASN E 9 17.97 -58.03 -11.10
N ILE E 10 18.71 -59.06 -10.68
CA ILE E 10 19.96 -58.83 -9.96
C ILE E 10 20.99 -58.14 -10.84
N SER E 11 21.16 -58.63 -12.06
CA SER E 11 22.22 -58.14 -12.93
C SER E 11 22.04 -56.70 -13.38
N SER E 12 20.98 -56.00 -12.97
CA SER E 12 20.79 -54.62 -13.40
C SER E 12 21.50 -53.59 -12.52
N TYR E 13 22.09 -53.97 -11.39
CA TYR E 13 22.74 -53.00 -10.53
C TYR E 13 24.25 -53.18 -10.46
N ASN E 14 24.82 -54.08 -11.25
CA ASN E 14 26.24 -54.36 -11.17
C ASN E 14 27.06 -53.16 -11.60
N ILE E 15 28.32 -53.12 -11.14
CA ILE E 15 29.22 -52.01 -11.41
C ILE E 15 30.51 -52.46 -12.06
N TYR E 16 30.59 -53.71 -12.51
CA TYR E 16 31.75 -54.14 -13.27
C TYR E 16 31.72 -53.54 -14.67
N HIS E 17 32.90 -53.45 -15.29
CA HIS E 17 33.04 -52.97 -16.66
C HIS E 17 32.42 -51.59 -16.83
N GLY E 18 32.79 -50.67 -15.94
CA GLY E 18 32.49 -49.25 -16.09
C GLY E 18 31.45 -48.70 -15.13
N VAL E 19 31.93 -48.02 -14.08
CA VAL E 19 31.02 -47.52 -13.05
C VAL E 19 30.12 -46.44 -13.61
N LEU E 20 30.64 -45.61 -14.52
CA LEU E 20 29.81 -44.71 -15.31
C LEU E 20 29.30 -45.35 -16.59
N GLN E 21 29.61 -46.62 -16.83
CA GLN E 21 29.20 -47.32 -18.04
C GLN E 21 28.05 -48.29 -17.81
N ASN E 22 27.37 -48.20 -16.67
CA ASN E 22 26.16 -48.98 -16.41
C ASN E 22 24.98 -48.03 -16.36
N PRO E 23 23.94 -48.24 -17.18
CA PRO E 23 22.96 -47.16 -17.39
C PRO E 23 22.31 -46.64 -16.12
N CYS E 24 22.01 -47.53 -15.18
CA CYS E 24 21.34 -47.08 -13.95
C CYS E 24 22.18 -46.09 -13.17
N PHE E 25 23.50 -46.27 -13.17
CA PHE E 25 24.35 -45.33 -12.44
C PHE E 25 24.33 -43.97 -13.12
N VAL E 26 24.28 -43.95 -14.45
CA VAL E 26 24.19 -42.67 -15.14
C VAL E 26 22.87 -42.01 -14.80
N ASP E 27 21.82 -42.80 -14.65
CA ASP E 27 20.54 -42.24 -14.24
C ASP E 27 20.60 -41.60 -12.86
N ALA E 28 21.24 -42.28 -11.91
CA ALA E 28 21.36 -41.68 -10.58
C ALA E 28 22.19 -40.40 -10.63
N LEU E 29 23.32 -40.43 -11.34
CA LEU E 29 24.14 -39.23 -11.41
C LEU E 29 23.37 -38.09 -12.06
N ASN E 30 22.44 -38.40 -12.95
CA ASN E 30 21.58 -37.35 -13.47
C ASN E 30 20.61 -36.87 -12.39
N LEU E 31 20.17 -37.78 -11.52
CA LEU E 31 19.25 -37.41 -10.45
C LEU E 31 19.91 -36.47 -9.45
N VAL E 32 21.23 -36.53 -9.34
CA VAL E 32 21.91 -35.77 -8.28
C VAL E 32 21.74 -34.27 -8.45
N PRO E 33 22.02 -33.67 -9.61
CA PRO E 33 21.97 -32.21 -9.67
C PRO E 33 20.61 -31.62 -9.34
N HIS E 34 19.53 -32.30 -9.73
CA HIS E 34 18.20 -31.77 -9.47
C HIS E 34 17.91 -31.68 -7.98
N VAL E 35 18.20 -32.76 -7.25
CA VAL E 35 17.93 -32.73 -5.82
C VAL E 35 18.86 -31.75 -5.13
N PHE E 36 20.10 -31.63 -5.61
CA PHE E 36 21.00 -30.65 -5.01
C PHE E 36 20.44 -29.23 -5.14
N LEU E 37 19.96 -28.88 -6.33
CA LEU E 37 19.38 -27.56 -6.51
C LEU E 37 18.16 -27.37 -5.61
N LEU E 38 17.30 -28.39 -5.55
CA LEU E 38 16.09 -28.27 -4.75
C LEU E 38 16.41 -28.06 -3.27
N PHE E 39 17.38 -28.82 -2.74
CA PHE E 39 17.68 -28.71 -1.32
C PHE E 39 18.43 -27.43 -0.99
N ILE E 40 19.19 -26.88 -1.94
CA ILE E 40 19.80 -25.58 -1.70
C ILE E 40 18.74 -24.47 -1.75
N THR E 41 17.75 -24.59 -2.63
CA THR E 41 16.89 -23.45 -2.92
C THR E 41 15.56 -23.42 -2.17
N PHE E 42 15.02 -24.56 -1.71
CA PHE E 42 13.76 -24.48 -0.96
C PHE E 42 13.93 -23.79 0.39
N PRO E 43 14.89 -24.16 1.25
CA PRO E 43 15.07 -23.39 2.49
C PRO E 43 15.44 -21.93 2.24
N ILE E 44 16.32 -21.67 1.26
CA ILE E 44 16.77 -20.30 1.01
C ILE E 44 15.60 -19.42 0.63
N LEU E 45 14.71 -19.92 -0.23
CA LEU E 45 13.54 -19.13 -0.60
C LEU E 45 12.57 -19.01 0.57
N PHE E 46 12.42 -20.07 1.37
CA PHE E 46 11.47 -20.02 2.46
C PHE E 46 11.88 -19.02 3.54
N ILE E 47 13.18 -18.87 3.78
CA ILE E 47 13.68 -18.05 4.88
C ILE E 47 13.34 -16.56 4.73
N GLY E 48 12.73 -16.17 3.62
CA GLY E 48 12.33 -14.79 3.43
C GLY E 48 13.49 -13.85 3.24
N TRP E 49 13.23 -12.68 2.66
CA TRP E 49 14.29 -11.72 2.37
C TRP E 49 13.86 -10.28 2.65
N GLY E 50 12.85 -10.10 3.50
CA GLY E 50 12.13 -8.86 3.64
C GLY E 50 12.59 -7.89 4.72
N SER E 51 13.73 -8.15 5.37
CA SER E 51 14.16 -7.29 6.45
C SER E 51 14.32 -5.85 5.96
N GLN E 52 13.54 -4.95 6.54
CA GLN E 52 13.62 -3.55 6.14
C GLN E 52 14.89 -2.93 6.69
N SER E 53 15.95 -2.95 5.89
CA SER E 53 17.23 -2.40 6.31
C SER E 53 17.28 -0.89 6.23
N SER E 54 16.24 -0.26 5.70
CA SER E 54 16.18 1.20 5.58
C SER E 54 14.72 1.60 5.44
N LYS E 55 14.48 2.87 5.15
CA LYS E 55 13.12 3.36 4.92
C LYS E 55 12.62 2.79 3.59
N VAL E 56 11.81 1.73 3.66
CA VAL E 56 11.38 0.98 2.49
C VAL E 56 9.87 1.11 2.26
N GLN E 57 9.24 2.14 2.83
CA GLN E 57 7.79 2.30 2.68
C GLN E 57 7.39 2.61 1.24
N ILE E 58 8.30 3.13 0.42
CA ILE E 58 8.00 3.43 -0.98
C ILE E 58 9.09 2.88 -1.89
N HIS E 59 9.97 2.04 -1.34
CA HIS E 59 11.05 1.46 -2.13
C HIS E 59 10.67 0.12 -2.77
N HIS E 60 9.66 -0.57 -2.23
CA HIS E 60 9.21 -1.85 -2.79
C HIS E 60 8.50 -1.71 -4.12
N ASN E 61 8.12 -0.49 -4.51
CA ASN E 61 7.39 -0.27 -5.75
C ASN E 61 8.28 -0.31 -6.98
N THR E 62 9.58 -0.52 -6.84
CA THR E 62 10.49 -0.52 -7.97
C THR E 62 11.25 -1.84 -8.04
N TRP E 63 11.36 -2.37 -9.25
CA TRP E 63 12.17 -3.55 -9.53
C TRP E 63 12.48 -3.58 -11.01
N LEU E 64 13.74 -3.84 -11.34
CA LEU E 64 14.18 -3.79 -12.73
C LEU E 64 14.54 -5.20 -13.18
N HIS E 65 13.86 -5.68 -14.22
CA HIS E 65 14.12 -7.02 -14.73
C HIS E 65 15.58 -7.17 -15.11
N PHE E 66 16.12 -8.37 -14.89
CA PHE E 66 17.52 -8.62 -15.15
C PHE E 66 17.80 -8.55 -16.65
N PRO E 67 19.08 -8.53 -17.04
CA PRO E 67 19.41 -8.28 -18.46
C PRO E 67 18.67 -9.14 -19.46
N GLY E 68 18.80 -10.46 -19.35
CA GLY E 68 18.11 -11.34 -20.26
C GLY E 68 16.81 -11.84 -19.67
N HIS E 69 15.68 -11.37 -20.18
CA HIS E 69 14.39 -11.66 -19.54
C HIS E 69 13.57 -12.66 -20.32
N ASN E 70 13.28 -12.39 -21.60
CA ASN E 70 12.30 -13.21 -22.30
C ASN E 70 12.84 -14.58 -22.66
N LEU E 71 14.11 -14.66 -23.08
CA LEU E 71 14.68 -15.94 -23.46
C LEU E 71 14.73 -16.89 -22.28
N ARG E 72 15.04 -16.38 -21.09
CA ARG E 72 15.08 -17.24 -19.91
C ARG E 72 13.71 -17.84 -19.60
N TRP E 73 12.67 -17.01 -19.58
CA TRP E 73 11.35 -17.54 -19.24
C TRP E 73 10.85 -18.50 -20.31
N ILE E 74 11.01 -18.15 -21.59
CA ILE E 74 10.50 -19.02 -22.65
C ILE E 74 11.27 -20.33 -22.70
N LEU E 75 12.59 -20.27 -22.54
CA LEU E 75 13.37 -21.50 -22.55
C LEU E 75 13.04 -22.36 -21.34
N THR E 76 12.86 -21.74 -20.17
CA THR E 76 12.54 -22.55 -19.00
C THR E 76 11.19 -23.23 -19.18
N PHE E 77 10.24 -22.55 -19.81
CA PHE E 77 8.96 -23.20 -20.09
C PHE E 77 9.16 -24.35 -21.08
N ALA E 78 10.04 -24.16 -22.06
CA ALA E 78 10.32 -25.25 -22.99
C ALA E 78 10.92 -26.44 -22.27
N LEU E 79 11.78 -26.18 -21.30
CA LEU E 79 12.37 -27.28 -20.53
C LEU E 79 11.29 -27.99 -19.73
N LEU E 80 10.36 -27.23 -19.15
CA LEU E 80 9.26 -27.87 -18.45
C LEU E 80 8.49 -28.80 -19.39
N PHE E 81 8.20 -28.33 -20.61
CA PHE E 81 7.45 -29.16 -21.55
C PHE E 81 8.23 -30.41 -21.96
N VAL E 82 9.52 -30.25 -22.28
CA VAL E 82 10.31 -31.40 -22.71
C VAL E 82 10.40 -32.42 -21.59
N HIS E 83 10.53 -31.95 -20.35
CA HIS E 83 10.58 -32.88 -19.23
C HIS E 83 9.23 -33.56 -19.06
N VAL E 84 8.14 -32.85 -19.30
CA VAL E 84 6.83 -33.50 -19.27
C VAL E 84 6.78 -34.61 -20.30
N CYS E 85 7.30 -34.36 -21.49
CA CYS E 85 7.32 -35.39 -22.52
C CYS E 85 8.13 -36.59 -22.08
N GLU E 86 9.28 -36.35 -21.45
CA GLU E 86 10.11 -37.47 -21.03
C GLU E 86 9.41 -38.26 -19.93
N ILE E 87 8.79 -37.58 -18.98
CA ILE E 87 8.00 -38.24 -17.94
C ILE E 87 6.95 -39.12 -18.60
N ALA E 88 6.23 -38.58 -19.58
CA ALA E 88 5.17 -39.34 -20.22
C ALA E 88 5.72 -40.59 -20.89
N GLU E 89 6.82 -40.44 -21.62
CA GLU E 89 7.38 -41.60 -22.32
C GLU E 89 7.82 -42.65 -21.32
N GLY E 90 8.45 -42.21 -20.24
CA GLY E 90 8.88 -43.15 -19.22
C GLY E 90 7.70 -43.88 -18.59
N ILE E 91 6.64 -43.15 -18.26
CA ILE E 91 5.50 -43.80 -17.63
C ILE E 91 4.92 -44.84 -18.58
N VAL E 92 4.78 -44.49 -19.86
CA VAL E 92 4.22 -45.44 -20.82
C VAL E 92 5.11 -46.67 -20.92
N SER E 93 6.43 -46.46 -21.03
CA SER E 93 7.32 -47.60 -21.16
C SER E 93 7.23 -48.50 -19.95
N ASP E 94 7.16 -47.91 -18.75
CA ASP E 94 7.06 -48.75 -17.57
C ASP E 94 5.74 -49.49 -17.58
N SER E 95 4.70 -48.84 -18.10
CA SER E 95 3.39 -49.44 -18.17
C SER E 95 3.33 -50.57 -19.19
N GLN E 96 4.33 -50.69 -20.05
CA GLN E 96 4.42 -51.79 -21.01
C GLN E 96 5.27 -52.95 -20.52
N ARG E 97 5.69 -52.95 -19.26
CA ARG E 97 6.62 -53.95 -18.75
C ARG E 97 5.97 -54.72 -17.61
N ALA E 98 6.76 -55.58 -16.98
CA ALA E 98 6.27 -56.46 -15.91
C ALA E 98 6.50 -55.85 -14.53
N SER E 99 7.75 -55.57 -14.21
CA SER E 99 8.08 -54.97 -12.92
C SER E 99 7.80 -53.47 -13.00
N ARG E 100 8.29 -52.71 -12.02
CA ARG E 100 8.04 -51.28 -12.02
C ARG E 100 9.33 -50.48 -12.16
N HIS E 101 10.18 -50.87 -13.12
CA HIS E 101 11.48 -50.25 -13.29
C HIS E 101 11.35 -48.74 -13.33
N LEU E 102 11.91 -48.06 -12.33
CA LEU E 102 11.72 -46.64 -12.10
C LEU E 102 12.76 -45.75 -12.78
N HIS E 103 13.78 -46.30 -13.44
CA HIS E 103 14.83 -45.44 -13.98
C HIS E 103 14.40 -44.72 -15.25
N LEU E 104 13.23 -45.04 -15.78
CA LEU E 104 12.70 -44.33 -16.93
C LEU E 104 11.88 -43.12 -16.55
N PHE E 105 11.33 -43.09 -15.34
CA PHE E 105 10.31 -42.11 -14.97
C PHE E 105 10.75 -41.16 -13.87
N MET E 106 11.20 -41.68 -12.73
CA MET E 106 11.44 -40.82 -11.57
C MET E 106 12.45 -39.70 -11.84
N PRO E 107 13.56 -39.93 -12.54
CA PRO E 107 14.44 -38.79 -12.84
C PRO E 107 13.72 -37.66 -13.55
N ALA E 108 12.77 -37.98 -14.44
CA ALA E 108 12.08 -36.92 -15.16
C ALA E 108 11.17 -36.12 -14.25
N VAL E 109 10.49 -36.78 -13.32
CA VAL E 109 9.62 -36.04 -12.41
C VAL E 109 10.45 -35.15 -11.51
N MET E 110 11.58 -35.67 -11.02
CA MET E 110 12.46 -34.83 -10.22
C MET E 110 12.93 -33.63 -11.02
N GLY E 111 13.23 -33.83 -12.29
CA GLY E 111 13.62 -32.71 -13.12
C GLY E 111 12.50 -31.69 -13.29
N PHE E 112 11.27 -32.17 -13.38
CA PHE E 112 10.14 -31.25 -13.49
C PHE E 112 10.07 -30.36 -12.27
N VAL E 113 10.13 -30.98 -11.09
CA VAL E 113 10.02 -30.18 -9.89
C VAL E 113 11.20 -29.23 -9.79
N ALA E 114 12.37 -29.67 -10.24
CA ALA E 114 13.55 -28.82 -10.13
C ALA E 114 13.45 -27.63 -11.07
N THR E 115 12.93 -27.81 -12.27
CA THR E 115 12.81 -26.68 -13.19
C THR E 115 11.78 -25.68 -12.69
N THR E 116 10.65 -26.18 -12.19
CA THR E 116 9.68 -25.27 -11.61
C THR E 116 10.32 -24.45 -10.49
N THR E 117 11.05 -25.12 -9.59
CA THR E 117 11.68 -24.39 -8.51
C THR E 117 12.74 -23.42 -9.01
N SER E 118 13.40 -23.75 -10.13
CA SER E 118 14.36 -22.82 -10.70
C SER E 118 13.67 -21.53 -11.12
N ILE E 119 12.51 -21.64 -11.74
CA ILE E 119 11.84 -20.42 -12.17
C ILE E 119 11.35 -19.67 -10.94
N VAL E 120 10.97 -20.39 -9.88
CA VAL E 120 10.59 -19.71 -8.65
C VAL E 120 11.76 -18.91 -8.11
N TYR E 121 12.96 -19.50 -8.13
CA TYR E 121 14.15 -18.79 -7.66
C TYR E 121 14.39 -17.55 -8.50
N TYR E 122 14.23 -17.66 -9.82
CA TYR E 122 14.47 -16.50 -10.67
C TYR E 122 13.49 -15.38 -10.35
N HIS E 123 12.21 -15.71 -10.18
CA HIS E 123 11.24 -14.67 -9.85
C HIS E 123 11.57 -14.01 -8.53
N ASN E 124 11.81 -14.81 -7.49
CA ASN E 124 12.04 -14.22 -6.18
C ASN E 124 13.36 -13.46 -6.11
N ILE E 125 14.34 -13.83 -6.93
CA ILE E 125 15.56 -13.03 -7.02
C ILE E 125 15.28 -11.70 -7.70
N GLU E 126 14.55 -11.71 -8.81
CA GLU E 126 14.43 -10.52 -9.63
C GLU E 126 13.74 -9.38 -8.90
N THR E 127 12.72 -9.67 -8.11
CA THR E 127 11.93 -8.60 -7.49
C THR E 127 12.79 -7.70 -6.62
N SER E 128 13.88 -8.22 -6.08
CA SER E 128 14.76 -7.47 -5.19
C SER E 128 16.16 -7.46 -5.78
N ASN E 129 16.62 -6.29 -6.22
CA ASN E 129 17.90 -6.21 -6.88
C ASN E 129 19.03 -6.60 -5.94
N PHE E 130 19.54 -7.79 -6.11
CA PHE E 130 20.57 -8.40 -5.27
C PHE E 130 21.31 -9.40 -6.15
N PRO E 131 22.02 -8.94 -7.17
CA PRO E 131 22.43 -9.84 -8.25
C PRO E 131 23.25 -11.03 -7.80
N LYS E 132 24.04 -10.88 -6.75
CA LYS E 132 24.98 -11.93 -6.36
C LYS E 132 24.32 -13.29 -6.25
N LEU E 133 23.13 -13.35 -5.65
CA LEU E 133 22.52 -14.65 -5.40
C LEU E 133 22.34 -15.45 -6.68
N LEU E 134 22.11 -14.80 -7.82
CA LEU E 134 21.84 -15.60 -8.99
C LEU E 134 23.03 -16.41 -9.45
N LEU E 135 24.21 -16.16 -8.88
CA LEU E 135 25.36 -17.03 -9.13
C LEU E 135 25.02 -18.48 -8.88
N ALA E 136 24.23 -18.73 -7.83
CA ALA E 136 23.81 -20.09 -7.53
C ALA E 136 23.19 -20.73 -8.76
N LEU E 137 22.23 -20.04 -9.38
CA LEU E 137 21.58 -20.59 -10.57
C LEU E 137 22.63 -21.00 -11.60
N PHE E 138 23.61 -20.13 -11.84
CA PHE E 138 24.69 -20.46 -12.77
C PHE E 138 25.21 -21.85 -12.48
N LEU E 139 25.69 -22.06 -11.25
CA LEU E 139 26.26 -23.34 -10.89
C LEU E 139 25.30 -24.47 -11.24
N TYR E 140 24.05 -24.37 -10.77
CA TYR E 140 23.07 -25.41 -11.07
C TYR E 140 23.12 -25.75 -12.54
N TRP E 141 22.84 -24.77 -13.40
CA TRP E 141 22.71 -25.08 -14.82
C TRP E 141 24.00 -25.70 -15.32
N VAL E 142 25.14 -25.10 -14.97
CA VAL E 142 26.42 -25.61 -15.45
C VAL E 142 26.56 -27.06 -15.04
N MET E 143 26.39 -27.33 -13.75
CA MET E 143 26.52 -28.70 -13.28
C MET E 143 25.61 -29.60 -14.08
N ALA E 144 24.35 -29.19 -14.21
CA ALA E 144 23.38 -30.02 -14.91
C ALA E 144 23.88 -30.42 -16.27
N PHE E 145 24.39 -29.46 -17.05
CA PHE E 145 24.91 -29.78 -18.37
C PHE E 145 25.78 -31.02 -18.32
N ILE E 146 26.82 -30.98 -17.48
CA ILE E 146 27.78 -32.08 -17.42
C ILE E 146 27.05 -33.41 -17.32
N THR E 147 26.19 -33.55 -16.30
CA THR E 147 25.58 -34.85 -16.07
C THR E 147 24.80 -35.29 -17.30
N LYS E 148 23.93 -34.42 -17.80
CA LYS E 148 23.12 -34.80 -18.95
C LYS E 148 24.00 -35.14 -20.14
N THR E 149 25.05 -34.34 -20.36
CA THR E 149 25.94 -34.60 -21.47
C THR E 149 26.44 -36.03 -21.45
N ILE E 150 26.83 -36.52 -20.27
CA ILE E 150 27.38 -37.87 -20.19
C ILE E 150 26.39 -38.87 -20.74
N LYS E 151 25.13 -38.76 -20.31
CA LYS E 151 24.11 -39.69 -20.80
C LYS E 151 24.10 -39.73 -22.32
N LEU E 152 24.08 -38.56 -22.96
CA LEU E 152 24.02 -38.56 -24.42
C LEU E 152 25.20 -39.34 -24.98
N VAL E 153 26.39 -39.02 -24.52
CA VAL E 153 27.57 -39.66 -25.07
C VAL E 153 27.55 -41.13 -24.70
N LYS E 154 27.07 -41.45 -23.49
CA LYS E 154 27.06 -42.85 -23.12
C LYS E 154 25.98 -43.59 -23.87
N TYR E 155 24.96 -42.87 -24.36
CA TYR E 155 24.08 -43.49 -25.35
C TYR E 155 24.80 -43.58 -26.68
N TRP E 156 25.45 -42.50 -27.10
CA TRP E 156 26.10 -42.50 -28.40
C TRP E 156 27.27 -43.48 -28.46
N GLN E 157 27.90 -43.77 -27.33
CA GLN E 157 28.96 -44.76 -27.38
C GLN E 157 28.39 -46.16 -27.56
N LEU E 158 27.16 -46.37 -27.11
CA LEU E 158 26.47 -47.62 -27.36
C LEU E 158 25.61 -47.57 -28.62
N GLY E 159 25.46 -46.38 -29.22
CA GLY E 159 24.69 -46.25 -30.44
C GLY E 159 23.22 -46.58 -30.29
N TRP E 160 22.57 -45.97 -29.29
CA TRP E 160 21.13 -46.20 -29.14
C TRP E 160 20.35 -45.72 -30.35
N GLY E 161 20.92 -44.86 -31.16
CA GLY E 161 20.33 -44.43 -32.41
C GLY E 161 19.71 -43.03 -32.32
N MET E 162 19.52 -42.43 -33.49
CA MET E 162 18.84 -41.15 -33.58
C MET E 162 17.34 -41.29 -33.79
N SER E 163 16.86 -42.51 -34.03
CA SER E 163 15.43 -42.71 -34.29
C SER E 163 14.61 -42.87 -33.02
N ASP E 164 15.23 -43.20 -31.90
CA ASP E 164 14.49 -43.55 -30.71
C ASP E 164 14.11 -42.30 -29.91
N LEU E 165 12.97 -42.37 -29.24
CA LEU E 165 12.43 -41.19 -28.55
C LEU E 165 13.40 -40.69 -27.50
N ARG E 166 14.01 -41.59 -26.73
CA ARG E 166 14.88 -41.18 -25.64
C ARG E 166 16.05 -40.35 -26.15
N PHE E 167 16.59 -40.72 -27.32
CA PHE E 167 17.67 -39.93 -27.90
C PHE E 167 17.19 -38.52 -28.18
N CYS E 168 15.99 -38.40 -28.74
CA CYS E 168 15.46 -37.08 -29.06
C CYS E 168 15.27 -36.26 -27.80
N ILE E 169 14.70 -36.87 -26.76
CA ILE E 169 14.43 -36.13 -25.53
C ILE E 169 15.75 -35.66 -24.92
N THR E 170 16.75 -36.54 -24.86
CA THR E 170 18.01 -36.15 -24.27
C THR E 170 18.69 -35.06 -25.07
N GLY E 171 18.64 -35.13 -26.39
CA GLY E 171 19.25 -34.08 -27.20
C GLY E 171 18.56 -32.74 -27.03
N VAL E 172 17.22 -32.74 -27.05
CA VAL E 172 16.50 -31.50 -26.84
C VAL E 172 16.85 -30.90 -25.49
N MET E 173 16.89 -31.74 -24.46
CA MET E 173 17.20 -31.21 -23.12
C MET E 173 18.62 -30.66 -23.06
N VAL E 174 19.58 -31.35 -23.66
CA VAL E 174 20.95 -30.88 -23.64
C VAL E 174 21.05 -29.49 -24.27
N ILE E 175 20.47 -29.34 -25.46
CA ILE E 175 20.66 -28.06 -26.15
C ILE E 175 19.88 -26.95 -25.45
N LEU E 176 18.71 -27.25 -24.89
CA LEU E 176 17.97 -26.22 -24.19
C LEU E 176 18.72 -25.77 -22.94
N ASN E 177 19.31 -26.73 -22.21
CA ASN E 177 20.10 -26.36 -21.04
C ASN E 177 21.29 -25.52 -21.44
N GLY E 178 21.91 -25.84 -22.56
CA GLY E 178 23.02 -25.02 -23.02
C GLY E 178 22.59 -23.59 -23.30
N LEU E 179 21.46 -23.42 -23.98
CA LEU E 179 20.99 -22.07 -24.26
C LEU E 179 20.74 -21.31 -22.97
N LEU E 180 20.15 -21.98 -21.98
CA LEU E 180 19.91 -21.29 -20.72
C LEU E 180 21.22 -20.91 -20.05
N MET E 181 22.23 -21.77 -20.17
CA MET E 181 23.55 -21.43 -19.63
C MET E 181 24.08 -20.17 -20.30
N ALA E 182 23.83 -20.05 -21.60
CA ALA E 182 24.21 -18.84 -22.31
C ALA E 182 23.49 -17.63 -21.73
N VAL E 183 22.21 -17.81 -21.39
CA VAL E 183 21.46 -16.71 -20.78
C VAL E 183 22.12 -16.28 -19.48
N GLU E 184 22.50 -17.27 -18.66
CA GLU E 184 23.14 -16.95 -17.39
C GLU E 184 24.47 -16.22 -17.61
N ILE E 185 25.26 -16.67 -18.58
CA ILE E 185 26.52 -16.00 -18.85
C ILE E 185 26.28 -14.55 -19.26
N ASN E 186 25.27 -14.33 -20.11
CA ASN E 186 25.00 -12.96 -20.57
C ASN E 186 24.55 -12.09 -19.41
N VAL E 187 23.78 -12.65 -18.48
CA VAL E 187 23.42 -11.91 -17.28
C VAL E 187 24.66 -11.52 -16.50
N ILE E 188 25.60 -12.46 -16.37
CA ILE E 188 26.85 -12.16 -15.66
C ILE E 188 27.61 -11.05 -16.36
N ARG E 189 27.61 -11.05 -17.69
CA ARG E 189 28.33 -10.02 -18.43
C ARG E 189 27.69 -8.65 -18.25
N VAL E 190 26.36 -8.57 -18.33
CA VAL E 190 25.71 -7.26 -18.39
C VAL E 190 25.46 -6.68 -17.00
N ARG E 191 25.10 -7.50 -16.01
CA ARG E 191 24.79 -6.98 -14.69
C ARG E 191 26.02 -6.87 -13.78
N ARG E 192 27.14 -7.46 -14.16
CA ARG E 192 28.39 -7.36 -13.40
C ARG E 192 28.21 -7.86 -11.97
N TYR E 193 27.89 -9.15 -11.86
CA TYR E 193 27.53 -9.73 -10.57
C TYR E 193 28.69 -10.43 -9.87
N VAL E 194 29.78 -10.74 -10.57
CA VAL E 194 30.89 -11.45 -9.91
C VAL E 194 32.22 -10.73 -10.06
N PHE E 195 32.71 -10.59 -11.29
CA PHE E 195 34.11 -10.21 -11.45
C PHE E 195 34.33 -9.23 -12.59
N PHE E 196 33.34 -8.40 -12.90
CA PHE E 196 33.65 -7.19 -13.65
C PHE E 196 34.38 -6.22 -12.72
N MET E 197 34.75 -5.04 -13.26
CA MET E 197 35.51 -4.09 -12.46
C MET E 197 34.75 -3.65 -11.21
N ASN E 198 33.45 -3.57 -11.30
CA ASN E 198 32.58 -3.19 -10.20
C ASN E 198 31.14 -3.46 -10.61
N PRO E 199 30.22 -3.67 -9.66
CA PRO E 199 28.82 -3.84 -10.05
C PRO E 199 28.31 -2.60 -10.79
N GLN E 200 27.49 -2.83 -11.81
CA GLN E 200 27.04 -1.73 -12.65
C GLN E 200 26.05 -0.86 -11.89
N LYS E 201 25.52 0.15 -12.59
CA LYS E 201 24.55 1.05 -12.00
C LYS E 201 23.49 1.38 -13.04
N VAL E 202 22.24 1.43 -12.61
CA VAL E 202 21.11 1.70 -13.48
C VAL E 202 20.06 2.45 -12.68
N LYS E 203 19.10 3.05 -13.39
CA LYS E 203 17.96 3.70 -12.75
C LYS E 203 16.72 2.87 -12.99
N PRO E 204 15.96 2.53 -11.95
CA PRO E 204 14.85 1.58 -12.10
C PRO E 204 13.79 2.12 -13.05
N PRO E 205 13.30 1.29 -13.97
CA PRO E 205 12.25 1.70 -14.91
C PRO E 205 10.88 1.67 -14.24
N GLU E 206 10.32 4.13 -16.46
CA GLU E 206 10.05 5.30 -15.65
C GLU E 206 8.58 5.35 -15.21
N ASP E 207 7.79 4.38 -15.69
CA ASP E 207 6.38 4.36 -15.37
C ASP E 207 6.15 4.10 -13.88
N LEU E 208 6.77 3.05 -13.35
CA LEU E 208 6.58 2.72 -11.95
C LEU E 208 7.00 3.85 -11.03
N GLN E 209 7.87 4.73 -11.49
CA GLN E 209 8.30 5.87 -10.68
C GLN E 209 7.10 6.73 -10.28
N ASP E 210 6.44 7.33 -11.26
CA ASP E 210 5.25 8.11 -10.98
C ASP E 210 4.10 7.18 -10.60
N LEU E 211 3.45 7.48 -9.50
CA LEU E 211 2.38 6.59 -9.06
C LEU E 211 1.15 6.65 -9.93
N GLY E 212 1.20 7.32 -11.08
CA GLY E 212 0.10 7.25 -12.01
C GLY E 212 0.06 5.99 -12.85
N VAL E 213 1.17 5.25 -12.91
CA VAL E 213 1.23 4.07 -13.76
C VAL E 213 0.50 2.95 -13.00
N ARG E 214 -0.69 2.61 -13.47
CA ARG E 214 -1.42 1.49 -12.92
C ARG E 214 -1.70 0.40 -13.94
N PHE E 215 -1.99 0.75 -15.19
CA PHE E 215 -2.18 -0.26 -16.24
C PHE E 215 -0.79 -0.81 -16.56
N LEU E 216 -0.30 -1.65 -15.64
CA LEU E 216 1.07 -2.11 -15.65
C LEU E 216 1.30 -3.32 -16.58
N GLN E 217 0.44 -3.50 -17.59
CA GLN E 217 0.60 -4.64 -18.51
C GLN E 217 1.94 -4.57 -19.19
N PRO E 218 2.39 -3.43 -19.72
CA PRO E 218 3.67 -3.43 -20.42
C PRO E 218 4.86 -3.59 -19.50
N PHE E 219 4.71 -3.57 -18.17
CA PHE E 219 5.85 -3.48 -17.27
C PHE E 219 6.08 -4.72 -16.40
N VAL E 220 5.52 -5.88 -16.75
CA VAL E 220 5.60 -7.05 -15.89
C VAL E 220 6.12 -8.25 -16.67
N ASN E 221 6.33 -9.35 -15.96
CA ASN E 221 7.02 -10.52 -16.51
C ASN E 221 6.13 -11.28 -17.49
N LEU E 222 6.79 -11.98 -18.43
CA LEU E 222 6.05 -12.53 -19.57
C LEU E 222 5.10 -13.65 -19.17
N LEU E 223 5.42 -14.41 -18.12
CA LEU E 223 4.46 -15.42 -17.72
C LEU E 223 3.29 -14.79 -17.01
N SER E 224 3.47 -13.59 -16.48
CA SER E 224 2.36 -12.86 -15.91
C SER E 224 1.70 -11.96 -16.94
N LYS E 225 2.46 -11.45 -17.91
CA LYS E 225 1.85 -10.75 -19.03
C LYS E 225 0.93 -11.65 -19.83
N ALA E 226 1.12 -12.98 -19.78
CA ALA E 226 0.34 -13.85 -20.65
C ALA E 226 -1.01 -14.23 -20.06
N THR E 227 -1.12 -14.34 -18.73
CA THR E 227 -2.38 -14.65 -18.07
C THR E 227 -2.92 -13.43 -17.34
N TYR E 228 -2.48 -12.25 -17.77
CA TYR E 228 -3.02 -10.98 -17.33
C TYR E 228 -3.14 -10.92 -15.81
N TRP E 229 -2.02 -11.15 -15.13
CA TRP E 229 -1.99 -10.98 -13.68
C TRP E 229 -1.94 -9.51 -13.29
N TRP E 230 -1.42 -8.65 -14.18
CA TRP E 230 -1.30 -7.23 -13.89
C TRP E 230 -2.64 -6.59 -13.55
N MET E 231 -3.73 -7.06 -14.14
CA MET E 231 -5.04 -6.51 -13.81
C MET E 231 -5.61 -7.11 -12.53
N ASN E 232 -5.13 -8.28 -12.12
CA ASN E 232 -5.77 -9.08 -11.08
C ASN E 232 -6.27 -8.25 -9.91
N THR E 233 -5.37 -7.53 -9.25
CA THR E 233 -5.70 -6.70 -8.10
C THR E 233 -6.98 -5.90 -8.33
N LEU E 234 -6.97 -5.04 -9.34
CA LEU E 234 -8.11 -4.15 -9.58
C LEU E 234 -9.42 -4.92 -9.65
N ILE E 235 -9.44 -6.04 -10.39
CA ILE E 235 -10.70 -6.75 -10.55
C ILE E 235 -11.19 -7.29 -9.20
N ILE E 236 -10.29 -7.86 -8.40
CA ILE E 236 -10.75 -8.37 -7.10
C ILE E 236 -11.07 -7.23 -6.15
N SER E 237 -10.68 -6.01 -6.50
CA SER E 237 -11.04 -4.79 -5.80
C SER E 237 -12.42 -4.29 -6.16
N ALA E 238 -13.19 -5.07 -6.92
CA ALA E 238 -14.53 -4.63 -7.31
C ALA E 238 -15.57 -4.75 -6.21
N HIS E 239 -15.22 -5.31 -5.05
CA HIS E 239 -16.20 -5.35 -3.97
C HIS E 239 -16.13 -4.11 -3.09
N ARG E 240 -14.93 -3.61 -2.80
CA ARG E 240 -14.78 -2.51 -1.86
C ARG E 240 -15.45 -1.24 -2.36
N LYS E 241 -14.95 -0.67 -3.45
CA LYS E 241 -15.43 0.63 -3.88
C LYS E 241 -15.42 0.72 -5.40
N PRO E 242 -16.33 1.49 -5.99
CA PRO E 242 -16.31 1.67 -7.45
C PRO E 242 -14.98 2.23 -7.90
N ILE E 243 -14.51 1.78 -9.07
CA ILE E 243 -13.21 2.18 -9.58
C ILE E 243 -13.33 3.53 -10.28
N ASP E 244 -13.23 4.60 -9.52
CA ASP E 244 -13.35 5.94 -10.07
C ASP E 244 -12.08 6.33 -10.81
N LEU E 245 -12.15 7.48 -11.48
CA LEU E 245 -11.06 7.92 -12.36
C LEU E 245 -9.74 8.05 -11.62
N LYS E 246 -9.78 8.29 -10.31
CA LYS E 246 -8.54 8.39 -9.53
C LYS E 246 -7.75 7.09 -9.48
N ALA E 247 -8.42 5.93 -9.56
CA ALA E 247 -7.71 4.65 -9.51
C ALA E 247 -7.44 4.02 -10.88
N ILE E 248 -7.84 4.67 -11.98
CA ILE E 248 -7.55 4.14 -13.31
C ILE E 248 -6.23 4.65 -13.84
N GLY E 249 -5.64 5.60 -13.14
CA GLY E 249 -4.35 6.22 -13.45
C GLY E 249 -4.06 7.06 -14.66
N LYS E 250 -2.98 7.83 -14.65
CA LYS E 250 -2.62 8.53 -15.88
C LYS E 250 -1.95 7.45 -16.74
N LEU E 251 -1.97 7.57 -18.06
CA LEU E 251 -1.48 6.49 -18.92
C LEU E 251 -0.03 6.15 -18.81
N PRO E 252 0.33 4.95 -19.23
CA PRO E 252 1.74 4.57 -19.13
C PRO E 252 2.62 5.47 -19.97
N ILE E 253 3.87 5.58 -19.57
CA ILE E 253 4.79 6.56 -20.15
C ILE E 253 4.92 6.58 -21.63
N ALA E 254 4.91 5.44 -22.28
CA ALA E 254 5.03 5.49 -23.71
C ALA E 254 3.76 5.52 -24.54
N MET E 255 2.60 5.30 -23.95
CA MET E 255 1.40 5.26 -24.77
C MET E 255 0.53 6.51 -24.73
N ARG E 256 1.04 7.60 -24.18
CA ARG E 256 0.27 8.86 -24.01
C ARG E 256 0.04 9.64 -25.29
N ALA E 257 -0.61 10.77 -25.20
CA ALA E 257 -0.85 11.54 -26.40
C ALA E 257 0.37 11.96 -27.18
N VAL E 258 1.29 12.63 -26.52
CA VAL E 258 2.41 13.20 -27.23
C VAL E 258 3.27 12.23 -27.99
N THR E 259 3.63 11.08 -27.44
CA THR E 259 4.50 10.18 -28.19
C THR E 259 3.86 9.72 -29.46
N ASN E 260 2.61 9.33 -29.40
CA ASN E 260 1.95 8.87 -30.61
C ASN E 260 1.83 10.00 -31.62
N TYR E 261 1.54 11.22 -31.16
CA TYR E 261 1.40 12.32 -32.10
C TYR E 261 2.67 12.52 -32.85
N VAL E 262 3.77 12.53 -32.11
CA VAL E 262 5.03 12.73 -32.75
C VAL E 262 5.33 11.64 -33.75
N CYS E 263 5.14 10.37 -33.40
CA CYS E 263 5.48 9.38 -34.42
C CYS E 263 4.63 9.43 -35.64
N LEU E 264 3.32 9.65 -35.50
CA LEU E 264 2.51 9.68 -36.71
C LEU E 264 2.94 10.83 -37.58
N LYS E 265 3.18 11.99 -36.98
CA LYS E 265 3.59 13.13 -37.82
C LYS E 265 4.90 12.88 -38.55
N GLU E 266 5.86 12.30 -37.83
CA GLU E 266 7.15 12.08 -38.46
C GLU E 266 6.98 11.13 -39.60
N ALA E 267 6.24 10.06 -39.38
CA ALA E 267 6.10 9.12 -40.46
C ALA E 267 5.38 9.73 -41.63
N TYR E 268 4.34 10.54 -41.39
CA TYR E 268 3.66 11.14 -42.52
C TYR E 268 4.59 12.09 -43.30
N GLU E 269 5.45 12.84 -42.63
CA GLU E 269 6.35 13.70 -43.40
C GLU E 269 7.27 12.85 -44.25
N GLU E 270 7.81 11.78 -43.65
CA GLU E 270 8.71 10.85 -44.31
C GLU E 270 8.13 10.37 -45.60
N GLN E 271 6.82 10.56 -45.70
CA GLN E 271 6.03 10.26 -46.90
C GLN E 271 5.84 11.50 -47.75
N LYS E 272 5.58 12.65 -47.12
CA LYS E 272 5.29 13.87 -47.87
C LYS E 272 6.53 14.36 -48.58
N LYS E 273 7.69 14.25 -47.95
CA LYS E 273 8.94 14.62 -48.61
C LYS E 273 9.22 13.73 -49.80
N LYS E 274 8.94 12.42 -49.65
CA LYS E 274 9.09 11.54 -50.80
C LYS E 274 8.11 11.91 -51.91
N ALA E 275 6.88 12.27 -51.53
CA ALA E 275 5.84 12.52 -52.52
C ALA E 275 6.06 13.82 -53.27
N ALA E 276 6.66 14.82 -52.61
CA ALA E 276 6.82 16.12 -53.24
C ALA E 276 7.69 16.04 -54.49
N ASP E 277 8.78 15.27 -54.42
CA ASP E 277 9.58 15.06 -55.62
C ASP E 277 8.77 14.31 -56.68
N HIS E 278 7.94 13.36 -56.25
CA HIS E 278 7.11 12.62 -57.18
C HIS E 278 6.12 13.55 -57.87
N PRO E 279 5.99 13.50 -59.19
CA PRO E 279 5.13 14.48 -59.89
C PRO E 279 3.65 14.33 -59.59
N ASN E 280 3.11 13.12 -59.73
CA ASN E 280 1.66 12.91 -59.77
C ASN E 280 1.21 11.86 -58.78
N ARG E 281 1.69 11.95 -57.54
CA ARG E 281 1.21 11.09 -56.46
C ARG E 281 1.11 11.90 -55.18
N THR E 282 -0.06 11.86 -54.54
CA THR E 282 -0.28 12.63 -53.33
C THR E 282 0.14 11.82 -52.10
N PRO E 283 0.41 12.48 -50.99
CA PRO E 283 0.62 11.75 -49.73
C PRO E 283 -0.71 11.21 -49.22
N SER E 284 -0.62 10.06 -48.54
CA SER E 284 -1.80 9.39 -48.03
C SER E 284 -1.51 8.95 -46.60
N ILE E 285 -2.48 8.26 -46.00
CA ILE E 285 -2.31 7.84 -44.62
C ILE E 285 -1.81 6.40 -44.52
N TRP E 286 -2.34 5.50 -45.35
CA TRP E 286 -2.10 4.07 -45.12
C TRP E 286 -0.61 3.74 -45.22
N LEU E 287 0.06 4.18 -46.28
CA LEU E 287 1.46 3.83 -46.39
C LEU E 287 2.30 4.58 -45.37
N ALA E 288 1.82 5.71 -44.88
CA ALA E 288 2.52 6.43 -43.83
C ALA E 288 2.46 5.71 -42.50
N MET E 289 1.30 5.11 -42.18
CA MET E 289 1.19 4.40 -40.92
C MET E 289 2.18 3.23 -40.85
N TYR E 290 2.33 2.50 -41.95
CA TYR E 290 3.34 1.44 -41.97
C TYR E 290 4.71 2.03 -41.68
N ARG E 291 5.59 1.18 -41.16
CA ARG E 291 6.93 1.59 -40.74
C ARG E 291 6.88 2.57 -39.57
N ALA E 292 5.68 2.93 -39.10
CA ALA E 292 5.58 3.85 -37.99
C ALA E 292 4.95 3.22 -36.76
N PHE E 293 3.72 2.72 -36.86
CA PHE E 293 3.04 2.10 -35.74
C PHE E 293 2.49 0.74 -36.18
N GLY E 294 3.26 0.05 -37.01
CA GLY E 294 2.80 -1.18 -37.63
C GLY E 294 3.56 -2.43 -37.23
N ARG E 295 4.77 -2.27 -36.71
CA ARG E 295 5.53 -3.44 -36.26
C ARG E 295 4.72 -4.32 -35.32
N PRO E 296 4.10 -3.80 -34.27
CA PRO E 296 3.40 -4.70 -33.36
C PRO E 296 2.28 -5.45 -34.03
N ILE E 297 1.69 -4.92 -35.10
CA ILE E 297 0.68 -5.69 -35.81
C ILE E 297 1.30 -6.90 -36.49
N LEU E 298 2.51 -6.74 -37.03
CA LEU E 298 3.20 -7.90 -37.59
C LEU E 298 3.53 -8.91 -36.50
N LEU E 299 3.96 -8.45 -35.33
CA LEU E 299 4.25 -9.40 -34.26
C LEU E 299 3.00 -10.15 -33.83
N SER E 300 1.88 -9.43 -33.72
CA SER E 300 0.62 -10.09 -33.39
C SER E 300 0.24 -11.09 -34.46
N SER E 301 0.45 -10.73 -35.73
CA SER E 301 0.10 -11.67 -36.78
C SER E 301 0.97 -12.91 -36.74
N THR E 302 2.23 -12.76 -36.35
CA THR E 302 3.10 -13.93 -36.22
C THR E 302 2.61 -14.83 -35.10
N PHE E 303 2.34 -14.26 -33.93
CA PHE E 303 1.81 -15.06 -32.83
C PHE E 303 0.48 -15.71 -33.22
N ARG E 304 -0.38 -14.98 -33.92
CA ARG E 304 -1.67 -15.52 -34.31
C ARG E 304 -1.50 -16.70 -35.26
N TYR E 305 -0.59 -16.58 -36.21
CA TYR E 305 -0.38 -17.68 -37.14
C TYR E 305 0.17 -18.91 -36.42
N LEU E 306 1.12 -18.72 -35.50
CA LEU E 306 1.66 -19.89 -34.79
C LEU E 306 0.59 -20.55 -33.93
N ALA E 307 -0.21 -19.75 -33.24
CA ALA E 307 -1.29 -20.30 -32.43
C ALA E 307 -2.33 -20.99 -33.31
N ASP E 308 -2.63 -20.39 -34.46
CA ASP E 308 -3.61 -21.00 -35.35
C ASP E 308 -3.13 -22.34 -35.86
N LEU E 309 -1.83 -22.46 -36.14
CA LEU E 309 -1.30 -23.75 -36.57
C LEU E 309 -1.42 -24.78 -35.46
N LEU E 310 -1.03 -24.42 -34.24
CA LEU E 310 -1.13 -25.37 -33.13
C LEU E 310 -2.57 -25.67 -32.73
N GLY E 311 -3.52 -24.80 -33.08
CA GLY E 311 -4.91 -24.97 -32.67
C GLY E 311 -5.59 -26.20 -33.21
N PHE E 312 -5.18 -26.66 -34.39
CA PHE E 312 -5.85 -27.78 -35.04
C PHE E 312 -5.60 -29.11 -34.36
N ALA E 313 -4.86 -29.13 -33.25
CA ALA E 313 -4.56 -30.36 -32.55
C ALA E 313 -5.80 -30.99 -31.93
N GLY E 314 -6.92 -30.28 -31.89
CA GLY E 314 -8.13 -30.84 -31.36
C GLY E 314 -8.65 -31.97 -32.22
N PRO E 315 -8.96 -31.66 -33.49
CA PRO E 315 -9.47 -32.72 -34.37
C PRO E 315 -8.52 -33.91 -34.53
N LEU E 316 -7.21 -33.68 -34.69
CA LEU E 316 -6.31 -34.78 -34.93
C LEU E 316 -6.21 -35.70 -33.70
N CYS E 317 -6.06 -35.11 -32.52
CA CYS E 317 -6.00 -35.92 -31.32
C CYS E 317 -7.32 -36.63 -31.07
N ILE E 318 -8.45 -36.00 -31.42
CA ILE E 318 -9.72 -36.68 -31.28
C ILE E 318 -9.74 -37.93 -32.15
N SER E 319 -9.30 -37.79 -33.40
CA SER E 319 -9.27 -38.93 -34.31
C SER E 319 -8.35 -40.03 -33.78
N GLY E 320 -7.17 -39.65 -33.30
CA GLY E 320 -6.25 -40.66 -32.79
C GLY E 320 -6.81 -41.41 -31.59
N ILE E 321 -7.34 -40.68 -30.61
CA ILE E 321 -7.84 -41.34 -29.41
C ILE E 321 -8.97 -42.27 -29.79
N VAL E 322 -9.85 -41.83 -30.68
CA VAL E 322 -10.99 -42.67 -31.05
C VAL E 322 -10.49 -43.92 -31.76
N GLN E 323 -9.58 -43.76 -32.72
CA GLN E 323 -9.11 -44.90 -33.49
C GLN E 323 -8.22 -45.82 -32.67
N ARG E 324 -7.83 -45.40 -31.47
CA ARG E 324 -7.16 -46.29 -30.53
C ARG E 324 -8.12 -47.03 -29.61
N VAL E 325 -9.20 -46.37 -29.16
CA VAL E 325 -10.05 -47.01 -28.17
C VAL E 325 -10.87 -48.17 -28.73
N ASN E 326 -11.08 -48.24 -30.04
CA ASN E 326 -12.07 -49.18 -30.57
C ASN E 326 -11.51 -50.60 -30.71
N GLU E 327 -10.48 -50.76 -31.54
CA GLU E 327 -9.99 -52.10 -31.87
C GLU E 327 -9.38 -52.77 -30.64
N PRO E 328 -9.71 -54.04 -30.40
CA PRO E 328 -9.17 -54.74 -29.23
C PRO E 328 -7.74 -55.25 -29.40
N LYS E 329 -6.87 -54.94 -28.44
CA LYS E 329 -5.48 -55.39 -28.47
C LYS E 329 -5.07 -55.94 -27.11
N ASN E 330 -5.70 -57.03 -26.72
CA ASN E 330 -5.40 -57.63 -25.44
C ASN E 330 -4.03 -58.25 -25.15
N ASN E 331 -3.49 -59.04 -26.08
CA ASN E 331 -2.24 -59.76 -25.81
C ASN E 331 -1.37 -60.31 -26.95
N THR E 332 -0.21 -60.81 -26.56
CA THR E 332 0.76 -61.49 -27.43
C THR E 332 1.39 -60.77 -28.62
N THR E 333 1.71 -59.49 -28.47
CA THR E 333 2.39 -58.75 -29.54
C THR E 333 3.75 -58.42 -28.95
N ARG E 334 4.84 -58.71 -29.66
CA ARG E 334 6.17 -58.49 -29.08
C ARG E 334 6.40 -57.05 -28.72
N PHE E 335 6.85 -56.84 -27.49
CA PHE E 335 7.11 -55.50 -26.99
C PHE E 335 8.24 -55.50 -25.98
N SER E 336 9.48 -55.64 -26.47
CA SER E 336 10.61 -55.61 -25.57
C SER E 336 11.25 -54.25 -25.67
N GLU E 337 11.51 -53.82 -26.91
CA GLU E 337 12.13 -52.52 -27.15
C GLU E 337 11.21 -51.47 -26.59
N THR E 338 11.75 -50.50 -25.87
CA THR E 338 10.89 -49.52 -25.25
C THR E 338 10.03 -48.57 -26.11
N LEU E 339 10.58 -47.89 -27.10
CA LEU E 339 9.73 -47.02 -27.90
C LEU E 339 10.13 -46.85 -29.34
N SER E 340 9.14 -46.87 -30.20
CA SER E 340 9.32 -46.69 -31.61
C SER E 340 8.58 -45.40 -31.84
N SER E 341 9.24 -44.46 -32.51
CA SER E 341 8.76 -43.12 -32.72
C SER E 341 7.34 -43.10 -33.15
N LYS E 342 7.00 -43.94 -34.10
CA LYS E 342 5.62 -44.01 -34.53
C LYS E 342 4.75 -44.51 -33.38
N GLU E 343 5.25 -45.50 -32.64
CA GLU E 343 4.49 -46.11 -31.57
C GLU E 343 4.09 -45.17 -30.46
N PHE E 344 4.91 -44.17 -30.15
CA PHE E 344 4.52 -43.30 -29.06
C PHE E 344 3.25 -42.59 -29.34
N LEU E 345 3.06 -42.10 -30.55
CA LEU E 345 1.89 -41.27 -30.86
C LEU E 345 0.52 -41.88 -30.63
N GLU E 346 0.40 -43.17 -30.77
CA GLU E 346 -0.89 -43.79 -30.54
C GLU E 346 -1.10 -44.40 -29.13
N ASN E 347 -0.22 -44.15 -28.14
CA ASN E 347 -0.51 -44.67 -26.79
C ASN E 347 -1.66 -43.79 -26.48
N ALA E 348 -2.80 -44.42 -26.37
CA ALA E 348 -4.03 -43.70 -26.29
C ALA E 348 -4.12 -42.73 -25.16
N HIS E 349 -3.71 -43.13 -23.97
CA HIS E 349 -3.78 -42.23 -22.84
C HIS E 349 -2.84 -41.04 -23.12
N VAL E 350 -1.65 -41.31 -23.65
CA VAL E 350 -0.67 -40.26 -23.90
C VAL E 350 -1.19 -39.11 -24.73
N LEU E 351 -1.82 -39.40 -25.86
CA LEU E 351 -2.32 -38.36 -26.74
C LEU E 351 -3.30 -37.45 -26.01
N ALA E 352 -4.00 -37.97 -25.00
CA ALA E 352 -4.86 -37.10 -24.20
C ALA E 352 -4.05 -36.03 -23.49
N VAL E 353 -2.92 -36.40 -22.89
CA VAL E 353 -2.09 -35.41 -22.22
C VAL E 353 -1.54 -34.42 -23.23
N LEU E 354 -1.12 -34.92 -24.39
CA LEU E 354 -0.61 -34.01 -25.42
C LEU E 354 -1.68 -33.02 -25.85
N LEU E 355 -2.92 -33.49 -26.04
CA LEU E 355 -4.02 -32.60 -26.40
C LEU E 355 -4.29 -31.56 -25.33
N PHE E 356 -4.27 -31.98 -24.06
CA PHE E 356 -4.49 -31.03 -22.98
C PHE E 356 -3.46 -29.91 -23.01
N LEU E 357 -2.18 -30.28 -23.10
CA LEU E 357 -1.15 -29.25 -23.11
C LEU E 357 -1.27 -28.38 -24.35
N ALA E 358 -1.57 -28.99 -25.50
CA ALA E 358 -1.67 -28.20 -26.72
C ALA E 358 -2.79 -27.17 -26.64
N LEU E 359 -3.95 -27.57 -26.12
CA LEU E 359 -5.05 -26.63 -25.98
C LEU E 359 -4.68 -25.51 -25.01
N ILE E 360 -4.12 -25.86 -23.85
CA ILE E 360 -3.86 -24.84 -22.86
C ILE E 360 -2.76 -23.90 -23.34
N LEU E 361 -2.00 -24.30 -24.35
CA LEU E 361 -1.04 -23.38 -24.95
C LEU E 361 -1.65 -22.55 -26.07
N GLN E 362 -2.52 -23.16 -26.88
CA GLN E 362 -3.14 -22.43 -27.98
C GLN E 362 -4.01 -21.29 -27.48
N ARG E 363 -4.80 -21.52 -26.43
CA ARG E 363 -5.66 -20.44 -25.96
C ARG E 363 -4.84 -19.25 -25.46
N THR E 364 -3.78 -19.52 -24.70
CA THR E 364 -2.94 -18.44 -24.21
C THR E 364 -2.28 -17.67 -25.34
N PHE E 365 -1.72 -18.39 -26.33
CA PHE E 365 -1.07 -17.69 -27.44
C PHE E 365 -2.07 -16.83 -28.22
N LEU E 366 -3.25 -17.36 -28.51
CA LEU E 366 -4.22 -16.57 -29.27
C LEU E 366 -4.61 -15.32 -28.49
N GLN E 367 -4.88 -15.47 -27.18
CA GLN E 367 -5.28 -14.30 -26.42
C GLN E 367 -4.17 -13.28 -26.36
N ALA E 368 -2.92 -13.72 -26.31
CA ALA E 368 -1.83 -12.75 -26.37
C ALA E 368 -1.88 -11.98 -27.68
N SER E 369 -2.14 -12.68 -28.77
CA SER E 369 -2.22 -11.98 -30.06
C SER E 369 -3.30 -10.91 -30.03
N TYR E 370 -4.46 -11.27 -29.49
CA TYR E 370 -5.54 -10.28 -29.42
C TYR E 370 -5.08 -9.06 -28.64
N TYR E 371 -4.40 -9.27 -27.51
CA TYR E 371 -4.03 -8.13 -26.67
C TYR E 371 -3.06 -7.21 -27.40
N VAL E 372 -2.08 -7.79 -28.09
CA VAL E 372 -1.09 -6.95 -28.77
C VAL E 372 -1.76 -6.13 -29.86
N THR E 373 -2.63 -6.75 -30.65
CA THR E 373 -3.25 -5.99 -31.72
C THR E 373 -4.22 -4.95 -31.17
N ILE E 374 -4.88 -5.23 -30.05
CA ILE E 374 -5.77 -4.24 -29.44
C ILE E 374 -4.98 -3.02 -29.02
N GLU E 375 -3.86 -3.22 -28.35
CA GLU E 375 -3.07 -2.07 -27.90
C GLU E 375 -2.57 -1.27 -29.09
N THR E 376 -2.18 -1.96 -30.16
CA THR E 376 -1.75 -1.25 -31.35
C THR E 376 -2.89 -0.40 -31.89
N GLY E 377 -4.09 -0.96 -31.93
CA GLY E 377 -5.22 -0.20 -32.41
C GLY E 377 -5.52 1.02 -31.55
N ILE E 378 -5.41 0.90 -30.25
CA ILE E 378 -5.71 2.03 -29.37
C ILE E 378 -4.69 3.14 -29.60
N ASN E 379 -3.41 2.78 -29.70
CA ASN E 379 -2.42 3.81 -29.98
C ASN E 379 -2.68 4.46 -31.32
N LEU E 380 -3.05 3.67 -32.34
CA LEU E 380 -3.31 4.27 -33.64
C LEU E 380 -4.47 5.25 -33.58
N ARG E 381 -5.52 4.92 -32.85
CA ARG E 381 -6.65 5.84 -32.73
C ARG E 381 -6.23 7.12 -32.04
N GLY E 382 -5.43 7.00 -30.98
CA GLY E 382 -4.97 8.19 -30.30
C GLY E 382 -4.16 9.10 -31.21
N ALA E 383 -3.25 8.52 -31.98
CA ALA E 383 -2.46 9.34 -32.89
C ALA E 383 -3.33 9.98 -33.96
N LEU E 384 -4.27 9.23 -34.52
CA LEU E 384 -5.12 9.80 -35.55
C LEU E 384 -5.97 10.95 -35.02
N LEU E 385 -6.57 10.80 -33.84
CA LEU E 385 -7.37 11.88 -33.28
C LEU E 385 -6.51 13.10 -33.00
N ALA E 386 -5.30 12.90 -32.47
CA ALA E 386 -4.43 14.03 -32.22
C ALA E 386 -4.12 14.75 -33.53
N MET E 387 -3.83 14.00 -34.60
CA MET E 387 -3.52 14.64 -35.87
C MET E 387 -4.72 15.41 -36.40
N ILE E 388 -5.92 14.83 -36.28
CA ILE E 388 -7.12 15.50 -36.78
C ILE E 388 -7.37 16.80 -36.02
N TYR E 389 -7.21 16.79 -34.70
CA TYR E 389 -7.36 18.03 -33.93
C TYR E 389 -6.32 19.07 -34.33
N ASN E 390 -5.04 18.68 -34.37
CA ASN E 390 -3.98 19.64 -34.67
C ASN E 390 -4.09 20.18 -36.08
N LYS E 391 -4.66 19.42 -37.01
CA LYS E 391 -4.97 20.01 -38.31
C LYS E 391 -6.23 20.86 -38.26
N ILE E 392 -7.18 20.55 -37.37
CA ILE E 392 -8.41 21.32 -37.25
C ILE E 392 -8.13 22.74 -36.75
N LEU E 393 -7.21 22.89 -35.81
CA LEU E 393 -6.98 24.23 -35.26
C LEU E 393 -6.49 25.20 -36.32
N ARG E 394 -5.59 24.77 -37.18
CA ARG E 394 -5.01 25.68 -38.16
C ARG E 394 -5.77 25.66 -39.49
N LEU E 395 -7.09 25.84 -39.43
CA LEU E 395 -7.91 25.85 -40.63
C LEU E 395 -8.44 27.25 -40.88
N SER E 396 -8.77 27.52 -42.15
CA SER E 396 -9.21 28.85 -42.56
C SER E 396 -10.69 29.03 -42.26
N THR E 397 -11.06 30.25 -41.93
CA THR E 397 -12.46 30.61 -41.70
C THR E 397 -13.09 31.31 -42.89
N SER E 398 -12.43 31.32 -44.05
CA SER E 398 -13.04 31.88 -45.24
C SER E 398 -14.34 31.14 -45.56
N ASN E 399 -15.21 31.80 -46.32
CA ASN E 399 -16.48 31.20 -46.69
C ASN E 399 -16.38 30.23 -47.85
N LEU E 400 -15.22 30.15 -48.51
CA LEU E 400 -15.05 29.21 -49.60
C LEU E 400 -14.83 27.78 -49.12
N SER E 401 -14.19 27.61 -47.96
CA SER E 401 -13.92 26.29 -47.42
C SER E 401 -14.74 26.02 -46.15
N MET E 402 -14.63 26.88 -45.13
CA MET E 402 -15.49 26.77 -43.95
C MET E 402 -16.81 27.44 -44.26
N GLY E 403 -17.87 26.64 -44.39
CA GLY E 403 -19.11 27.14 -44.94
C GLY E 403 -20.36 26.39 -44.50
N GLU E 404 -21.25 26.11 -45.46
CA GLU E 404 -22.54 25.50 -45.13
C GLU E 404 -22.38 24.12 -44.52
N MET E 405 -21.43 23.33 -45.01
CA MET E 405 -21.16 22.00 -44.46
C MET E 405 -19.71 22.01 -43.98
N THR E 406 -19.51 22.51 -42.77
CA THR E 406 -18.19 22.61 -42.16
C THR E 406 -18.13 22.02 -40.77
N LEU E 407 -19.18 22.18 -39.97
CA LEU E 407 -19.16 21.63 -38.62
C LEU E 407 -19.70 20.21 -38.55
N GLY E 408 -20.69 19.88 -39.38
CA GLY E 408 -21.17 18.52 -39.44
C GLY E 408 -20.16 17.55 -40.01
N GLN E 409 -19.48 17.94 -41.09
CA GLN E 409 -18.47 17.06 -41.67
C GLN E 409 -17.32 16.84 -40.70
N ILE E 410 -16.86 17.90 -40.02
CA ILE E 410 -15.78 17.73 -39.05
C ILE E 410 -16.22 16.85 -37.90
N ASN E 411 -17.43 17.06 -37.40
CA ASN E 411 -17.92 16.24 -36.29
C ASN E 411 -17.98 14.78 -36.70
N ASN E 412 -18.48 14.50 -37.91
CA ASN E 412 -18.52 13.11 -38.38
C ASN E 412 -17.11 12.54 -38.55
N LEU E 413 -16.20 13.31 -39.15
CA LEU E 413 -14.84 12.83 -39.38
C LEU E 413 -14.11 12.55 -38.09
N VAL E 414 -14.54 13.15 -36.99
CA VAL E 414 -13.90 12.90 -35.71
C VAL E 414 -14.61 11.79 -34.93
N ALA E 415 -15.93 11.67 -35.06
CA ALA E 415 -16.68 10.76 -34.24
C ALA E 415 -16.94 9.38 -34.86
N ILE E 416 -16.82 9.22 -36.18
CA ILE E 416 -17.16 7.95 -36.81
C ILE E 416 -16.00 7.40 -37.63
N GLU E 417 -15.50 8.20 -38.57
CA GLU E 417 -14.46 7.71 -39.48
C GLU E 417 -13.19 7.35 -38.73
N THR E 418 -12.81 8.14 -37.73
CA THR E 418 -11.66 7.77 -36.91
C THR E 418 -11.94 6.46 -36.19
N ASN E 419 -13.16 6.32 -35.67
CA ASN E 419 -13.53 5.09 -34.99
C ASN E 419 -13.55 3.90 -35.96
N GLN E 420 -14.02 4.11 -37.19
CA GLN E 420 -14.01 3.01 -38.16
C GLN E 420 -12.58 2.59 -38.50
N LEU E 421 -11.67 3.56 -38.68
CA LEU E 421 -10.29 3.18 -38.95
C LEU E 421 -9.71 2.41 -37.78
N MET E 422 -10.01 2.85 -36.56
CA MET E 422 -9.51 2.13 -35.39
C MET E 422 -10.05 0.71 -35.35
N TRP E 423 -11.36 0.55 -35.54
CA TRP E 423 -11.92 -0.79 -35.47
C TRP E 423 -11.54 -1.66 -36.66
N PHE E 424 -11.00 -1.08 -37.73
CA PHE E 424 -10.39 -1.94 -38.74
C PHE E 424 -9.00 -2.38 -38.32
N LEU E 425 -8.20 -1.45 -37.80
CA LEU E 425 -6.87 -1.86 -37.36
C LEU E 425 -6.96 -2.87 -36.23
N PHE E 426 -8.05 -2.83 -35.47
CA PHE E 426 -8.29 -3.85 -34.45
C PHE E 426 -8.46 -5.23 -35.06
N LEU E 427 -9.23 -5.35 -36.16
CA LEU E 427 -9.51 -6.64 -36.78
C LEU E 427 -8.57 -6.95 -37.94
N CYS E 428 -7.38 -6.33 -37.95
CA CYS E 428 -6.48 -6.44 -39.10
C CYS E 428 -6.00 -7.84 -39.37
N PRO E 429 -5.44 -8.58 -38.41
CA PRO E 429 -4.80 -9.85 -38.75
C PRO E 429 -5.74 -10.90 -39.31
N ASN E 430 -7.04 -10.85 -38.97
CA ASN E 430 -7.94 -11.89 -39.47
C ASN E 430 -8.05 -11.85 -40.98
N LEU E 431 -7.61 -10.76 -41.60
CA LEU E 431 -7.65 -10.66 -43.05
C LEU E 431 -6.72 -11.68 -43.69
N TRP E 432 -5.53 -11.89 -43.10
CA TRP E 432 -4.54 -12.79 -43.66
C TRP E 432 -4.28 -13.98 -42.74
N ALA E 433 -5.27 -14.39 -41.99
CA ALA E 433 -5.19 -15.64 -41.25
C ALA E 433 -6.36 -16.56 -41.53
N MET E 434 -7.56 -16.01 -41.71
CA MET E 434 -8.71 -16.83 -42.09
C MET E 434 -8.44 -17.66 -43.33
N PRO E 435 -7.87 -17.11 -44.41
CA PRO E 435 -7.58 -17.98 -45.56
C PRO E 435 -6.70 -19.16 -45.21
N VAL E 436 -5.69 -18.95 -44.36
CA VAL E 436 -4.82 -20.04 -43.96
C VAL E 436 -5.64 -21.13 -43.28
N GLN E 437 -6.49 -20.73 -42.33
CA GLN E 437 -7.28 -21.69 -41.59
C GLN E 437 -8.23 -22.44 -42.52
N ILE E 438 -8.86 -21.73 -43.47
CA ILE E 438 -9.81 -22.39 -44.36
C ILE E 438 -9.09 -23.40 -45.24
N ILE E 439 -7.92 -23.04 -45.75
CA ILE E 439 -7.16 -23.97 -46.58
C ILE E 439 -6.79 -25.21 -45.77
N MET E 440 -6.30 -24.99 -44.55
CA MET E 440 -5.93 -26.13 -43.73
C MET E 440 -7.15 -26.98 -43.37
N GLY E 441 -8.29 -26.34 -43.16
CA GLY E 441 -9.51 -27.08 -42.92
C GLY E 441 -9.89 -27.97 -44.09
N VAL E 442 -9.77 -27.44 -45.31
CA VAL E 442 -10.05 -28.28 -46.47
C VAL E 442 -9.05 -29.43 -46.55
N ILE E 443 -7.78 -29.15 -46.26
CA ILE E 443 -6.74 -30.18 -46.35
C ILE E 443 -7.04 -31.32 -45.38
N LEU E 444 -7.15 -31.00 -44.10
CA LEU E 444 -7.37 -32.02 -43.09
C LEU E 444 -8.82 -32.41 -42.96
N LEU E 445 -9.66 -31.97 -43.89
CA LEU E 445 -10.95 -32.61 -44.10
C LEU E 445 -10.93 -33.64 -45.22
N TYR E 446 -10.24 -33.32 -46.32
CA TYR E 446 -10.05 -34.31 -47.38
C TYR E 446 -9.25 -35.52 -46.90
N ASN E 447 -8.12 -35.28 -46.22
CA ASN E 447 -7.37 -36.44 -45.73
C ASN E 447 -8.04 -37.16 -44.57
N LEU E 448 -9.24 -36.78 -44.16
CA LEU E 448 -9.94 -37.46 -43.08
C LEU E 448 -11.26 -38.08 -43.51
N LEU E 449 -11.98 -37.48 -44.46
CA LEU E 449 -13.29 -37.98 -44.87
C LEU E 449 -13.37 -38.15 -46.38
N GLY E 450 -12.24 -38.30 -47.06
CA GLY E 450 -12.25 -38.66 -48.47
C GLY E 450 -12.63 -37.51 -49.39
N SER E 451 -13.24 -37.86 -50.52
CA SER E 451 -13.56 -36.87 -51.54
C SER E 451 -14.93 -36.24 -51.32
N SER E 452 -15.70 -36.71 -50.35
CA SER E 452 -16.93 -36.03 -49.97
C SER E 452 -16.65 -34.75 -49.20
N ALA E 453 -15.49 -34.68 -48.53
CA ALA E 453 -15.11 -33.47 -47.82
C ALA E 453 -14.95 -32.27 -48.74
N LEU E 454 -14.53 -32.47 -50.00
CA LEU E 454 -14.48 -31.32 -50.90
C LEU E 454 -15.88 -30.77 -51.11
N VAL E 455 -16.87 -31.65 -51.25
CA VAL E 455 -18.26 -31.22 -51.36
C VAL E 455 -18.68 -30.52 -50.08
N GLY E 456 -18.30 -31.07 -48.93
CA GLY E 456 -18.65 -30.44 -47.67
C GLY E 456 -18.06 -29.05 -47.53
N ALA E 457 -16.80 -28.88 -47.93
CA ALA E 457 -16.16 -27.58 -47.87
C ALA E 457 -16.86 -26.59 -48.79
N ALA E 458 -17.24 -27.05 -49.99
CA ALA E 458 -18.00 -26.17 -50.87
C ALA E 458 -19.32 -25.80 -50.21
N VAL E 459 -19.92 -26.74 -49.50
CA VAL E 459 -21.19 -26.47 -48.82
C VAL E 459 -21.01 -25.42 -47.75
N ILE E 460 -19.98 -25.58 -46.92
CA ILE E 460 -19.81 -24.70 -45.77
C ILE E 460 -19.41 -23.31 -46.22
N VAL E 461 -18.54 -23.23 -47.24
CA VAL E 461 -18.01 -21.94 -47.68
C VAL E 461 -19.14 -21.00 -48.06
N LEU E 462 -20.26 -21.55 -48.52
CA LEU E 462 -21.40 -20.72 -48.93
C LEU E 462 -21.93 -19.90 -47.76
N LEU E 463 -21.39 -20.12 -46.55
CA LEU E 463 -21.82 -19.33 -45.40
C LEU E 463 -21.41 -17.88 -45.57
N ALA E 464 -20.30 -17.66 -46.27
CA ALA E 464 -19.79 -16.29 -46.41
C ALA E 464 -20.65 -15.45 -47.33
N PRO E 465 -20.95 -15.86 -48.56
CA PRO E 465 -21.75 -14.99 -49.43
C PRO E 465 -23.12 -14.69 -48.85
N ILE E 466 -23.74 -15.68 -48.20
CA ILE E 466 -25.04 -15.45 -47.56
C ILE E 466 -24.90 -14.39 -46.48
N GLN E 467 -23.86 -14.50 -45.65
CA GLN E 467 -23.67 -13.53 -44.58
C GLN E 467 -23.36 -12.14 -45.10
N TYR E 468 -22.62 -12.03 -46.21
CA TYR E 468 -22.38 -10.72 -46.81
C TYR E 468 -23.67 -10.09 -47.30
N PHE E 469 -24.48 -10.87 -48.02
CA PHE E 469 -25.74 -10.34 -48.53
C PHE E 469 -26.65 -9.91 -47.38
N ILE E 470 -26.78 -10.77 -46.37
CA ILE E 470 -27.63 -10.45 -45.23
C ILE E 470 -27.14 -9.18 -44.55
N ALA E 471 -25.81 -9.04 -44.44
CA ALA E 471 -25.27 -7.84 -43.80
C ALA E 471 -25.60 -6.60 -44.61
N THR E 472 -25.50 -6.67 -45.93
CA THR E 472 -25.79 -5.49 -46.75
C THR E 472 -27.25 -5.09 -46.61
N LYS E 473 -28.17 -6.05 -46.70
CA LYS E 473 -29.58 -5.72 -46.54
C LYS E 473 -29.83 -5.17 -45.15
N LEU E 474 -29.19 -5.76 -44.14
CA LEU E 474 -29.35 -5.29 -42.77
C LEU E 474 -28.88 -3.85 -42.63
N ALA E 475 -27.77 -3.51 -43.26
CA ALA E 475 -27.26 -2.15 -43.17
C ALA E 475 -28.22 -1.16 -43.81
N GLU E 476 -28.79 -1.52 -44.97
CA GLU E 476 -29.75 -0.61 -45.59
C GLU E 476 -30.97 -0.41 -44.69
N ALA E 477 -31.45 -1.51 -44.12
CA ALA E 477 -32.59 -1.40 -43.21
C ALA E 477 -32.23 -0.54 -42.01
N GLN E 478 -31.01 -0.67 -41.51
CA GLN E 478 -30.58 0.10 -40.36
C GLN E 478 -30.52 1.58 -40.69
N LYS E 479 -30.10 1.92 -41.91
CA LYS E 479 -30.09 3.32 -42.31
C LYS E 479 -31.50 3.90 -42.32
N SER E 480 -32.45 3.17 -42.90
CA SER E 480 -33.82 3.67 -42.92
C SER E 480 -34.38 3.81 -41.51
N THR E 481 -34.13 2.82 -40.66
CA THR E 481 -34.59 2.89 -39.29
C THR E 481 -33.98 4.07 -38.55
N LEU E 482 -32.69 4.34 -38.78
CA LEU E 482 -32.04 5.47 -38.11
C LEU E 482 -32.65 6.79 -38.53
N ASP E 483 -32.96 6.92 -39.83
CA ASP E 483 -33.63 8.14 -40.29
C ASP E 483 -34.97 8.33 -39.58
N TYR E 484 -35.79 7.27 -39.55
CA TYR E 484 -37.09 7.41 -38.89
C TYR E 484 -36.94 7.67 -37.40
N SER E 485 -35.91 7.11 -36.78
CA SER E 485 -35.65 7.36 -35.37
C SER E 485 -35.30 8.83 -35.13
N THR E 486 -34.48 9.41 -36.00
CA THR E 486 -34.14 10.82 -35.83
C THR E 486 -35.38 11.69 -35.99
N GLU E 487 -36.24 11.37 -36.96
CA GLU E 487 -37.48 12.13 -37.10
C GLU E 487 -38.33 12.04 -35.83
N ARG E 488 -38.49 10.82 -35.30
CA ARG E 488 -39.28 10.67 -34.08
C ARG E 488 -38.67 11.43 -32.92
N LEU E 489 -37.34 11.47 -32.85
CA LEU E 489 -36.68 12.18 -31.75
C LEU E 489 -36.91 13.68 -31.87
N LYS E 490 -36.83 14.23 -33.09
CA LYS E 490 -37.10 15.65 -33.27
C LYS E 490 -38.53 15.98 -32.86
N LYS E 491 -39.49 15.14 -33.28
CA LYS E 491 -40.88 15.39 -32.91
C LYS E 491 -41.07 15.29 -31.39
N THR E 492 -40.41 14.32 -30.77
CA THR E 492 -40.55 14.14 -29.33
C THR E 492 -39.97 15.32 -28.57
N ASN E 493 -38.81 15.83 -29.00
CA ASN E 493 -38.25 17.00 -28.34
C ASN E 493 -39.13 18.22 -28.55
N GLU E 494 -39.75 18.35 -29.72
CA GLU E 494 -40.63 19.49 -29.97
C GLU E 494 -41.89 19.43 -29.12
N ILE E 495 -42.43 18.22 -28.89
CA ILE E 495 -43.62 18.08 -28.06
C ILE E 495 -43.33 17.89 -26.58
N LEU E 496 -42.07 17.70 -26.18
CA LEU E 496 -41.72 17.62 -24.76
C LEU E 496 -41.14 18.92 -24.21
N LYS E 497 -40.28 19.61 -24.96
CA LYS E 497 -39.71 20.85 -24.46
C LYS E 497 -40.78 21.92 -24.36
N GLY E 498 -41.63 22.00 -25.37
CA GLY E 498 -42.78 22.88 -25.31
C GLY E 498 -43.91 22.19 -24.59
N ILE E 499 -43.72 21.95 -23.30
CA ILE E 499 -44.76 21.32 -22.49
C ILE E 499 -45.66 22.36 -21.85
N LYS E 500 -45.11 23.53 -21.51
CA LYS E 500 -45.87 24.54 -20.77
C LYS E 500 -47.14 24.91 -21.51
N LEU E 501 -47.01 25.28 -22.79
CA LEU E 501 -48.20 25.61 -23.56
C LEU E 501 -49.11 24.40 -23.71
N LEU E 502 -48.52 23.24 -23.97
CA LEU E 502 -49.28 22.00 -24.07
C LEU E 502 -50.01 21.69 -22.77
N LYS E 503 -49.34 21.89 -21.64
CA LYS E 503 -49.98 21.70 -20.34
C LYS E 503 -51.12 22.67 -20.12
N LEU E 504 -50.93 23.95 -20.47
CA LEU E 504 -51.98 24.94 -20.19
C LEU E 504 -53.15 24.80 -21.15
N TYR E 505 -52.88 24.75 -22.45
CA TYR E 505 -53.95 24.68 -23.44
C TYR E 505 -54.53 23.29 -23.61
N ALA E 506 -53.94 22.28 -22.96
CA ALA E 506 -54.39 20.89 -23.06
C ALA E 506 -54.52 20.47 -24.52
N TRP E 507 -53.38 20.47 -25.22
CA TRP E 507 -53.28 19.97 -26.58
C TRP E 507 -52.35 18.76 -26.65
N GLU E 508 -52.29 17.99 -25.56
CA GLU E 508 -51.46 16.80 -25.56
C GLU E 508 -52.20 15.57 -26.05
N HIS E 509 -53.52 15.53 -25.87
CA HIS E 509 -54.26 14.36 -26.32
C HIS E 509 -54.43 14.34 -27.83
N ILE E 510 -54.38 15.50 -28.47
CA ILE E 510 -54.60 15.56 -29.91
C ILE E 510 -53.29 15.40 -30.71
N PHE E 511 -52.18 15.91 -30.20
CA PHE E 511 -50.90 15.86 -30.92
C PHE E 511 -50.06 14.66 -30.53
N CYS E 512 -50.61 13.73 -29.76
CA CYS E 512 -49.93 12.47 -29.49
C CYS E 512 -50.15 11.47 -30.60
N LYS E 513 -51.26 11.58 -31.32
CA LYS E 513 -51.51 10.68 -32.44
C LYS E 513 -50.42 10.81 -33.50
N SER E 514 -49.87 12.00 -33.69
CA SER E 514 -48.79 12.14 -34.66
C SER E 514 -47.57 11.34 -34.26
N VAL E 515 -47.19 11.40 -32.98
CA VAL E 515 -46.05 10.61 -32.53
C VAL E 515 -46.37 9.13 -32.61
N GLU E 516 -47.62 8.76 -32.31
CA GLU E 516 -48.02 7.35 -32.41
C GLU E 516 -47.93 6.85 -33.85
N GLU E 517 -48.42 7.65 -34.80
CA GLU E 517 -48.34 7.26 -36.21
C GLU E 517 -46.88 7.16 -36.64
N THR E 518 -46.05 8.09 -36.20
CA THR E 518 -44.63 7.99 -36.53
C THR E 518 -44.01 6.73 -35.93
N ARG E 519 -44.48 6.34 -34.74
CA ARG E 519 -44.01 5.08 -34.16
C ARG E 519 -44.47 3.89 -34.98
N MET E 520 -45.69 3.95 -35.50
CA MET E 520 -46.16 2.88 -36.37
C MET E 520 -45.30 2.80 -37.62
N LYS E 521 -44.93 3.95 -38.18
CA LYS E 521 -43.98 3.96 -39.29
C LYS E 521 -42.64 3.36 -38.86
N GLU E 522 -42.19 3.67 -37.65
CA GLU E 522 -40.93 3.13 -37.16
C GLU E 522 -40.98 1.62 -37.08
N LEU E 523 -42.09 1.07 -36.59
CA LEU E 523 -42.20 -0.37 -36.49
C LEU E 523 -42.28 -1.01 -37.87
N SER E 524 -42.99 -0.37 -38.79
CA SER E 524 -43.04 -0.90 -40.14
C SER E 524 -41.71 -0.77 -40.88
N SER E 525 -40.81 0.08 -40.40
CA SER E 525 -39.45 0.09 -40.94
C SER E 525 -38.52 -0.87 -40.23
N LEU E 526 -38.74 -1.12 -38.94
CA LEU E 526 -37.88 -2.00 -38.16
C LEU E 526 -38.22 -3.47 -38.33
N LYS E 527 -39.45 -3.78 -38.74
CA LYS E 527 -39.82 -5.18 -38.93
C LYS E 527 -38.90 -5.85 -39.94
N THR E 528 -38.59 -5.15 -41.03
CA THR E 528 -37.72 -5.74 -42.03
C THR E 528 -36.32 -5.99 -41.46
N PHE E 529 -35.81 -5.06 -40.67
CA PHE E 529 -34.51 -5.25 -40.04
C PHE E 529 -34.52 -6.47 -39.13
N ALA E 530 -35.56 -6.59 -38.31
CA ALA E 530 -35.64 -7.74 -37.43
C ALA E 530 -35.78 -9.05 -38.20
N LEU E 531 -36.60 -9.05 -39.25
CA LEU E 531 -36.76 -10.25 -40.07
C LEU E 531 -35.44 -10.66 -40.69
N TYR E 532 -34.73 -9.70 -41.29
CA TYR E 532 -33.48 -10.04 -41.95
C TYR E 532 -32.45 -10.50 -40.93
N THR E 533 -32.42 -9.88 -39.75
CA THR E 533 -31.45 -10.31 -38.75
C THR E 533 -31.78 -11.71 -38.25
N SER E 534 -33.08 -12.01 -38.12
CA SER E 534 -33.47 -13.38 -37.78
C SER E 534 -33.06 -14.37 -38.86
N LEU E 535 -33.21 -13.98 -40.13
CA LEU E 535 -32.75 -14.84 -41.21
C LEU E 535 -31.26 -15.06 -41.09
N SER E 536 -30.52 -14.01 -40.74
CA SER E 536 -29.07 -14.13 -40.56
C SER E 536 -28.74 -15.09 -39.44
N ILE E 537 -29.40 -14.95 -38.28
CA ILE E 537 -29.14 -15.83 -37.15
C ILE E 537 -29.46 -17.28 -37.51
N PHE E 538 -30.63 -17.50 -38.13
CA PHE E 538 -31.02 -18.84 -38.52
C PHE E 538 -30.02 -19.45 -39.50
N MET E 539 -29.71 -18.74 -40.58
CA MET E 539 -28.80 -19.30 -41.57
C MET E 539 -27.42 -19.55 -40.98
N ASN E 540 -26.90 -18.59 -40.22
CA ASN E 540 -25.58 -18.75 -39.62
C ASN E 540 -25.53 -19.92 -38.67
N ALA E 541 -26.62 -20.22 -37.97
CA ALA E 541 -26.59 -21.36 -37.08
C ALA E 541 -26.88 -22.68 -37.79
N ALA E 542 -27.59 -22.64 -38.92
CA ALA E 542 -28.11 -23.88 -39.51
C ALA E 542 -27.35 -24.38 -40.72
N ILE E 543 -26.79 -23.52 -41.55
CA ILE E 543 -26.12 -23.95 -42.78
C ILE E 543 -25.05 -24.98 -42.45
N PRO E 544 -24.28 -24.80 -41.38
CA PRO E 544 -23.25 -25.80 -41.06
C PRO E 544 -23.79 -27.20 -40.89
N ILE E 545 -24.97 -27.36 -40.28
CA ILE E 545 -25.50 -28.71 -40.06
C ILE E 545 -25.90 -29.34 -41.38
N ALA E 546 -26.44 -28.55 -42.31
CA ALA E 546 -26.75 -29.08 -43.63
C ALA E 546 -25.49 -29.47 -44.38
N ALA E 547 -24.43 -28.68 -44.25
CA ALA E 547 -23.17 -29.06 -44.88
C ALA E 547 -22.66 -30.36 -44.31
N VAL E 548 -22.75 -30.52 -42.99
CA VAL E 548 -22.35 -31.77 -42.35
C VAL E 548 -23.18 -32.92 -42.89
N LEU E 549 -24.49 -32.72 -43.00
CA LEU E 549 -25.40 -33.75 -43.48
C LEU E 549 -24.99 -34.21 -44.88
N ALA E 550 -24.73 -33.24 -45.77
CA ALA E 550 -24.34 -33.60 -47.13
C ALA E 550 -23.00 -34.32 -47.13
N THR E 551 -22.04 -33.82 -46.36
CA THR E 551 -20.71 -34.39 -46.40
C THR E 551 -20.68 -35.81 -45.85
N PHE E 552 -21.52 -36.11 -44.87
CA PHE E 552 -21.47 -37.47 -44.36
C PHE E 552 -22.37 -38.40 -45.18
N VAL E 553 -23.55 -37.92 -45.58
CA VAL E 553 -24.49 -38.75 -46.33
C VAL E 553 -23.88 -39.19 -47.66
N THR E 554 -23.15 -38.28 -48.28
CA THR E 554 -22.56 -38.55 -49.55
C THR E 554 -21.73 -39.79 -49.53
N HIS E 555 -21.08 -40.06 -48.40
CA HIS E 555 -20.23 -41.24 -48.33
C HIS E 555 -20.86 -42.65 -48.39
N ALA E 556 -21.90 -42.93 -47.64
CA ALA E 556 -22.43 -44.28 -47.70
C ALA E 556 -23.01 -44.63 -49.04
N TYR E 557 -23.79 -43.71 -49.61
CA TYR E 557 -24.40 -43.90 -50.93
C TYR E 557 -23.38 -43.94 -52.07
N ALA E 558 -22.33 -43.09 -51.97
CA ALA E 558 -21.26 -43.02 -53.00
C ALA E 558 -19.87 -43.67 -52.71
N SER E 559 -19.30 -43.41 -51.54
CA SER E 559 -17.99 -43.97 -51.21
C SER E 559 -18.12 -45.42 -50.78
N GLY E 560 -17.00 -46.14 -50.75
CA GLY E 560 -16.98 -47.55 -50.37
C GLY E 560 -16.27 -47.90 -49.08
N ASN E 561 -16.31 -47.01 -48.09
CA ASN E 561 -15.61 -47.19 -46.83
C ASN E 561 -16.27 -48.06 -45.76
N ASN E 562 -17.43 -48.65 -46.07
CA ASN E 562 -18.12 -49.54 -45.13
C ASN E 562 -18.42 -48.86 -43.82
N LEU E 563 -18.01 -49.44 -42.71
CA LEU E 563 -18.30 -48.81 -41.42
C LEU E 563 -17.06 -48.43 -40.55
N LYS E 564 -17.10 -47.22 -39.99
CA LYS E 564 -16.03 -46.72 -39.15
C LYS E 564 -16.52 -45.54 -38.30
N PRO E 565 -16.88 -45.83 -37.04
CA PRO E 565 -17.39 -44.84 -36.08
C PRO E 565 -16.38 -43.76 -35.71
N ALA E 566 -15.11 -44.15 -35.56
CA ALA E 566 -14.06 -43.21 -35.19
C ALA E 566 -13.84 -42.10 -36.22
N GLU E 567 -13.90 -42.47 -37.49
CA GLU E 567 -13.70 -41.50 -38.58
C GLU E 567 -14.76 -40.40 -38.57
N ALA E 568 -16.00 -40.77 -38.32
CA ALA E 568 -17.11 -39.82 -38.29
C ALA E 568 -16.95 -38.78 -37.19
N PHE E 569 -16.48 -39.21 -36.03
CA PHE E 569 -16.28 -38.32 -34.89
C PHE E 569 -15.26 -37.23 -35.15
N ALA E 570 -14.18 -37.58 -35.85
CA ALA E 570 -13.12 -36.64 -36.16
C ALA E 570 -13.59 -35.48 -37.03
N SER E 571 -14.44 -35.80 -38.01
CA SER E 571 -14.96 -34.80 -38.93
C SER E 571 -15.79 -33.73 -38.23
N LEU E 572 -16.60 -34.14 -37.27
CA LEU E 572 -17.47 -33.21 -36.54
C LEU E 572 -16.68 -32.17 -35.75
N SER E 573 -15.59 -32.59 -35.13
CA SER E 573 -14.75 -31.68 -34.34
C SER E 573 -14.06 -30.63 -35.22
N LEU E 574 -13.45 -31.09 -36.31
CA LEU E 574 -12.74 -30.19 -37.24
C LEU E 574 -13.70 -29.21 -37.89
N PHE E 575 -14.97 -29.56 -37.96
CA PHE E 575 -15.95 -28.65 -38.53
C PHE E 575 -16.21 -27.40 -37.68
N HIS E 576 -16.19 -27.53 -36.36
CA HIS E 576 -16.52 -26.38 -35.54
C HIS E 576 -15.52 -25.25 -35.75
N ILE E 577 -14.25 -25.61 -35.83
CA ILE E 577 -13.25 -24.58 -36.02
C ILE E 577 -13.48 -23.82 -37.33
N LEU E 578 -13.74 -24.56 -38.42
CA LEU E 578 -13.95 -23.88 -39.69
C LEU E 578 -15.16 -22.98 -39.63
N VAL E 579 -16.25 -23.43 -39.00
CA VAL E 579 -17.41 -22.57 -38.95
C VAL E 579 -17.13 -21.24 -38.24
N THR E 580 -16.43 -21.28 -37.10
CA THR E 580 -16.18 -20.00 -36.39
C THR E 580 -15.38 -19.07 -37.25
N PRO E 581 -14.33 -19.64 -37.84
CA PRO E 581 -13.57 -18.71 -38.65
C PRO E 581 -14.31 -18.13 -39.84
N LEU E 582 -15.28 -18.78 -40.46
CA LEU E 582 -15.98 -18.11 -41.60
C LEU E 582 -16.81 -16.79 -41.38
N PHE E 583 -17.71 -16.80 -40.42
CA PHE E 583 -18.57 -15.62 -40.20
C PHE E 583 -17.78 -14.37 -39.83
N LEU E 584 -16.77 -14.53 -39.00
CA LEU E 584 -15.96 -13.39 -38.62
C LEU E 584 -15.30 -12.86 -39.85
N LEU E 585 -14.77 -13.69 -40.75
CA LEU E 585 -14.19 -13.17 -41.97
C LEU E 585 -15.20 -12.41 -42.82
N SER E 586 -16.44 -12.88 -43.00
CA SER E 586 -17.35 -12.01 -43.79
C SER E 586 -17.60 -10.62 -43.14
N THR E 587 -17.76 -10.64 -41.83
CA THR E 587 -17.94 -9.37 -41.16
C THR E 587 -16.72 -8.50 -41.32
N VAL E 588 -15.52 -9.07 -41.24
CA VAL E 588 -14.28 -8.33 -41.40
C VAL E 588 -14.20 -7.69 -42.74
N VAL E 589 -14.58 -8.38 -43.81
CA VAL E 589 -14.52 -7.71 -45.09
C VAL E 589 -15.44 -6.52 -45.11
N ARG E 590 -16.68 -6.65 -44.61
CA ARG E 590 -17.50 -5.40 -44.61
C ARG E 590 -16.93 -4.24 -43.75
N PHE E 591 -16.39 -4.51 -42.54
CA PHE E 591 -15.85 -3.37 -41.74
C PHE E 591 -14.67 -2.78 -42.47
N ALA E 592 -13.85 -3.62 -43.08
CA ALA E 592 -12.73 -3.14 -43.85
C ALA E 592 -13.18 -2.28 -45.03
N VAL E 593 -14.28 -2.64 -45.70
CA VAL E 593 -14.75 -1.79 -46.80
C VAL E 593 -15.12 -0.43 -46.23
N LYS E 594 -15.79 -0.40 -45.08
CA LYS E 594 -16.07 0.90 -44.46
C LYS E 594 -14.77 1.66 -44.14
N ALA E 595 -13.73 0.97 -43.68
CA ALA E 595 -12.43 1.54 -43.39
C ALA E 595 -11.80 2.16 -44.56
N ILE E 596 -11.81 1.51 -45.70
CA ILE E 596 -11.20 2.14 -46.86
C ILE E 596 -11.95 3.42 -47.22
N ILE E 597 -13.28 3.34 -47.16
CA ILE E 597 -14.04 4.52 -47.45
C ILE E 597 -13.71 5.64 -46.44
N SER E 598 -13.60 5.30 -45.17
CA SER E 598 -13.31 6.27 -44.14
C SER E 598 -11.97 6.88 -44.33
N VAL E 599 -10.99 6.09 -44.74
CA VAL E 599 -9.64 6.63 -44.93
C VAL E 599 -9.71 7.68 -45.99
N GLN E 600 -10.43 7.38 -47.10
CA GLN E 600 -10.62 8.37 -48.17
C GLN E 600 -11.05 9.72 -47.59
N LYS E 601 -12.06 9.71 -46.73
CA LYS E 601 -12.49 10.96 -46.11
C LYS E 601 -11.34 11.61 -45.33
N LEU E 602 -10.56 10.79 -44.63
CA LEU E 602 -9.51 11.31 -43.75
C LEU E 602 -8.44 12.04 -44.55
N ASN E 603 -8.09 11.51 -45.72
CA ASN E 603 -7.10 12.18 -46.56
C ASN E 603 -7.75 13.15 -47.54
N GLU E 604 -9.08 13.28 -47.50
CA GLU E 604 -9.72 14.46 -48.06
C GLU E 604 -9.70 15.66 -47.10
N PHE E 605 -9.76 15.42 -45.79
CA PHE E 605 -9.71 16.52 -44.83
C PHE E 605 -8.32 17.10 -44.65
N LEU E 606 -7.33 16.25 -44.33
CA LEU E 606 -6.01 16.74 -43.94
C LEU E 606 -5.32 17.50 -45.06
N LEU E 607 -5.96 17.58 -46.22
CA LEU E 607 -5.55 18.48 -47.29
C LEU E 607 -6.67 19.52 -47.44
N SER E 608 -6.46 20.71 -46.86
CA SER E 608 -7.50 21.73 -46.84
C SER E 608 -6.87 23.11 -46.77
N ASP E 609 -7.68 24.13 -47.07
CA ASP E 609 -7.20 25.50 -47.15
C ASP E 609 -6.92 26.05 -45.76
N GLU E 610 -5.72 26.60 -45.57
CA GLU E 610 -5.28 27.11 -44.28
C GLU E 610 -4.50 28.41 -44.50
N ILE E 611 -4.46 29.23 -43.45
CA ILE E 611 -3.79 30.52 -43.50
C ILE E 611 -2.45 30.38 -42.82
N GLY E 612 -1.39 30.70 -43.54
CA GLY E 612 -0.05 30.45 -43.06
C GLY E 612 0.97 31.02 -44.03
N GLU E 613 2.24 30.69 -43.75
CA GLU E 613 3.41 31.26 -44.41
C GLU E 613 3.60 32.71 -43.95
N ASP E 614 2.64 33.21 -43.18
CA ASP E 614 2.75 34.46 -42.45
C ASP E 614 2.55 34.31 -40.96
N SER E 615 1.89 33.25 -40.51
CA SER E 615 1.74 32.97 -39.09
C SER E 615 3.02 32.46 -38.45
N TRP E 616 4.04 32.14 -39.25
CA TRP E 616 5.34 31.79 -38.72
C TRP E 616 6.26 33.00 -38.53
N ARG E 617 5.89 34.16 -39.10
CA ARG E 617 6.72 35.35 -39.04
C ARG E 617 6.48 36.06 -37.73
N THR E 618 7.48 36.05 -36.84
CA THR E 618 7.34 36.61 -35.50
C THR E 618 7.98 37.98 -35.41
N GLU E 664 4.78 54.24 -34.26
CA GLU E 664 5.29 54.12 -32.90
C GLU E 664 4.18 53.72 -31.92
N ASP E 665 3.57 54.72 -31.29
CA ASP E 665 2.56 54.43 -30.27
C ASP E 665 1.37 53.68 -30.85
N VAL E 666 0.93 54.06 -32.05
CA VAL E 666 -0.15 53.34 -32.71
C VAL E 666 0.35 51.96 -33.12
N ALA E 667 -0.42 50.93 -32.76
CA ALA E 667 -0.03 49.54 -32.98
C ALA E 667 -0.58 48.96 -34.28
N ILE E 668 -1.31 49.74 -35.07
CA ILE E 668 -1.96 49.26 -36.29
C ILE E 668 -1.48 50.12 -37.46
N LYS E 669 -1.02 49.46 -38.52
CA LYS E 669 -0.49 50.15 -39.67
C LYS E 669 -0.63 49.28 -40.90
N VAL E 670 -0.62 49.94 -42.07
CA VAL E 670 -0.70 49.26 -43.35
C VAL E 670 -0.34 50.25 -44.46
N THR E 671 0.17 49.73 -45.58
CA THR E 671 0.35 50.50 -46.79
C THR E 671 -0.35 49.79 -47.95
N ASN E 672 -1.45 49.12 -47.63
CA ASN E 672 -2.03 48.12 -48.52
C ASN E 672 -2.74 48.75 -49.72
N GLY E 673 -2.68 48.02 -50.83
CA GLY E 673 -3.60 48.23 -51.92
C GLY E 673 -4.71 47.21 -51.85
N TYR E 674 -4.51 46.15 -51.07
CA TYR E 674 -5.50 45.09 -50.95
C TYR E 674 -5.15 44.17 -49.80
N PHE E 675 -6.16 43.81 -49.00
CA PHE E 675 -6.13 42.63 -48.12
C PHE E 675 -7.51 42.01 -48.21
N SER E 676 -7.70 41.10 -49.16
CA SER E 676 -9.01 40.54 -49.48
C SER E 676 -9.14 39.11 -48.95
N TRP E 677 -10.28 38.49 -49.24
CA TRP E 677 -10.65 37.22 -48.62
C TRP E 677 -10.64 36.06 -49.60
N GLY E 678 -11.37 36.16 -50.71
CA GLY E 678 -11.57 34.99 -51.53
C GLY E 678 -10.57 34.80 -52.65
N SER E 679 -11.06 34.89 -53.89
CA SER E 679 -10.25 34.77 -55.09
C SER E 679 -10.21 36.13 -55.78
N GLY E 680 -9.14 36.88 -55.56
CA GLY E 680 -9.08 38.22 -56.10
C GLY E 680 -10.16 39.09 -55.48
N LEU E 681 -10.64 40.05 -56.25
CA LEU E 681 -11.75 40.91 -55.84
C LEU E 681 -11.45 41.57 -54.48
N ALA E 682 -10.43 42.42 -54.50
CA ALA E 682 -9.92 43.06 -53.30
C ALA E 682 -11.05 43.70 -52.49
N THR E 683 -11.22 43.23 -51.25
CA THR E 683 -12.41 43.55 -50.48
C THR E 683 -12.19 44.66 -49.47
N LEU E 684 -11.24 44.49 -48.55
CA LEU E 684 -10.84 45.57 -47.66
C LEU E 684 -9.60 46.27 -48.21
N SER E 685 -9.77 46.82 -49.41
CA SER E 685 -8.67 47.33 -50.22
C SER E 685 -8.56 48.85 -50.12
N ASN E 686 -7.34 49.34 -50.27
CA ASN E 686 -7.06 50.78 -50.27
C ASN E 686 -7.51 51.42 -48.96
N ILE E 687 -6.90 50.97 -47.87
CA ILE E 687 -7.19 51.47 -46.53
C ILE E 687 -5.88 51.88 -45.86
N ASP E 688 -5.98 52.31 -44.61
CA ASP E 688 -4.82 52.61 -43.78
C ASP E 688 -5.31 52.80 -42.35
N ILE E 689 -4.44 52.51 -41.38
CA ILE E 689 -4.85 52.54 -39.99
C ILE E 689 -3.82 53.27 -39.14
N ARG E 690 -4.28 53.77 -38.00
CA ARG E 690 -3.41 54.31 -36.97
C ARG E 690 -4.20 54.29 -35.67
N ILE E 691 -3.85 53.37 -34.77
CA ILE E 691 -4.63 53.14 -33.56
C ILE E 691 -3.75 53.27 -32.33
N PRO E 692 -3.50 54.47 -31.86
CA PRO E 692 -2.72 54.62 -30.63
C PRO E 692 -3.53 54.19 -29.42
N THR E 693 -2.81 53.87 -28.35
CA THR E 693 -3.44 53.41 -27.12
C THR E 693 -4.33 54.50 -26.54
N GLY E 694 -5.22 54.08 -25.64
CA GLY E 694 -6.15 54.99 -25.01
C GLY E 694 -7.30 55.41 -25.87
N GLN E 695 -7.30 55.06 -27.15
CA GLN E 695 -8.37 55.48 -28.03
C GLN E 695 -9.58 54.55 -27.88
N LEU E 696 -10.69 54.97 -28.48
CA LEU E 696 -11.90 54.16 -28.55
C LEU E 696 -12.49 54.25 -29.95
N THR E 697 -11.62 54.20 -30.96
CA THR E 697 -12.03 54.37 -32.34
C THR E 697 -13.11 53.36 -32.73
N MET E 698 -14.32 53.85 -32.96
CA MET E 698 -15.45 52.99 -33.31
C MET E 698 -15.57 53.00 -34.84
N ILE E 699 -15.26 51.87 -35.46
CA ILE E 699 -15.32 51.80 -36.92
C ILE E 699 -16.79 51.91 -37.33
N VAL E 700 -17.17 53.06 -37.85
CA VAL E 700 -18.55 53.35 -38.21
C VAL E 700 -18.59 53.78 -39.65
N GLY E 701 -19.36 53.08 -40.46
CA GLY E 701 -19.45 53.37 -41.88
C GLY E 701 -20.78 52.94 -42.43
N GLN E 702 -20.92 52.92 -43.75
CA GLN E 702 -22.16 52.44 -44.34
C GLN E 702 -22.45 51.04 -43.82
N VAL E 703 -23.65 50.85 -43.26
CA VAL E 703 -24.00 49.59 -42.63
C VAL E 703 -24.28 48.57 -43.73
N GLY E 704 -23.39 47.59 -43.87
CA GLY E 704 -23.58 46.55 -44.86
C GLY E 704 -22.34 46.14 -45.60
N CYS E 705 -21.21 46.81 -45.37
CA CYS E 705 -20.02 46.57 -46.19
C CYS E 705 -18.77 46.69 -45.32
N GLY E 706 -18.36 45.47 -44.95
CA GLY E 706 -17.19 45.04 -44.22
C GLY E 706 -16.62 45.54 -42.95
N LYS E 707 -17.43 46.00 -42.01
CA LYS E 707 -16.84 46.46 -40.74
C LYS E 707 -16.16 45.28 -40.06
N SER E 708 -16.93 44.18 -40.03
CA SER E 708 -16.47 42.96 -39.45
C SER E 708 -15.27 42.49 -40.24
N SER E 709 -15.32 42.57 -41.57
CA SER E 709 -14.21 42.13 -42.35
C SER E 709 -12.91 42.84 -42.03
N LEU E 710 -12.89 44.16 -41.97
CA LEU E 710 -11.60 44.81 -41.70
C LEU E 710 -11.10 44.48 -40.32
N LEU E 711 -12.03 44.49 -39.37
CA LEU E 711 -11.57 44.24 -38.03
C LEU E 711 -11.01 42.84 -37.92
N LEU E 712 -11.70 41.87 -38.48
CA LEU E 712 -11.26 40.51 -38.38
C LEU E 712 -9.97 40.33 -39.10
N ALA E 713 -9.79 40.96 -40.25
CA ALA E 713 -8.53 40.78 -40.99
C ALA E 713 -7.31 41.31 -40.27
N ILE E 714 -7.47 42.43 -39.58
CA ILE E 714 -6.31 42.93 -38.86
C ILE E 714 -5.90 41.88 -37.84
N LEU E 715 -6.85 41.11 -37.33
CA LEU E 715 -6.50 40.05 -36.40
C LEU E 715 -5.64 38.97 -37.06
N GLY E 716 -5.76 38.81 -38.38
CA GLY E 716 -4.81 38.00 -39.12
C GLY E 716 -5.29 36.65 -39.61
N GLU E 717 -6.57 36.54 -39.97
CA GLU E 717 -7.16 35.28 -40.43
C GLU E 717 -7.89 35.48 -41.74
N MET E 718 -7.26 36.17 -42.68
CA MET E 718 -7.81 36.37 -44.01
C MET E 718 -6.70 36.27 -45.03
N GLN E 719 -7.07 36.15 -46.30
CA GLN E 719 -6.13 35.84 -47.37
C GLN E 719 -5.33 37.10 -47.73
N THR E 720 -4.33 37.39 -46.90
CA THR E 720 -3.46 38.52 -47.18
C THR E 720 -2.70 38.28 -48.48
N LEU E 721 -2.90 39.17 -49.45
CA LEU E 721 -2.22 39.07 -50.74
C LEU E 721 -1.31 40.25 -51.04
N GLU E 722 -1.83 41.48 -50.98
CA GLU E 722 -1.10 42.65 -51.46
C GLU E 722 -1.20 43.80 -50.46
N GLY E 723 -0.97 43.51 -49.18
CA GLY E 723 -1.00 44.52 -48.14
C GLY E 723 0.34 44.69 -47.45
N LYS E 724 0.32 45.52 -46.41
CA LYS E 724 1.43 45.67 -45.49
C LYS E 724 0.95 45.23 -44.11
N VAL E 725 1.37 44.04 -43.69
CA VAL E 725 0.89 43.44 -42.45
C VAL E 725 1.74 43.95 -41.30
N TYR E 726 1.09 44.45 -40.26
CA TYR E 726 1.82 44.95 -39.10
C TYR E 726 0.96 44.84 -37.86
N TRP E 727 1.44 44.12 -36.85
CA TRP E 727 0.96 44.23 -35.48
C TRP E 727 2.16 43.95 -34.58
N ASN E 728 2.86 45.01 -34.20
CA ASN E 728 4.12 44.92 -33.46
C ASN E 728 4.04 45.81 -32.23
N ASN E 729 4.34 45.24 -31.07
CA ASN E 729 4.18 45.96 -29.82
C ASN E 729 5.17 47.12 -29.73
N VAL E 730 5.02 47.91 -28.68
CA VAL E 730 5.96 48.96 -28.33
C VAL E 730 6.63 48.52 -27.03
N ASN E 731 7.94 48.30 -27.09
CA ASN E 731 8.70 47.72 -25.98
C ASN E 731 8.09 46.37 -25.55
N GLU E 732 7.79 45.55 -26.56
CA GLU E 732 7.20 44.22 -26.36
C GLU E 732 5.92 44.27 -25.53
N ARG E 741 8.43 41.48 -30.11
CA ARG E 741 7.05 41.14 -30.42
C ARG E 741 6.98 40.02 -31.44
N SER E 742 6.11 39.04 -31.20
CA SER E 742 5.95 37.87 -32.05
C SER E 742 4.46 37.72 -32.39
N ARG E 743 4.09 38.07 -33.62
CA ARG E 743 2.71 38.03 -34.09
C ARG E 743 1.79 38.77 -33.13
N SER E 744 2.18 40.02 -32.85
CA SER E 744 1.47 40.94 -31.97
C SER E 744 1.62 40.54 -30.51
N ARG E 745 2.20 39.35 -30.25
CA ARG E 745 2.78 39.01 -28.94
C ARG E 745 1.80 39.18 -27.80
N TYR E 746 0.53 39.44 -28.12
CA TYR E 746 -0.48 39.73 -27.12
C TYR E 746 -1.83 39.53 -27.76
N SER E 747 -2.80 39.09 -26.96
CA SER E 747 -4.04 38.55 -27.46
C SER E 747 -5.09 39.64 -27.53
N VAL E 748 -5.52 39.95 -28.75
CA VAL E 748 -6.61 40.91 -28.94
C VAL E 748 -7.92 40.13 -28.80
N ALA E 749 -8.58 40.30 -27.66
CA ALA E 749 -9.84 39.62 -27.44
C ALA E 749 -10.87 40.07 -28.48
N TYR E 750 -11.99 39.36 -28.52
CA TYR E 750 -12.99 39.67 -29.53
C TYR E 750 -14.29 39.00 -29.14
N ALA E 751 -15.39 39.51 -29.70
CA ALA E 751 -16.66 38.81 -29.69
C ALA E 751 -17.39 39.26 -30.96
N ALA E 752 -17.25 38.48 -32.02
CA ALA E 752 -17.67 38.93 -33.34
C ALA E 752 -19.19 38.87 -33.44
N GLN E 753 -19.70 39.16 -34.64
CA GLN E 753 -21.14 39.30 -34.86
C GLN E 753 -21.93 38.05 -34.54
N LYS E 754 -21.26 36.93 -34.25
CA LYS E 754 -21.93 35.71 -33.81
C LYS E 754 -21.31 35.31 -32.48
N PRO E 755 -21.79 35.84 -31.36
CA PRO E 755 -21.14 35.57 -30.07
C PRO E 755 -21.16 34.08 -29.75
N TRP E 756 -20.08 33.62 -29.11
CA TRP E 756 -19.86 32.21 -28.83
C TRP E 756 -19.54 32.02 -27.35
N LEU E 757 -20.17 31.04 -26.73
CA LEU E 757 -20.01 30.77 -25.30
C LEU E 757 -19.52 29.34 -25.12
N LEU E 758 -18.40 29.19 -24.41
CA LEU E 758 -17.80 27.87 -24.24
C LEU E 758 -18.72 26.95 -23.46
N ASN E 759 -18.77 25.69 -23.87
CA ASN E 759 -19.70 24.74 -23.26
C ASN E 759 -19.14 24.25 -21.94
N ALA E 760 -18.82 25.19 -21.05
CA ALA E 760 -18.24 24.86 -19.75
C ALA E 760 -18.93 25.65 -18.65
N THR E 761 -18.37 25.60 -17.44
CA THR E 761 -18.97 26.27 -16.29
C THR E 761 -18.96 27.79 -16.48
N VAL E 762 -19.97 28.44 -15.93
CA VAL E 762 -20.10 29.88 -16.08
C VAL E 762 -18.85 30.57 -15.56
N GLU E 763 -18.27 30.08 -14.47
CA GLU E 763 -17.05 30.68 -13.96
C GLU E 763 -15.92 30.54 -14.97
N GLU E 764 -15.78 29.36 -15.54
CA GLU E 764 -14.77 29.17 -16.57
C GLU E 764 -15.07 30.06 -17.77
N ASN E 765 -16.35 30.19 -18.11
CA ASN E 765 -16.74 31.07 -19.21
C ASN E 765 -16.21 32.46 -18.97
N ILE E 766 -16.45 33.02 -17.79
CA ILE E 766 -16.00 34.38 -17.53
C ILE E 766 -14.48 34.44 -17.54
N THR E 767 -13.82 33.46 -16.89
CA THR E 767 -12.37 33.47 -16.81
C THR E 767 -11.73 33.32 -18.18
N PHE E 768 -12.16 32.32 -18.96
CA PHE E 768 -11.59 31.98 -20.27
C PHE E 768 -10.08 32.05 -20.22
N GLY E 769 -9.50 31.24 -19.33
CA GLY E 769 -8.08 31.31 -19.09
C GLY E 769 -7.72 32.53 -18.27
N SER E 770 -8.17 32.56 -17.02
CA SER E 770 -7.83 33.63 -16.09
C SER E 770 -7.77 33.05 -14.69
N SER E 771 -6.61 33.17 -14.05
CA SER E 771 -6.51 32.74 -12.65
C SER E 771 -7.46 33.56 -11.79
N PHE E 772 -8.03 32.92 -10.77
CA PHE E 772 -9.12 33.52 -10.01
C PHE E 772 -8.68 34.83 -9.35
N ASN E 773 -9.46 35.88 -9.54
CA ASN E 773 -9.17 37.20 -8.98
C ASN E 773 -10.52 37.88 -8.75
N ARG E 774 -10.98 37.87 -7.50
CA ARG E 774 -12.37 38.23 -7.23
C ARG E 774 -12.66 39.69 -7.55
N GLN E 775 -11.65 40.56 -7.50
CA GLN E 775 -11.88 41.97 -7.78
C GLN E 775 -12.29 42.20 -9.23
N ARG E 776 -11.45 41.78 -10.17
CA ARG E 776 -11.76 41.97 -11.58
C ARG E 776 -13.06 41.26 -11.96
N TYR E 777 -13.23 40.02 -11.49
CA TYR E 777 -14.42 39.25 -11.87
C TYR E 777 -15.69 39.92 -11.34
N LYS E 778 -15.66 40.37 -10.08
CA LYS E 778 -16.84 41.02 -9.52
C LYS E 778 -17.12 42.34 -10.22
N ALA E 779 -16.07 43.11 -10.52
CA ALA E 779 -16.26 44.38 -11.22
C ALA E 779 -16.85 44.17 -12.60
N VAL E 780 -16.42 43.13 -13.31
CA VAL E 780 -16.97 42.86 -14.63
C VAL E 780 -18.41 42.36 -14.52
N THR E 781 -18.70 41.51 -13.53
CA THR E 781 -20.05 41.01 -13.34
C THR E 781 -21.02 42.15 -13.05
N ASP E 782 -20.62 43.07 -12.16
CA ASP E 782 -21.43 44.25 -11.88
C ASP E 782 -21.54 45.17 -13.09
N ALA E 783 -20.45 45.34 -13.85
CA ALA E 783 -20.44 46.30 -14.94
C ALA E 783 -21.33 45.89 -16.11
N CYS E 784 -21.68 44.61 -16.22
CA CYS E 784 -22.69 44.19 -17.18
C CYS E 784 -24.05 44.02 -16.53
N SER E 785 -24.15 44.29 -15.23
CA SER E 785 -25.40 44.10 -14.49
C SER E 785 -25.87 42.66 -14.59
N LEU E 786 -24.94 41.72 -14.50
CA LEU E 786 -25.26 40.31 -14.65
C LEU E 786 -25.83 39.71 -13.37
N GLN E 787 -25.91 40.48 -12.29
CA GLN E 787 -26.39 39.92 -11.03
C GLN E 787 -27.84 39.44 -11.14
N PRO E 788 -28.79 40.25 -11.64
CA PRO E 788 -30.16 39.72 -11.76
C PRO E 788 -30.25 38.56 -12.73
N ASP E 789 -29.48 38.60 -13.82
CA ASP E 789 -29.46 37.48 -14.75
C ASP E 789 -28.91 36.22 -14.10
N ILE E 790 -27.81 36.36 -13.36
CA ILE E 790 -27.22 35.21 -12.69
C ILE E 790 -28.17 34.65 -11.63
N ASP E 791 -28.79 35.53 -10.85
CA ASP E 791 -29.70 35.10 -9.81
C ASP E 791 -30.94 34.40 -10.35
N LEU E 792 -31.49 34.88 -11.47
CA LEU E 792 -32.71 34.27 -11.96
C LEU E 792 -32.44 32.93 -12.64
N LEU E 793 -31.19 32.64 -12.97
CA LEU E 793 -30.80 31.39 -13.60
C LEU E 793 -30.86 30.27 -12.56
N PRO E 794 -30.57 29.03 -12.94
CA PRO E 794 -30.69 27.92 -11.99
C PRO E 794 -29.83 28.09 -10.75
N PHE E 795 -28.51 28.16 -10.92
CA PHE E 795 -27.63 28.19 -9.76
C PHE E 795 -26.45 29.14 -9.91
N GLY E 796 -26.57 30.17 -10.75
CA GLY E 796 -25.48 31.12 -10.75
C GLY E 796 -24.22 30.55 -11.36
N ASP E 797 -23.08 31.00 -10.82
CA ASP E 797 -21.76 30.60 -11.28
C ASP E 797 -21.43 29.13 -11.02
N GLN E 798 -22.30 28.36 -10.37
CA GLN E 798 -22.03 26.93 -10.25
C GLN E 798 -22.65 26.10 -11.37
N THR E 799 -23.64 26.63 -12.09
CA THR E 799 -24.40 25.86 -13.05
C THR E 799 -23.78 25.92 -14.44
N GLU E 800 -23.84 24.80 -15.15
CA GLU E 800 -23.41 24.77 -16.55
C GLU E 800 -24.27 25.70 -17.39
N ILE E 801 -23.73 26.11 -18.53
CA ILE E 801 -24.41 27.06 -19.40
C ILE E 801 -24.47 26.48 -20.80
N GLY E 802 -25.03 27.25 -21.74
CA GLY E 802 -24.94 26.92 -23.14
C GLY E 802 -25.66 25.64 -23.54
N GLU E 803 -25.46 25.28 -24.80
CA GLU E 803 -25.97 24.02 -25.32
C GLU E 803 -25.47 22.86 -24.46
N ARG E 804 -26.24 21.78 -24.45
CA ARG E 804 -26.03 20.67 -23.52
C ARG E 804 -26.18 21.15 -22.07
N GLY E 805 -27.16 22.00 -21.83
CA GLY E 805 -27.44 22.48 -20.49
C GLY E 805 -28.62 23.42 -20.48
N ILE E 806 -28.87 24.01 -19.32
CA ILE E 806 -29.92 25.03 -19.21
C ILE E 806 -29.54 26.20 -20.10
N ASN E 807 -30.44 26.57 -20.99
CA ASN E 807 -30.11 27.50 -22.06
C ASN E 807 -30.45 28.94 -21.67
N LEU E 808 -29.95 29.86 -22.48
CA LEU E 808 -30.24 31.28 -22.37
C LEU E 808 -30.86 31.76 -23.68
N SER E 809 -31.21 33.04 -23.72
CA SER E 809 -31.72 33.67 -24.92
C SER E 809 -30.62 34.50 -25.60
N GLY E 810 -30.99 35.26 -26.63
CA GLY E 810 -29.99 36.01 -27.38
C GLY E 810 -29.37 37.14 -26.58
N GLY E 811 -30.18 37.87 -25.82
CA GLY E 811 -29.63 38.95 -25.00
C GLY E 811 -28.70 38.43 -23.92
N GLN E 812 -29.10 37.34 -23.27
CA GLN E 812 -28.22 36.72 -22.29
C GLN E 812 -26.90 36.29 -22.91
N ARG E 813 -26.95 35.69 -24.10
CA ARG E 813 -25.72 35.25 -24.74
C ARG E 813 -24.82 36.43 -25.09
N GLN E 814 -25.42 37.52 -25.58
CA GLN E 814 -24.65 38.75 -25.81
C GLN E 814 -23.98 39.21 -24.52
N ARG E 815 -24.71 39.17 -23.42
CA ARG E 815 -24.14 39.58 -22.14
C ARG E 815 -22.97 38.68 -21.79
N ILE E 816 -23.11 37.38 -22.02
CA ILE E 816 -22.02 36.45 -21.72
C ILE E 816 -20.80 36.79 -22.56
N CYS E 817 -21.01 37.11 -23.84
CA CYS E 817 -19.89 37.41 -24.71
C CYS E 817 -19.14 38.65 -24.21
N VAL E 818 -19.89 39.68 -23.84
CA VAL E 818 -19.21 40.87 -23.38
C VAL E 818 -18.51 40.59 -22.06
N ALA E 819 -19.09 39.67 -21.26
CA ALA E 819 -18.41 39.29 -20.02
C ALA E 819 -17.08 38.62 -20.31
N ARG E 820 -17.05 37.75 -21.31
CA ARG E 820 -15.78 37.16 -21.71
C ARG E 820 -14.82 38.22 -22.20
N ALA E 821 -15.36 39.31 -22.75
CA ALA E 821 -14.52 40.39 -23.26
C ALA E 821 -13.85 41.19 -22.16
N LEU E 822 -14.64 41.76 -21.25
CA LEU E 822 -14.12 42.65 -20.22
C LEU E 822 -13.12 42.01 -19.27
N TYR E 823 -13.13 40.69 -19.11
CA TYR E 823 -12.27 40.07 -18.12
C TYR E 823 -10.88 39.72 -18.64
N GLN E 824 -10.58 39.98 -19.91
CA GLN E 824 -9.30 39.56 -20.49
C GLN E 824 -8.26 40.64 -20.22
N ASN E 825 -7.52 40.50 -19.13
CA ASN E 825 -6.58 41.52 -18.73
C ASN E 825 -5.31 41.49 -19.58
N THR E 826 -4.44 42.48 -19.33
CA THR E 826 -3.10 42.56 -19.92
C THR E 826 -3.13 42.41 -21.43
N ASN E 827 -3.98 43.19 -22.08
CA ASN E 827 -4.17 43.02 -23.51
C ASN E 827 -4.62 44.33 -24.14
N ILE E 828 -4.49 44.39 -25.46
CA ILE E 828 -5.06 45.50 -26.25
C ILE E 828 -6.48 45.07 -26.61
N VAL E 829 -7.40 45.32 -25.69
CA VAL E 829 -8.76 44.79 -25.80
C VAL E 829 -9.47 45.34 -27.03
N PHE E 830 -10.59 44.71 -27.37
CA PHE E 830 -11.42 45.15 -28.48
C PHE E 830 -12.79 44.51 -28.35
N LEU E 831 -13.59 44.62 -29.42
CA LEU E 831 -14.92 44.02 -29.51
C LEU E 831 -15.39 44.27 -30.93
N ASP E 832 -16.56 43.72 -31.25
CA ASP E 832 -17.17 43.97 -32.56
C ASP E 832 -18.66 43.64 -32.46
N ASP E 833 -19.50 44.67 -32.49
CA ASP E 833 -20.95 44.52 -32.35
C ASP E 833 -21.30 43.71 -31.10
N PRO E 834 -20.84 44.13 -29.92
CA PRO E 834 -21.14 43.37 -28.71
C PRO E 834 -22.56 43.57 -28.23
N PHE E 835 -23.06 44.80 -28.30
CA PHE E 835 -24.40 45.12 -27.83
C PHE E 835 -25.39 45.39 -28.96
N SER E 836 -25.00 45.14 -30.21
CA SER E 836 -25.84 45.52 -31.34
C SER E 836 -27.24 44.94 -31.21
N ALA E 837 -27.35 43.70 -30.75
CA ALA E 837 -28.63 43.06 -30.49
C ALA E 837 -28.91 42.94 -29.00
N LEU E 838 -28.28 43.77 -28.17
CA LEU E 838 -28.39 43.65 -26.73
C LEU E 838 -29.81 43.99 -26.26
N ASP E 839 -29.99 43.93 -24.94
CA ASP E 839 -31.32 44.09 -24.36
C ASP E 839 -31.90 45.48 -24.63
N ILE E 840 -31.16 46.53 -24.28
CA ILE E 840 -31.74 47.87 -24.20
C ILE E 840 -30.62 48.91 -24.22
N HIS E 841 -30.99 50.16 -24.52
CA HIS E 841 -30.05 51.27 -24.46
C HIS E 841 -29.70 51.64 -23.03
N LEU E 842 -30.58 51.36 -22.06
CA LEU E 842 -30.21 51.54 -20.66
C LEU E 842 -29.05 50.63 -20.28
N SER E 843 -29.08 49.38 -20.75
CA SER E 843 -27.93 48.51 -20.56
C SER E 843 -26.71 49.06 -21.28
N ASP E 844 -26.91 49.75 -22.39
CA ASP E 844 -25.80 50.39 -23.08
C ASP E 844 -25.19 51.50 -22.22
N HIS E 845 -26.02 52.28 -21.53
CA HIS E 845 -25.50 53.29 -20.61
C HIS E 845 -24.75 52.65 -19.46
N LEU E 846 -25.29 51.57 -18.89
CA LEU E 846 -24.61 50.86 -17.81
C LEU E 846 -23.26 50.33 -18.27
N MET E 847 -23.21 49.76 -19.48
CA MET E 847 -21.97 49.25 -20.02
C MET E 847 -20.99 50.37 -20.37
N GLN E 848 -21.48 51.53 -20.80
CA GLN E 848 -20.61 52.67 -21.00
C GLN E 848 -19.96 53.10 -19.69
N GLU E 849 -20.75 53.17 -18.63
CA GLU E 849 -20.19 53.53 -17.33
C GLU E 849 -19.17 52.49 -16.87
N GLY E 850 -19.48 51.21 -17.07
CA GLY E 850 -18.54 50.17 -16.71
C GLY E 850 -17.27 50.19 -17.53
N ILE E 851 -17.39 50.42 -18.84
CA ILE E 851 -16.22 50.49 -19.72
C ILE E 851 -15.32 51.64 -19.32
N LEU E 852 -15.91 52.80 -19.01
CA LEU E 852 -15.10 53.91 -18.54
C LEU E 852 -14.48 53.59 -17.19
N LYS E 853 -15.23 52.91 -16.32
CA LYS E 853 -14.79 52.68 -14.95
C LYS E 853 -13.66 51.65 -14.86
N PHE E 854 -13.73 50.58 -15.64
CA PHE E 854 -12.79 49.48 -15.50
C PHE E 854 -11.62 49.55 -16.49
N LEU E 855 -11.90 49.61 -17.79
CA LEU E 855 -10.81 49.61 -18.74
C LEU E 855 -9.96 50.88 -18.62
N GLN E 856 -10.59 52.04 -18.51
CA GLN E 856 -9.86 53.31 -18.51
C GLN E 856 -9.01 53.50 -17.27
N ASP E 857 -9.29 52.77 -16.18
CA ASP E 857 -8.39 52.78 -15.04
C ASP E 857 -7.04 52.19 -15.42
N ASP E 858 -7.01 51.31 -16.40
CA ASP E 858 -5.79 50.86 -17.04
C ASP E 858 -5.59 51.66 -18.33
N LYS E 859 -4.64 51.24 -19.16
CA LYS E 859 -4.39 51.94 -20.41
C LYS E 859 -4.69 51.04 -21.60
N ARG E 860 -5.82 50.32 -21.54
CA ARG E 860 -6.17 49.35 -22.57
C ARG E 860 -7.01 50.02 -23.65
N THR E 861 -6.46 50.12 -24.86
CA THR E 861 -7.20 50.66 -25.99
C THR E 861 -8.34 49.73 -26.36
N VAL E 862 -9.56 50.26 -26.35
CA VAL E 862 -10.76 49.49 -26.69
C VAL E 862 -11.29 50.03 -28.02
N VAL E 863 -11.36 49.16 -29.03
CA VAL E 863 -11.73 49.56 -30.38
C VAL E 863 -12.95 48.73 -30.79
N LEU E 864 -14.14 49.26 -30.54
CA LEU E 864 -15.39 48.65 -30.96
C LEU E 864 -15.76 49.11 -32.35
N VAL E 865 -16.84 48.56 -32.88
CA VAL E 865 -17.37 48.97 -34.18
C VAL E 865 -18.87 48.78 -34.17
N THR E 866 -19.61 49.83 -34.51
CA THR E 866 -21.07 49.76 -34.56
C THR E 866 -21.59 50.92 -35.37
N HIS E 867 -22.73 50.69 -36.03
CA HIS E 867 -23.40 51.76 -36.76
C HIS E 867 -24.15 52.72 -35.86
N LYS E 868 -24.24 52.43 -34.57
CA LYS E 868 -24.92 53.31 -33.62
C LYS E 868 -23.95 54.40 -33.20
N LEU E 869 -24.11 55.60 -33.76
CA LEU E 869 -23.17 56.68 -33.54
C LEU E 869 -23.54 57.57 -32.37
N GLN E 870 -24.70 57.36 -31.75
CA GLN E 870 -25.15 58.26 -30.69
C GLN E 870 -24.17 58.28 -29.54
N TYR E 871 -23.72 57.10 -29.10
CA TYR E 871 -22.72 57.01 -28.03
C TYR E 871 -21.33 57.24 -28.62
N LEU E 872 -21.13 58.46 -29.13
CA LEU E 872 -19.87 58.87 -29.71
C LEU E 872 -18.97 59.57 -28.69
N THR E 873 -19.10 59.20 -27.42
CA THR E 873 -18.27 59.78 -26.39
C THR E 873 -16.83 59.30 -26.51
N HIS E 874 -15.90 60.15 -26.10
CA HIS E 874 -14.49 59.80 -25.99
C HIS E 874 -13.92 59.33 -27.33
N ALA E 875 -14.21 60.09 -28.37
CA ALA E 875 -13.68 59.80 -29.70
C ALA E 875 -12.23 60.26 -29.76
N ASP E 876 -11.32 59.40 -29.32
CA ASP E 876 -9.90 59.66 -29.50
C ASP E 876 -9.40 59.28 -30.89
N TRP E 877 -10.27 58.71 -31.71
CA TRP E 877 -10.02 58.32 -33.10
C TRP E 877 -11.34 57.82 -33.66
N ILE E 878 -11.49 57.90 -34.98
CA ILE E 878 -12.69 57.33 -35.60
C ILE E 878 -12.39 56.84 -37.01
N ILE E 879 -12.52 55.53 -37.23
CA ILE E 879 -12.32 54.95 -38.55
C ILE E 879 -13.67 54.79 -39.22
N ALA E 880 -13.75 55.23 -40.48
CA ALA E 880 -14.98 55.15 -41.26
C ALA E 880 -14.67 54.61 -42.65
N MET E 881 -15.68 54.00 -43.26
CA MET E 881 -15.51 53.36 -44.55
C MET E 881 -16.84 53.31 -45.28
N LYS E 882 -16.74 53.16 -46.61
CA LYS E 882 -17.90 52.90 -47.47
C LYS E 882 -17.50 51.80 -48.45
N ASP E 883 -17.67 50.54 -48.03
CA ASP E 883 -17.16 49.39 -48.77
C ASP E 883 -15.67 49.55 -49.07
N GLY E 884 -14.94 50.10 -48.10
CA GLY E 884 -13.57 50.51 -48.29
C GLY E 884 -13.39 51.81 -47.53
N SER E 885 -12.15 52.05 -47.06
CA SER E 885 -11.90 53.08 -46.05
C SER E 885 -12.26 54.47 -46.55
N VAL E 886 -12.77 55.31 -45.64
CA VAL E 886 -13.29 56.63 -45.99
C VAL E 886 -12.29 57.70 -45.57
N LEU E 887 -11.99 57.77 -44.28
CA LEU E 887 -11.10 58.81 -43.76
C LEU E 887 -10.29 58.22 -42.61
N ARG E 888 -9.50 59.06 -41.95
CA ARG E 888 -8.60 58.61 -40.91
C ARG E 888 -9.27 58.62 -39.55
N GLU E 889 -8.64 57.93 -38.60
CA GLU E 889 -9.11 57.86 -37.22
C GLU E 889 -8.52 59.00 -36.38
N GLY E 890 -8.93 60.22 -36.74
CA GLY E 890 -8.53 61.41 -36.02
C GLY E 890 -9.53 61.78 -34.95
N THR E 891 -9.37 62.99 -34.42
CA THR E 891 -10.30 63.46 -33.42
C THR E 891 -11.64 63.80 -34.06
N LEU E 892 -12.69 63.77 -33.22
CA LEU E 892 -14.00 64.19 -33.67
C LEU E 892 -13.99 65.66 -34.07
N LYS E 893 -13.19 66.47 -33.37
CA LYS E 893 -13.13 67.90 -33.66
C LYS E 893 -12.59 68.15 -35.07
N ASP E 894 -11.48 67.49 -35.42
CA ASP E 894 -10.93 67.65 -36.77
C ASP E 894 -11.83 67.03 -37.83
N ILE E 895 -12.53 65.94 -37.51
CA ILE E 895 -13.40 65.32 -38.49
C ILE E 895 -14.60 66.23 -38.77
N GLN E 896 -15.20 66.78 -37.72
CA GLN E 896 -16.47 67.50 -37.83
C GLN E 896 -16.34 68.80 -38.60
N THR E 897 -15.13 69.35 -38.72
CA THR E 897 -14.91 70.60 -39.44
C THR E 897 -13.66 70.50 -40.30
N LYS E 898 -13.46 69.36 -40.95
CA LYS E 898 -12.34 69.19 -41.87
C LYS E 898 -12.66 69.69 -43.26
N ASP E 899 -13.61 70.62 -43.38
CA ASP E 899 -14.28 70.94 -44.64
C ASP E 899 -15.02 69.74 -45.20
N VAL E 900 -15.31 68.76 -44.35
CA VAL E 900 -16.05 67.56 -44.72
C VAL E 900 -17.28 67.51 -43.82
N GLU E 901 -18.38 68.08 -44.30
CA GLU E 901 -19.61 68.13 -43.53
C GLU E 901 -20.54 66.95 -43.79
N LEU E 902 -20.47 66.35 -44.98
CA LEU E 902 -21.26 65.15 -45.24
C LEU E 902 -20.98 64.06 -44.24
N TYR E 903 -19.74 63.95 -43.76
CA TYR E 903 -19.41 62.97 -42.73
C TYR E 903 -20.17 63.27 -41.44
N GLU E 904 -20.15 64.54 -41.01
CA GLU E 904 -20.88 64.92 -39.81
C GLU E 904 -22.37 64.64 -39.97
N HIS E 905 -22.93 64.99 -41.12
CA HIS E 905 -24.35 64.75 -41.35
C HIS E 905 -24.68 63.27 -41.28
N TRP E 906 -23.86 62.43 -41.92
CA TRP E 906 -24.12 61.00 -41.92
C TRP E 906 -24.03 60.41 -40.53
N LYS E 907 -23.01 60.79 -39.76
CA LYS E 907 -22.83 60.18 -38.44
C LYS E 907 -23.85 60.69 -37.43
N THR E 908 -24.12 62.00 -37.40
CA THR E 908 -25.06 62.55 -36.44
C THR E 908 -26.50 62.21 -36.78
N LEU E 909 -26.85 62.17 -38.07
CA LEU E 909 -28.24 61.99 -38.45
C LEU E 909 -28.80 60.65 -38.00
N MET E 910 -27.94 59.68 -37.68
CA MET E 910 -28.37 58.35 -37.27
C MET E 910 -29.10 58.40 -35.92
N MET E 963 -24.24 5.43 -3.67
CA MET E 963 -25.50 5.38 -2.95
C MET E 963 -25.60 4.06 -2.23
N SER E 964 -24.45 3.50 -1.89
CA SER E 964 -24.29 2.22 -1.19
C SER E 964 -24.70 0.99 -2.01
N THR E 965 -24.75 1.15 -3.32
CA THR E 965 -25.06 0.07 -4.22
C THR E 965 -23.94 -0.94 -4.29
N VAL E 966 -22.70 -0.47 -4.26
CA VAL E 966 -21.59 -1.38 -4.46
C VAL E 966 -21.52 -2.50 -3.45
N MET E 967 -21.62 -2.22 -2.17
CA MET E 967 -21.57 -3.32 -1.23
C MET E 967 -22.80 -4.20 -1.40
N ARG E 968 -23.96 -3.58 -1.58
CA ARG E 968 -25.22 -4.32 -1.67
C ARG E 968 -26.08 -4.34 -2.96
N LEU E 969 -26.39 -3.18 -3.56
CA LEU E 969 -27.19 -3.18 -4.79
C LEU E 969 -26.53 -3.73 -6.05
N ARG E 970 -25.28 -3.37 -6.29
CA ARG E 970 -24.56 -3.78 -7.49
C ARG E 970 -24.33 -5.25 -7.62
N THR E 971 -24.00 -5.88 -6.50
CA THR E 971 -23.66 -7.31 -6.46
C THR E 971 -24.77 -8.28 -6.84
N LYS E 972 -26.02 -7.88 -6.74
CA LYS E 972 -27.12 -8.70 -7.17
C LYS E 972 -27.67 -8.08 -8.43
N MET E 973 -28.01 -8.90 -9.42
CA MET E 973 -28.54 -8.42 -10.69
C MET E 973 -29.97 -7.94 -10.50
N PRO E 974 -30.46 -7.10 -11.41
CA PRO E 974 -31.81 -6.57 -11.26
C PRO E 974 -32.85 -7.69 -11.17
N TRP E 975 -32.92 -8.53 -12.21
CA TRP E 975 -33.63 -9.80 -12.16
C TRP E 975 -35.11 -9.64 -11.85
N LYS E 976 -35.57 -8.41 -11.69
CA LYS E 976 -36.97 -8.09 -11.49
C LYS E 976 -37.55 -7.28 -12.62
N THR E 977 -36.87 -6.20 -13.02
CA THR E 977 -37.14 -5.62 -14.32
C THR E 977 -36.97 -6.67 -15.41
N CYS E 978 -36.01 -7.58 -15.22
CA CYS E 978 -35.78 -8.64 -16.19
C CYS E 978 -37.01 -9.52 -16.34
N TRP E 979 -37.67 -9.85 -15.23
CA TRP E 979 -38.88 -10.66 -15.31
C TRP E 979 -39.95 -9.95 -16.12
N TRP E 980 -40.10 -8.64 -15.94
CA TRP E 980 -41.06 -7.89 -16.74
C TRP E 980 -40.70 -7.93 -18.22
N TYR E 981 -39.40 -7.82 -18.53
CA TYR E 981 -38.96 -7.89 -19.93
C TYR E 981 -39.23 -9.25 -20.56
N LEU E 982 -38.96 -10.33 -19.82
CA LEU E 982 -39.14 -11.67 -20.36
C LEU E 982 -40.58 -11.91 -20.82
N THR E 983 -41.56 -11.70 -19.95
CA THR E 983 -42.96 -11.79 -20.31
C THR E 983 -43.51 -10.37 -20.46
N SER E 984 -43.15 -9.74 -21.58
CA SER E 984 -43.45 -8.33 -21.77
C SER E 984 -44.57 -8.09 -22.77
N GLY E 985 -44.45 -8.61 -23.98
CA GLY E 985 -45.51 -8.42 -24.94
C GLY E 985 -46.79 -9.12 -24.58
N GLY E 986 -46.79 -9.89 -23.51
CA GLY E 986 -47.89 -10.73 -23.12
C GLY E 986 -47.36 -11.96 -22.40
N PHE E 987 -48.11 -13.05 -22.51
CA PHE E 987 -47.71 -14.31 -21.89
C PHE E 987 -47.62 -15.47 -22.85
N PHE E 988 -48.25 -15.41 -24.02
CA PHE E 988 -48.16 -16.48 -24.99
C PHE E 988 -47.02 -16.29 -25.99
N LEU E 989 -46.37 -15.13 -26.00
CA LEU E 989 -45.18 -14.92 -26.82
C LEU E 989 -43.89 -15.34 -26.14
N LEU E 990 -43.95 -15.82 -24.90
CA LEU E 990 -42.78 -16.33 -24.20
C LEU E 990 -42.70 -17.85 -24.27
N PHE E 991 -43.75 -18.55 -23.84
CA PHE E 991 -43.72 -20.00 -23.83
C PHE E 991 -43.45 -20.57 -25.22
N LEU E 992 -43.85 -19.86 -26.27
CA LEU E 992 -43.49 -20.29 -27.62
C LEU E 992 -41.98 -20.27 -27.80
N MET E 993 -41.33 -19.21 -27.31
CA MET E 993 -39.88 -19.11 -27.42
C MET E 993 -39.21 -20.22 -26.65
N ILE E 994 -39.67 -20.47 -25.43
CA ILE E 994 -39.03 -21.51 -24.61
C ILE E 994 -39.18 -22.87 -25.26
N PHE E 995 -40.38 -23.20 -25.74
CA PHE E 995 -40.59 -24.48 -26.39
C PHE E 995 -39.71 -24.63 -27.63
N SER E 996 -39.72 -23.62 -28.50
CA SER E 996 -38.93 -23.72 -29.73
C SER E 996 -37.44 -23.82 -29.43
N LYS E 997 -36.94 -23.03 -28.48
CA LYS E 997 -35.53 -23.11 -28.10
C LYS E 997 -35.17 -24.52 -27.66
N LEU E 998 -35.95 -25.08 -26.73
CA LEU E 998 -35.60 -26.39 -26.20
C LEU E 998 -35.67 -27.47 -27.29
N LEU E 999 -36.70 -27.42 -28.14
CA LEU E 999 -36.81 -28.39 -29.21
C LEU E 999 -35.64 -28.29 -30.17
N LYS E 1000 -35.26 -27.07 -30.55
CA LYS E 1000 -34.15 -26.91 -31.49
C LYS E 1000 -32.86 -27.43 -30.90
N HIS E 1001 -32.60 -27.14 -29.63
CA HIS E 1001 -31.36 -27.60 -29.03
C HIS E 1001 -31.34 -29.13 -28.92
N SER E 1002 -32.47 -29.73 -28.54
CA SER E 1002 -32.53 -31.19 -28.44
C SER E 1002 -32.31 -31.85 -29.79
N VAL E 1003 -32.89 -31.29 -30.86
CA VAL E 1003 -32.67 -31.86 -32.18
C VAL E 1003 -31.21 -31.70 -32.60
N ILE E 1004 -30.61 -30.55 -32.30
CA ILE E 1004 -29.23 -30.33 -32.71
C ILE E 1004 -28.27 -31.26 -31.98
N VAL E 1005 -28.59 -31.64 -30.74
CA VAL E 1005 -27.81 -32.67 -30.08
C VAL E 1005 -28.09 -34.05 -30.69
N ALA E 1006 -29.35 -34.32 -30.98
CA ALA E 1006 -29.76 -35.67 -31.38
C ALA E 1006 -29.18 -36.07 -32.72
N ILE E 1007 -28.98 -35.13 -33.63
CA ILE E 1007 -28.42 -35.55 -34.92
C ILE E 1007 -27.02 -36.12 -34.73
N ASP E 1008 -26.20 -35.46 -33.91
CA ASP E 1008 -24.87 -35.98 -33.62
C ASP E 1008 -24.94 -37.28 -32.83
N TYR E 1009 -25.88 -37.37 -31.88
CA TYR E 1009 -26.04 -38.63 -31.14
C TYR E 1009 -26.30 -39.79 -32.10
N TRP E 1010 -27.22 -39.59 -33.05
CA TRP E 1010 -27.53 -40.65 -34.01
C TRP E 1010 -26.33 -40.99 -34.87
N LEU E 1011 -25.56 -39.97 -35.29
CA LEU E 1011 -24.37 -40.25 -36.08
C LEU E 1011 -23.39 -41.11 -35.29
N ALA E 1012 -23.23 -40.80 -34.00
CA ALA E 1012 -22.36 -41.60 -33.17
C ALA E 1012 -22.85 -43.03 -33.03
N THR E 1013 -24.15 -43.22 -32.80
CA THR E 1013 -24.68 -44.58 -32.66
C THR E 1013 -24.49 -45.39 -33.94
N TRP E 1014 -24.84 -44.80 -35.09
CA TRP E 1014 -24.64 -45.49 -36.35
C TRP E 1014 -23.17 -45.84 -36.57
N THR E 1015 -22.28 -44.89 -36.29
CA THR E 1015 -20.86 -45.14 -36.51
C THR E 1015 -20.38 -46.26 -35.60
N SER E 1016 -20.84 -46.28 -34.36
CA SER E 1016 -20.33 -47.24 -33.39
C SER E 1016 -20.88 -48.64 -33.64
N GLU E 1017 -22.09 -48.77 -34.19
CA GLU E 1017 -22.69 -50.09 -34.29
C GLU E 1017 -21.96 -51.00 -35.26
N TYR E 1018 -21.16 -50.46 -36.18
CA TYR E 1018 -20.46 -51.26 -37.16
C TYR E 1018 -18.94 -51.23 -36.99
N SER E 1019 -18.48 -51.01 -35.75
CA SER E 1019 -17.03 -50.96 -35.52
C SER E 1019 -16.38 -52.29 -35.86
N ILE E 1020 -17.07 -53.40 -35.59
CA ILE E 1020 -16.50 -54.73 -35.80
C ILE E 1020 -16.84 -55.30 -37.18
N ASN E 1021 -17.96 -54.92 -37.78
CA ASN E 1021 -18.40 -55.54 -39.02
C ASN E 1021 -17.53 -55.10 -40.19
N ASP E 1022 -16.30 -55.62 -40.24
CA ASP E 1022 -15.38 -55.23 -41.32
C ASP E 1022 -15.85 -55.71 -42.69
N PRO E 1023 -16.29 -56.96 -42.87
CA PRO E 1023 -16.56 -57.45 -44.22
C PRO E 1023 -17.72 -56.79 -44.95
N GLY E 1024 -18.89 -56.77 -44.34
CA GLY E 1024 -20.09 -56.31 -45.02
C GLY E 1024 -20.61 -54.95 -44.59
N LYS E 1025 -20.43 -53.93 -45.42
CA LYS E 1025 -20.99 -52.61 -45.17
C LYS E 1025 -22.37 -52.46 -45.79
N ALA E 1026 -23.25 -53.42 -45.51
CA ALA E 1026 -24.55 -53.51 -46.17
C ALA E 1026 -25.65 -52.99 -45.25
N ASP E 1027 -26.85 -52.90 -45.82
CA ASP E 1027 -28.02 -52.40 -45.11
C ASP E 1027 -27.76 -51.04 -44.47
N GLN E 1028 -27.08 -50.17 -45.21
CA GLN E 1028 -26.79 -48.83 -44.74
C GLN E 1028 -27.91 -47.86 -45.04
N THR E 1029 -29.05 -48.35 -45.53
CA THR E 1029 -30.17 -47.46 -45.82
C THR E 1029 -30.86 -46.98 -44.55
N PHE E 1030 -30.83 -47.77 -43.47
CA PHE E 1030 -31.46 -47.33 -42.24
C PHE E 1030 -30.66 -46.21 -41.57
N TYR E 1031 -29.34 -46.35 -41.52
CA TYR E 1031 -28.52 -45.30 -40.90
C TYR E 1031 -28.65 -44.00 -41.68
N VAL E 1032 -28.58 -44.08 -43.01
CA VAL E 1032 -28.67 -42.88 -43.82
C VAL E 1032 -30.03 -42.24 -43.65
N ALA E 1033 -31.09 -43.05 -43.64
CA ALA E 1033 -32.42 -42.50 -43.46
C ALA E 1033 -32.55 -41.81 -42.11
N GLY E 1034 -32.05 -42.43 -41.05
CA GLY E 1034 -32.09 -41.79 -39.74
C GLY E 1034 -31.33 -40.48 -39.69
N PHE E 1035 -30.11 -40.47 -40.23
CA PHE E 1035 -29.31 -39.25 -40.23
C PHE E 1035 -29.99 -38.14 -41.02
N SER E 1036 -30.53 -38.48 -42.19
CA SER E 1036 -31.15 -37.45 -43.01
C SER E 1036 -32.41 -36.90 -42.37
N ILE E 1037 -33.26 -37.77 -41.82
CA ILE E 1037 -34.50 -37.27 -41.24
C ILE E 1037 -34.22 -36.43 -40.00
N LEU E 1038 -33.28 -36.86 -39.16
CA LEU E 1038 -32.95 -36.07 -37.99
C LEU E 1038 -32.34 -34.73 -38.37
N CYS E 1039 -31.45 -34.72 -39.37
CA CYS E 1039 -30.83 -33.47 -39.79
C CYS E 1039 -31.86 -32.50 -40.36
N GLY E 1040 -32.78 -33.00 -41.17
CA GLY E 1040 -33.82 -32.12 -41.70
C GLY E 1040 -34.69 -31.54 -40.61
N ALA E 1041 -35.10 -32.37 -39.66
CA ALA E 1041 -35.93 -31.86 -38.56
C ALA E 1041 -35.18 -30.82 -37.74
N GLY E 1042 -33.89 -31.07 -37.47
CA GLY E 1042 -33.11 -30.10 -36.74
C GLY E 1042 -33.00 -28.78 -37.46
N ILE E 1043 -32.79 -28.83 -38.78
CA ILE E 1043 -32.69 -27.60 -39.54
C ILE E 1043 -33.99 -26.83 -39.46
N PHE E 1044 -35.12 -27.53 -39.55
CA PHE E 1044 -36.41 -26.85 -39.45
C PHE E 1044 -36.58 -26.19 -38.09
N LEU E 1045 -36.22 -26.89 -37.01
CA LEU E 1045 -36.38 -26.30 -35.69
C LEU E 1045 -35.45 -25.11 -35.50
N CYS E 1046 -34.23 -25.19 -36.05
CA CYS E 1046 -33.33 -24.05 -36.02
C CYS E 1046 -33.94 -22.84 -36.72
N LEU E 1047 -34.54 -23.06 -37.90
CA LEU E 1047 -35.18 -21.95 -38.59
C LEU E 1047 -36.33 -21.37 -37.78
N VAL E 1048 -37.06 -22.22 -37.06
CA VAL E 1048 -38.22 -21.73 -36.32
C VAL E 1048 -37.80 -20.85 -35.15
N THR E 1049 -36.81 -21.31 -34.37
CA THR E 1049 -36.57 -20.73 -33.05
C THR E 1049 -36.16 -19.25 -33.13
N SER E 1050 -35.26 -18.91 -34.05
CA SER E 1050 -34.80 -17.53 -34.13
C SER E 1050 -35.95 -16.61 -34.49
N LEU E 1051 -36.79 -17.06 -35.42
CA LEU E 1051 -37.95 -16.26 -35.79
C LEU E 1051 -38.86 -16.04 -34.59
N THR E 1052 -39.03 -17.07 -33.76
CA THR E 1052 -39.87 -16.90 -32.57
C THR E 1052 -39.29 -15.85 -31.62
N VAL E 1053 -37.98 -15.93 -31.38
CA VAL E 1053 -37.34 -14.98 -30.46
C VAL E 1053 -37.45 -13.55 -30.98
N GLU E 1054 -37.19 -13.36 -32.28
CA GLU E 1054 -37.22 -12.01 -32.82
C GLU E 1054 -38.64 -11.44 -32.81
N TRP E 1055 -39.64 -12.29 -33.07
CA TRP E 1055 -41.01 -11.83 -32.96
C TRP E 1055 -41.32 -11.37 -31.54
N MET E 1056 -40.86 -12.15 -30.54
CA MET E 1056 -41.10 -11.76 -29.16
C MET E 1056 -40.47 -10.41 -28.86
N GLY E 1057 -39.22 -10.22 -29.30
CA GLY E 1057 -38.55 -8.94 -29.05
C GLY E 1057 -39.27 -7.76 -29.68
N LEU E 1058 -39.70 -7.93 -30.93
CA LEU E 1058 -40.37 -6.82 -31.61
C LEU E 1058 -41.67 -6.46 -30.91
N THR E 1059 -42.49 -7.46 -30.58
CA THR E 1059 -43.76 -7.15 -29.93
C THR E 1059 -43.53 -6.51 -28.57
N ALA E 1060 -42.55 -7.02 -27.81
CA ALA E 1060 -42.28 -6.44 -26.50
C ALA E 1060 -41.87 -4.98 -26.62
N ALA E 1061 -41.02 -4.67 -27.60
CA ALA E 1061 -40.60 -3.29 -27.79
C ALA E 1061 -41.80 -2.40 -28.12
N LYS E 1062 -42.67 -2.87 -29.03
CA LYS E 1062 -43.84 -2.09 -29.39
C LYS E 1062 -44.68 -1.75 -28.16
N ASN E 1063 -45.01 -2.77 -27.37
CA ASN E 1063 -45.87 -2.52 -26.22
C ASN E 1063 -45.19 -1.61 -25.21
N LEU E 1064 -43.90 -1.84 -24.94
CA LEU E 1064 -43.19 -1.01 -23.98
C LEU E 1064 -43.20 0.45 -24.41
N HIS E 1065 -42.84 0.73 -25.66
CA HIS E 1065 -42.76 2.11 -26.11
C HIS E 1065 -44.13 2.77 -26.07
N HIS E 1066 -45.18 2.07 -26.54
CA HIS E 1066 -46.49 2.68 -26.56
C HIS E 1066 -46.95 3.02 -25.16
N ASN E 1067 -46.74 2.11 -24.21
CA ASN E 1067 -47.16 2.39 -22.84
C ASN E 1067 -46.36 3.55 -22.25
N LEU E 1068 -45.04 3.58 -22.51
CA LEU E 1068 -44.22 4.65 -21.98
C LEU E 1068 -44.68 6.00 -22.50
N LEU E 1069 -44.94 6.08 -23.81
CA LEU E 1069 -45.33 7.36 -24.39
C LEU E 1069 -46.72 7.78 -23.95
N ASN E 1070 -47.61 6.82 -23.72
CA ASN E 1070 -48.95 7.21 -23.28
C ASN E 1070 -49.00 7.52 -21.80
N LYS E 1071 -47.99 7.13 -21.04
CA LYS E 1071 -47.95 7.47 -19.62
C LYS E 1071 -47.06 8.66 -19.27
N ILE E 1072 -46.12 9.04 -20.14
CA ILE E 1072 -45.33 10.26 -19.89
C ILE E 1072 -46.18 11.50 -20.05
N ILE E 1073 -46.92 11.62 -21.16
CA ILE E 1073 -47.56 12.88 -21.52
C ILE E 1073 -48.62 13.26 -20.49
N LEU E 1074 -49.43 12.30 -20.07
CA LEU E 1074 -50.42 12.55 -19.03
C LEU E 1074 -49.69 12.62 -17.69
N GLY E 1075 -48.96 13.71 -17.50
CA GLY E 1075 -48.06 13.87 -16.38
C GLY E 1075 -48.35 15.04 -15.48
N PRO E 1076 -47.98 14.92 -14.21
CA PRO E 1076 -48.05 16.07 -13.29
C PRO E 1076 -47.08 17.15 -13.68
N ILE E 1077 -47.45 18.39 -13.34
CA ILE E 1077 -46.56 19.52 -13.60
C ILE E 1077 -45.25 19.32 -12.85
N ARG E 1078 -45.34 18.78 -11.63
CA ARG E 1078 -44.15 18.57 -10.80
C ARG E 1078 -43.14 17.63 -11.46
N PHE E 1079 -43.59 16.70 -12.30
CA PHE E 1079 -42.64 15.79 -12.95
C PHE E 1079 -41.72 16.54 -13.90
N PHE E 1080 -42.29 17.34 -14.80
CA PHE E 1080 -41.47 18.17 -15.68
C PHE E 1080 -40.76 19.28 -14.92
N ASP E 1081 -41.30 19.66 -13.77
CA ASP E 1081 -40.68 20.72 -12.98
C ASP E 1081 -39.38 20.24 -12.32
N THR E 1082 -39.46 19.19 -11.51
CA THR E 1082 -38.35 18.81 -10.66
C THR E 1082 -37.27 17.99 -11.34
N THR E 1083 -37.43 17.63 -12.61
CA THR E 1083 -36.42 16.83 -13.27
C THR E 1083 -35.72 17.62 -14.35
N PRO E 1084 -34.52 17.21 -14.75
CA PRO E 1084 -33.88 17.84 -15.91
C PRO E 1084 -34.72 17.64 -17.15
N LEU E 1085 -34.75 18.67 -18.00
CA LEU E 1085 -35.47 18.58 -19.26
C LEU E 1085 -34.72 17.77 -20.30
N GLY E 1086 -33.67 17.07 -19.89
CA GLY E 1086 -32.93 16.19 -20.77
C GLY E 1086 -33.05 14.74 -20.38
N LEU E 1087 -33.27 14.48 -19.08
CA LEU E 1087 -33.34 13.10 -18.61
C LEU E 1087 -34.53 12.37 -19.22
N ILE E 1088 -35.68 13.04 -19.30
CA ILE E 1088 -36.84 12.42 -19.96
C ILE E 1088 -36.50 12.08 -21.40
N LEU E 1089 -35.94 13.06 -22.11
CA LEU E 1089 -35.63 12.86 -23.53
C LEU E 1089 -34.53 11.83 -23.72
N ASN E 1090 -33.51 11.84 -22.85
CA ASN E 1090 -32.43 10.88 -22.96
C ASN E 1090 -32.94 9.46 -22.74
N ARG E 1091 -33.72 9.26 -21.68
CA ARG E 1091 -34.26 7.94 -21.39
C ARG E 1091 -35.42 7.60 -22.30
N PHE E 1092 -35.81 8.51 -23.18
CA PHE E 1092 -36.79 8.19 -24.21
C PHE E 1092 -36.16 7.88 -25.55
N SER E 1093 -34.97 8.43 -25.84
CA SER E 1093 -34.29 8.16 -27.09
C SER E 1093 -33.25 7.04 -26.97
N ALA E 1094 -32.23 7.22 -26.12
CA ALA E 1094 -31.15 6.25 -26.05
C ALA E 1094 -31.64 4.91 -25.52
N ASP E 1095 -32.41 4.95 -24.44
CA ASP E 1095 -32.91 3.70 -23.86
C ASP E 1095 -33.85 3.00 -24.82
N THR E 1096 -34.73 3.75 -25.50
CA THR E 1096 -35.63 3.12 -26.46
C THR E 1096 -34.85 2.44 -27.56
N ASN E 1097 -33.82 3.12 -28.10
CA ASN E 1097 -33.03 2.49 -29.15
C ASN E 1097 -32.33 1.23 -28.65
N ILE E 1098 -31.80 1.27 -27.43
CA ILE E 1098 -31.12 0.10 -26.88
C ILE E 1098 -32.08 -1.07 -26.72
N ILE E 1099 -33.24 -0.83 -26.10
CA ILE E 1099 -34.20 -1.90 -25.86
C ILE E 1099 -34.97 -2.30 -27.11
N ASP E 1100 -34.82 -1.57 -28.22
CA ASP E 1100 -35.43 -1.97 -29.47
C ASP E 1100 -34.48 -2.78 -30.37
N GLN E 1101 -33.30 -2.23 -30.66
CA GLN E 1101 -32.42 -2.82 -31.67
C GLN E 1101 -31.11 -3.36 -31.11
N HIS E 1102 -30.97 -3.49 -29.79
CA HIS E 1102 -29.72 -3.98 -29.22
C HIS E 1102 -29.94 -5.06 -28.16
N ILE E 1103 -31.12 -5.07 -27.54
CA ILE E 1103 -31.45 -6.01 -26.47
C ILE E 1103 -31.85 -7.38 -27.02
N PRO E 1104 -32.63 -7.43 -28.09
CA PRO E 1104 -33.05 -8.72 -28.65
C PRO E 1104 -31.85 -9.62 -28.95
N PRO E 1105 -30.85 -9.09 -29.64
CA PRO E 1105 -29.70 -9.97 -29.96
C PRO E 1105 -28.97 -10.43 -28.72
N THR E 1106 -28.83 -9.56 -27.71
CA THR E 1106 -28.15 -9.96 -26.49
C THR E 1106 -28.87 -11.12 -25.83
N LEU E 1107 -30.20 -11.03 -25.74
CA LEU E 1107 -30.95 -12.12 -25.12
C LEU E 1107 -30.81 -13.40 -25.92
N GLU E 1108 -30.87 -13.29 -27.25
CA GLU E 1108 -30.72 -14.48 -28.08
C GLU E 1108 -29.37 -15.13 -27.87
N SER E 1109 -28.29 -14.33 -27.85
CA SER E 1109 -26.96 -14.88 -27.66
C SER E 1109 -26.82 -15.57 -26.30
N LEU E 1110 -27.34 -14.93 -25.25
CA LEU E 1110 -27.23 -15.54 -23.93
C LEU E 1110 -27.95 -16.87 -23.89
N THR E 1111 -29.18 -16.91 -24.41
CA THR E 1111 -29.95 -18.14 -24.38
C THR E 1111 -29.26 -19.25 -25.19
N ARG E 1112 -28.77 -18.91 -26.39
CA ARG E 1112 -28.13 -19.93 -27.22
C ARG E 1112 -26.88 -20.49 -26.54
N SER E 1113 -26.02 -19.61 -26.05
CA SER E 1113 -24.78 -20.06 -25.43
C SER E 1113 -25.06 -20.90 -24.19
N THR E 1114 -25.97 -20.45 -23.32
CA THR E 1114 -26.15 -21.19 -22.09
C THR E 1114 -26.83 -22.53 -22.36
N LEU E 1115 -27.73 -22.59 -23.33
CA LEU E 1115 -28.35 -23.88 -23.64
C LEU E 1115 -27.34 -24.85 -24.25
N LEU E 1116 -26.48 -24.37 -25.15
CA LEU E 1116 -25.46 -25.25 -25.71
C LEU E 1116 -24.52 -25.76 -24.63
N CYS E 1117 -24.06 -24.87 -23.75
CA CYS E 1117 -23.16 -25.30 -22.68
C CYS E 1117 -23.82 -26.30 -21.76
N LEU E 1118 -25.08 -26.06 -21.37
CA LEU E 1118 -25.75 -26.96 -20.46
C LEU E 1118 -25.91 -28.34 -21.08
N SER E 1119 -26.37 -28.40 -22.34
CA SER E 1119 -26.54 -29.69 -22.98
C SER E 1119 -25.21 -30.42 -23.10
N ALA E 1120 -24.14 -29.68 -23.43
CA ALA E 1120 -22.83 -30.30 -23.55
C ALA E 1120 -22.40 -30.90 -22.23
N ILE E 1121 -22.51 -30.14 -21.14
CA ILE E 1121 -22.05 -30.65 -19.86
C ILE E 1121 -22.95 -31.79 -19.43
N GLY E 1122 -24.21 -31.79 -19.83
CA GLY E 1122 -25.08 -32.91 -19.52
C GLY E 1122 -24.66 -34.20 -20.18
N MET E 1123 -24.36 -34.15 -21.48
CA MET E 1123 -23.92 -35.37 -22.16
C MET E 1123 -22.55 -35.82 -21.67
N ILE E 1124 -21.66 -34.86 -21.35
CA ILE E 1124 -20.38 -35.22 -20.76
C ILE E 1124 -20.60 -35.95 -19.44
N SER E 1125 -21.48 -35.42 -18.59
CA SER E 1125 -21.72 -36.03 -17.29
C SER E 1125 -22.33 -37.41 -17.47
N TYR E 1126 -23.23 -37.56 -18.43
CA TYR E 1126 -23.88 -38.84 -18.66
C TYR E 1126 -22.89 -39.90 -19.12
N ALA E 1127 -21.96 -39.53 -20.00
CA ALA E 1127 -20.99 -40.50 -20.50
C ALA E 1127 -20.10 -41.04 -19.39
N THR E 1128 -19.36 -40.17 -18.72
CA THR E 1128 -18.30 -40.60 -17.81
C THR E 1128 -18.56 -40.03 -16.42
N PRO E 1129 -18.93 -40.87 -15.44
CA PRO E 1129 -19.38 -40.31 -14.16
C PRO E 1129 -18.34 -39.46 -13.46
N VAL E 1130 -17.05 -39.78 -13.59
CA VAL E 1130 -16.03 -39.05 -12.87
C VAL E 1130 -16.03 -37.56 -13.17
N PHE E 1131 -16.62 -37.16 -14.30
CA PHE E 1131 -16.61 -35.74 -14.64
C PHE E 1131 -17.39 -34.97 -13.60
N LEU E 1132 -18.52 -35.52 -13.17
CA LEU E 1132 -19.35 -34.71 -12.31
C LEU E 1132 -18.73 -34.63 -10.93
N ILE E 1133 -17.86 -35.59 -10.57
CA ILE E 1133 -17.08 -35.47 -9.35
C ILE E 1133 -16.10 -34.32 -9.47
N ALA E 1134 -15.53 -34.12 -10.66
CA ALA E 1134 -14.76 -32.93 -10.92
C ALA E 1134 -15.62 -31.71 -11.20
N LEU E 1135 -16.93 -31.89 -11.37
CA LEU E 1135 -17.77 -30.74 -11.64
C LEU E 1135 -17.76 -29.77 -10.46
N ALA E 1136 -17.82 -30.31 -9.25
CA ALA E 1136 -17.95 -29.43 -8.09
C ALA E 1136 -16.83 -28.42 -8.02
N PRO E 1137 -15.55 -28.79 -8.16
CA PRO E 1137 -14.51 -27.75 -8.13
C PRO E 1137 -14.64 -26.76 -9.27
N LEU E 1138 -14.71 -27.26 -10.51
CA LEU E 1138 -14.79 -26.37 -11.66
C LEU E 1138 -15.98 -25.43 -11.55
N GLY E 1139 -17.16 -26.00 -11.28
CA GLY E 1139 -18.34 -25.17 -11.07
C GLY E 1139 -18.11 -24.11 -10.03
N VAL E 1140 -17.52 -24.50 -8.90
CA VAL E 1140 -17.18 -23.50 -7.88
C VAL E 1140 -16.42 -22.37 -8.54
N ALA E 1141 -15.34 -22.71 -9.25
CA ALA E 1141 -14.56 -21.71 -9.94
C ALA E 1141 -15.45 -20.83 -10.78
N PHE E 1142 -16.31 -21.45 -11.59
CA PHE E 1142 -17.19 -20.67 -12.46
C PHE E 1142 -17.94 -19.63 -11.67
N TYR E 1143 -18.54 -20.02 -10.55
CA TYR E 1143 -19.32 -19.07 -9.78
C TYR E 1143 -18.47 -17.84 -9.45
N PHE E 1144 -17.28 -18.06 -8.92
CA PHE E 1144 -16.46 -16.92 -8.54
C PHE E 1144 -16.20 -16.03 -9.74
N ILE E 1145 -15.79 -16.63 -10.87
CA ILE E 1145 -15.58 -15.81 -12.06
C ILE E 1145 -16.87 -15.12 -12.42
N GLN E 1146 -17.95 -15.90 -12.53
CA GLN E 1146 -19.22 -15.33 -12.96
C GLN E 1146 -19.68 -14.24 -12.01
N LYS E 1147 -19.19 -14.26 -10.77
CA LYS E 1147 -19.44 -13.16 -9.88
C LYS E 1147 -18.55 -11.97 -10.22
N TYR E 1148 -17.22 -12.16 -10.11
CA TYR E 1148 -16.34 -11.02 -9.97
C TYR E 1148 -16.32 -10.17 -11.24
N PHE E 1149 -16.19 -10.80 -12.41
CA PHE E 1149 -16.31 -10.05 -13.65
C PHE E 1149 -17.52 -9.14 -13.61
N ARG E 1150 -18.69 -9.70 -13.32
CA ARG E 1150 -19.92 -8.91 -13.42
C ARG E 1150 -19.89 -7.71 -12.50
N VAL E 1151 -19.15 -7.77 -11.40
CA VAL E 1151 -19.07 -6.60 -10.55
C VAL E 1151 -18.16 -5.55 -11.17
N ALA E 1152 -16.98 -5.97 -11.64
CA ALA E 1152 -16.03 -5.00 -12.17
C ALA E 1152 -16.39 -4.48 -13.56
N SER E 1153 -16.79 -5.38 -14.47
CA SER E 1153 -17.00 -5.00 -15.86
C SER E 1153 -17.93 -3.80 -15.97
N LYS E 1154 -19.09 -3.87 -15.29
CA LYS E 1154 -20.04 -2.76 -15.35
C LYS E 1154 -19.34 -1.46 -15.00
N ASP E 1155 -18.62 -1.43 -13.89
CA ASP E 1155 -17.93 -0.21 -13.49
C ASP E 1155 -17.03 0.27 -14.62
N LEU E 1156 -16.23 -0.65 -15.17
CA LEU E 1156 -15.32 -0.25 -16.25
C LEU E 1156 -16.11 0.28 -17.44
N GLN E 1157 -17.20 -0.39 -17.80
CA GLN E 1157 -18.02 0.10 -18.91
C GLN E 1157 -18.58 1.47 -18.57
N GLU E 1158 -19.04 1.67 -17.33
CA GLU E 1158 -19.58 2.97 -16.96
C GLU E 1158 -18.53 4.06 -17.03
N LEU E 1159 -17.25 3.69 -17.11
CA LEU E 1159 -16.22 4.69 -17.29
C LEU E 1159 -16.11 5.08 -18.75
N ASP E 1160 -16.17 4.11 -19.66
CA ASP E 1160 -15.98 4.41 -21.07
C ASP E 1160 -17.02 5.43 -21.56
N ASP E 1161 -18.30 5.14 -21.31
CA ASP E 1161 -19.34 6.07 -21.72
C ASP E 1161 -19.20 7.43 -21.05
N SER E 1162 -18.47 7.50 -19.94
CA SER E 1162 -18.29 8.78 -19.26
C SER E 1162 -17.11 9.55 -19.82
N THR E 1163 -16.15 8.86 -20.43
CA THR E 1163 -14.97 9.50 -20.99
C THR E 1163 -15.10 9.76 -22.48
N GLN E 1164 -16.23 9.42 -23.09
CA GLN E 1164 -16.44 9.73 -24.51
C GLN E 1164 -17.26 10.98 -24.72
N LEU E 1165 -18.13 11.34 -23.76
CA LEU E 1165 -18.94 12.54 -23.95
C LEU E 1165 -18.09 13.80 -23.93
N PRO E 1166 -17.20 14.01 -22.96
CA PRO E 1166 -16.34 15.21 -23.04
C PRO E 1166 -15.43 15.25 -24.25
N LEU E 1167 -14.82 14.12 -24.62
CA LEU E 1167 -13.85 14.11 -25.72
C LEU E 1167 -14.43 14.58 -27.04
N LEU E 1168 -15.70 14.29 -27.29
CA LEU E 1168 -16.34 14.86 -28.47
C LEU E 1168 -16.67 16.33 -28.26
N CYS E 1169 -17.25 16.67 -27.10
CA CYS E 1169 -17.66 18.04 -26.84
C CYS E 1169 -16.54 19.04 -27.05
N HIS E 1170 -15.37 18.77 -26.47
CA HIS E 1170 -14.23 19.66 -26.65
C HIS E 1170 -13.99 19.91 -28.13
N PHE E 1171 -13.89 18.84 -28.92
CA PHE E 1171 -13.64 18.99 -30.35
C PHE E 1171 -14.68 19.92 -30.94
N SER E 1172 -15.95 19.66 -30.65
CA SER E 1172 -17.03 20.45 -31.24
C SER E 1172 -16.86 21.92 -30.91
N GLU E 1173 -16.51 22.23 -29.66
CA GLU E 1173 -16.31 23.63 -29.29
C GLU E 1173 -15.24 24.26 -30.16
N THR E 1174 -14.09 23.62 -30.24
CA THR E 1174 -12.99 24.18 -31.00
C THR E 1174 -13.24 24.17 -32.45
N ALA E 1175 -14.44 23.78 -32.86
CA ALA E 1175 -14.83 23.85 -34.25
C ALA E 1175 -15.76 25.00 -34.58
N GLU E 1176 -16.51 25.51 -33.61
CA GLU E 1176 -17.40 26.64 -33.90
C GLU E 1176 -16.78 27.99 -33.60
N GLY E 1177 -15.65 28.03 -32.91
CA GLY E 1177 -15.11 29.28 -32.44
C GLY E 1177 -13.69 29.53 -32.91
N LEU E 1178 -13.40 29.19 -34.16
CA LEU E 1178 -12.02 29.21 -34.60
C LEU E 1178 -11.45 30.62 -34.64
N THR E 1179 -12.24 31.61 -35.08
CA THR E 1179 -11.72 32.98 -35.17
C THR E 1179 -11.37 33.53 -33.79
N THR E 1180 -12.26 33.37 -32.82
CA THR E 1180 -11.99 33.85 -31.46
C THR E 1180 -10.83 33.08 -30.83
N ILE E 1181 -10.83 31.76 -30.97
CA ILE E 1181 -9.81 30.94 -30.34
C ILE E 1181 -8.43 31.24 -30.91
N ARG E 1182 -8.33 31.31 -32.24
CA ARG E 1182 -7.04 31.63 -32.86
C ARG E 1182 -6.64 33.09 -32.69
N ALA E 1183 -7.59 33.99 -32.44
CA ALA E 1183 -7.23 35.36 -32.09
C ALA E 1183 -6.61 35.43 -30.70
N PHE E 1184 -7.34 34.99 -29.68
CA PHE E 1184 -6.90 35.18 -28.30
C PHE E 1184 -5.61 34.42 -28.00
N ARG E 1185 -5.07 33.73 -29.01
CA ARG E 1185 -3.73 33.17 -28.95
C ARG E 1185 -3.54 32.29 -27.72
N HIS E 1186 -4.56 31.52 -27.38
CA HIS E 1186 -4.49 30.56 -26.29
C HIS E 1186 -4.34 29.14 -26.81
N GLU E 1187 -3.59 28.97 -27.91
CA GLU E 1187 -3.60 27.67 -28.58
C GLU E 1187 -3.00 26.58 -27.71
N THR E 1188 -1.83 26.83 -27.12
CA THR E 1188 -1.17 25.78 -26.35
C THR E 1188 -1.97 25.36 -25.12
N ARG E 1189 -2.69 26.30 -24.51
CA ARG E 1189 -3.52 25.95 -23.36
C ARG E 1189 -4.63 25.00 -23.76
N PHE E 1190 -5.06 25.04 -25.03
CA PHE E 1190 -6.09 24.13 -25.51
C PHE E 1190 -5.51 22.81 -26.00
N LYS E 1191 -4.34 22.83 -26.61
CA LYS E 1191 -3.74 21.57 -27.06
C LYS E 1191 -3.39 20.70 -25.86
N GLN E 1192 -2.82 21.30 -24.82
CA GLN E 1192 -2.46 20.50 -23.67
C GLN E 1192 -3.68 20.00 -22.92
N ARG E 1193 -4.88 20.46 -23.29
CA ARG E 1193 -6.12 19.92 -22.77
C ARG E 1193 -6.71 18.85 -23.66
N MET E 1194 -6.62 19.03 -24.98
CA MET E 1194 -7.06 17.98 -25.89
C MET E 1194 -6.27 16.70 -25.64
N LEU E 1195 -4.97 16.84 -25.43
CA LEU E 1195 -4.14 15.66 -25.16
C LEU E 1195 -4.57 14.96 -23.88
N GLU E 1196 -4.84 15.72 -22.81
CA GLU E 1196 -5.26 15.10 -21.55
C GLU E 1196 -6.61 14.40 -21.69
N LEU E 1197 -7.57 15.03 -22.36
CA LEU E 1197 -8.86 14.38 -22.55
C LEU E 1197 -8.72 13.08 -23.33
N THR E 1198 -7.98 13.13 -24.45
CA THR E 1198 -7.86 11.93 -25.28
C THR E 1198 -7.08 10.84 -24.58
N ASP E 1199 -6.14 11.21 -23.70
CA ASP E 1199 -5.40 10.18 -22.99
C ASP E 1199 -6.25 9.52 -21.93
N THR E 1200 -7.08 10.29 -21.22
CA THR E 1200 -7.99 9.66 -20.26
C THR E 1200 -8.94 8.70 -20.98
N ASN E 1201 -9.50 9.13 -22.12
CA ASN E 1201 -10.40 8.25 -22.86
C ASN E 1201 -9.69 6.98 -23.32
N ASN E 1202 -8.48 7.13 -23.86
CA ASN E 1202 -7.76 5.96 -24.36
C ASN E 1202 -7.46 4.99 -23.22
N ILE E 1203 -7.11 5.50 -22.04
CA ILE E 1203 -6.82 4.57 -20.96
C ILE E 1203 -8.08 3.87 -20.48
N ALA E 1204 -9.22 4.55 -20.51
CA ALA E 1204 -10.45 3.84 -20.15
C ALA E 1204 -10.73 2.70 -21.11
N TYR E 1205 -10.62 2.97 -22.41
CA TYR E 1205 -10.86 1.91 -23.39
C TYR E 1205 -9.86 0.76 -23.22
N LEU E 1206 -8.58 1.09 -23.05
CA LEU E 1206 -7.58 0.04 -22.94
C LEU E 1206 -7.85 -0.85 -21.75
N PHE E 1207 -8.23 -0.26 -20.62
CA PHE E 1207 -8.49 -1.11 -19.47
C PHE E 1207 -9.71 -1.98 -19.69
N LEU E 1208 -10.73 -1.47 -20.40
CA LEU E 1208 -11.87 -2.33 -20.71
C LEU E 1208 -11.44 -3.53 -21.56
N SER E 1209 -10.62 -3.28 -22.59
CA SER E 1209 -10.20 -4.36 -23.47
C SER E 1209 -9.33 -5.37 -22.72
N ALA E 1210 -8.49 -4.89 -21.82
CA ALA E 1210 -7.68 -5.81 -21.04
C ALA E 1210 -8.54 -6.64 -20.12
N ALA E 1211 -9.58 -6.05 -19.52
CA ALA E 1211 -10.47 -6.82 -18.67
C ALA E 1211 -11.21 -7.91 -19.45
N ASN E 1212 -11.74 -7.56 -20.62
CA ASN E 1212 -12.45 -8.57 -21.40
C ASN E 1212 -11.50 -9.70 -21.81
N ARG E 1213 -10.28 -9.36 -22.22
CA ARG E 1213 -9.35 -10.43 -22.60
C ARG E 1213 -8.96 -11.25 -21.37
N TRP E 1214 -8.80 -10.62 -20.20
CA TRP E 1214 -8.55 -11.38 -18.99
C TRP E 1214 -9.62 -12.42 -18.76
N LEU E 1215 -10.89 -12.00 -18.89
CA LEU E 1215 -11.98 -12.96 -18.67
C LEU E 1215 -11.87 -14.11 -19.65
N GLU E 1216 -11.55 -13.80 -20.90
CA GLU E 1216 -11.48 -14.86 -21.90
C GLU E 1216 -10.34 -15.83 -21.59
N VAL E 1217 -9.18 -15.33 -21.16
CA VAL E 1217 -8.07 -16.22 -20.86
C VAL E 1217 -8.42 -17.14 -19.70
N ARG E 1218 -8.93 -16.57 -18.61
CA ARG E 1218 -9.27 -17.40 -17.45
C ARG E 1218 -10.31 -18.45 -17.81
N THR E 1219 -11.38 -18.05 -18.50
CA THR E 1219 -12.43 -19.01 -18.78
C THR E 1219 -11.98 -20.07 -19.78
N ASP E 1220 -11.09 -19.71 -20.71
CA ASP E 1220 -10.57 -20.71 -21.63
C ASP E 1220 -9.70 -21.72 -20.91
N TYR E 1221 -8.90 -21.28 -19.93
CA TYR E 1221 -8.11 -22.26 -19.19
C TYR E 1221 -9.02 -23.16 -18.37
N LEU E 1222 -10.10 -22.62 -17.81
CA LEU E 1222 -11.05 -23.48 -17.11
C LEU E 1222 -11.65 -24.53 -18.06
N GLY E 1223 -12.01 -24.10 -19.27
CA GLY E 1223 -12.51 -25.05 -20.24
C GLY E 1223 -11.51 -26.12 -20.61
N ALA E 1224 -10.24 -25.74 -20.76
CA ALA E 1224 -9.22 -26.74 -21.08
C ALA E 1224 -9.07 -27.74 -19.94
N CYS E 1225 -9.15 -27.27 -18.70
CA CYS E 1225 -9.12 -28.21 -17.58
C CYS E 1225 -10.30 -29.16 -17.66
N ILE E 1226 -11.45 -28.65 -18.07
CA ILE E 1226 -12.60 -29.52 -18.29
C ILE E 1226 -12.28 -30.55 -19.36
N VAL E 1227 -11.61 -30.12 -20.43
CA VAL E 1227 -11.27 -31.04 -21.51
C VAL E 1227 -10.41 -32.19 -20.98
N LEU E 1228 -9.41 -31.86 -20.17
CA LEU E 1228 -8.52 -32.91 -19.64
C LEU E 1228 -9.30 -33.86 -18.75
N THR E 1229 -10.09 -33.30 -17.81
CA THR E 1229 -10.81 -34.13 -16.87
C THR E 1229 -11.93 -34.90 -17.53
N ALA E 1230 -12.30 -34.56 -18.75
CA ALA E 1230 -13.25 -35.37 -19.49
C ALA E 1230 -12.55 -36.46 -20.28
N SER E 1231 -11.41 -36.14 -20.89
CA SER E 1231 -10.71 -37.15 -21.67
C SER E 1231 -10.19 -38.27 -20.78
N ILE E 1232 -9.69 -37.92 -19.59
CA ILE E 1232 -9.18 -38.96 -18.69
C ILE E 1232 -10.32 -39.80 -18.14
N ALA E 1233 -11.45 -39.16 -17.83
CA ALA E 1233 -12.61 -39.89 -17.35
C ALA E 1233 -13.13 -40.87 -18.41
N SER E 1234 -13.17 -40.44 -19.67
CA SER E 1234 -13.68 -41.32 -20.71
C SER E 1234 -12.70 -42.41 -21.08
N ILE E 1235 -11.40 -42.13 -20.96
CA ILE E 1235 -10.39 -43.14 -21.32
C ILE E 1235 -10.51 -44.36 -20.42
N SER E 1236 -10.38 -44.16 -19.11
CA SER E 1236 -10.39 -45.27 -18.16
C SER E 1236 -11.78 -45.43 -17.54
N GLY E 1237 -12.70 -45.89 -18.38
CA GLY E 1237 -14.07 -46.09 -17.95
C GLY E 1237 -14.71 -47.22 -18.72
N SER E 1238 -15.94 -47.55 -18.32
CA SER E 1238 -16.71 -48.62 -18.94
C SER E 1238 -17.84 -47.96 -19.72
N SER E 1239 -17.60 -47.74 -21.02
CA SER E 1239 -18.60 -47.09 -21.86
C SER E 1239 -18.33 -47.47 -23.30
N ASN E 1240 -19.40 -47.43 -24.10
CA ASN E 1240 -19.29 -47.70 -25.53
C ASN E 1240 -18.57 -46.56 -26.24
N SER E 1241 -18.01 -46.87 -27.41
CA SER E 1241 -17.21 -45.90 -28.14
C SER E 1241 -18.03 -44.72 -28.67
N GLY E 1242 -19.33 -44.90 -28.86
CA GLY E 1242 -20.15 -43.77 -29.25
C GLY E 1242 -20.16 -42.67 -28.22
N LEU E 1243 -20.24 -43.05 -26.94
CA LEU E 1243 -20.23 -42.06 -25.87
C LEU E 1243 -18.83 -41.66 -25.46
N VAL E 1244 -17.80 -42.23 -26.09
CA VAL E 1244 -16.47 -41.64 -26.01
C VAL E 1244 -16.26 -40.60 -27.08
N GLY E 1245 -16.63 -40.91 -28.33
CA GLY E 1245 -16.48 -39.92 -29.39
C GLY E 1245 -17.37 -38.71 -29.19
N LEU E 1246 -18.65 -38.94 -28.86
CA LEU E 1246 -19.55 -37.83 -28.58
C LEU E 1246 -19.06 -37.01 -27.41
N GLY E 1247 -18.65 -37.69 -26.33
CA GLY E 1247 -18.15 -36.99 -25.16
C GLY E 1247 -16.96 -36.12 -25.48
N LEU E 1248 -15.97 -36.67 -26.19
CA LEU E 1248 -14.80 -35.88 -26.53
C LEU E 1248 -15.19 -34.67 -27.33
N LEU E 1249 -15.99 -34.86 -28.38
CA LEU E 1249 -16.28 -33.73 -29.26
C LEU E 1249 -17.05 -32.66 -28.51
N TYR E 1250 -18.03 -33.07 -27.70
CA TYR E 1250 -18.85 -32.08 -27.03
C TYR E 1250 -18.06 -31.38 -25.93
N ALA E 1251 -17.21 -32.10 -25.21
CA ALA E 1251 -16.35 -31.45 -24.23
C ALA E 1251 -15.33 -30.54 -24.88
N LEU E 1252 -14.98 -30.77 -26.14
CA LEU E 1252 -14.10 -29.79 -26.77
C LEU E 1252 -14.87 -28.53 -27.14
N THR E 1253 -16.10 -28.68 -27.66
CA THR E 1253 -16.87 -27.50 -28.03
C THR E 1253 -17.29 -26.68 -26.80
N ILE E 1254 -17.54 -27.36 -25.68
CA ILE E 1254 -17.88 -26.64 -24.45
C ILE E 1254 -16.78 -25.66 -24.10
N THR E 1255 -15.52 -26.08 -24.26
CA THR E 1255 -14.41 -25.18 -23.97
C THR E 1255 -14.50 -23.91 -24.81
N ASN E 1256 -14.82 -24.04 -26.10
CA ASN E 1256 -14.87 -22.86 -26.94
C ASN E 1256 -16.09 -21.99 -26.70
N TYR E 1257 -17.16 -22.54 -26.12
CA TYR E 1257 -18.40 -21.78 -26.00
C TYR E 1257 -18.73 -21.40 -24.56
N LEU E 1258 -17.86 -21.70 -23.59
CA LEU E 1258 -18.12 -21.34 -22.20
C LEU E 1258 -17.69 -19.93 -21.85
N ASN E 1259 -17.21 -19.14 -22.82
CA ASN E 1259 -16.75 -17.77 -22.57
C ASN E 1259 -17.79 -16.73 -22.93
N TRP E 1260 -18.59 -16.99 -23.96
CA TRP E 1260 -19.63 -16.06 -24.36
C TRP E 1260 -20.64 -15.84 -23.24
N VAL E 1261 -20.86 -16.83 -22.39
CA VAL E 1261 -21.91 -16.73 -21.39
C VAL E 1261 -21.67 -15.54 -20.45
N VAL E 1262 -20.48 -15.47 -19.84
CA VAL E 1262 -20.24 -14.40 -18.86
C VAL E 1262 -20.32 -13.02 -19.52
N ARG E 1263 -19.72 -12.87 -20.69
CA ARG E 1263 -19.71 -11.56 -21.35
C ARG E 1263 -21.12 -11.14 -21.69
N ASN E 1264 -21.88 -12.03 -22.34
CA ASN E 1264 -23.25 -11.69 -22.69
C ASN E 1264 -24.08 -11.44 -21.44
N LEU E 1265 -23.77 -12.12 -20.34
CA LEU E 1265 -24.49 -11.88 -19.11
C LEU E 1265 -24.23 -10.46 -18.61
N ALA E 1266 -22.98 -9.99 -18.71
CA ALA E 1266 -22.70 -8.62 -18.31
C ALA E 1266 -23.43 -7.64 -19.21
N ASP E 1267 -23.48 -7.93 -20.50
CA ASP E 1267 -24.21 -7.07 -21.42
C ASP E 1267 -25.70 -7.02 -21.05
N LEU E 1268 -26.28 -8.18 -20.74
CA LEU E 1268 -27.68 -8.23 -20.35
C LEU E 1268 -27.91 -7.46 -19.07
N GLU E 1269 -26.97 -7.53 -18.14
CA GLU E 1269 -27.09 -6.75 -16.90
C GLU E 1269 -27.12 -5.25 -17.20
N VAL E 1270 -26.23 -4.79 -18.08
CA VAL E 1270 -26.22 -3.37 -18.42
C VAL E 1270 -27.53 -2.97 -19.07
N GLN E 1271 -28.01 -3.78 -20.01
CA GLN E 1271 -29.21 -3.40 -20.75
C GLN E 1271 -30.46 -3.44 -19.87
N MET E 1272 -30.57 -4.42 -18.99
CA MET E 1272 -31.72 -4.45 -18.08
C MET E 1272 -31.63 -3.30 -17.10
N GLY E 1273 -30.44 -2.98 -16.60
CA GLY E 1273 -30.30 -1.79 -15.79
C GLY E 1273 -30.73 -0.54 -16.53
N ALA E 1274 -30.56 -0.53 -17.85
CA ALA E 1274 -31.09 0.58 -18.63
C ALA E 1274 -32.62 0.56 -18.62
N VAL E 1275 -33.21 -0.60 -18.85
CA VAL E 1275 -34.67 -0.67 -18.92
C VAL E 1275 -35.30 -0.37 -17.58
N LYS E 1276 -34.55 -0.51 -16.50
CA LYS E 1276 -35.07 -0.15 -15.19
C LYS E 1276 -35.43 1.32 -15.15
N LYS E 1277 -34.73 2.16 -15.93
CA LYS E 1277 -35.03 3.58 -15.97
C LYS E 1277 -36.43 3.84 -16.52
N VAL E 1278 -36.77 3.20 -17.63
CA VAL E 1278 -38.10 3.35 -18.20
C VAL E 1278 -39.17 2.75 -17.29
N ASN E 1279 -38.90 1.56 -16.73
CA ASN E 1279 -39.88 0.97 -15.82
C ASN E 1279 -40.13 1.84 -14.60
N SER E 1280 -39.11 2.55 -14.11
CA SER E 1280 -39.30 3.45 -12.98
C SER E 1280 -40.03 4.71 -13.41
N PHE E 1281 -39.69 5.26 -14.58
CA PHE E 1281 -40.33 6.48 -15.04
C PHE E 1281 -41.82 6.26 -15.23
N LEU E 1282 -42.20 5.12 -15.82
CA LEU E 1282 -43.62 4.87 -16.13
C LEU E 1282 -44.49 4.87 -14.90
N THR E 1283 -43.92 4.69 -13.71
CA THR E 1283 -44.70 4.65 -12.48
C THR E 1283 -45.24 6.01 -12.07
N MET E 1284 -44.82 7.08 -12.74
CA MET E 1284 -45.35 8.40 -12.41
C MET E 1284 -46.84 8.45 -12.69
N GLU E 1285 -47.60 8.95 -11.71
CA GLU E 1285 -49.06 8.97 -11.81
C GLU E 1285 -49.57 10.15 -10.99
N SER E 1286 -49.88 11.24 -11.66
CA SER E 1286 -50.41 12.44 -11.03
C SER E 1286 -50.93 13.34 -12.15
N GLU E 1287 -51.25 14.58 -11.82
CA GLU E 1287 -52.11 15.43 -12.65
C GLU E 1287 -53.39 14.67 -12.97
N ASN E 1288 -54.15 14.42 -11.90
CA ASN E 1288 -55.23 13.44 -11.90
C ASN E 1288 -56.10 13.58 -13.14
N TYR E 1289 -56.29 12.46 -13.84
CA TYR E 1289 -57.11 12.42 -15.04
C TYR E 1289 -58.49 11.93 -14.63
N GLU E 1290 -59.46 12.83 -14.62
CA GLU E 1290 -60.81 12.48 -14.21
C GLU E 1290 -61.76 13.58 -14.65
N GLY E 1291 -63.05 13.24 -14.63
CA GLY E 1291 -64.12 14.19 -14.82
C GLY E 1291 -65.21 13.92 -13.80
N THR E 1292 -65.91 14.96 -13.33
CA THR E 1292 -66.96 14.76 -12.34
C THR E 1292 -68.29 14.32 -12.95
N MET E 1293 -68.25 13.81 -14.19
CA MET E 1293 -69.38 13.15 -14.84
C MET E 1293 -70.64 14.01 -14.72
N ASP E 1294 -70.51 15.23 -15.15
CA ASP E 1294 -71.67 16.11 -15.17
C ASP E 1294 -72.51 15.82 -16.40
N PRO E 1295 -73.84 15.91 -16.29
CA PRO E 1295 -74.67 15.91 -17.48
C PRO E 1295 -74.31 17.08 -18.39
N SER E 1296 -74.42 16.84 -19.70
CA SER E 1296 -74.10 17.80 -20.75
C SER E 1296 -72.66 18.32 -20.67
N GLN E 1297 -71.79 17.66 -19.92
CA GLN E 1297 -70.37 18.02 -19.79
C GLN E 1297 -70.13 19.46 -19.33
N VAL E 1298 -70.88 19.91 -18.31
CA VAL E 1298 -70.66 21.24 -17.72
C VAL E 1298 -70.71 22.31 -18.80
N PRO E 1299 -71.91 22.71 -19.27
CA PRO E 1299 -72.04 23.31 -20.60
C PRO E 1299 -70.99 24.33 -20.98
N GLU E 1300 -70.24 24.03 -22.04
CA GLU E 1300 -69.26 24.96 -22.58
C GLU E 1300 -69.91 26.07 -23.40
N HIS E 1301 -71.12 25.85 -23.90
CA HIS E 1301 -71.88 26.93 -24.50
C HIS E 1301 -72.29 27.96 -23.47
N TRP E 1302 -72.35 27.57 -22.20
CA TRP E 1302 -72.71 28.43 -21.08
C TRP E 1302 -71.54 29.32 -20.65
N PRO E 1303 -70.32 28.78 -20.57
CA PRO E 1303 -69.17 29.52 -20.04
C PRO E 1303 -68.62 30.60 -20.97
N GLN E 1304 -69.51 31.48 -21.44
CA GLN E 1304 -69.10 32.66 -22.20
C GLN E 1304 -69.69 33.96 -21.65
N GLU E 1305 -70.30 33.92 -20.46
CA GLU E 1305 -70.91 35.10 -19.86
C GLU E 1305 -70.44 35.24 -18.43
N GLY E 1306 -69.71 36.31 -18.15
CA GLY E 1306 -69.30 36.65 -16.79
C GLY E 1306 -68.32 35.69 -16.14
N GLU E 1307 -67.67 36.18 -15.09
CA GLU E 1307 -66.71 35.41 -14.31
C GLU E 1307 -66.57 36.07 -12.95
N ILE E 1308 -66.19 35.28 -11.95
CA ILE E 1308 -66.10 35.74 -10.59
C ILE E 1308 -64.81 35.24 -9.97
N LYS E 1309 -64.21 36.06 -9.11
CA LYS E 1309 -63.05 35.62 -8.35
C LYS E 1309 -63.47 34.61 -7.29
N ILE E 1310 -62.54 33.74 -6.93
CA ILE E 1310 -62.80 32.69 -5.96
C ILE E 1310 -62.50 33.23 -4.57
N HIS E 1311 -63.49 33.17 -3.68
CA HIS E 1311 -63.31 33.59 -2.30
C HIS E 1311 -62.51 32.54 -1.54
N ASP E 1312 -61.48 32.99 -0.82
CA ASP E 1312 -60.54 32.11 -0.12
C ASP E 1312 -59.87 31.15 -1.11
N LEU E 1313 -59.47 31.67 -2.26
CA LEU E 1313 -58.90 30.85 -3.33
C LEU E 1313 -57.55 30.31 -2.92
N CYS E 1314 -57.49 29.02 -2.60
CA CYS E 1314 -56.30 28.38 -2.04
C CYS E 1314 -55.73 27.39 -3.06
N VAL E 1315 -54.83 27.87 -3.91
CA VAL E 1315 -54.22 26.99 -4.89
C VAL E 1315 -53.27 26.02 -4.20
N ARG E 1316 -53.04 24.89 -4.85
CA ARG E 1316 -52.18 23.83 -4.34
C ARG E 1316 -50.91 23.67 -5.17
N TYR E 1317 -50.32 24.78 -5.61
CA TYR E 1317 -49.12 24.74 -6.44
C TYR E 1317 -47.85 24.70 -5.59
N GLU E 1318 -47.82 23.80 -4.62
CA GLU E 1318 -46.67 23.61 -3.73
C GLU E 1318 -46.91 22.45 -2.79
N ASN E 1319 -45.91 22.11 -1.97
CA ASN E 1319 -46.08 21.14 -0.90
C ASN E 1319 -46.35 21.79 0.45
N ASN E 1320 -45.87 23.02 0.64
CA ASN E 1320 -46.13 23.80 1.84
C ASN E 1320 -47.21 24.85 1.53
N LEU E 1321 -47.43 25.77 2.47
CA LEU E 1321 -48.46 26.78 2.32
C LEU E 1321 -48.24 27.61 1.05
N LYS E 1322 -49.25 27.60 0.18
CA LYS E 1322 -49.18 28.27 -1.12
C LYS E 1322 -49.44 29.77 -0.98
N PRO E 1323 -48.92 30.57 -1.91
CA PRO E 1323 -49.15 32.02 -1.86
C PRO E 1323 -50.51 32.47 -2.36
N VAL E 1324 -51.34 31.56 -2.85
CA VAL E 1324 -52.67 31.93 -3.30
C VAL E 1324 -53.56 32.34 -2.13
N LEU E 1325 -53.53 31.57 -1.05
CA LEU E 1325 -54.37 31.90 0.11
C LEU E 1325 -53.69 31.45 1.39
N LYS E 1326 -53.28 32.43 2.20
CA LYS E 1326 -53.10 32.23 3.63
C LYS E 1326 -54.35 32.81 4.28
N HIS E 1327 -55.46 32.07 4.14
CA HIS E 1327 -56.80 32.56 4.46
C HIS E 1327 -57.09 33.85 3.68
N VAL E 1328 -56.59 33.90 2.44
CA VAL E 1328 -56.70 35.08 1.61
C VAL E 1328 -57.82 34.89 0.61
N LYS E 1329 -58.67 35.88 0.48
CA LYS E 1329 -59.81 35.87 -0.42
C LYS E 1329 -59.68 36.98 -1.45
N ALA E 1330 -60.74 37.19 -2.20
CA ALA E 1330 -60.89 38.37 -3.04
C ALA E 1330 -62.32 38.90 -2.88
N TYR E 1331 -62.49 40.17 -3.17
CA TYR E 1331 -63.79 40.86 -3.01
C TYR E 1331 -64.22 41.32 -4.40
N ILE E 1332 -64.91 40.44 -5.12
CA ILE E 1332 -65.25 40.68 -6.52
C ILE E 1332 -66.72 40.33 -6.73
N LYS E 1333 -67.48 41.28 -7.25
CA LYS E 1333 -68.74 40.97 -7.90
C LYS E 1333 -68.46 40.52 -9.33
N PRO E 1334 -69.40 39.81 -9.96
CA PRO E 1334 -69.16 39.32 -11.32
C PRO E 1334 -68.85 40.46 -12.28
N GLY E 1335 -67.90 40.20 -13.18
CA GLY E 1335 -67.46 41.24 -14.11
C GLY E 1335 -66.42 42.18 -13.57
N GLN E 1336 -65.73 41.81 -12.48
CA GLN E 1336 -64.78 42.69 -11.82
C GLN E 1336 -63.46 42.70 -12.59
N LYS E 1337 -63.30 43.71 -13.44
CA LYS E 1337 -62.03 43.89 -14.15
C LYS E 1337 -60.92 44.21 -13.16
N VAL E 1338 -59.72 43.67 -13.43
CA VAL E 1338 -58.60 43.79 -12.51
C VAL E 1338 -57.33 44.18 -13.26
N GLY E 1339 -56.21 44.22 -12.53
CA GLY E 1339 -54.92 44.52 -13.13
C GLY E 1339 -53.78 43.68 -12.57
N ILE E 1340 -52.63 44.31 -12.37
CA ILE E 1340 -51.43 43.61 -11.89
C ILE E 1340 -50.72 44.48 -10.87
N CYS E 1341 -50.38 43.90 -9.71
CA CYS E 1341 -49.60 44.61 -8.70
C CYS E 1341 -48.92 43.57 -7.80
N GLY E 1342 -47.61 43.37 -7.99
CA GLY E 1342 -46.84 42.52 -7.13
C GLY E 1342 -45.74 41.79 -7.88
N ARG E 1343 -45.20 40.74 -7.24
CA ARG E 1343 -44.09 39.99 -7.79
C ARG E 1343 -44.45 38.54 -8.11
N THR E 1344 -44.91 37.77 -7.13
CA THR E 1344 -45.21 36.37 -7.37
C THR E 1344 -46.64 35.98 -7.00
N GLY E 1345 -47.16 36.50 -5.87
CA GLY E 1345 -48.52 36.19 -5.50
C GLY E 1345 -49.55 36.78 -6.45
N SER E 1346 -49.26 37.97 -6.99
CA SER E 1346 -50.07 38.57 -8.04
C SER E 1346 -49.31 38.40 -9.36
N GLY E 1347 -49.48 37.24 -9.98
CA GLY E 1347 -48.74 36.89 -11.17
C GLY E 1347 -49.48 35.89 -12.06
N LYS E 1348 -48.74 35.29 -12.99
CA LYS E 1348 -49.28 34.29 -13.91
C LYS E 1348 -49.05 32.86 -13.45
N SER E 1349 -48.73 32.65 -12.16
CA SER E 1349 -48.53 31.31 -11.63
C SER E 1349 -49.75 30.79 -10.88
N SER E 1350 -50.18 31.48 -9.81
CA SER E 1350 -51.37 31.04 -9.09
C SER E 1350 -52.65 31.62 -9.67
N LEU E 1351 -52.63 32.91 -10.01
CA LEU E 1351 -53.81 33.55 -10.57
C LEU E 1351 -54.19 32.90 -11.89
N SER E 1352 -53.23 32.76 -12.79
CA SER E 1352 -53.50 32.13 -14.08
C SER E 1352 -53.92 30.68 -13.88
N LEU E 1353 -53.29 29.99 -12.93
CA LEU E 1353 -53.63 28.59 -12.70
C LEU E 1353 -55.10 28.45 -12.34
N ALA E 1354 -55.57 29.24 -11.38
CA ALA E 1354 -56.96 29.10 -10.99
C ALA E 1354 -57.90 29.87 -11.90
N PHE E 1355 -57.36 30.59 -12.89
CA PHE E 1355 -58.21 31.24 -13.89
C PHE E 1355 -59.13 30.24 -14.59
N PHE E 1356 -58.56 29.10 -15.02
CA PHE E 1356 -59.29 28.13 -15.81
C PHE E 1356 -59.10 26.71 -15.30
N ARG E 1357 -58.75 26.56 -14.02
CA ARG E 1357 -58.65 25.26 -13.35
C ARG E 1357 -57.74 24.29 -14.12
N MET E 1358 -56.59 24.80 -14.55
CA MET E 1358 -55.64 24.00 -15.30
C MET E 1358 -54.46 23.50 -14.46
N VAL E 1359 -54.08 24.24 -13.42
CA VAL E 1359 -52.95 23.89 -12.56
C VAL E 1359 -53.45 23.97 -11.12
N ASP E 1360 -53.61 22.81 -10.48
CA ASP E 1360 -53.93 22.70 -9.06
C ASP E 1360 -55.27 23.38 -8.73
N ILE E 1361 -56.33 22.81 -9.29
CA ILE E 1361 -57.70 23.19 -8.92
C ILE E 1361 -58.11 22.24 -7.79
N PHE E 1362 -57.75 22.62 -6.55
CA PHE E 1362 -58.01 21.77 -5.39
C PHE E 1362 -58.93 22.44 -4.37
N ASP E 1363 -58.57 23.63 -3.88
CA ASP E 1363 -59.30 24.30 -2.81
C ASP E 1363 -59.88 25.61 -3.32
N GLY E 1364 -60.68 26.25 -2.49
CA GLY E 1364 -61.41 27.42 -2.93
C GLY E 1364 -62.54 27.00 -3.84
N LYS E 1365 -63.21 28.00 -4.41
CA LYS E 1365 -64.30 27.72 -5.33
C LYS E 1365 -64.25 28.72 -6.47
N ILE E 1366 -63.51 28.40 -7.52
CA ILE E 1366 -63.48 29.23 -8.73
C ILE E 1366 -64.55 28.67 -9.65
N VAL E 1367 -65.79 29.08 -9.39
CA VAL E 1367 -66.93 28.55 -10.15
C VAL E 1367 -67.12 29.37 -11.41
N ILE E 1368 -66.46 28.99 -12.49
CA ILE E 1368 -66.59 29.75 -13.73
C ILE E 1368 -68.04 29.70 -14.19
N ASP E 1369 -68.60 30.87 -14.50
CA ASP E 1369 -70.01 31.01 -14.88
C ASP E 1369 -70.96 30.49 -13.81
N GLY E 1370 -70.53 30.52 -12.55
CA GLY E 1370 -71.36 30.05 -11.45
C GLY E 1370 -71.27 28.57 -11.14
N ILE E 1371 -70.73 27.77 -12.06
CA ILE E 1371 -70.65 26.32 -11.90
C ILE E 1371 -69.24 25.95 -11.47
N ASP E 1372 -69.13 24.97 -10.58
CA ASP E 1372 -67.85 24.61 -10.00
C ASP E 1372 -66.88 24.09 -11.05
N ILE E 1373 -65.89 24.91 -11.40
CA ILE E 1373 -64.92 24.52 -12.42
C ILE E 1373 -64.03 23.40 -11.93
N SER E 1374 -63.73 23.37 -10.62
CA SER E 1374 -62.77 22.40 -10.11
C SER E 1374 -63.19 20.97 -10.42
N LYS E 1375 -64.49 20.72 -10.50
CA LYS E 1375 -65.01 19.38 -10.79
C LYS E 1375 -65.23 19.19 -12.29
N LEU E 1376 -64.20 19.45 -13.09
CA LEU E 1376 -64.35 19.34 -14.53
C LEU E 1376 -63.18 18.58 -15.13
N PRO E 1377 -63.42 17.82 -16.22
CA PRO E 1377 -62.31 17.16 -16.90
C PRO E 1377 -61.37 18.16 -17.56
N LEU E 1378 -60.12 17.75 -17.73
CA LEU E 1378 -59.09 18.67 -18.23
C LEU E 1378 -59.46 19.19 -19.62
N HIS E 1379 -60.08 18.35 -20.45
CA HIS E 1379 -60.39 18.75 -21.82
C HIS E 1379 -61.36 19.92 -21.85
N THR E 1380 -62.57 19.72 -21.31
CA THR E 1380 -63.59 20.76 -21.34
C THR E 1380 -63.15 22.02 -20.60
N LEU E 1381 -62.55 21.85 -19.41
CA LEU E 1381 -62.12 23.00 -18.62
C LEU E 1381 -61.05 23.83 -19.31
N ARG E 1382 -60.03 23.18 -19.87
CA ARG E 1382 -58.99 23.90 -20.61
C ARG E 1382 -59.44 24.40 -21.98
N SER E 1383 -60.49 23.83 -22.56
CA SER E 1383 -60.97 24.24 -23.87
C SER E 1383 -62.16 25.18 -23.81
N ARG E 1384 -62.53 25.64 -22.62
CA ARG E 1384 -63.51 26.70 -22.43
C ARG E 1384 -62.85 28.04 -22.13
N LEU E 1385 -61.55 28.13 -22.46
CA LEU E 1385 -60.73 29.32 -22.24
C LEU E 1385 -59.42 29.24 -23.00
N SER E 1386 -58.92 30.38 -23.45
CA SER E 1386 -57.65 30.42 -24.17
C SER E 1386 -56.65 31.31 -23.42
N ILE E 1387 -55.48 30.77 -23.13
CA ILE E 1387 -54.44 31.52 -22.41
C ILE E 1387 -53.09 31.52 -23.12
N ILE E 1388 -52.49 32.69 -23.26
CA ILE E 1388 -51.19 32.82 -23.90
C ILE E 1388 -50.20 33.50 -22.97
N LEU E 1389 -49.04 32.89 -22.78
CA LEU E 1389 -48.01 33.47 -21.92
C LEU E 1389 -46.69 33.67 -22.67
N GLN E 1390 -46.14 34.90 -22.57
CA GLN E 1390 -44.89 35.27 -23.23
C GLN E 1390 -44.90 34.84 -24.69
N ASP E 1391 -43.85 34.14 -25.12
CA ASP E 1391 -43.81 33.65 -26.49
C ASP E 1391 -44.17 32.17 -26.41
N PRO E 1392 -45.18 31.72 -27.18
CA PRO E 1392 -45.54 30.29 -27.05
C PRO E 1392 -44.48 29.25 -27.47
N ILE E 1393 -43.85 29.41 -28.63
CA ILE E 1393 -42.80 28.50 -29.07
C ILE E 1393 -43.15 27.02 -29.00
N LEU E 1394 -44.36 26.65 -29.40
CA LEU E 1394 -44.80 25.25 -29.35
C LEU E 1394 -45.48 24.73 -30.61
N PHE E 1395 -44.71 24.63 -31.68
CA PHE E 1395 -45.19 24.15 -32.94
C PHE E 1395 -44.03 23.91 -33.87
N SER E 1396 -44.25 22.98 -34.78
CA SER E 1396 -43.27 22.62 -35.75
C SER E 1396 -44.01 22.41 -37.03
N GLY E 1397 -43.40 22.85 -38.11
CA GLY E 1397 -43.94 22.69 -39.44
C GLY E 1397 -44.59 23.88 -40.09
N SER E 1398 -45.81 23.67 -40.60
CA SER E 1398 -46.47 24.78 -41.26
C SER E 1398 -47.57 25.37 -40.38
N ILE E 1399 -47.79 26.69 -40.54
CA ILE E 1399 -48.71 27.42 -39.68
C ILE E 1399 -50.14 27.42 -40.18
N ARG E 1400 -50.42 26.79 -41.33
CA ARG E 1400 -51.77 26.82 -41.87
C ARG E 1400 -52.76 26.13 -40.93
N PHE E 1401 -52.42 24.95 -40.44
CA PHE E 1401 -53.34 24.18 -39.61
C PHE E 1401 -53.00 24.23 -38.13
N ASN E 1402 -51.76 24.60 -37.78
CA ASN E 1402 -51.29 24.52 -36.41
C ASN E 1402 -52.11 25.38 -35.46
N LEU E 1403 -52.85 26.35 -35.98
CA LEU E 1403 -53.62 27.25 -35.12
C LEU E 1403 -54.67 26.49 -34.33
N ASP E 1404 -55.30 25.49 -34.94
CA ASP E 1404 -56.34 24.73 -34.24
C ASP E 1404 -56.50 23.39 -34.92
N PRO E 1405 -56.85 22.34 -34.17
CA PRO E 1405 -56.97 21.00 -34.77
C PRO E 1405 -58.36 20.70 -35.32
N GLU E 1406 -59.39 21.39 -34.84
CA GLU E 1406 -60.76 21.09 -35.26
C GLU E 1406 -61.55 22.37 -35.48
N CYS E 1407 -60.92 23.38 -36.08
CA CYS E 1407 -61.58 24.65 -36.39
C CYS E 1407 -61.92 24.66 -37.87
N LYS E 1408 -63.18 24.35 -38.19
CA LYS E 1408 -63.61 24.29 -39.57
C LYS E 1408 -64.12 25.61 -40.12
N CYS E 1409 -64.80 26.41 -39.30
CA CYS E 1409 -65.57 27.54 -39.79
C CYS E 1409 -64.81 28.88 -39.75
N THR E 1410 -64.41 29.31 -38.56
CA THR E 1410 -64.02 30.71 -38.36
C THR E 1410 -62.62 31.02 -38.89
N ASP E 1411 -61.91 30.04 -39.45
CA ASP E 1411 -60.57 30.27 -39.96
C ASP E 1411 -60.49 30.22 -41.47
N ASP E 1412 -60.96 29.14 -42.10
CA ASP E 1412 -60.90 29.04 -43.55
C ASP E 1412 -61.90 30.00 -44.20
N ARG E 1413 -63.14 30.01 -43.70
CA ARG E 1413 -64.16 30.87 -44.29
C ARG E 1413 -63.85 32.35 -44.11
N LEU E 1414 -63.08 32.71 -43.09
CA LEU E 1414 -62.54 34.05 -42.94
C LEU E 1414 -61.02 33.90 -43.03
N TRP E 1415 -60.49 33.91 -44.25
CA TRP E 1415 -59.10 33.56 -44.48
C TRP E 1415 -58.17 34.73 -44.16
N GLU E 1416 -58.37 35.86 -44.83
CA GLU E 1416 -57.63 37.07 -44.48
C GLU E 1416 -57.94 37.52 -43.05
N ALA E 1417 -59.21 37.39 -42.63
CA ALA E 1417 -59.60 37.76 -41.27
C ALA E 1417 -58.98 36.84 -40.22
N LEU E 1418 -58.81 35.55 -40.51
CA LEU E 1418 -58.20 34.65 -39.53
C LEU E 1418 -56.77 35.06 -39.20
N GLU E 1419 -55.96 35.35 -40.20
CA GLU E 1419 -54.65 35.91 -39.92
C GLU E 1419 -54.76 37.33 -39.37
N ILE E 1420 -55.79 38.07 -39.77
CA ILE E 1420 -56.01 39.45 -39.32
C ILE E 1420 -56.57 39.56 -37.92
N ALA E 1421 -56.77 38.43 -37.23
CA ALA E 1421 -57.21 38.50 -35.84
C ALA E 1421 -56.26 39.34 -35.01
N GLN E 1422 -54.96 39.19 -35.22
CA GLN E 1422 -53.99 40.14 -34.70
C GLN E 1422 -53.15 40.79 -35.78
N LEU E 1423 -52.58 40.01 -36.68
CA LEU E 1423 -51.74 40.56 -37.75
C LEU E 1423 -51.82 39.63 -38.94
N LYS E 1424 -52.39 40.12 -40.04
CA LYS E 1424 -52.53 39.32 -41.24
C LYS E 1424 -51.17 38.94 -41.80
N ASN E 1425 -51.14 37.87 -42.58
CA ASN E 1425 -49.88 37.33 -43.08
C ASN E 1425 -49.09 38.40 -43.84
N MET E 1426 -49.64 38.88 -44.95
CA MET E 1426 -49.04 39.95 -45.76
C MET E 1426 -47.71 39.52 -46.37
N VAL E 1427 -47.27 38.31 -46.05
CA VAL E 1427 -46.09 37.70 -46.66
C VAL E 1427 -46.49 36.29 -47.07
N LYS E 1428 -47.79 36.04 -47.15
CA LYS E 1428 -48.31 34.74 -47.55
C LYS E 1428 -48.15 34.48 -49.04
N SER E 1429 -47.86 35.51 -49.85
CA SER E 1429 -47.59 35.27 -51.25
C SER E 1429 -46.21 34.65 -51.44
N LEU E 1430 -45.21 35.18 -50.73
CA LEU E 1430 -43.86 34.60 -50.80
C LEU E 1430 -43.82 33.17 -50.27
N PRO E 1431 -44.34 32.87 -49.08
CA PRO E 1431 -44.41 31.48 -48.65
C PRO E 1431 -45.41 30.69 -49.46
N GLY E 1432 -45.12 29.39 -49.63
CA GLY E 1432 -46.03 28.54 -50.38
C GLY E 1432 -47.33 28.33 -49.63
N GLY E 1433 -48.44 28.46 -50.36
CA GLY E 1433 -49.75 28.24 -49.78
C GLY E 1433 -50.05 29.22 -48.65
N LEU E 1434 -50.87 28.76 -47.71
CA LEU E 1434 -51.22 29.59 -46.57
C LEU E 1434 -50.03 29.78 -45.63
N ASP E 1435 -49.25 28.71 -45.41
CA ASP E 1435 -48.10 28.79 -44.52
C ASP E 1435 -47.20 27.58 -44.74
N ALA E 1436 -45.92 27.78 -44.49
CA ALA E 1436 -44.91 26.73 -44.47
C ALA E 1436 -43.95 26.99 -43.31
N THR E 1437 -44.51 27.29 -42.13
CA THR E 1437 -43.79 27.96 -41.06
C THR E 1437 -42.49 27.24 -40.72
N VAL E 1438 -41.45 28.05 -40.47
CA VAL E 1438 -40.11 27.52 -40.25
C VAL E 1438 -40.06 26.74 -38.95
N THR E 1439 -39.00 25.95 -38.81
CA THR E 1439 -38.86 25.04 -37.68
C THR E 1439 -38.48 25.84 -36.44
N GLU E 1440 -39.47 26.15 -35.61
CA GLU E 1440 -39.26 26.87 -34.35
C GLU E 1440 -38.48 28.16 -34.58
N GLY E 1441 -38.88 28.91 -35.61
CA GLY E 1441 -38.14 30.08 -36.01
C GLY E 1441 -38.99 31.29 -36.35
N GLY E 1442 -38.41 32.25 -37.05
CA GLY E 1442 -39.08 33.52 -37.28
C GLY E 1442 -39.48 34.20 -35.99
N GLU E 1443 -38.60 34.13 -34.98
CA GLU E 1443 -39.00 34.47 -33.62
C GLU E 1443 -39.17 35.97 -33.40
N ASN E 1444 -38.57 36.81 -34.24
CA ASN E 1444 -38.61 38.25 -34.04
C ASN E 1444 -40.04 38.74 -33.96
N PHE E 1445 -40.79 38.62 -35.05
CA PHE E 1445 -42.21 38.95 -34.99
C PHE E 1445 -43.01 37.87 -34.28
N SER E 1446 -42.45 36.67 -34.13
CA SER E 1446 -43.15 35.60 -33.42
C SER E 1446 -43.35 35.89 -31.94
N VAL E 1447 -42.56 36.81 -31.35
CA VAL E 1447 -42.81 37.20 -29.97
C VAL E 1447 -44.26 37.68 -29.84
N GLY E 1448 -44.68 38.54 -30.76
CA GLY E 1448 -46.07 38.93 -30.77
C GLY E 1448 -46.97 37.93 -31.45
N GLN E 1449 -46.43 37.15 -32.39
CA GLN E 1449 -47.24 36.15 -33.09
C GLN E 1449 -47.76 35.04 -32.19
N ARG E 1450 -47.07 34.70 -31.10
CA ARG E 1450 -47.64 33.70 -30.19
C ARG E 1450 -48.96 34.20 -29.61
N GLN E 1451 -48.95 35.43 -29.10
CA GLN E 1451 -50.19 36.04 -28.63
C GLN E 1451 -51.19 36.14 -29.77
N LEU E 1452 -50.70 36.48 -30.97
CA LEU E 1452 -51.58 36.60 -32.12
C LEU E 1452 -52.30 35.29 -32.38
N PHE E 1453 -51.58 34.19 -32.28
CA PHE E 1453 -52.17 32.88 -32.49
C PHE E 1453 -53.18 32.59 -31.39
N CYS E 1454 -52.84 32.95 -30.16
CA CYS E 1454 -53.78 32.75 -29.06
C CYS E 1454 -55.05 33.54 -29.29
N LEU E 1455 -54.92 34.78 -29.75
CA LEU E 1455 -56.09 35.61 -30.03
C LEU E 1455 -56.92 35.00 -31.15
N ALA E 1456 -56.26 34.51 -32.20
CA ALA E 1456 -56.99 33.89 -33.30
C ALA E 1456 -57.74 32.66 -32.80
N ARG E 1457 -57.07 31.84 -32.00
CA ARG E 1457 -57.70 30.63 -31.49
C ARG E 1457 -58.88 30.97 -30.59
N ALA E 1458 -58.73 32.01 -29.76
CA ALA E 1458 -59.78 32.37 -28.82
C ALA E 1458 -60.89 33.17 -29.47
N PHE E 1459 -60.70 33.65 -30.69
CA PHE E 1459 -61.76 34.35 -31.39
C PHE E 1459 -62.53 33.36 -32.26
N VAL E 1460 -61.79 32.45 -32.91
CA VAL E 1460 -62.42 31.35 -33.63
C VAL E 1460 -63.22 30.47 -32.68
N ARG E 1461 -62.66 30.16 -31.51
CA ARG E 1461 -63.28 29.19 -30.60
C ARG E 1461 -64.63 29.65 -30.09
N LYS E 1462 -64.97 30.93 -30.23
CA LYS E 1462 -66.26 31.46 -29.79
C LYS E 1462 -66.47 31.25 -28.29
N SER E 1463 -65.41 31.47 -27.51
CA SER E 1463 -65.50 31.45 -26.05
C SER E 1463 -65.22 32.81 -25.42
N SER E 1464 -64.06 33.40 -25.71
CA SER E 1464 -63.70 34.76 -25.32
C SER E 1464 -63.67 34.98 -23.81
N ILE E 1465 -63.34 33.96 -23.03
CA ILE E 1465 -63.34 34.05 -21.57
C ILE E 1465 -61.94 33.86 -21.02
N LEU E 1466 -60.94 34.41 -21.72
CA LEU E 1466 -59.56 34.04 -21.50
C LEU E 1466 -58.74 35.17 -20.89
N ILE E 1467 -57.81 34.82 -20.00
CA ILE E 1467 -56.83 35.76 -19.50
C ILE E 1467 -55.48 35.49 -20.18
N MET E 1468 -54.91 36.54 -20.76
CA MET E 1468 -53.67 36.45 -21.53
C MET E 1468 -52.51 37.05 -20.75
N ASP E 1469 -51.41 36.32 -20.67
CA ASP E 1469 -50.28 36.74 -19.85
C ASP E 1469 -49.50 37.90 -20.48
N GLU E 1470 -48.36 38.20 -19.86
CA GLU E 1470 -47.53 39.34 -20.23
C GLU E 1470 -46.77 39.15 -21.54
N ALA E 1471 -46.47 40.28 -22.19
CA ALA E 1471 -45.44 40.34 -23.22
C ALA E 1471 -44.10 40.57 -22.51
N THR E 1472 -42.98 40.45 -23.23
CA THR E 1472 -41.68 40.57 -22.60
C THR E 1472 -40.74 41.47 -23.39
N ALA E 1473 -40.98 41.58 -24.69
CA ALA E 1473 -40.10 42.37 -25.55
C ALA E 1473 -40.10 43.84 -25.16
N SER E 1474 -41.25 44.36 -24.72
CA SER E 1474 -41.43 45.77 -24.35
C SER E 1474 -41.11 46.72 -25.48
N ILE E 1475 -41.02 46.20 -26.71
CA ILE E 1475 -40.78 47.02 -27.89
C ILE E 1475 -42.10 47.62 -28.37
N ASP E 1476 -42.01 48.58 -29.29
CA ASP E 1476 -43.20 49.21 -29.86
C ASP E 1476 -44.17 48.18 -30.44
N MET E 1477 -43.63 47.15 -31.09
CA MET E 1477 -44.48 46.09 -31.64
C MET E 1477 -45.32 45.39 -30.57
N ALA E 1478 -44.75 45.14 -29.40
CA ALA E 1478 -45.57 44.56 -28.34
C ALA E 1478 -46.70 45.50 -27.93
N THR E 1479 -46.44 46.81 -27.94
CA THR E 1479 -47.49 47.78 -27.64
C THR E 1479 -48.59 47.75 -28.71
N GLU E 1480 -48.19 47.69 -29.98
CA GLU E 1480 -49.18 47.62 -31.04
C GLU E 1480 -50.02 46.34 -30.97
N ASN E 1481 -49.39 45.21 -30.66
CA ASN E 1481 -50.13 43.97 -30.52
C ASN E 1481 -51.10 44.03 -29.34
N ILE E 1482 -50.68 44.61 -28.22
CA ILE E 1482 -51.58 44.73 -27.09
C ILE E 1482 -52.76 45.64 -27.43
N LEU E 1483 -52.49 46.72 -28.14
CA LEU E 1483 -53.57 47.62 -28.55
C LEU E 1483 -54.55 46.93 -29.49
N GLN E 1484 -54.05 46.14 -30.44
CA GLN E 1484 -54.94 45.40 -31.33
C GLN E 1484 -55.76 44.38 -30.56
N LYS E 1485 -55.16 43.69 -29.60
CA LYS E 1485 -55.90 42.71 -28.80
C LYS E 1485 -57.01 43.38 -28.01
N VAL E 1486 -56.71 44.51 -27.39
CA VAL E 1486 -57.75 45.25 -26.67
C VAL E 1486 -58.84 45.72 -27.63
N VAL E 1487 -58.47 46.16 -28.83
CA VAL E 1487 -59.43 46.57 -29.85
C VAL E 1487 -60.35 45.43 -30.29
N MET E 1488 -59.87 44.18 -30.26
CA MET E 1488 -60.67 43.07 -30.79
C MET E 1488 -61.21 42.13 -29.72
N THR E 1489 -60.34 41.53 -28.91
CA THR E 1489 -60.79 40.56 -27.91
C THR E 1489 -61.16 41.24 -26.60
N ALA E 1490 -60.31 42.14 -26.11
CA ALA E 1490 -60.59 42.83 -24.86
C ALA E 1490 -61.61 43.95 -25.03
N PHE E 1491 -61.91 44.35 -26.27
CA PHE E 1491 -63.07 45.21 -26.50
C PHE E 1491 -64.37 44.45 -26.19
N ALA E 1492 -64.40 43.17 -26.49
CA ALA E 1492 -65.52 42.33 -26.08
C ALA E 1492 -65.57 42.24 -24.56
N ASP E 1493 -66.72 41.78 -24.06
CA ASP E 1493 -67.04 41.95 -22.65
C ASP E 1493 -65.97 41.33 -21.75
N ARG E 1494 -65.77 40.02 -21.86
CA ARG E 1494 -64.79 39.34 -21.01
C ARG E 1494 -63.39 39.72 -21.46
N THR E 1495 -62.59 40.23 -20.53
CA THR E 1495 -61.25 40.73 -20.83
C THR E 1495 -60.23 40.04 -19.94
N VAL E 1496 -59.01 40.54 -19.97
CA VAL E 1496 -57.87 39.87 -19.35
C VAL E 1496 -57.79 40.27 -17.88
N VAL E 1497 -57.64 39.27 -17.01
CA VAL E 1497 -57.09 39.48 -15.67
C VAL E 1497 -55.59 39.26 -15.81
N THR E 1498 -54.91 40.31 -16.23
CA THR E 1498 -53.56 40.20 -16.75
C THR E 1498 -52.51 40.54 -15.71
N ILE E 1499 -51.27 40.12 -16.00
CA ILE E 1499 -50.08 40.59 -15.31
C ILE E 1499 -49.05 40.91 -16.37
N ALA E 1500 -48.27 41.98 -16.16
CA ALA E 1500 -47.39 42.47 -17.21
C ALA E 1500 -46.20 43.20 -16.60
N HIS E 1501 -45.16 43.36 -17.43
CA HIS E 1501 -43.95 44.07 -16.99
C HIS E 1501 -44.16 45.58 -16.97
N ARG E 1502 -44.91 46.12 -17.93
CA ARG E 1502 -45.22 47.54 -17.98
C ARG E 1502 -46.66 47.76 -17.53
N VAL E 1503 -46.87 48.74 -16.65
CA VAL E 1503 -48.20 49.00 -16.10
C VAL E 1503 -48.86 49.97 -17.07
N HIS E 1504 -49.44 49.40 -18.14
CA HIS E 1504 -50.20 50.17 -19.12
C HIS E 1504 -51.54 49.52 -19.44
N THR E 1505 -51.94 48.51 -18.66
CA THR E 1505 -53.21 47.81 -18.86
C THR E 1505 -54.21 48.07 -17.75
N ILE E 1506 -53.92 49.05 -16.88
CA ILE E 1506 -54.80 49.36 -15.75
C ILE E 1506 -55.90 50.31 -16.21
N LEU E 1507 -56.01 50.49 -17.53
CA LEU E 1507 -56.90 51.51 -18.08
C LEU E 1507 -58.34 51.33 -17.62
N THR E 1508 -58.82 50.09 -17.59
CA THR E 1508 -60.21 49.84 -17.21
C THR E 1508 -60.31 48.79 -16.11
N ALA E 1509 -59.26 48.64 -15.31
CA ALA E 1509 -59.32 47.77 -14.15
C ALA E 1509 -60.24 48.35 -13.09
N ASP E 1510 -61.01 47.49 -12.43
CA ASP E 1510 -61.97 47.92 -11.42
C ASP E 1510 -61.54 47.60 -10.00
N LEU E 1511 -60.67 46.60 -9.82
CA LEU E 1511 -60.17 46.26 -8.49
C LEU E 1511 -58.80 45.62 -8.68
N VAL E 1512 -57.77 46.39 -8.31
CA VAL E 1512 -56.36 46.01 -8.38
C VAL E 1512 -55.98 44.98 -7.36
N ILE E 1513 -54.80 44.42 -7.53
CA ILE E 1513 -54.39 43.40 -6.61
C ILE E 1513 -53.02 43.62 -6.04
N VAL E 1514 -52.87 43.22 -4.79
CA VAL E 1514 -51.61 43.31 -4.09
C VAL E 1514 -51.35 41.93 -3.50
N MET E 1515 -51.13 40.96 -4.37
CA MET E 1515 -50.90 39.61 -3.92
C MET E 1515 -49.41 39.52 -3.96
N LYS E 1516 -48.79 39.43 -2.80
CA LYS E 1516 -47.33 39.45 -2.78
C LYS E 1516 -46.70 38.73 -1.63
N ARG E 1517 -45.55 39.26 -1.20
CA ARG E 1517 -44.80 38.67 -0.12
C ARG E 1517 -45.62 38.66 1.17
N GLY E 1518 -46.36 39.75 1.43
CA GLY E 1518 -47.16 39.84 2.65
C GLY E 1518 -48.63 39.51 2.57
N ASN E 1519 -49.48 40.51 2.78
CA ASN E 1519 -50.90 40.27 2.74
C ASN E 1519 -51.33 39.90 1.32
N ILE E 1520 -52.31 39.01 1.21
CA ILE E 1520 -52.83 38.54 -0.09
C ILE E 1520 -54.05 39.32 -0.53
N LEU E 1521 -54.32 40.40 0.17
CA LEU E 1521 -55.45 41.24 -0.13
C LEU E 1521 -55.28 41.95 -1.44
N GLU E 1522 -56.36 41.97 -2.20
CA GLU E 1522 -56.41 42.64 -3.48
C GLU E 1522 -57.70 43.42 -3.46
N TYR E 1523 -57.80 44.49 -2.68
CA TYR E 1523 -59.06 45.22 -2.63
C TYR E 1523 -58.97 46.62 -3.21
N ASP E 1524 -59.79 46.90 -4.21
CA ASP E 1524 -59.81 48.22 -4.80
C ASP E 1524 -61.19 48.64 -5.29
N THR E 1525 -61.50 49.92 -5.09
CA THR E 1525 -62.81 50.48 -5.45
C THR E 1525 -62.99 50.80 -6.91
N PRO E 1526 -64.11 51.44 -7.24
CA PRO E 1526 -64.58 51.83 -8.57
C PRO E 1526 -63.83 52.93 -9.35
N GLU E 1527 -63.36 54.02 -8.72
CA GLU E 1527 -62.74 55.09 -9.52
C GLU E 1527 -61.23 55.38 -9.47
N SER E 1528 -60.73 55.75 -8.29
CA SER E 1528 -59.33 56.11 -8.10
C SER E 1528 -58.45 54.93 -7.71
N LEU E 1529 -59.03 53.73 -7.73
CA LEU E 1529 -58.35 52.54 -7.26
C LEU E 1529 -57.06 52.27 -7.99
N LEU E 1530 -57.04 52.48 -9.29
CA LEU E 1530 -55.82 52.24 -10.04
C LEU E 1530 -54.66 53.13 -9.60
N ALA E 1531 -54.95 54.37 -9.26
CA ALA E 1531 -53.89 55.30 -8.90
C ALA E 1531 -53.34 55.34 -7.48
N GLN E 1532 -54.19 55.72 -6.52
CA GLN E 1532 -53.72 55.96 -5.16
C GLN E 1532 -53.02 54.75 -4.56
N GLU E 1533 -53.63 53.57 -4.67
CA GLU E 1533 -53.08 52.38 -4.02
C GLU E 1533 -51.78 51.92 -4.66
N ASP E 1534 -51.56 52.21 -5.94
CA ASP E 1534 -50.43 51.64 -6.66
C ASP E 1534 -49.19 52.52 -6.59
N GLY E 1535 -49.02 53.25 -5.49
CA GLY E 1535 -47.90 54.18 -5.40
C GLY E 1535 -46.56 53.52 -5.56
N VAL E 1536 -46.40 52.30 -5.04
CA VAL E 1536 -45.14 51.59 -5.22
C VAL E 1536 -44.95 51.21 -6.69
N PHE E 1537 -45.98 50.64 -7.31
CA PHE E 1537 -45.88 50.22 -8.70
C PHE E 1537 -45.83 51.41 -9.64
N ALA E 1538 -46.54 52.49 -9.32
CA ALA E 1538 -46.47 53.69 -10.16
C ALA E 1538 -45.17 54.45 -9.97
N SER E 1539 -44.52 54.32 -8.81
CA SER E 1539 -43.26 54.98 -8.56
C SER E 1539 -42.06 54.13 -8.94
N PHE E 1540 -42.28 52.86 -9.29
CA PHE E 1540 -41.19 52.03 -9.79
C PHE E 1540 -40.65 52.53 -11.12
N VAL E 1541 -41.40 53.36 -11.83
CA VAL E 1541 -40.94 53.94 -13.08
C VAL E 1541 -41.45 55.37 -13.20
C1 NAG F . 18.73 -59.64 -15.51
C2 NAG F . 17.58 -59.35 -16.42
C3 NAG F . 17.86 -59.81 -17.76
C4 NAG F . 18.95 -59.00 -18.37
C5 NAG F . 20.22 -58.90 -17.45
C6 NAG F . 20.45 -57.56 -17.07
C7 NAG F . 15.90 -61.30 -15.61
C8 NAG F . 16.86 -62.50 -15.85
N2 NAG F . 16.25 -59.91 -15.88
O3 NAG F . 16.64 -59.69 -18.57
O4 NAG F . 19.30 -59.56 -19.64
O5 NAG F . 20.01 -59.82 -16.23
O6 NAG F . 20.81 -56.82 -18.21
O7 NAG F . 14.81 -61.52 -15.20
C1 NAG F . 20.43 -60.44 -19.57
C2 NAG F . 20.11 -61.75 -20.21
C3 NAG F . 21.20 -62.70 -20.02
C4 NAG F . 22.48 -62.19 -20.58
C5 NAG F . 22.86 -60.76 -20.07
C6 NAG F . 23.91 -60.25 -20.85
C7 NAG F . 17.57 -62.18 -20.31
C8 NAG F . 17.52 -61.45 -21.67
N2 NAG F . 18.83 -62.33 -19.60
O3 NAG F . 20.84 -63.96 -20.69
O4 NAG F . 23.52 -63.08 -20.20
O5 NAG F . 21.63 -59.86 -20.21
O6 NAG F . 25.08 -60.93 -20.51
O7 NAG F . 16.57 -62.62 -19.84
PG ATP G . -15.22 5.00 25.26
O1G ATP G . -15.10 4.01 24.12
O2G ATP G . -15.15 4.35 26.62
O3G ATP G . -16.35 6.00 25.12
PB ATP G . -13.55 6.85 23.92
O1B ATP G . -12.17 7.42 24.15
O2B ATP G . -14.71 7.80 23.72
O3B ATP G . -13.88 5.89 25.17
PA ATP G . -12.86 6.08 21.24
O1A ATP G . -13.46 5.07 20.30
O2A ATP G . -13.00 7.54 20.90
O3A ATP G . -13.50 5.79 22.69
O5' ATP G . -11.31 5.71 21.39
C5' ATP G . -10.30 6.65 21.77
C4' ATP G . -9.11 5.89 22.30
O4' ATP G . -9.27 5.62 23.69
C3' ATP G . -8.96 4.54 21.61
O3' ATP G . -7.69 4.47 20.97
C2' ATP G . -9.06 3.50 22.70
O2' ATP G . -8.02 2.52 22.56
C1' ATP G . -8.87 4.28 23.99
N9 ATP G . -9.72 3.72 25.07
C8 ATP G . -10.65 4.41 25.76
N7 ATP G . -11.25 3.63 26.69
C5 ATP G . -10.69 2.41 26.62
C6 ATP G . -10.86 1.11 27.31
N6 ATP G . -11.76 0.94 28.30
N1 ATP G . -10.07 0.09 26.93
C2 ATP G . -9.18 0.23 25.93
N3 ATP G . -8.98 1.37 25.27
C4 ATP G . -9.68 2.47 25.56
PG ATP H . 28.51 12.33 -3.33
O1G ATP H . 29.41 13.29 -4.07
O2G ATP H . 29.12 10.98 -3.06
O3G ATP H . 27.10 12.27 -3.86
PB ATP H . 27.61 14.39 -1.61
O1B ATP H . 28.58 15.49 -1.94
O2B ATP H . 26.26 14.31 -2.28
O3B ATP H . 28.37 12.99 -1.87
PA ATP H . 26.09 14.47 0.81
O1A ATP H . 24.92 14.64 -0.11
O2A ATP H . 26.27 15.41 1.96
O3A ATP H . 27.48 14.36 -0.01
O5' ATP H . 26.08 12.98 1.42
C5' ATP H . 26.64 12.77 2.70
C4' ATP H . 26.59 11.28 2.98
O4' ATP H . 25.24 10.91 3.13
C3' ATP H . 27.15 10.50 1.82
O3' ATP H . 28.34 9.82 2.25
C2' ATP H . 26.09 9.50 1.43
O2' ATP H . 26.54 8.17 1.69
C1' ATP H . 24.90 9.78 2.33
N9 ATP H . 23.72 10.15 1.53
C8 ATP H . 23.32 11.40 1.23
N7 ATP H . 22.19 11.40 0.48
C5 ATP H . 21.86 10.12 0.28
C6 ATP H . 20.78 9.40 -0.43
N6 ATP H . 19.82 10.07 -1.10
N1 ATP H . 20.79 8.05 -0.40
C2 ATP H . 21.75 7.38 0.27
N3 ATP H . 22.75 7.96 0.93
C4 ATP H . 22.86 9.30 0.98
PG ATP I . 54.81 10.03 35.93
O1G ATP I . 55.30 8.65 35.59
O2G ATP I . 55.79 10.85 36.74
O3G ATP I . 54.22 10.77 34.76
PB ATP I . 53.57 8.61 38.00
O1B ATP I . 54.62 8.93 39.03
O2B ATP I . 53.63 7.30 37.25
O3B ATP I . 53.56 9.80 36.91
PA ATP I . 51.63 7.56 39.69
O1A ATP I . 52.03 7.86 41.11
O2A ATP I . 51.96 6.24 39.06
O3A ATP I . 52.14 8.73 38.71
O5' ATP I . 50.06 7.76 39.54
C5' ATP I . 49.53 7.83 38.22
C4' ATP I . 48.14 7.22 38.23
O4' ATP I . 47.56 7.45 36.96
C3' ATP I . 48.24 5.73 38.43
O3' ATP I . 47.23 5.30 39.33
C2' ATP I . 47.96 5.12 37.08
O2' ATP I . 46.93 4.14 37.24
C1' ATP I . 47.42 6.24 36.23
N9 ATP I . 48.28 6.38 35.06
C8 ATP I . 49.05 7.46 34.84
N7 ATP I . 49.74 7.33 33.68
C5 ATP I . 49.39 6.15 33.15
C6 ATP I . 49.76 5.41 31.95
N6 ATP I . 50.64 5.94 31.08
N1 ATP I . 49.18 4.20 31.75
C2 ATP I . 48.30 3.69 32.63
N3 ATP I . 47.93 4.32 33.75
C4 ATP I . 48.43 5.53 34.06
PG ATP J . 10.85 -1.30 62.85
O1G ATP J . 9.82 -1.97 63.72
O2G ATP J . 10.39 -1.01 61.44
O3G ATP J . 12.22 -1.91 62.97
PB ATP J . 12.38 0.94 63.33
O1B ATP J . 12.12 2.42 63.32
O2B ATP J . 13.38 0.36 64.30
O3B ATP J . 11.00 0.15 63.51
PA ATP J . 12.88 1.44 60.60
O1A ATP J . 14.34 1.86 60.53
O2A ATP J . 11.77 2.45 60.67
O3A ATP J . 12.73 0.44 61.85
O5' ATP J . 12.53 0.43 59.40
C5' ATP J . 12.12 0.85 58.10
C4' ATP J . 12.30 -0.34 57.18
O4' ATP J . 13.67 -0.47 56.82
C3' ATP J . 11.92 -1.61 57.90
O3' ATP J . 10.71 -2.13 57.33
C2' ATP J . 13.05 -2.59 57.67
O2' ATP J . 12.65 -3.59 56.74
C1' ATP J . 14.17 -1.78 57.07
N9 ATP J . 15.17 -1.64 58.14
C8 ATP J . 15.23 -0.66 59.04
N7 ATP J . 16.26 -0.81 59.89
C5 ATP J . 16.88 -1.94 59.54
C6 ATP J . 18.06 -2.68 60.01
N6 ATP J . 18.76 -2.24 61.07
N1 ATP J . 18.39 -3.81 59.36
C2 ATP J . 17.68 -4.25 58.30
N3 ATP J . 16.60 -3.62 57.81
C4 ATP J . 16.17 -2.49 58.38
PG ATP K . -22.50 43.67 -40.38
O1G ATP K . -21.88 44.68 -39.45
O2G ATP K . -22.19 42.23 -40.05
O3G ATP K . -23.96 43.93 -40.68
PB ATP K . -20.19 44.17 -41.87
O1B ATP K . -19.98 45.55 -42.43
O2B ATP K . -19.55 43.79 -40.57
O3B ATP K . -21.77 43.90 -41.79
PA ATP K . -18.27 43.06 -43.59
O1A ATP K . -17.37 42.35 -42.61
O2A ATP K . -17.95 44.44 -44.07
O3A ATP K . -19.77 43.09 -42.98
O5' ATP K . -18.50 42.11 -44.88
C5' ATP K . -17.99 42.47 -46.16
C4' ATP K . -18.65 41.53 -47.17
O4' ATP K . -18.01 40.26 -47.09
C3' ATP K . -20.11 41.35 -46.83
O3' ATP K . -20.91 41.59 -48.00
C2' ATP K . -20.26 39.91 -46.41
O2' ATP K . -21.35 39.30 -47.12
C1' ATP K . -18.95 39.24 -46.77
N9 ATP K . -18.44 38.48 -45.61
C8 ATP K . -18.51 38.86 -44.32
N7 ATP K . -17.96 37.93 -43.50
C5 ATP K . -17.51 36.94 -44.28
C6 ATP K . -16.82 35.66 -44.05
N6 ATP K . -16.49 35.25 -42.80
N1 ATP K . -16.53 34.91 -45.13
C2 ATP K . -16.86 35.30 -46.38
N3 ATP K . -17.48 36.45 -46.66
C4 ATP K . -17.83 37.29 -45.66
O3 GBM L . -12.63 -4.93 -26.62
O4 GBM L . -14.21 -8.87 -27.32
O5 GBM L . -12.26 -7.43 -26.22
O6 GBM L . -9.95 -11.16 -35.21
CL1 GBM L . -10.90 -16.42 -35.83
S2 GBM L . -13.22 -7.57 -27.54
O7 GBM L . -12.87 -11.87 -32.61
N8 GBM L . -14.35 -3.68 -27.36
N9 GBM L . -14.15 -6.16 -27.77
N10 GBM L . -11.20 -10.26 -33.53
C11 GBM L . -13.73 -2.52 -26.73
C12 GBM L . -14.80 -1.49 -26.40
C13 GBM L . -12.69 -1.93 -27.66
C14 GBM L . -14.18 -0.26 -25.75
C15 GBM L . -12.04 -0.69 -27.05
C16 GBM L . -13.06 0.35 -26.60
C17 GBM L . -13.65 -4.93 -27.21
C18 GBM L . -12.19 -7.83 -29.01
C19 GBM L . -10.63 -8.27 -31.25
C20 GBM L . -9.76 -8.53 -32.48
C21 GBM L . -11.70 -6.76 -29.73
C22 GBM L . -11.90 -9.12 -29.41
C23 GBM L . -10.91 -6.98 -30.86
C24 GBM L . -11.11 -9.34 -30.53
C25 GBM L . -10.59 -8.95 -33.70
C26 GBM L . -10.78 -11.35 -34.39
C27 GBM L . -11.40 -12.74 -34.25
C28 GBM L . -12.42 -12.93 -33.37
C29 GBM L . -10.93 -13.79 -35.01
C30 GBM L . -13.00 -14.18 -33.21
C31 GBM L . -11.50 -15.05 -34.86
C32 GBM L . -12.53 -15.25 -33.96
C33 GBM L . -12.97 -12.19 -31.26
#